data_8DCK
#
_entry.id   8DCK
#
_cell.length_a   1.00
_cell.length_b   1.00
_cell.length_c   1.00
_cell.angle_alpha   90.00
_cell.angle_beta   90.00
_cell.angle_gamma   90.00
#
_symmetry.space_group_name_H-M   'P 1'
#
loop_
_entity.id
_entity.type
_entity.pdbx_description
1 polymer 'Alpha-hemolysin translocation ATP-binding protein HlyB'
2 polymer 'Membrane fusion protein (MFP) family protein'
3 non-polymer "ADENOSINE-5'-TRIPHOSPHATE"
4 non-polymer 'MAGNESIUM ION'
#
loop_
_entity_poly.entity_id
_entity_poly.type
_entity_poly.pdbx_seq_one_letter_code
_entity_poly.pdbx_strand_id
1 'polypeptide(L)'
;MDSCHKIDYGLYALEILAQYHNVSVNPEEIKHRFDTDGTGLGLTSWLLAAKSLELKVKQVKKTIDRLNFISLPALVWRED
GRHFILTKVSKEANRYLIFDLEQRNPRVLEQSEFEALYQGHIILIASRSSVTGKLAKFDFTWFIPAIIKYRKIFIETLVV
SVFLQLFALITPLFFQVVMDKVLVHRGFSTLNVITVALSVVVVFEIILSGLRTYIFAHSTSRIDVELGAKLFRHLLALPI
SYFESRRVGDTVARVRELDQIRNFLTGQALTSVLDLLFSFIFFAVMWYYSPKLTLVILFSLPCYAAWSVFISPILRRRLD
DKFSRNADNQSFLVESVTAINTIKAMAVSPQMTNIWDKQLAGYVAAGFKVTVLATIGQQGIQLIQKTVMIINLWLGAHLV
ISGDLSIGQLIAFNMLAGQIVAPVIRLAQIWQDFQQVGISVTRLGDVLNSPTESYHGKLALPEINGNITFRNIRFRYKPD
SPVILDNINLSIKQGEVIGIVGRSGSGKSTLTKLIQRFYIPENGQVLIDGHDLALADPNWLRRQVGVVLQDNVLLNRSII
DNISLANPGMSVEKVIYAAKLAGAHDFISELREGYNTIVGEQGAGLSGGQRQRIAIARALVNNPKILIFDQATSALDYES
EHIIMRNMHKICKGRTVIIIAHRLSTVKNADRIIVMEKGKIVEQGKHKELLSEPESLYSYLYQLQSD
;
A,B,I,J,E,F
2 'polypeptide(L)'
;MKTWLMGFSEFLLRYKLVWSETWKIRKQLDTPVREKDENEFLPAHLELIETPVSRRPRLVAYFIMGFLVIAVILSVLGQV
EIVATANGKLTLSGRSKEIKPIENSIVKEIIVKEGESVRKGDVLLKLTALGAEADTLKTQSSLLQTRLEQTRYQILSRSI
ELNKLPELKLPDEPYFQNVSEEEVLRLTSLIKEQFSTWQNQKYQKELNLDKKRAERLTILARINRYENLSRVEKSRLDDF
RSLLHKQAIAKHAVLEQENKYVEAANELRVYKSQLEQIESEILSAKEEYQLVTQLFKNEILDKLRQTTDNIELLTLELEK
NEERQQASVIRAPVSGKVQQLKVHTEGGVVTTAETLMVIVPEDDTLEVTALVQNKDIGFINVGQNAIIKVEAFPYTRYGY
LVGKVKNINLDAIEDQKLGLVFNVIVSVEENDLSTGNKHIPLSSGMAVTAEIKTGMRSVISYLLSPLEESVTESLHER
;
C,D,K,L,G,H
#
loop_
_chem_comp.id
_chem_comp.type
_chem_comp.name
_chem_comp.formula
ATP non-polymer ADENOSINE-5'-TRIPHOSPHATE 'C10 H16 N5 O13 P3'
MG non-polymer 'MAGNESIUM ION' 'Mg 2'
#
# COMPACT_ATOMS: atom_id res chain seq x y z
N ASP A 8 -49.47 0.98 -14.43
CA ASP A 8 -48.78 2.25 -14.67
C ASP A 8 -48.38 2.35 -16.14
N TYR A 9 -48.41 3.55 -16.70
CA TYR A 9 -48.06 3.73 -18.10
C TYR A 9 -46.67 4.28 -18.19
N GLY A 10 -46.42 5.33 -17.43
CA GLY A 10 -45.13 5.99 -17.56
C GLY A 10 -43.97 5.02 -17.48
N LEU A 11 -44.11 3.98 -16.67
CA LEU A 11 -43.09 2.95 -16.58
C LEU A 11 -42.94 2.19 -17.89
N TYR A 12 -44.08 1.91 -18.56
CA TYR A 12 -44.02 1.22 -19.84
C TYR A 12 -43.36 2.13 -20.88
N ALA A 13 -43.62 3.44 -20.80
CA ALA A 13 -42.94 4.39 -21.68
C ALA A 13 -41.45 4.39 -21.44
N LEU A 14 -41.02 4.31 -20.18
CA LEU A 14 -39.60 4.20 -19.87
C LEU A 14 -39.01 2.92 -20.45
N GLU A 15 -39.75 1.81 -20.36
CA GLU A 15 -39.27 0.55 -20.94
C GLU A 15 -39.12 0.65 -22.45
N ILE A 16 -40.09 1.28 -23.12
CA ILE A 16 -40.02 1.46 -24.57
C ILE A 16 -38.84 2.33 -24.95
N LEU A 17 -38.62 3.42 -24.20
CA LEU A 17 -37.48 4.30 -24.47
C LEU A 17 -36.16 3.56 -24.27
N ALA A 18 -36.07 2.74 -23.22
CA ALA A 18 -34.86 1.95 -22.99
C ALA A 18 -34.63 0.95 -24.11
N GLN A 19 -35.69 0.31 -24.59
CA GLN A 19 -35.56 -0.61 -25.72
C GLN A 19 -35.13 0.11 -26.98
N TYR A 20 -35.65 1.33 -27.19
CA TYR A 20 -35.25 2.12 -28.35
C TYR A 20 -33.78 2.50 -28.27
N HIS A 21 -33.30 2.83 -27.07
CA HIS A 21 -31.89 3.12 -26.88
C HIS A 21 -31.06 1.87 -26.60
N ASN A 22 -31.68 0.69 -26.66
CA ASN A 22 -31.00 -0.60 -26.60
C ASN A 22 -30.27 -0.81 -25.27
N VAL A 23 -31.03 -0.69 -24.18
CA VAL A 23 -30.59 -1.06 -22.85
C VAL A 23 -31.68 -1.88 -22.19
N SER A 24 -31.30 -2.98 -21.53
CA SER A 24 -32.27 -3.90 -20.98
C SER A 24 -32.76 -3.42 -19.62
N VAL A 25 -34.08 -3.47 -19.42
CA VAL A 25 -34.70 -2.99 -18.18
C VAL A 25 -35.78 -3.98 -17.75
N ASN A 26 -36.13 -3.92 -16.47
CA ASN A 26 -37.29 -4.63 -15.93
C ASN A 26 -38.26 -3.61 -15.37
N PRO A 27 -39.50 -3.54 -15.88
CA PRO A 27 -40.45 -2.56 -15.31
C PRO A 27 -40.73 -2.76 -13.83
N GLU A 28 -40.86 -4.00 -13.37
CA GLU A 28 -41.19 -4.25 -11.96
C GLU A 28 -40.03 -3.89 -11.05
N GLU A 29 -38.79 -4.06 -11.52
CA GLU A 29 -37.63 -3.67 -10.71
C GLU A 29 -37.57 -2.16 -10.54
N ILE A 30 -37.87 -1.41 -11.60
CA ILE A 30 -37.95 0.04 -11.50
C ILE A 30 -39.08 0.46 -10.57
N LYS A 31 -40.22 -0.23 -10.65
CA LYS A 31 -41.32 0.01 -9.72
C LYS A 31 -40.91 -0.26 -8.28
N HIS A 32 -40.09 -1.28 -8.06
CA HIS A 32 -39.62 -1.58 -6.72
C HIS A 32 -38.67 -0.49 -6.19
N ARG A 33 -37.74 -0.03 -7.02
CA ARG A 33 -36.73 0.89 -6.57
C ARG A 33 -37.14 2.36 -6.63
N PHE A 34 -38.27 2.70 -7.27
CA PHE A 34 -38.62 4.11 -7.40
C PHE A 34 -40.10 4.40 -7.18
N ASP A 35 -40.90 3.42 -6.79
CA ASP A 35 -42.31 3.67 -6.48
C ASP A 35 -42.59 3.29 -5.02
N THR A 36 -41.74 3.79 -4.11
CA THR A 36 -41.80 3.40 -2.70
C THR A 36 -43.19 3.67 -2.11
N ASP A 37 -43.75 4.84 -2.39
CA ASP A 37 -45.07 5.19 -1.90
C ASP A 37 -46.21 4.66 -2.77
N GLY A 38 -45.88 3.97 -3.87
CA GLY A 38 -46.90 3.43 -4.75
C GLY A 38 -47.61 4.52 -5.53
N THR A 39 -48.81 4.18 -6.00
CA THR A 39 -49.67 5.07 -6.79
C THR A 39 -48.92 5.62 -8.01
N GLY A 40 -48.22 4.72 -8.71
CA GLY A 40 -47.47 5.10 -9.88
C GLY A 40 -46.09 5.61 -9.56
N LEU A 41 -45.36 5.95 -10.62
CA LEU A 41 -43.99 6.42 -10.47
C LEU A 41 -43.94 7.90 -10.14
N GLY A 42 -44.46 8.75 -11.03
CA GLY A 42 -44.32 10.18 -10.91
C GLY A 42 -43.21 10.71 -11.79
N LEU A 43 -42.99 12.01 -11.69
CA LEU A 43 -42.00 12.69 -12.53
C LEU A 43 -40.58 12.47 -12.00
N THR A 44 -40.35 12.83 -10.73
CA THR A 44 -38.99 12.75 -10.19
C THR A 44 -38.53 11.31 -10.06
N SER A 45 -39.44 10.38 -9.78
CA SER A 45 -39.08 8.96 -9.76
C SER A 45 -38.67 8.49 -11.15
N TRP A 46 -39.40 8.93 -12.17
CA TRP A 46 -39.05 8.60 -13.56
C TRP A 46 -37.67 9.12 -13.91
N LEU A 47 -37.36 10.37 -13.50
CA LEU A 47 -36.07 10.94 -13.82
C LEU A 47 -34.95 10.24 -13.05
N LEU A 48 -35.19 9.87 -11.79
CA LEU A 48 -34.21 9.08 -11.06
C LEU A 48 -33.95 7.74 -11.72
N ALA A 49 -35.01 7.06 -12.16
CA ALA A 49 -34.83 5.78 -12.84
C ALA A 49 -34.03 5.94 -14.13
N ALA A 50 -34.36 6.96 -14.93
CA ALA A 50 -33.65 7.19 -16.18
C ALA A 50 -32.19 7.54 -15.95
N LYS A 51 -31.91 8.34 -14.91
CA LYS A 51 -30.52 8.64 -14.58
C LYS A 51 -29.78 7.40 -14.08
N SER A 52 -30.45 6.54 -13.31
CA SER A 52 -29.84 5.31 -12.85
C SER A 52 -29.58 4.33 -14.00
N LEU A 53 -30.33 4.44 -15.09
CA LEU A 53 -30.11 3.60 -16.27
C LEU A 53 -29.01 4.13 -17.17
N GLU A 54 -28.29 5.16 -16.74
CA GLU A 54 -27.31 5.88 -17.55
C GLU A 54 -28.00 6.38 -18.84
N LEU A 55 -28.94 7.29 -18.63
CA LEU A 55 -29.77 7.81 -19.71
C LEU A 55 -30.17 9.23 -19.34
N LYS A 56 -29.48 10.21 -19.92
CA LYS A 56 -29.75 11.61 -19.61
C LYS A 56 -31.14 12.00 -20.08
N VAL A 57 -31.92 12.60 -19.17
CA VAL A 57 -33.27 13.07 -19.47
C VAL A 57 -33.44 14.46 -18.89
N LYS A 58 -34.34 15.23 -19.49
CA LYS A 58 -34.64 16.56 -18.99
C LYS A 58 -36.08 16.93 -19.31
N GLN A 59 -36.79 17.43 -18.31
CA GLN A 59 -38.17 17.90 -18.45
C GLN A 59 -38.12 19.39 -18.78
N VAL A 60 -38.40 19.73 -20.04
CA VAL A 60 -38.31 21.11 -20.51
C VAL A 60 -39.62 21.49 -21.17
N LYS A 61 -39.96 22.77 -21.13
CA LYS A 61 -41.14 23.26 -21.83
C LYS A 61 -40.79 23.58 -23.27
N LYS A 62 -41.60 23.10 -24.20
CA LYS A 62 -41.31 23.31 -25.61
C LYS A 62 -42.52 23.76 -26.41
N THR A 63 -42.30 24.71 -27.31
CA THR A 63 -43.36 25.23 -28.17
C THR A 63 -43.74 24.23 -29.23
N ILE A 64 -44.91 24.42 -29.81
CA ILE A 64 -45.42 23.50 -30.82
C ILE A 64 -44.52 23.46 -32.05
N ASP A 65 -43.85 24.57 -32.38
CA ASP A 65 -43.01 24.59 -33.58
C ASP A 65 -41.60 24.09 -33.31
N ARG A 66 -41.14 24.18 -32.06
CA ARG A 66 -39.79 23.74 -31.74
C ARG A 66 -39.65 22.22 -31.67
N LEU A 67 -40.76 21.49 -31.75
CA LEU A 67 -40.73 20.03 -31.72
C LEU A 67 -40.16 19.42 -32.99
N ASN A 68 -39.96 20.23 -34.04
CA ASN A 68 -39.39 19.72 -35.28
C ASN A 68 -37.87 19.65 -35.25
N PHE A 69 -37.23 20.26 -34.27
CA PHE A 69 -35.77 20.25 -34.15
C PHE A 69 -35.27 19.39 -33.00
N ILE A 70 -36.14 18.78 -32.20
CA ILE A 70 -35.62 17.92 -31.14
C ILE A 70 -35.35 16.55 -31.73
N SER A 71 -34.48 15.77 -31.10
CA SER A 71 -34.17 14.43 -31.58
C SER A 71 -35.26 13.50 -31.05
N LEU A 72 -35.69 12.51 -31.82
CA LEU A 72 -36.76 11.67 -31.33
C LEU A 72 -36.21 10.31 -30.90
N PRO A 73 -36.95 9.55 -30.06
CA PRO A 73 -38.29 9.73 -29.48
C PRO A 73 -38.34 10.69 -28.29
N ALA A 74 -39.54 11.09 -27.89
CA ALA A 74 -39.69 11.99 -26.75
C ALA A 74 -41.02 11.69 -26.06
N LEU A 75 -40.95 11.29 -24.79
CA LEU A 75 -42.16 11.07 -24.01
C LEU A 75 -42.68 12.39 -23.47
N VAL A 76 -43.98 12.63 -23.62
CA VAL A 76 -44.63 13.83 -23.09
C VAL A 76 -45.33 13.45 -21.80
N TRP A 77 -45.16 14.29 -20.78
CA TRP A 77 -45.71 14.03 -19.44
C TRP A 77 -46.96 14.88 -19.27
N ARG A 78 -48.13 14.22 -19.27
CA ARG A 78 -49.40 14.90 -19.02
C ARG A 78 -49.68 14.93 -17.53
N GLU A 79 -49.87 16.15 -16.99
CA GLU A 79 -50.13 16.31 -15.57
C GLU A 79 -51.45 15.65 -15.20
N ASP A 80 -52.50 15.91 -15.97
CA ASP A 80 -53.85 15.53 -15.56
C ASP A 80 -54.26 14.13 -16.02
N GLY A 81 -53.46 13.45 -16.84
CA GLY A 81 -53.89 12.17 -17.35
C GLY A 81 -52.80 11.28 -17.93
N ARG A 82 -53.14 10.53 -18.97
CA ARG A 82 -52.25 9.52 -19.52
C ARG A 82 -51.19 10.16 -20.41
N HIS A 83 -50.10 9.42 -20.62
CA HIS A 83 -48.96 9.90 -21.36
C HIS A 83 -48.89 9.24 -22.74
N PHE A 84 -48.04 9.80 -23.59
CA PHE A 84 -47.74 9.19 -24.89
C PHE A 84 -46.34 9.62 -25.30
N ILE A 85 -45.82 8.96 -26.34
CA ILE A 85 -44.46 9.16 -26.80
C ILE A 85 -44.51 9.61 -28.25
N LEU A 86 -44.04 10.82 -28.54
CA LEU A 86 -43.98 11.32 -29.90
C LEU A 86 -42.70 10.81 -30.55
N THR A 87 -42.80 10.45 -31.84
CA THR A 87 -41.65 10.02 -32.62
C THR A 87 -41.95 10.32 -34.08
N LYS A 88 -40.89 10.57 -34.85
CA LYS A 88 -40.98 10.78 -36.29
C LYS A 88 -41.91 11.94 -36.63
N VAL A 89 -41.49 13.14 -36.23
CA VAL A 89 -42.28 14.33 -36.49
C VAL A 89 -42.38 14.58 -37.99
N SER A 90 -43.57 14.93 -38.46
CA SER A 90 -43.84 15.13 -39.87
C SER A 90 -44.02 16.62 -40.14
N LYS A 91 -43.31 17.12 -41.15
CA LYS A 91 -43.39 18.52 -41.52
C LYS A 91 -44.35 18.72 -42.68
N GLU A 92 -44.99 19.89 -42.71
CA GLU A 92 -45.94 20.30 -43.76
C GLU A 92 -47.11 19.33 -43.90
N ALA A 93 -47.48 18.64 -42.82
CA ALA A 93 -48.59 17.71 -42.85
C ALA A 93 -49.53 17.84 -41.66
N ASN A 94 -49.14 18.54 -40.60
CA ASN A 94 -49.95 18.72 -39.38
C ASN A 94 -50.33 17.38 -38.76
N ARG A 95 -49.46 16.39 -38.87
CA ARG A 95 -49.69 15.05 -38.34
C ARG A 95 -48.49 14.62 -37.50
N TYR A 96 -48.78 13.99 -36.37
CA TYR A 96 -47.75 13.56 -35.43
C TYR A 96 -47.92 12.08 -35.08
N LEU A 97 -46.83 11.32 -35.20
CA LEU A 97 -46.85 9.90 -34.92
C LEU A 97 -46.55 9.69 -33.44
N ILE A 98 -47.60 9.43 -32.65
CA ILE A 98 -47.47 9.23 -31.22
C ILE A 98 -47.87 7.80 -30.88
N PHE A 99 -47.06 7.15 -30.05
CA PHE A 99 -47.44 5.88 -29.45
C PHE A 99 -48.16 6.17 -28.14
N ASP A 100 -49.42 5.75 -28.06
CA ASP A 100 -50.18 5.86 -26.83
C ASP A 100 -49.78 4.73 -25.90
N LEU A 101 -49.66 5.02 -24.60
CA LEU A 101 -49.27 3.99 -23.66
C LEU A 101 -50.40 3.00 -23.38
N GLU A 102 -51.64 3.35 -23.73
CA GLU A 102 -52.67 2.34 -23.86
C GLU A 102 -52.24 1.34 -24.93
N GLN A 103 -52.40 0.05 -24.65
CA GLN A 103 -51.81 -0.96 -25.53
C GLN A 103 -52.54 -1.01 -26.86
N ARG A 104 -52.04 -0.27 -27.84
CA ARG A 104 -52.64 -0.20 -29.17
C ARG A 104 -51.55 0.20 -30.16
N ASN A 105 -51.95 0.44 -31.40
CA ASN A 105 -51.03 0.78 -32.47
C ASN A 105 -50.55 2.23 -32.34
N PRO A 106 -49.34 2.53 -32.83
CA PRO A 106 -48.90 3.92 -32.90
C PRO A 106 -49.76 4.73 -33.85
N ARG A 107 -50.39 5.80 -33.36
CA ARG A 107 -51.39 6.52 -34.13
C ARG A 107 -50.85 7.86 -34.59
N VAL A 108 -51.26 8.26 -35.79
CA VAL A 108 -50.99 9.60 -36.31
C VAL A 108 -52.15 10.50 -35.90
N LEU A 109 -51.84 11.55 -35.14
CA LEU A 109 -52.83 12.46 -34.61
C LEU A 109 -52.74 13.80 -35.36
N GLU A 110 -53.90 14.38 -35.61
CA GLU A 110 -54.01 15.62 -36.36
C GLU A 110 -53.75 16.82 -35.46
N GLN A 111 -53.51 17.97 -36.09
CA GLN A 111 -52.96 19.13 -35.40
C GLN A 111 -53.89 19.65 -34.30
N SER A 112 -55.18 19.76 -34.61
CA SER A 112 -56.12 20.37 -33.66
C SER A 112 -56.24 19.55 -32.38
N GLU A 113 -56.39 18.23 -32.53
CA GLU A 113 -56.46 17.36 -31.35
C GLU A 113 -55.15 17.33 -30.59
N PHE A 114 -54.01 17.39 -31.27
CA PHE A 114 -52.75 17.38 -30.54
C PHE A 114 -52.59 18.66 -29.72
N GLU A 115 -52.85 19.81 -30.34
CA GLU A 115 -52.82 21.07 -29.60
C GLU A 115 -53.88 21.10 -28.50
N ALA A 116 -54.94 20.30 -28.65
CA ALA A 116 -55.89 20.12 -27.55
C ALA A 116 -55.34 19.18 -26.47
N LEU A 117 -54.52 18.21 -26.87
CA LEU A 117 -54.02 17.18 -25.96
C LEU A 117 -52.52 17.32 -25.67
N TYR A 118 -52.05 18.56 -25.49
CA TYR A 118 -50.65 18.82 -25.21
C TYR A 118 -50.56 19.98 -24.23
N GLN A 119 -49.98 19.72 -23.05
CA GLN A 119 -49.91 20.73 -22.01
C GLN A 119 -48.86 21.80 -22.31
N GLY A 120 -47.83 21.46 -23.08
CA GLY A 120 -46.75 22.38 -23.36
C GLY A 120 -45.39 21.97 -22.84
N HIS A 121 -45.27 20.86 -22.13
CA HIS A 121 -44.00 20.37 -21.62
C HIS A 121 -43.66 19.05 -22.29
N ILE A 122 -42.39 18.66 -22.21
CA ILE A 122 -41.91 17.43 -22.82
C ILE A 122 -40.68 16.97 -22.07
N ILE A 123 -40.31 15.70 -22.28
CA ILE A 123 -39.10 15.12 -21.71
C ILE A 123 -38.18 14.74 -22.86
N LEU A 124 -36.96 15.26 -22.84
CA LEU A 124 -35.95 14.95 -23.84
C LEU A 124 -35.00 13.90 -23.30
N ILE A 125 -34.60 12.97 -24.17
CA ILE A 125 -33.86 11.78 -23.80
C ILE A 125 -32.64 11.65 -24.71
N ALA A 126 -31.47 11.44 -24.11
CA ALA A 126 -30.24 11.15 -24.85
C ALA A 126 -29.37 10.22 -24.01
N SER A 127 -28.53 9.45 -24.68
CA SER A 127 -27.68 8.46 -24.04
C SER A 127 -26.22 8.81 -24.30
N ARG A 128 -25.41 8.85 -23.24
CA ARG A 128 -23.98 9.16 -23.36
C ARG A 128 -23.17 7.96 -22.90
N SER A 129 -22.79 7.10 -23.83
CA SER A 129 -22.06 5.88 -23.53
C SER A 129 -20.72 5.91 -24.26
N SER A 130 -19.71 6.46 -23.59
CA SER A 130 -18.37 6.56 -24.15
C SER A 130 -17.56 5.30 -23.85
N LEU A 135 -14.98 2.65 -9.00
CA LEU A 135 -15.42 3.01 -7.65
C LEU A 135 -14.28 3.62 -6.85
N ALA A 136 -14.13 4.94 -6.95
CA ALA A 136 -13.08 5.63 -6.21
C ALA A 136 -13.36 5.61 -4.71
N LYS A 137 -12.30 5.53 -3.92
CA LYS A 137 -12.43 5.52 -2.47
C LYS A 137 -12.93 6.86 -1.97
N PHE A 138 -13.68 6.83 -0.87
CA PHE A 138 -14.24 8.04 -0.28
C PHE A 138 -13.16 8.74 0.53
N ASP A 139 -12.63 9.83 0.00
CA ASP A 139 -11.55 10.62 0.57
C ASP A 139 -11.94 12.09 0.51
N PHE A 140 -10.95 12.96 0.74
CA PHE A 140 -11.14 14.38 0.45
C PHE A 140 -11.50 14.60 -1.01
N THR A 141 -10.96 13.75 -1.90
CA THR A 141 -11.17 13.92 -3.33
C THR A 141 -12.65 13.81 -3.72
N TRP A 142 -13.45 13.11 -2.92
CA TRP A 142 -14.88 13.03 -3.20
C TRP A 142 -15.54 14.40 -3.15
N PHE A 143 -15.01 15.32 -2.34
CA PHE A 143 -15.55 16.67 -2.31
C PHE A 143 -15.15 17.48 -3.53
N ILE A 144 -14.17 17.02 -4.30
CA ILE A 144 -13.73 17.77 -5.48
C ILE A 144 -14.83 17.90 -6.54
N PRO A 145 -15.54 16.83 -6.94
CA PRO A 145 -16.70 17.04 -7.82
C PRO A 145 -17.77 17.91 -7.19
N ALA A 146 -17.96 17.80 -5.87
CA ALA A 146 -18.92 18.66 -5.18
C ALA A 146 -18.54 20.14 -5.32
N ILE A 147 -17.23 20.42 -5.32
CA ILE A 147 -16.77 21.77 -5.63
C ILE A 147 -17.11 22.11 -7.08
N ILE A 148 -16.88 21.16 -8.00
CA ILE A 148 -17.07 21.43 -9.42
C ILE A 148 -18.55 21.57 -9.76
N LYS A 149 -19.41 20.73 -9.17
CA LYS A 149 -20.83 20.78 -9.48
C LYS A 149 -21.44 22.11 -9.04
N TYR A 150 -21.08 22.59 -7.85
CA TYR A 150 -21.54 23.89 -7.35
C TYR A 150 -20.52 24.98 -7.66
N ARG A 151 -20.09 25.09 -8.91
CA ARG A 151 -19.04 26.04 -9.27
C ARG A 151 -19.54 27.47 -9.33
N LYS A 152 -20.78 27.68 -9.80
CA LYS A 152 -21.31 29.04 -9.91
C LYS A 152 -21.42 29.69 -8.55
N ILE A 153 -21.94 28.94 -7.56
CA ILE A 153 -22.12 29.49 -6.22
C ILE A 153 -20.77 29.80 -5.59
N PHE A 154 -19.78 28.93 -5.78
CA PHE A 154 -18.48 29.15 -5.17
C PHE A 154 -17.73 30.29 -5.84
N ILE A 155 -17.88 30.45 -7.16
CA ILE A 155 -17.30 31.60 -7.84
C ILE A 155 -17.95 32.90 -7.36
N GLU A 156 -19.27 32.87 -7.18
CA GLU A 156 -19.98 34.02 -6.63
C GLU A 156 -19.47 34.36 -5.24
N THR A 157 -19.27 33.34 -4.39
CA THR A 157 -18.76 33.57 -3.05
C THR A 157 -17.34 34.12 -3.08
N LEU A 158 -16.52 33.65 -4.01
CA LEU A 158 -15.17 34.20 -4.15
C LEU A 158 -15.21 35.67 -4.53
N VAL A 159 -16.09 36.04 -5.45
CA VAL A 159 -16.23 37.45 -5.84
C VAL A 159 -16.69 38.29 -4.65
N VAL A 160 -17.66 37.77 -3.89
CA VAL A 160 -18.15 38.49 -2.72
C VAL A 160 -17.04 38.66 -1.68
N SER A 161 -16.23 37.62 -1.47
CA SER A 161 -15.14 37.72 -0.52
C SER A 161 -14.07 38.72 -0.98
N VAL A 162 -13.80 38.76 -2.29
CA VAL A 162 -12.85 39.75 -2.82
C VAL A 162 -13.36 41.16 -2.57
N PHE A 163 -14.65 41.40 -2.83
CA PHE A 163 -15.21 42.73 -2.58
C PHE A 163 -15.26 43.04 -1.08
N LEU A 164 -15.45 42.02 -0.24
CA LEU A 164 -15.38 42.21 1.20
C LEU A 164 -14.00 42.65 1.63
N GLN A 165 -12.96 42.02 1.06
CA GLN A 165 -11.60 42.43 1.35
C GLN A 165 -11.33 43.84 0.83
N LEU A 166 -11.94 44.20 -0.29
CA LEU A 166 -11.78 45.57 -0.80
C LEU A 166 -12.40 46.58 0.16
N PHE A 167 -13.56 46.27 0.72
CA PHE A 167 -14.18 47.16 1.70
C PHE A 167 -13.32 47.25 2.97
N ALA A 168 -12.81 46.12 3.45
CA ALA A 168 -11.94 46.12 4.62
C ALA A 168 -10.61 46.82 4.33
N LEU A 169 -10.22 46.91 3.08
CA LEU A 169 -9.03 47.68 2.70
C LEU A 169 -9.32 49.17 2.62
N ILE A 170 -10.54 49.53 2.17
CA ILE A 170 -10.88 50.95 2.08
C ILE A 170 -11.21 51.52 3.45
N THR A 171 -11.46 50.66 4.44
CA THR A 171 -11.72 51.16 5.79
C THR A 171 -10.55 51.96 6.40
N PRO A 172 -9.30 51.48 6.38
CA PRO A 172 -8.23 52.24 7.05
C PRO A 172 -7.60 53.36 6.21
N LEU A 173 -7.90 53.46 4.92
CA LEU A 173 -7.45 54.64 4.16
C LEU A 173 -8.06 55.91 4.73
N PHE A 174 -9.35 55.86 5.09
CA PHE A 174 -9.96 57.00 5.75
C PHE A 174 -9.29 57.29 7.09
N PHE A 175 -8.87 56.25 7.82
CA PHE A 175 -8.18 56.45 9.09
C PHE A 175 -6.85 57.16 8.87
N GLN A 176 -6.09 56.73 7.86
CA GLN A 176 -4.82 57.37 7.55
C GLN A 176 -5.02 58.81 7.09
N VAL A 177 -6.10 59.07 6.34
CA VAL A 177 -6.42 60.43 5.93
C VAL A 177 -6.72 61.30 7.14
N VAL A 178 -7.50 60.76 8.09
CA VAL A 178 -7.90 61.54 9.27
C VAL A 178 -6.69 61.83 10.14
N MET A 179 -5.81 60.84 10.34
CA MET A 179 -4.65 61.04 11.20
C MET A 179 -3.48 61.67 10.46
N ASP A 180 -3.61 61.92 9.16
CA ASP A 180 -2.52 62.49 8.37
C ASP A 180 -2.87 63.83 7.74
N LYS A 181 -4.12 64.08 7.39
CA LYS A 181 -4.47 65.31 6.69
C LYS A 181 -5.62 66.07 7.36
N VAL A 182 -6.38 65.43 8.25
CA VAL A 182 -7.46 66.12 8.93
C VAL A 182 -7.04 66.50 10.34
N LEU A 183 -6.20 65.69 10.97
CA LEU A 183 -5.78 65.97 12.34
C LEU A 183 -4.74 67.09 12.40
N VAL A 184 -4.01 67.31 11.30
CA VAL A 184 -2.85 68.21 11.36
C VAL A 184 -3.29 69.67 11.23
N HIS A 185 -3.90 70.04 10.10
CA HIS A 185 -4.19 71.46 9.88
C HIS A 185 -5.49 71.88 10.56
N ARG A 186 -6.63 71.39 10.06
CA ARG A 186 -7.98 71.78 10.47
C ARG A 186 -8.92 70.73 9.88
N GLY A 187 -10.22 71.00 9.93
CA GLY A 187 -11.19 70.24 9.16
C GLY A 187 -12.47 69.87 9.85
N PHE A 188 -13.60 70.25 9.25
CA PHE A 188 -14.93 69.81 9.68
C PHE A 188 -15.74 69.20 8.55
N SER A 189 -15.67 69.76 7.34
CA SER A 189 -16.44 69.21 6.23
C SER A 189 -15.85 67.90 5.74
N THR A 190 -14.52 67.85 5.60
CA THR A 190 -13.87 66.61 5.20
C THR A 190 -14.07 65.52 6.27
N LEU A 191 -14.10 65.91 7.54
CA LEU A 191 -14.37 64.95 8.60
C LEU A 191 -15.76 64.36 8.46
N ASN A 192 -16.76 65.20 8.18
CA ASN A 192 -18.12 64.72 8.00
C ASN A 192 -18.23 63.81 6.78
N VAL A 193 -17.56 64.17 5.68
CA VAL A 193 -17.60 63.34 4.48
C VAL A 193 -16.98 61.98 4.74
N ILE A 194 -15.82 61.96 5.41
CA ILE A 194 -15.18 60.69 5.77
C ILE A 194 -16.10 59.87 6.67
N THR A 195 -16.73 60.51 7.65
CA THR A 195 -17.57 59.78 8.60
C THR A 195 -18.76 59.13 7.88
N VAL A 196 -19.45 59.90 7.03
CA VAL A 196 -20.65 59.35 6.38
C VAL A 196 -20.27 58.29 5.36
N ALA A 197 -19.18 58.50 4.59
CA ALA A 197 -18.75 57.50 3.63
C ALA A 197 -18.33 56.22 4.32
N LEU A 198 -17.63 56.35 5.46
CA LEU A 198 -17.20 55.19 6.21
C LEU A 198 -18.38 54.43 6.80
N SER A 199 -19.39 55.15 7.31
CA SER A 199 -20.58 54.49 7.83
C SER A 199 -21.29 53.72 6.72
N VAL A 200 -21.42 54.33 5.54
CA VAL A 200 -22.06 53.65 4.42
C VAL A 200 -21.27 52.41 4.01
N VAL A 201 -19.94 52.53 3.94
CA VAL A 201 -19.14 51.42 3.44
C VAL A 201 -19.12 50.28 4.46
N VAL A 202 -19.13 50.58 5.77
CA VAL A 202 -19.15 49.49 6.74
C VAL A 202 -20.52 48.82 6.79
N VAL A 203 -21.60 49.59 6.58
CA VAL A 203 -22.92 48.98 6.49
C VAL A 203 -22.98 48.02 5.30
N PHE A 204 -22.48 48.47 4.15
CA PHE A 204 -22.47 47.62 2.97
C PHE A 204 -21.55 46.41 3.16
N GLU A 205 -20.43 46.60 3.88
CA GLU A 205 -19.54 45.49 4.19
C GLU A 205 -20.23 44.43 5.04
N ILE A 206 -20.97 44.86 6.06
CA ILE A 206 -21.67 43.93 6.93
C ILE A 206 -22.74 43.17 6.15
N ILE A 207 -23.52 43.89 5.33
CA ILE A 207 -24.55 43.24 4.53
C ILE A 207 -23.94 42.24 3.57
N LEU A 208 -22.82 42.63 2.92
CA LEU A 208 -22.17 41.75 1.95
C LEU A 208 -21.63 40.49 2.62
N SER A 209 -21.01 40.64 3.80
CA SER A 209 -20.51 39.46 4.51
C SER A 209 -21.64 38.54 4.93
N GLY A 210 -22.76 39.10 5.41
CA GLY A 210 -23.90 38.29 5.78
C GLY A 210 -24.45 37.51 4.60
N LEU A 211 -24.60 38.18 3.45
CA LEU A 211 -25.07 37.50 2.26
C LEU A 211 -24.10 36.40 1.82
N ARG A 212 -22.79 36.68 1.91
CA ARG A 212 -21.78 35.69 1.54
C ARG A 212 -21.93 34.42 2.37
N THR A 213 -21.95 34.57 3.69
CA THR A 213 -22.02 33.37 4.53
C THR A 213 -23.37 32.69 4.43
N TYR A 214 -24.44 33.43 4.18
CA TYR A 214 -25.75 32.81 3.96
C TYR A 214 -25.73 31.93 2.72
N ILE A 215 -25.24 32.46 1.60
CA ILE A 215 -25.20 31.71 0.35
C ILE A 215 -24.28 30.49 0.49
N PHE A 216 -23.12 30.68 1.11
CA PHE A 216 -22.19 29.56 1.29
C PHE A 216 -22.79 28.48 2.20
N ALA A 217 -23.49 28.89 3.26
CA ALA A 217 -24.15 27.93 4.12
C ALA A 217 -25.21 27.15 3.37
N HIS A 218 -25.99 27.81 2.52
CA HIS A 218 -27.01 27.12 1.74
C HIS A 218 -26.39 26.10 0.80
N SER A 219 -25.34 26.49 0.08
CA SER A 219 -24.71 25.57 -0.86
C SER A 219 -24.08 24.37 -0.14
N THR A 220 -23.39 24.62 0.97
CA THR A 220 -22.76 23.53 1.70
C THR A 220 -23.80 22.65 2.37
N SER A 221 -24.96 23.23 2.74
CA SER A 221 -26.08 22.44 3.23
C SER A 221 -26.58 21.48 2.17
N ARG A 222 -26.70 21.95 0.93
CA ARG A 222 -27.08 21.07 -0.18
C ARG A 222 -26.06 19.95 -0.36
N ILE A 223 -24.77 20.29 -0.28
CA ILE A 223 -23.71 19.29 -0.41
C ILE A 223 -23.84 18.24 0.67
N ASP A 224 -24.09 18.67 1.91
CA ASP A 224 -24.22 17.73 3.01
C ASP A 224 -25.43 16.82 2.85
N VAL A 225 -26.54 17.36 2.35
CA VAL A 225 -27.73 16.55 2.14
C VAL A 225 -27.44 15.47 1.10
N GLU A 226 -26.76 15.84 0.01
CA GLU A 226 -26.38 14.84 -0.99
C GLU A 226 -25.47 13.78 -0.39
N LEU A 227 -24.50 14.19 0.43
CA LEU A 227 -23.59 13.24 1.05
C LEU A 227 -24.34 12.28 1.98
N GLY A 228 -25.29 12.80 2.76
CA GLY A 228 -26.05 11.94 3.65
C GLY A 228 -26.91 10.94 2.91
N ALA A 229 -27.55 11.38 1.83
CA ALA A 229 -28.34 10.46 1.01
C ALA A 229 -27.45 9.35 0.44
N LYS A 230 -26.29 9.72 -0.08
CA LYS A 230 -25.37 8.72 -0.63
C LYS A 230 -24.90 7.75 0.45
N LEU A 231 -24.59 8.28 1.65
CA LEU A 231 -24.11 7.43 2.73
C LEU A 231 -25.16 6.41 3.15
N PHE A 232 -26.42 6.85 3.32
CA PHE A 232 -27.45 5.92 3.72
C PHE A 232 -27.74 4.90 2.62
N ARG A 233 -27.75 5.34 1.36
CA ARG A 233 -27.98 4.42 0.25
C ARG A 233 -26.91 3.35 0.19
N HIS A 234 -25.65 3.72 0.42
CA HIS A 234 -24.58 2.73 0.43
C HIS A 234 -24.63 1.85 1.67
N LEU A 235 -25.10 2.42 2.79
CA LEU A 235 -25.14 1.66 4.04
C LEU A 235 -26.18 0.55 3.98
N LEU A 236 -27.35 0.84 3.41
CA LEU A 236 -28.40 -0.17 3.35
C LEU A 236 -28.08 -1.30 2.38
N ALA A 237 -27.12 -1.08 1.49
CA ALA A 237 -26.72 -2.12 0.52
C ALA A 237 -25.54 -2.95 1.01
N LEU A 238 -25.08 -2.73 2.24
CA LEU A 238 -23.95 -3.45 2.79
C LEU A 238 -24.36 -4.85 3.25
N PRO A 239 -23.43 -5.81 3.22
CA PRO A 239 -23.80 -7.20 3.55
C PRO A 239 -24.14 -7.37 5.02
N ILE A 240 -24.75 -8.52 5.33
CA ILE A 240 -25.14 -8.84 6.70
C ILE A 240 -23.92 -9.11 7.59
N SER A 241 -22.90 -9.79 7.09
CA SER A 241 -21.70 -10.04 7.88
C SER A 241 -21.02 -8.74 8.28
N TYR A 242 -21.19 -7.69 7.48
CA TYR A 242 -20.72 -6.36 7.85
C TYR A 242 -21.32 -5.92 9.18
N PHE A 243 -22.65 -5.99 9.30
CA PHE A 243 -23.30 -5.61 10.55
C PHE A 243 -23.00 -6.64 11.64
N GLU A 244 -22.70 -7.88 11.27
CA GLU A 244 -22.44 -8.92 12.25
C GLU A 244 -21.10 -8.70 12.95
N SER A 245 -20.08 -8.29 12.20
CA SER A 245 -18.76 -8.11 12.79
C SER A 245 -18.71 -6.90 13.72
N ARG A 246 -19.47 -5.87 13.41
CA ARG A 246 -19.48 -4.69 14.22
C ARG A 246 -20.60 -4.66 15.22
N ARG A 247 -20.85 -3.49 15.74
CA ARG A 247 -21.96 -3.27 16.66
C ARG A 247 -22.77 -2.09 16.16
N VAL A 248 -24.01 -2.00 16.64
CA VAL A 248 -24.93 -0.97 16.16
C VAL A 248 -24.45 0.42 16.54
N GLY A 249 -23.90 0.59 17.73
CA GLY A 249 -23.43 1.89 18.17
C GLY A 249 -22.27 2.41 17.36
N ASP A 250 -21.40 1.52 16.90
CA ASP A 250 -20.29 1.92 16.04
C ASP A 250 -20.80 2.59 14.77
N THR A 251 -21.77 1.94 14.10
CA THR A 251 -22.33 2.53 12.88
C THR A 251 -23.10 3.81 13.19
N VAL A 252 -23.78 3.87 14.33
CA VAL A 252 -24.48 5.10 14.71
C VAL A 252 -23.50 6.26 14.86
N ALA A 253 -22.37 6.01 15.53
CA ALA A 253 -21.34 7.04 15.69
C ALA A 253 -20.73 7.42 14.34
N ARG A 254 -20.52 6.44 13.46
CA ARG A 254 -19.99 6.73 12.13
C ARG A 254 -20.94 7.63 11.35
N VAL A 255 -22.25 7.37 11.44
CA VAL A 255 -23.22 8.20 10.74
C VAL A 255 -23.27 9.60 11.35
N ARG A 256 -23.22 9.70 12.68
CA ARG A 256 -23.22 11.00 13.33
C ARG A 256 -21.94 11.78 13.09
N GLU A 257 -20.87 11.11 12.64
CA GLU A 257 -19.71 11.84 12.17
C GLU A 257 -20.04 12.71 10.95
N LEU A 258 -21.05 12.33 10.17
CA LEU A 258 -21.54 13.22 9.11
C LEU A 258 -22.20 14.46 9.70
N ASP A 259 -22.89 14.31 10.83
CA ASP A 259 -23.41 15.47 11.54
C ASP A 259 -22.27 16.35 12.02
N GLN A 260 -21.18 15.73 12.48
CA GLN A 260 -19.98 16.50 12.81
C GLN A 260 -19.45 17.28 11.61
N ILE A 261 -19.34 16.63 10.45
CA ILE A 261 -18.86 17.29 9.24
C ILE A 261 -19.76 18.48 8.89
N ARG A 262 -21.08 18.28 8.98
CA ARG A 262 -22.00 19.35 8.63
C ARG A 262 -21.91 20.50 9.63
N ASN A 263 -21.86 20.18 10.92
CA ASN A 263 -21.79 21.21 11.96
C ASN A 263 -20.55 22.06 11.80
N PHE A 264 -19.45 21.43 11.39
CA PHE A 264 -18.29 22.16 10.92
C PHE A 264 -18.60 23.03 9.71
N LEU A 265 -19.20 22.43 8.69
CA LEU A 265 -19.11 22.97 7.33
C LEU A 265 -19.90 24.26 7.19
N THR A 266 -21.10 24.33 7.76
CA THR A 266 -21.94 25.52 7.65
C THR A 266 -21.73 26.49 8.82
N GLY A 267 -20.47 26.84 9.07
CA GLY A 267 -20.11 27.74 10.13
C GLY A 267 -19.16 28.82 9.64
N GLN A 268 -18.25 29.21 10.54
CA GLN A 268 -17.23 30.21 10.26
C GLN A 268 -15.92 29.59 9.79
N ALA A 269 -15.98 28.43 9.12
CA ALA A 269 -14.79 27.66 8.83
C ALA A 269 -14.21 28.00 7.45
N LEU A 270 -14.97 27.75 6.38
CA LEU A 270 -14.44 27.98 5.04
C LEU A 270 -14.45 29.45 4.66
N THR A 271 -15.34 30.26 5.24
CA THR A 271 -15.28 31.69 5.02
C THR A 271 -13.99 32.27 5.58
N SER A 272 -13.55 31.77 6.73
CA SER A 272 -12.31 32.26 7.33
C SER A 272 -11.10 31.95 6.46
N VAL A 273 -11.02 30.72 5.94
CA VAL A 273 -9.87 30.37 5.11
C VAL A 273 -9.96 31.08 3.75
N LEU A 274 -11.18 31.34 3.26
CA LEU A 274 -11.32 32.13 2.04
C LEU A 274 -10.84 33.56 2.26
N ASP A 275 -11.13 34.14 3.43
CA ASP A 275 -10.60 35.46 3.75
C ASP A 275 -9.09 35.43 3.88
N LEU A 276 -8.55 34.36 4.47
CA LEU A 276 -7.10 34.24 4.65
C LEU A 276 -6.39 34.14 3.30
N LEU A 277 -6.94 33.36 2.37
CA LEU A 277 -6.28 33.19 1.08
C LEU A 277 -6.39 34.43 0.21
N PHE A 278 -7.33 35.32 0.51
CA PHE A 278 -7.48 36.58 -0.21
C PHE A 278 -6.86 37.76 0.53
N SER A 279 -5.75 37.51 1.22
CA SER A 279 -5.06 38.54 1.98
C SER A 279 -3.95 39.22 1.18
N PHE A 280 -3.70 38.80 -0.04
CA PHE A 280 -2.67 39.43 -0.86
C PHE A 280 -3.07 40.83 -1.30
N ILE A 281 -4.37 41.10 -1.40
CA ILE A 281 -4.84 42.45 -1.69
C ILE A 281 -4.42 43.41 -0.57
N PHE A 282 -4.53 42.96 0.67
CA PHE A 282 -3.98 43.73 1.79
C PHE A 282 -2.47 43.85 1.67
N PHE A 283 -1.80 42.74 1.32
CA PHE A 283 -0.34 42.69 1.31
C PHE A 283 0.25 43.68 0.32
N ALA A 284 -0.38 43.84 -0.84
CA ALA A 284 0.13 44.80 -1.83
C ALA A 284 0.11 46.22 -1.27
N VAL A 285 -0.97 46.59 -0.58
CA VAL A 285 -1.08 47.94 -0.04
C VAL A 285 -0.10 48.14 1.11
N MET A 286 0.05 47.14 1.99
CA MET A 286 1.04 47.26 3.06
C MET A 286 2.45 47.36 2.51
N TRP A 287 2.77 46.60 1.46
CA TRP A 287 4.07 46.72 0.82
C TRP A 287 4.26 48.09 0.19
N TYR A 288 3.18 48.66 -0.36
CA TYR A 288 3.27 50.00 -0.94
C TYR A 288 3.56 51.05 0.14
N TYR A 289 2.96 50.92 1.32
CA TYR A 289 3.22 51.88 2.38
C TYR A 289 4.68 51.87 2.80
N SER A 290 5.24 50.69 3.02
CA SER A 290 6.61 50.59 3.50
C SER A 290 7.19 49.22 3.16
N PRO A 291 8.34 49.18 2.47
CA PRO A 291 8.93 47.87 2.13
C PRO A 291 9.43 47.10 3.34
N LYS A 292 10.16 47.76 4.24
CA LYS A 292 10.74 47.06 5.39
C LYS A 292 9.82 47.09 6.59
N LEU A 293 8.55 46.74 6.37
CA LEU A 293 7.63 46.43 7.45
C LEU A 293 6.71 45.27 7.12
N THR A 294 6.77 44.72 5.91
CA THR A 294 5.96 43.57 5.53
C THR A 294 6.76 42.27 5.46
N LEU A 295 8.09 42.37 5.48
CA LEU A 295 8.91 41.16 5.50
C LEU A 295 8.71 40.37 6.79
N VAL A 296 8.42 41.06 7.90
CA VAL A 296 8.17 40.36 9.15
C VAL A 296 6.90 39.52 9.05
N ILE A 297 5.84 40.06 8.44
CA ILE A 297 4.62 39.29 8.25
C ILE A 297 4.83 38.18 7.24
N LEU A 298 5.55 38.48 6.15
CA LEU A 298 5.83 37.49 5.12
C LEU A 298 6.76 36.39 5.61
N PHE A 299 7.46 36.61 6.73
CA PHE A 299 8.23 35.56 7.38
C PHE A 299 7.45 34.87 8.50
N SER A 300 6.50 35.56 9.12
CA SER A 300 5.68 34.94 10.15
C SER A 300 4.65 33.98 9.53
N LEU A 301 4.23 34.24 8.30
CA LEU A 301 3.31 33.30 7.64
C LEU A 301 3.92 31.91 7.48
N PRO A 302 5.17 31.75 7.01
CA PRO A 302 5.79 30.41 7.12
C PRO A 302 5.93 29.93 8.55
N CYS A 303 6.13 30.83 9.51
CA CYS A 303 6.15 30.42 10.91
C CYS A 303 4.78 29.91 11.35
N TYR A 304 3.71 30.57 10.90
CA TYR A 304 2.37 30.07 11.15
C TYR A 304 2.18 28.69 10.54
N ALA A 305 2.63 28.51 9.30
CA ALA A 305 2.50 27.20 8.64
C ALA A 305 3.29 26.13 9.38
N ALA A 306 4.51 26.47 9.84
CA ALA A 306 5.32 25.50 10.58
C ALA A 306 4.67 25.12 11.89
N TRP A 307 4.13 26.10 12.62
CA TRP A 307 3.43 25.79 13.87
C TRP A 307 2.21 24.92 13.61
N SER A 308 1.47 25.23 12.53
CA SER A 308 0.28 24.44 12.20
C SER A 308 0.63 23.01 11.84
N VAL A 309 1.70 22.80 11.05
CA VAL A 309 2.03 21.45 10.64
C VAL A 309 2.70 20.70 11.80
N PHE A 310 3.26 21.43 12.76
CA PHE A 310 3.76 20.76 13.96
C PHE A 310 2.62 20.31 14.87
N ILE A 311 1.59 21.15 15.01
CA ILE A 311 0.50 20.84 15.94
C ILE A 311 -0.55 19.92 15.34
N SER A 312 -0.64 19.84 14.01
CA SER A 312 -1.72 19.06 13.38
C SER A 312 -1.65 17.56 13.67
N PRO A 313 -0.52 16.86 13.49
CA PRO A 313 -0.57 15.40 13.67
C PRO A 313 -0.85 14.96 15.09
N ILE A 314 -0.33 15.68 16.09
CA ILE A 314 -0.58 15.32 17.48
C ILE A 314 -2.05 15.50 17.82
N LEU A 315 -2.65 16.60 17.36
CA LEU A 315 -4.08 16.81 17.57
C LEU A 315 -4.92 15.79 16.83
N ARG A 316 -4.48 15.40 15.63
CA ARG A 316 -5.18 14.33 14.89
C ARG A 316 -5.12 13.02 15.66
N ARG A 317 -4.01 12.72 16.30
CA ARG A 317 -3.90 11.47 17.05
C ARG A 317 -4.69 11.52 18.32
N ARG A 318 -4.75 12.67 18.95
CA ARG A 318 -5.60 12.84 20.12
C ARG A 318 -7.07 12.69 19.76
N LEU A 319 -7.49 13.28 18.64
CA LEU A 319 -8.89 13.23 18.25
C LEU A 319 -9.28 11.86 17.74
N ASP A 320 -8.35 11.11 17.14
CA ASP A 320 -8.62 9.73 16.79
C ASP A 320 -8.86 8.89 18.03
N ASP A 321 -8.03 9.08 19.07
CA ASP A 321 -8.26 8.39 20.33
C ASP A 321 -9.59 8.80 20.95
N LYS A 322 -9.90 10.09 20.90
CA LYS A 322 -11.14 10.59 21.47
C LYS A 322 -12.35 10.01 20.75
N PHE A 323 -12.29 9.91 19.41
CA PHE A 323 -13.39 9.31 18.68
C PHE A 323 -13.50 7.82 18.92
N SER A 324 -12.37 7.12 19.11
CA SER A 324 -12.46 5.71 19.48
C SER A 324 -13.18 5.54 20.81
N ARG A 325 -12.84 6.39 21.79
CA ARG A 325 -13.53 6.35 23.08
C ARG A 325 -15.01 6.70 22.91
N ASN A 326 -15.31 7.70 22.07
CA ASN A 326 -16.70 8.10 21.86
C ASN A 326 -17.51 7.00 21.19
N ALA A 327 -16.92 6.31 20.21
CA ALA A 327 -17.61 5.21 19.55
C ALA A 327 -17.83 4.05 20.50
N ASP A 328 -16.84 3.74 21.35
CA ASP A 328 -17.03 2.68 22.35
C ASP A 328 -18.14 3.05 23.32
N ASN A 329 -18.17 4.31 23.78
CA ASN A 329 -19.22 4.76 24.69
C ASN A 329 -20.58 4.70 24.01
N GLN A 330 -20.64 5.10 22.73
CA GLN A 330 -21.89 5.07 21.99
C GLN A 330 -22.42 3.65 21.83
N SER A 331 -21.53 2.71 21.48
CA SER A 331 -21.94 1.32 21.32
C SER A 331 -22.41 0.74 22.65
N PHE A 332 -21.68 1.05 23.72
CA PHE A 332 -22.08 0.59 25.05
C PHE A 332 -23.44 1.14 25.45
N LEU A 333 -23.67 2.44 25.22
CA LEU A 333 -24.93 3.06 25.60
C LEU A 333 -26.09 2.48 24.80
N VAL A 334 -25.93 2.31 23.49
CA VAL A 334 -27.01 1.78 22.67
C VAL A 334 -27.31 0.33 23.05
N GLU A 335 -26.26 -0.46 23.30
CA GLU A 335 -26.47 -1.84 23.72
C GLU A 335 -27.19 -1.91 25.05
N SER A 336 -26.84 -1.03 25.99
CA SER A 336 -27.51 -1.03 27.29
C SER A 336 -28.97 -0.62 27.16
N VAL A 337 -29.26 0.42 26.37
CA VAL A 337 -30.63 0.92 26.29
C VAL A 337 -31.52 -0.05 25.52
N THR A 338 -31.01 -0.62 24.41
CA THR A 338 -31.85 -1.47 23.57
C THR A 338 -32.19 -2.80 24.24
N ALA A 339 -31.46 -3.18 25.29
CA ALA A 339 -31.73 -4.39 26.04
C ALA A 339 -32.00 -4.07 27.50
N ILE A 340 -32.76 -3.00 27.74
CA ILE A 340 -32.98 -2.53 29.11
C ILE A 340 -33.85 -3.51 29.89
N ASN A 341 -34.62 -4.35 29.20
CA ASN A 341 -35.49 -5.30 29.90
C ASN A 341 -34.66 -6.32 30.66
N THR A 342 -33.68 -6.93 30.02
CA THR A 342 -32.84 -7.91 30.69
C THR A 342 -31.85 -7.26 31.65
N ILE A 343 -31.43 -6.02 31.36
CA ILE A 343 -30.57 -5.30 32.28
C ILE A 343 -31.30 -5.02 33.59
N LYS A 344 -32.56 -4.59 33.50
CA LYS A 344 -33.34 -4.32 34.70
C LYS A 344 -33.78 -5.60 35.38
N ALA A 345 -34.00 -6.67 34.60
CA ALA A 345 -34.49 -7.92 35.15
C ALA A 345 -33.54 -8.54 36.17
N MET A 346 -32.23 -8.37 35.97
CA MET A 346 -31.23 -8.81 36.92
C MET A 346 -30.56 -7.60 37.55
N ALA A 347 -29.55 -7.86 38.38
CA ALA A 347 -28.87 -6.82 39.15
C ALA A 347 -27.47 -6.56 38.63
N VAL A 348 -27.31 -6.53 37.31
CA VAL A 348 -26.03 -6.18 36.71
C VAL A 348 -25.80 -4.68 36.71
N SER A 349 -26.80 -3.90 37.11
CA SER A 349 -26.70 -2.44 37.06
C SER A 349 -25.51 -1.84 37.82
N PRO A 350 -25.08 -2.34 39.02
CA PRO A 350 -23.85 -1.78 39.61
C PRO A 350 -22.63 -2.00 38.72
N GLN A 351 -22.47 -3.21 38.21
CA GLN A 351 -21.36 -3.50 37.29
C GLN A 351 -21.48 -2.69 36.03
N MET A 352 -22.71 -2.49 35.56
CA MET A 352 -22.97 -1.83 34.30
C MET A 352 -22.58 -0.36 34.43
N THR A 353 -22.96 0.24 35.57
CA THR A 353 -22.57 1.62 35.86
C THR A 353 -21.06 1.73 36.08
N ASN A 354 -20.44 0.68 36.64
CA ASN A 354 -18.99 0.71 36.82
C ASN A 354 -18.26 0.78 35.48
N ILE A 355 -18.68 -0.06 34.52
CA ILE A 355 -18.03 -0.01 33.21
C ILE A 355 -18.37 1.28 32.48
N TRP A 356 -19.57 1.82 32.73
CA TRP A 356 -19.89 3.15 32.20
C TRP A 356 -18.96 4.21 32.76
N ASP A 357 -18.69 4.15 34.06
CA ASP A 357 -17.80 5.13 34.69
C ASP A 357 -16.40 5.01 34.13
N LYS A 358 -15.93 3.78 33.91
CA LYS A 358 -14.63 3.56 33.28
C LYS A 358 -14.56 4.23 31.91
N GLN A 359 -15.55 3.93 31.07
CA GLN A 359 -15.56 4.48 29.71
C GLN A 359 -15.69 6.00 29.72
N LEU A 360 -16.54 6.53 30.59
CA LEU A 360 -16.77 7.97 30.66
C LEU A 360 -15.52 8.70 31.13
N ALA A 361 -14.83 8.15 32.13
CA ALA A 361 -13.59 8.76 32.60
C ALA A 361 -12.53 8.74 31.51
N GLY A 362 -12.44 7.62 30.77
CA GLY A 362 -11.51 7.58 29.65
C GLY A 362 -11.84 8.62 28.59
N TYR A 363 -13.13 8.77 28.29
CA TYR A 363 -13.55 9.74 27.28
C TYR A 363 -13.26 11.17 27.71
N VAL A 364 -13.51 11.48 29.00
CA VAL A 364 -13.26 12.82 29.49
C VAL A 364 -11.76 13.10 29.52
N ALA A 365 -10.96 12.09 29.88
CA ALA A 365 -9.51 12.26 29.84
C ALA A 365 -9.02 12.53 28.43
N ALA A 366 -9.58 11.81 27.45
CA ALA A 366 -9.21 12.04 26.06
C ALA A 366 -9.61 13.45 25.60
N GLY A 367 -10.81 13.90 26.00
CA GLY A 367 -11.24 15.24 25.62
C GLY A 367 -10.39 16.32 26.25
N PHE A 368 -10.02 16.15 27.52
CA PHE A 368 -9.15 17.11 28.19
C PHE A 368 -7.77 17.14 27.55
N LYS A 369 -7.23 15.96 27.22
CA LYS A 369 -5.95 15.89 26.54
C LYS A 369 -6.00 16.50 25.15
N VAL A 370 -7.16 16.46 24.49
CA VAL A 370 -7.36 17.18 23.24
C VAL A 370 -7.35 18.69 23.45
N THR A 371 -8.10 19.16 24.46
CA THR A 371 -8.30 20.60 24.59
C THR A 371 -7.06 21.30 25.13
N VAL A 372 -6.23 20.60 25.90
CA VAL A 372 -4.99 21.22 26.38
C VAL A 372 -4.03 21.44 25.22
N LEU A 373 -3.94 20.46 24.31
CA LEU A 373 -3.12 20.64 23.12
C LEU A 373 -3.70 21.70 22.21
N ALA A 374 -5.04 21.78 22.14
CA ALA A 374 -5.69 22.82 21.35
C ALA A 374 -5.34 24.22 21.87
N THR A 375 -5.37 24.41 23.18
CA THR A 375 -5.06 25.73 23.71
C THR A 375 -3.56 26.01 23.67
N ILE A 376 -2.72 24.97 23.71
CA ILE A 376 -1.29 25.17 23.48
C ILE A 376 -1.05 25.68 22.06
N GLY A 377 -1.70 25.05 21.08
CA GLY A 377 -1.65 25.53 19.71
C GLY A 377 -2.19 26.93 19.51
N GLN A 378 -3.27 27.28 20.20
CA GLN A 378 -3.80 28.64 20.16
C GLN A 378 -2.81 29.65 20.75
N GLN A 379 -2.20 29.31 21.89
CA GLN A 379 -1.24 30.22 22.51
C GLN A 379 0.01 30.38 21.65
N GLY A 380 0.38 29.32 20.91
CA GLY A 380 1.48 29.47 19.97
C GLY A 380 1.20 30.48 18.88
N ILE A 381 0.00 30.41 18.30
CA ILE A 381 -0.41 31.38 17.28
C ILE A 381 -0.45 32.78 17.87
N GLN A 382 -0.94 32.89 19.12
CA GLN A 382 -0.98 34.19 19.79
C GLN A 382 0.42 34.75 19.98
N LEU A 383 1.38 33.88 20.35
CA LEU A 383 2.76 34.31 20.52
C LEU A 383 3.37 34.78 19.21
N ILE A 384 3.12 34.04 18.13
CA ILE A 384 3.63 34.44 16.82
C ILE A 384 3.02 35.77 16.39
N GLN A 385 1.75 36.00 16.68
CA GLN A 385 1.14 37.31 16.40
C GLN A 385 1.78 38.41 17.23
N LYS A 386 2.00 38.16 18.52
CA LYS A 386 2.39 39.23 19.43
C LYS A 386 3.85 39.64 19.23
N THR A 387 4.73 38.67 18.95
CA THR A 387 6.13 39.03 18.68
C THR A 387 6.25 39.87 17.41
N VAL A 388 5.50 39.50 16.37
CA VAL A 388 5.47 40.30 15.16
C VAL A 388 4.88 41.66 15.43
N MET A 389 3.87 41.74 16.30
CA MET A 389 3.28 43.02 16.66
C MET A 389 4.30 43.94 17.34
N ILE A 390 5.07 43.39 18.29
CA ILE A 390 6.00 44.24 19.03
C ILE A 390 7.18 44.65 18.15
N ILE A 391 7.64 43.76 17.26
CA ILE A 391 8.73 44.18 16.36
C ILE A 391 8.21 45.15 15.30
N ASN A 392 6.93 45.04 14.94
CA ASN A 392 6.31 46.07 14.11
C ASN A 392 6.28 47.41 14.81
N LEU A 393 5.94 47.42 16.10
CA LEU A 393 6.01 48.67 16.86
C LEU A 393 7.41 49.25 16.85
N TRP A 394 8.42 48.41 17.07
CA TRP A 394 9.80 48.86 17.11
C TRP A 394 10.22 49.48 15.78
N LEU A 395 10.02 48.74 14.69
CA LEU A 395 10.45 49.22 13.38
C LEU A 395 9.62 50.40 12.91
N GLY A 396 8.32 50.43 13.21
CA GLY A 396 7.49 51.56 12.83
C GLY A 396 7.87 52.82 13.59
N ALA A 397 8.23 52.67 14.87
CA ALA A 397 8.72 53.81 15.63
C ALA A 397 10.02 54.34 15.02
N HIS A 398 10.93 53.44 14.63
CA HIS A 398 12.13 53.89 13.92
C HIS A 398 11.80 54.61 12.63
N LEU A 399 10.86 54.06 11.85
CA LEU A 399 10.53 54.62 10.55
C LEU A 399 9.71 55.91 10.63
N VAL A 400 9.09 56.20 11.77
CA VAL A 400 8.34 57.44 11.92
C VAL A 400 9.16 58.52 12.63
N ILE A 401 10.17 58.13 13.41
CA ILE A 401 11.07 59.14 13.96
C ILE A 401 12.18 59.53 13.00
N SER A 402 12.38 58.76 11.94
CA SER A 402 13.41 59.06 10.95
C SER A 402 12.83 59.72 9.70
N GLY A 403 11.89 59.06 9.04
CA GLY A 403 11.29 59.60 7.84
C GLY A 403 10.76 58.47 6.97
N ASP A 404 10.16 58.88 5.85
CA ASP A 404 9.54 58.01 4.85
C ASP A 404 8.32 57.26 5.40
N LEU A 405 7.78 57.68 6.54
CA LEU A 405 6.62 57.04 7.13
C LEU A 405 6.01 57.99 8.16
N SER A 406 4.70 58.18 8.08
CA SER A 406 3.97 59.09 8.95
C SER A 406 3.19 58.31 10.01
N ILE A 407 2.68 59.06 10.99
CA ILE A 407 2.00 58.45 12.13
C ILE A 407 0.71 57.76 11.69
N GLY A 408 -0.05 58.42 10.81
CA GLY A 408 -1.27 57.80 10.30
C GLY A 408 -0.98 56.57 9.47
N GLN A 409 0.12 56.59 8.73
CA GLN A 409 0.54 55.40 7.98
C GLN A 409 0.86 54.25 8.93
N LEU A 410 1.51 54.55 10.06
CA LEU A 410 1.79 53.52 11.05
C LEU A 410 0.51 52.95 11.66
N ILE A 411 -0.46 53.82 11.95
CA ILE A 411 -1.73 53.35 12.50
C ILE A 411 -2.45 52.45 11.51
N ALA A 412 -2.50 52.88 10.24
CA ALA A 412 -3.15 52.08 9.20
C ALA A 412 -2.44 50.75 9.01
N PHE A 413 -1.10 50.76 9.05
CA PHE A 413 -0.34 49.52 8.92
C PHE A 413 -0.63 48.56 10.07
N ASN A 414 -0.70 49.09 11.30
CA ASN A 414 -0.99 48.24 12.45
C ASN A 414 -2.37 47.61 12.34
N MET A 415 -3.38 48.40 11.94
CA MET A 415 -4.71 47.82 11.84
C MET A 415 -4.83 46.86 10.65
N LEU A 416 -4.08 47.13 9.57
CA LEU A 416 -4.04 46.18 8.47
C LEU A 416 -3.44 44.85 8.90
N ALA A 417 -2.37 44.90 9.70
CA ALA A 417 -1.78 43.67 10.23
C ALA A 417 -2.77 42.93 11.14
N GLY A 418 -3.52 43.69 11.96
CA GLY A 418 -4.51 43.06 12.81
C GLY A 418 -5.62 42.38 12.01
N GLN A 419 -6.07 43.03 10.94
CA GLN A 419 -7.11 42.44 10.10
C GLN A 419 -6.56 41.27 9.28
N ILE A 420 -5.24 41.26 9.04
CA ILE A 420 -4.60 40.08 8.46
C ILE A 420 -4.65 38.91 9.44
N VAL A 421 -4.30 39.16 10.70
CA VAL A 421 -4.11 38.05 11.63
C VAL A 421 -5.41 37.56 12.26
N ALA A 422 -6.49 38.36 12.22
CA ALA A 422 -7.76 37.88 12.75
C ALA A 422 -8.27 36.61 12.09
N PRO A 423 -8.23 36.44 10.75
CA PRO A 423 -8.54 35.10 10.22
C PRO A 423 -7.62 34.01 10.73
N VAL A 424 -6.33 34.32 10.96
CA VAL A 424 -5.40 33.32 11.47
C VAL A 424 -5.81 32.88 12.87
N ILE A 425 -6.20 33.82 13.73
CA ILE A 425 -6.61 33.43 15.08
C ILE A 425 -7.94 32.68 15.04
N ARG A 426 -8.83 33.00 14.09
CA ARG A 426 -10.06 32.22 13.97
C ARG A 426 -9.76 30.78 13.54
N LEU A 427 -8.84 30.61 12.59
CA LEU A 427 -8.38 29.26 12.23
C LEU A 427 -7.80 28.54 13.43
N ALA A 428 -7.01 29.25 14.25
CA ALA A 428 -6.45 28.63 15.45
C ALA A 428 -7.53 28.21 16.43
N GLN A 429 -8.61 28.99 16.53
CA GLN A 429 -9.71 28.63 17.43
C GLN A 429 -10.50 27.41 16.95
N ILE A 430 -10.67 27.24 15.64
CA ILE A 430 -11.47 26.11 15.16
C ILE A 430 -10.59 24.99 14.59
N TRP A 431 -9.30 25.03 14.93
CA TRP A 431 -8.41 23.93 14.56
C TRP A 431 -8.90 22.58 15.08
N GLN A 432 -9.55 22.58 16.25
CA GLN A 432 -10.12 21.33 16.78
C GLN A 432 -11.14 20.75 15.83
N ASP A 433 -12.03 21.60 15.31
CA ASP A 433 -13.04 21.13 14.37
C ASP A 433 -12.43 20.76 13.02
N PHE A 434 -11.36 21.45 12.61
CA PHE A 434 -10.63 21.01 11.41
C PHE A 434 -10.13 19.59 11.55
N GLN A 435 -9.46 19.28 12.67
CA GLN A 435 -8.96 17.92 12.86
C GLN A 435 -10.10 16.92 13.06
N GLN A 436 -11.21 17.37 13.66
CA GLN A 436 -12.38 16.50 13.79
C GLN A 436 -12.92 16.10 12.43
N VAL A 437 -12.98 17.03 11.49
CA VAL A 437 -13.40 16.69 10.14
C VAL A 437 -12.36 15.82 9.45
N GLY A 438 -11.07 16.08 9.72
CA GLY A 438 -10.03 15.25 9.15
C GLY A 438 -10.14 13.79 9.53
N ILE A 439 -10.56 13.51 10.77
CA ILE A 439 -10.81 12.12 11.15
C ILE A 439 -12.22 11.64 10.76
N SER A 440 -13.18 12.57 10.67
CA SER A 440 -14.56 12.19 10.38
C SER A 440 -14.73 11.73 8.94
N VAL A 441 -14.08 12.43 8.00
CA VAL A 441 -14.13 12.00 6.60
C VAL A 441 -13.45 10.65 6.44
N THR A 442 -12.38 10.41 7.21
CA THR A 442 -11.74 9.10 7.19
C THR A 442 -12.68 8.01 7.68
N ARG A 443 -13.43 8.28 8.75
CA ARG A 443 -14.37 7.27 9.25
C ARG A 443 -15.52 7.03 8.28
N LEU A 444 -16.03 8.11 7.67
CA LEU A 444 -17.06 7.95 6.65
C LEU A 444 -16.55 7.13 5.46
N GLY A 445 -15.28 7.34 5.08
CA GLY A 445 -14.69 6.50 4.06
C GLY A 445 -14.57 5.05 4.49
N ASP A 446 -14.18 4.82 5.76
CA ASP A 446 -14.08 3.47 6.29
C ASP A 446 -15.43 2.75 6.20
N VAL A 447 -16.52 3.49 6.44
CA VAL A 447 -17.84 2.91 6.24
C VAL A 447 -18.13 2.69 4.76
N LEU A 448 -17.79 3.66 3.91
CA LEU A 448 -18.16 3.64 2.50
C LEU A 448 -17.25 2.75 1.65
N ASN A 449 -15.99 2.60 2.02
CA ASN A 449 -15.05 1.81 1.22
C ASN A 449 -15.24 0.31 1.40
N SER A 450 -16.01 -0.12 2.38
CA SER A 450 -16.27 -1.54 2.56
C SER A 450 -17.08 -2.07 1.38
N PRO A 451 -16.80 -3.29 0.91
CA PRO A 451 -17.54 -3.84 -0.22
C PRO A 451 -19.02 -4.01 0.10
N THR A 452 -19.86 -3.79 -0.91
CA THR A 452 -21.30 -3.85 -0.74
C THR A 452 -21.85 -5.14 -1.31
N GLU A 453 -23.17 -5.31 -1.21
CA GLU A 453 -23.87 -6.44 -1.81
C GLU A 453 -24.27 -6.15 -3.25
N SER A 454 -23.28 -5.75 -4.05
CA SER A 454 -23.54 -5.31 -5.42
C SER A 454 -23.92 -6.48 -6.31
N TYR A 455 -24.71 -6.17 -7.34
CA TYR A 455 -25.12 -7.14 -8.34
C TYR A 455 -24.68 -6.67 -9.71
N HIS A 456 -24.52 -7.61 -10.64
CA HIS A 456 -24.12 -7.28 -12.00
C HIS A 456 -25.18 -6.45 -12.68
N GLY A 457 -24.76 -5.37 -13.33
CA GLY A 457 -25.68 -4.49 -14.03
C GLY A 457 -25.98 -4.94 -15.44
N LYS A 458 -26.23 -6.23 -15.62
CA LYS A 458 -26.52 -6.81 -16.91
C LYS A 458 -28.03 -6.80 -17.14
N LEU A 459 -28.48 -7.56 -18.14
CA LEU A 459 -29.91 -7.66 -18.43
C LEU A 459 -30.66 -8.22 -17.23
N ALA A 460 -31.80 -7.61 -16.92
CA ALA A 460 -32.56 -8.00 -15.74
C ALA A 460 -33.19 -9.37 -15.91
N LEU A 461 -33.52 -10.00 -14.79
CA LEU A 461 -34.00 -11.37 -14.78
C LEU A 461 -35.52 -11.42 -14.67
N PRO A 462 -36.17 -12.41 -15.28
CA PRO A 462 -37.63 -12.49 -15.25
C PRO A 462 -38.14 -12.96 -13.89
N GLU A 463 -39.45 -13.18 -13.85
CA GLU A 463 -40.10 -13.62 -12.62
C GLU A 463 -39.67 -15.04 -12.26
N ILE A 464 -39.86 -15.40 -10.99
CA ILE A 464 -39.31 -16.62 -10.42
C ILE A 464 -40.40 -17.68 -10.34
N ASN A 465 -40.08 -18.88 -10.83
CA ASN A 465 -40.78 -20.09 -10.44
C ASN A 465 -39.94 -20.79 -9.38
N GLY A 466 -40.62 -21.44 -8.43
CA GLY A 466 -39.93 -21.94 -7.26
C GLY A 466 -39.05 -23.15 -7.50
N ASN A 467 -38.00 -22.98 -8.30
CA ASN A 467 -37.04 -24.04 -8.59
C ASN A 467 -35.75 -23.71 -7.86
N ILE A 468 -35.63 -24.25 -6.66
CA ILE A 468 -34.47 -23.99 -5.80
C ILE A 468 -33.54 -25.19 -5.85
N THR A 469 -32.31 -24.98 -6.32
CA THR A 469 -31.33 -26.07 -6.38
C THR A 469 -30.10 -25.68 -5.58
N PHE A 470 -29.83 -26.42 -4.52
CA PHE A 470 -28.58 -26.34 -3.79
C PHE A 470 -27.68 -27.42 -4.36
N ARG A 471 -26.50 -27.03 -4.83
CA ARG A 471 -25.56 -27.95 -5.46
C ARG A 471 -24.20 -27.85 -4.77
N ASN A 472 -23.82 -28.95 -4.13
CA ASN A 472 -22.47 -29.17 -3.59
C ASN A 472 -22.11 -28.08 -2.58
N ILE A 473 -23.08 -27.72 -1.75
CA ILE A 473 -22.96 -26.53 -0.90
C ILE A 473 -22.06 -26.82 0.28
N ARG A 474 -21.04 -25.99 0.46
CA ARG A 474 -20.18 -25.99 1.65
C ARG A 474 -20.07 -24.56 2.16
N PHE A 475 -20.68 -24.27 3.31
CA PHE A 475 -20.75 -22.92 3.85
C PHE A 475 -20.26 -22.87 5.29
N ARG A 476 -19.49 -21.83 5.59
CA ARG A 476 -19.07 -21.50 6.95
C ARG A 476 -19.21 -19.99 7.14
N TYR A 477 -19.59 -19.59 8.37
CA TYR A 477 -19.84 -18.18 8.65
C TYR A 477 -18.56 -17.36 8.62
N LYS A 478 -17.53 -17.82 9.31
CA LYS A 478 -16.24 -17.15 9.34
C LYS A 478 -15.21 -17.96 8.58
N PRO A 479 -14.14 -17.32 8.08
CA PRO A 479 -13.09 -18.09 7.41
C PRO A 479 -12.45 -19.15 8.28
N ASP A 480 -12.35 -18.90 9.59
CA ASP A 480 -11.83 -19.89 10.52
C ASP A 480 -12.92 -20.73 11.19
N SER A 481 -14.18 -20.42 10.94
CA SER A 481 -15.28 -21.11 11.61
C SER A 481 -15.38 -22.56 11.12
N PRO A 482 -15.86 -23.46 11.97
CA PRO A 482 -16.10 -24.84 11.53
C PRO A 482 -17.16 -24.89 10.44
N VAL A 483 -17.04 -25.90 9.57
CA VAL A 483 -17.96 -26.03 8.44
C VAL A 483 -19.36 -26.30 8.95
N ILE A 484 -20.31 -25.47 8.52
CA ILE A 484 -21.70 -25.60 8.95
C ILE A 484 -22.49 -26.53 8.04
N LEU A 485 -22.39 -26.32 6.72
CA LEU A 485 -23.06 -27.15 5.74
C LEU A 485 -21.98 -27.94 4.99
N ASP A 486 -22.07 -29.26 5.04
CA ASP A 486 -21.02 -30.09 4.44
C ASP A 486 -21.24 -30.31 2.95
N ASN A 487 -22.30 -31.02 2.58
CA ASN A 487 -22.53 -31.43 1.20
C ASN A 487 -24.02 -31.31 0.84
N ILE A 488 -24.61 -30.17 1.18
CA ILE A 488 -26.05 -29.97 0.96
C ILE A 488 -26.33 -29.92 -0.54
N ASN A 489 -26.96 -30.97 -1.05
CA ASN A 489 -27.46 -31.03 -2.42
C ASN A 489 -28.96 -31.31 -2.36
N LEU A 490 -29.76 -30.43 -2.96
CA LEU A 490 -31.20 -30.51 -2.78
C LEU A 490 -31.92 -29.79 -3.91
N SER A 491 -33.13 -30.29 -4.23
CA SER A 491 -33.94 -29.73 -5.30
C SER A 491 -35.36 -29.51 -4.80
N ILE A 492 -35.91 -28.34 -5.06
CA ILE A 492 -37.27 -27.98 -4.71
C ILE A 492 -37.97 -27.46 -5.95
N LYS A 493 -39.15 -27.99 -6.23
CA LYS A 493 -39.96 -27.60 -7.38
C LYS A 493 -41.08 -26.67 -6.94
N GLN A 494 -41.84 -26.16 -7.92
CA GLN A 494 -42.90 -25.20 -7.64
C GLN A 494 -44.05 -25.87 -6.90
N GLY A 495 -44.69 -25.09 -6.02
CA GLY A 495 -45.83 -25.58 -5.27
C GLY A 495 -45.53 -26.71 -4.34
N GLU A 496 -44.27 -26.85 -3.90
CA GLU A 496 -43.84 -27.96 -3.07
C GLU A 496 -43.68 -27.46 -1.64
N VAL A 497 -44.54 -27.94 -0.75
CA VAL A 497 -44.51 -27.51 0.65
C VAL A 497 -43.46 -28.32 1.39
N ILE A 498 -42.23 -27.81 1.41
CA ILE A 498 -41.12 -28.49 2.05
C ILE A 498 -41.09 -28.11 3.52
N GLY A 499 -40.79 -29.10 4.38
CA GLY A 499 -40.54 -28.85 5.78
C GLY A 499 -39.14 -29.30 6.15
N ILE A 500 -38.51 -28.54 7.03
CA ILE A 500 -37.14 -28.83 7.48
C ILE A 500 -37.15 -28.97 8.99
N VAL A 501 -36.55 -30.05 9.48
CA VAL A 501 -36.49 -30.34 10.91
C VAL A 501 -35.09 -30.82 11.25
N GLY A 502 -34.73 -30.67 12.52
CA GLY A 502 -33.44 -31.12 13.01
C GLY A 502 -33.25 -30.68 14.44
N ARG A 503 -32.07 -30.99 14.97
CA ARG A 503 -31.75 -30.57 16.33
C ARG A 503 -31.49 -29.06 16.37
N SER A 504 -31.52 -28.51 17.59
CA SER A 504 -31.25 -27.10 17.80
C SER A 504 -29.80 -26.79 17.49
N GLY A 505 -29.57 -25.98 16.46
CA GLY A 505 -28.22 -25.69 16.01
C GLY A 505 -27.73 -26.53 14.86
N SER A 506 -28.61 -27.30 14.22
CA SER A 506 -28.20 -28.15 13.10
C SER A 506 -27.75 -27.34 11.89
N GLY A 507 -28.42 -26.23 11.59
CA GLY A 507 -28.03 -25.40 10.45
C GLY A 507 -29.15 -25.17 9.46
N LYS A 508 -30.40 -25.27 9.93
CA LYS A 508 -31.54 -25.01 9.04
C LYS A 508 -31.74 -23.52 8.82
N SER A 509 -31.47 -22.70 9.85
CA SER A 509 -31.50 -21.26 9.67
C SER A 509 -30.43 -20.80 8.68
N THR A 510 -29.33 -21.55 8.57
CA THR A 510 -28.34 -21.25 7.54
C THR A 510 -28.91 -21.52 6.15
N LEU A 511 -29.74 -22.57 6.01
CA LEU A 511 -30.43 -22.79 4.74
C LEU A 511 -31.39 -21.64 4.43
N THR A 512 -32.11 -21.16 5.45
CA THR A 512 -32.97 -20.00 5.25
C THR A 512 -32.18 -18.77 4.81
N LYS A 513 -31.03 -18.54 5.44
CA LYS A 513 -30.19 -17.40 5.10
C LYS A 513 -29.39 -17.61 3.82
N LEU A 514 -29.38 -18.83 3.28
CA LEU A 514 -28.74 -19.08 2.00
C LEU A 514 -29.73 -19.09 0.83
N ILE A 515 -31.02 -19.30 1.09
CA ILE A 515 -32.01 -19.17 0.02
C ILE A 515 -32.05 -17.73 -0.47
N GLN A 516 -32.39 -16.80 0.42
CA GLN A 516 -32.19 -15.39 0.15
C GLN A 516 -30.71 -15.06 0.29
N ARG A 517 -30.23 -14.12 -0.51
CA ARG A 517 -28.79 -13.86 -0.58
C ARG A 517 -28.36 -13.03 0.62
N PHE A 518 -28.31 -13.68 1.78
CA PHE A 518 -27.67 -13.11 2.96
C PHE A 518 -26.17 -13.35 2.96
N TYR A 519 -25.74 -14.51 2.47
CA TYR A 519 -24.33 -14.85 2.34
C TYR A 519 -24.11 -15.56 1.02
N ILE A 520 -22.84 -15.73 0.66
CA ILE A 520 -22.45 -16.50 -0.51
C ILE A 520 -21.79 -17.79 -0.03
N PRO A 521 -22.09 -18.95 -0.63
CA PRO A 521 -21.44 -20.19 -0.20
C PRO A 521 -19.97 -20.19 -0.58
N GLU A 522 -19.16 -20.86 0.25
CA GLU A 522 -17.75 -20.98 -0.03
C GLU A 522 -17.50 -21.95 -1.18
N ASN A 523 -18.20 -23.08 -1.20
CA ASN A 523 -18.09 -24.07 -2.26
C ASN A 523 -19.49 -24.46 -2.72
N GLY A 524 -19.62 -24.76 -4.01
CA GLY A 524 -20.91 -25.06 -4.57
C GLY A 524 -21.70 -23.80 -4.88
N GLN A 525 -22.95 -23.99 -5.29
CA GLN A 525 -23.79 -22.85 -5.66
C GLN A 525 -25.25 -23.19 -5.48
N VAL A 526 -26.06 -22.14 -5.31
CA VAL A 526 -27.50 -22.23 -5.27
C VAL A 526 -28.07 -21.49 -6.48
N LEU A 527 -29.01 -22.14 -7.17
CA LEU A 527 -29.61 -21.58 -8.36
C LEU A 527 -31.12 -21.51 -8.18
N ILE A 528 -31.69 -20.34 -8.49
CA ILE A 528 -33.13 -20.11 -8.43
C ILE A 528 -33.64 -19.99 -9.85
N ASP A 529 -34.55 -20.88 -10.23
CA ASP A 529 -35.12 -20.95 -11.59
C ASP A 529 -34.01 -21.09 -12.64
N GLY A 530 -32.93 -21.78 -12.29
CA GLY A 530 -31.82 -21.98 -13.18
C GLY A 530 -30.82 -20.84 -13.25
N HIS A 531 -31.03 -19.77 -12.49
CA HIS A 531 -30.13 -18.63 -12.49
C HIS A 531 -29.28 -18.65 -11.22
N ASP A 532 -27.96 -18.51 -11.39
CA ASP A 532 -27.05 -18.59 -10.25
C ASP A 532 -27.21 -17.40 -9.32
N LEU A 533 -27.11 -17.58 -8.02
CA LEU A 533 -27.19 -16.41 -7.14
C LEU A 533 -25.82 -15.72 -6.99
N ALA A 534 -24.74 -16.42 -7.31
CA ALA A 534 -23.45 -15.79 -7.11
C ALA A 534 -23.38 -14.40 -7.72
N LEU A 535 -24.20 -14.13 -8.74
CA LEU A 535 -24.25 -12.81 -9.35
C LEU A 535 -25.67 -12.27 -9.51
N ALA A 536 -26.67 -12.96 -8.98
CA ALA A 536 -28.05 -12.50 -9.08
C ALA A 536 -28.27 -11.26 -8.21
N ASP A 537 -29.33 -10.53 -8.51
CA ASP A 537 -29.64 -9.32 -7.76
C ASP A 537 -30.31 -9.69 -6.44
N PRO A 538 -29.69 -9.38 -5.29
CA PRO A 538 -30.34 -9.71 -4.02
C PRO A 538 -31.64 -8.97 -3.78
N ASN A 539 -31.73 -7.70 -4.22
CA ASN A 539 -32.94 -6.92 -4.02
C ASN A 539 -34.13 -7.54 -4.74
N TRP A 540 -33.91 -8.01 -5.97
CA TRP A 540 -34.98 -8.60 -6.75
C TRP A 540 -35.53 -9.86 -6.10
N LEU A 541 -34.65 -10.75 -5.66
CA LEU A 541 -35.10 -11.98 -5.01
C LEU A 541 -35.75 -11.69 -3.66
N ARG A 542 -35.19 -10.75 -2.90
CA ARG A 542 -35.83 -10.38 -1.64
C ARG A 542 -37.21 -9.76 -1.87
N ARG A 543 -37.42 -9.14 -3.03
CA ARG A 543 -38.76 -8.72 -3.41
C ARG A 543 -39.66 -9.90 -3.75
N GLN A 544 -39.12 -10.90 -4.44
CA GLN A 544 -39.93 -12.05 -4.86
C GLN A 544 -40.13 -13.08 -3.76
N VAL A 545 -39.45 -12.97 -2.61
CA VAL A 545 -39.53 -13.96 -1.56
C VAL A 545 -40.02 -13.32 -0.27
N GLY A 546 -41.03 -13.92 0.34
CA GLY A 546 -41.54 -13.48 1.62
C GLY A 546 -41.06 -14.36 2.75
N VAL A 547 -40.36 -13.77 3.73
CA VAL A 547 -39.72 -14.53 4.79
C VAL A 547 -40.24 -14.04 6.13
N VAL A 548 -40.69 -14.99 6.96
CA VAL A 548 -40.90 -14.74 8.39
C VAL A 548 -39.68 -15.27 9.12
N LEU A 549 -38.97 -14.38 9.80
CA LEU A 549 -37.70 -14.73 10.42
C LEU A 549 -37.91 -15.35 11.80
N GLN A 550 -36.79 -15.62 12.47
CA GLN A 550 -36.82 -16.19 13.81
C GLN A 550 -36.70 -15.10 14.87
N ASP A 551 -35.88 -14.08 14.61
CA ASP A 551 -35.70 -13.00 15.58
C ASP A 551 -36.98 -12.21 15.78
N ASN A 552 -37.68 -11.90 14.69
CA ASN A 552 -39.05 -11.38 14.72
C ASN A 552 -39.15 -10.06 15.50
N VAL A 553 -38.50 -9.04 14.96
CA VAL A 553 -38.62 -7.69 15.51
C VAL A 553 -39.50 -6.86 14.58
N LEU A 554 -40.16 -5.87 15.15
CA LEU A 554 -41.05 -4.98 14.41
C LEU A 554 -40.46 -3.57 14.38
N LEU A 555 -41.11 -2.70 13.62
CA LEU A 555 -40.66 -1.32 13.43
C LEU A 555 -41.70 -0.36 13.98
N ASN A 556 -41.24 0.76 14.53
CA ASN A 556 -42.11 1.69 15.23
C ASN A 556 -42.97 2.50 14.25
N ARG A 557 -44.14 1.96 13.93
CA ARG A 557 -45.12 2.66 13.09
C ARG A 557 -46.48 2.03 13.38
N SER A 558 -47.48 2.42 12.58
CA SER A 558 -48.81 1.83 12.72
C SER A 558 -48.80 0.38 12.24
N ILE A 559 -49.79 -0.38 12.71
CA ILE A 559 -49.87 -1.80 12.39
C ILE A 559 -50.11 -1.99 10.89
N ILE A 560 -50.99 -1.18 10.30
CA ILE A 560 -51.26 -1.27 8.87
C ILE A 560 -49.99 -0.95 8.07
N ASP A 561 -49.27 0.09 8.48
CA ASP A 561 -48.01 0.42 7.80
C ASP A 561 -46.96 -0.66 8.02
N ASN A 562 -46.94 -1.25 9.22
CA ASN A 562 -45.98 -2.33 9.50
C ASN A 562 -46.24 -3.53 8.61
N ILE A 563 -47.51 -3.88 8.40
CA ILE A 563 -47.84 -4.98 7.51
C ILE A 563 -47.55 -4.62 6.05
N SER A 564 -47.90 -3.39 5.65
CA SER A 564 -47.71 -2.93 4.28
C SER A 564 -46.37 -2.24 4.07
N LEU A 565 -45.36 -2.58 4.87
CA LEU A 565 -44.04 -1.99 4.71
C LEU A 565 -43.45 -2.31 3.35
N ALA A 566 -43.69 -3.52 2.85
CA ALA A 566 -43.18 -3.90 1.53
C ALA A 566 -43.89 -3.13 0.42
N ASN A 567 -45.22 -3.05 0.47
CA ASN A 567 -46.03 -2.42 -0.57
C ASN A 567 -47.00 -1.45 0.08
N PRO A 568 -46.56 -0.22 0.37
CA PRO A 568 -47.46 0.75 1.01
C PRO A 568 -48.53 1.31 0.09
N GLY A 569 -48.40 1.15 -1.22
CA GLY A 569 -49.32 1.73 -2.17
C GLY A 569 -50.56 0.91 -2.48
N MET A 570 -50.78 -0.21 -1.78
CA MET A 570 -51.92 -1.06 -2.02
C MET A 570 -53.11 -0.67 -1.15
N SER A 571 -54.18 -1.45 -1.25
CA SER A 571 -55.41 -1.17 -0.52
C SER A 571 -55.32 -1.67 0.92
N VAL A 572 -56.41 -1.46 1.66
CA VAL A 572 -56.48 -1.93 3.03
C VAL A 572 -57.20 -3.28 3.10
N GLU A 573 -58.04 -3.59 2.10
CA GLU A 573 -58.74 -4.87 2.09
C GLU A 573 -57.77 -6.04 1.89
N LYS A 574 -56.67 -5.82 1.17
CA LYS A 574 -55.62 -6.83 1.11
C LYS A 574 -55.00 -7.07 2.48
N VAL A 575 -54.82 -5.99 3.26
CA VAL A 575 -54.31 -6.13 4.61
C VAL A 575 -55.29 -6.91 5.47
N ILE A 576 -56.58 -6.65 5.31
CA ILE A 576 -57.61 -7.40 6.03
C ILE A 576 -57.53 -8.88 5.68
N TYR A 577 -57.38 -9.19 4.38
CA TYR A 577 -57.27 -10.58 3.93
C TYR A 577 -56.04 -11.25 4.54
N ALA A 578 -54.90 -10.56 4.51
CA ALA A 578 -53.67 -11.14 5.05
C ALA A 578 -53.77 -11.36 6.55
N ALA A 579 -54.38 -10.42 7.27
CA ALA A 579 -54.53 -10.58 8.72
C ALA A 579 -55.50 -11.70 9.05
N LYS A 580 -56.53 -11.89 8.21
CA LYS A 580 -57.45 -13.01 8.41
C LYS A 580 -56.75 -14.34 8.19
N LEU A 581 -55.91 -14.43 7.15
CA LEU A 581 -55.14 -15.65 6.95
C LEU A 581 -54.14 -15.89 8.08
N ALA A 582 -53.54 -14.83 8.61
CA ALA A 582 -52.63 -14.97 9.74
C ALA A 582 -53.34 -15.22 11.06
N GLY A 583 -54.67 -15.09 11.10
CA GLY A 583 -55.40 -15.30 12.32
C GLY A 583 -55.29 -14.19 13.33
N ALA A 584 -54.91 -12.98 12.89
CA ALA A 584 -54.78 -11.83 13.77
C ALA A 584 -55.68 -10.67 13.40
N HIS A 585 -56.57 -10.83 12.42
CA HIS A 585 -57.46 -9.73 12.05
C HIS A 585 -58.39 -9.36 13.20
N ASP A 586 -58.95 -10.36 13.88
CA ASP A 586 -59.82 -10.06 15.01
C ASP A 586 -59.05 -9.43 16.17
N PHE A 587 -57.86 -9.97 16.51
CA PHE A 587 -57.06 -9.38 17.60
C PHE A 587 -56.67 -7.94 17.31
N ILE A 588 -56.58 -7.58 16.04
CA ILE A 588 -56.40 -6.19 15.66
C ILE A 588 -57.70 -5.41 15.81
N SER A 589 -58.83 -6.01 15.41
CA SER A 589 -60.09 -5.28 15.39
C SER A 589 -60.56 -4.90 16.78
N GLU A 590 -60.33 -5.75 17.78
CA GLU A 590 -60.78 -5.40 19.13
C GLU A 590 -59.86 -4.40 19.81
N LEU A 591 -58.81 -3.93 19.12
CA LEU A 591 -58.05 -2.80 19.60
C LEU A 591 -58.80 -1.50 19.29
N ARG A 592 -58.53 -0.47 20.09
CA ARG A 592 -59.24 0.80 19.94
C ARG A 592 -58.92 1.47 18.61
N GLU A 593 -57.63 1.59 18.29
CA GLU A 593 -57.21 2.26 17.06
C GLU A 593 -57.26 1.33 15.84
N GLY A 594 -57.58 0.06 16.03
CA GLY A 594 -57.62 -0.86 14.91
C GLY A 594 -56.23 -1.08 14.33
N TYR A 595 -56.10 -0.87 13.02
CA TYR A 595 -54.82 -1.04 12.36
C TYR A 595 -53.90 0.17 12.52
N ASN A 596 -54.41 1.28 13.06
CA ASN A 596 -53.65 2.51 13.15
C ASN A 596 -52.89 2.64 14.47
N THR A 597 -52.99 1.66 15.36
CA THR A 597 -52.30 1.76 16.64
C THR A 597 -50.79 1.66 16.46
N ILE A 598 -50.06 2.36 17.32
CA ILE A 598 -48.61 2.38 17.26
C ILE A 598 -48.08 1.16 18.01
N VAL A 599 -47.35 0.30 17.29
CA VAL A 599 -46.80 -0.91 17.90
C VAL A 599 -45.62 -0.59 18.80
N GLY A 600 -44.97 0.56 18.60
CA GLY A 600 -43.84 0.94 19.43
C GLY A 600 -42.53 0.35 18.93
N GLU A 601 -41.46 0.78 19.59
CA GLU A 601 -40.11 0.33 19.25
C GLU A 601 -39.93 -1.12 19.66
N GLN A 602 -39.34 -1.92 18.77
CA GLN A 602 -39.02 -3.32 19.02
C GLN A 602 -40.27 -4.14 19.33
N GLY A 603 -41.41 -3.70 18.80
CA GLY A 603 -42.67 -4.36 19.05
C GLY A 603 -43.06 -4.35 20.51
N ALA A 604 -42.84 -3.21 21.18
CA ALA A 604 -43.14 -3.11 22.61
C ALA A 604 -44.64 -3.23 22.86
N GLY A 605 -45.45 -2.61 22.02
CA GLY A 605 -46.88 -2.54 22.26
C GLY A 605 -47.63 -3.85 22.06
N LEU A 606 -46.98 -4.86 21.49
CA LEU A 606 -47.60 -6.15 21.25
C LEU A 606 -46.80 -7.25 21.92
N SER A 607 -47.48 -8.35 22.25
CA SER A 607 -46.83 -9.49 22.87
C SER A 607 -46.12 -10.33 21.82
N GLY A 608 -45.59 -11.47 22.25
CA GLY A 608 -44.83 -12.34 21.36
C GLY A 608 -45.66 -12.95 20.25
N GLY A 609 -46.75 -13.63 20.60
CA GLY A 609 -47.60 -14.26 19.59
C GLY A 609 -48.29 -13.25 18.69
N GLN A 610 -48.69 -12.10 19.25
CA GLN A 610 -49.34 -11.08 18.43
C GLN A 610 -48.39 -10.55 17.36
N ARG A 611 -47.17 -10.18 17.74
CA ARG A 611 -46.22 -9.71 16.75
C ARG A 611 -45.76 -10.84 15.84
N GLN A 612 -45.82 -12.10 16.30
CA GLN A 612 -45.52 -13.22 15.44
C GLN A 612 -46.55 -13.32 14.31
N ARG A 613 -47.83 -13.24 14.66
CA ARG A 613 -48.87 -13.23 13.63
C ARG A 613 -48.77 -12.00 12.74
N ILE A 614 -48.38 -10.85 13.32
CA ILE A 614 -48.21 -9.64 12.54
C ILE A 614 -47.10 -9.82 11.50
N ALA A 615 -45.98 -10.41 11.91
CA ALA A 615 -44.88 -10.65 10.97
C ALA A 615 -45.29 -11.67 9.90
N ILE A 616 -46.07 -12.69 10.29
CA ILE A 616 -46.55 -13.67 9.31
C ILE A 616 -47.41 -12.99 8.27
N ALA A 617 -48.34 -12.13 8.71
CA ALA A 617 -49.18 -11.40 7.77
C ALA A 617 -48.36 -10.44 6.91
N ARG A 618 -47.35 -9.81 7.51
CA ARG A 618 -46.51 -8.86 6.78
C ARG A 618 -45.73 -9.55 5.66
N ALA A 619 -45.17 -10.72 5.94
CA ALA A 619 -44.45 -11.45 4.91
C ALA A 619 -45.40 -12.18 3.96
N LEU A 620 -46.66 -12.33 4.25
CA LEU A 620 -47.51 -13.00 3.25
C LEU A 620 -48.39 -12.03 2.50
N VAL A 621 -48.56 -10.79 2.97
CA VAL A 621 -49.47 -9.89 2.28
C VAL A 621 -49.06 -9.59 0.84
N ASN A 622 -47.78 -9.73 0.52
CA ASN A 622 -47.31 -9.51 -0.84
C ASN A 622 -47.65 -10.73 -1.70
N ASN A 623 -47.10 -10.79 -2.91
CA ASN A 623 -47.29 -11.93 -3.81
C ASN A 623 -45.94 -12.59 -4.06
N PRO A 624 -45.45 -13.38 -3.11
CA PRO A 624 -44.12 -13.97 -3.25
C PRO A 624 -44.18 -15.34 -3.93
N LYS A 625 -43.12 -15.63 -4.67
CA LYS A 625 -42.98 -16.93 -5.31
C LYS A 625 -42.38 -17.98 -4.37
N ILE A 626 -41.54 -17.55 -3.43
CA ILE A 626 -41.02 -18.40 -2.38
C ILE A 626 -41.44 -17.80 -1.04
N LEU A 627 -41.94 -18.65 -0.15
CA LEU A 627 -42.48 -18.21 1.14
C LEU A 627 -41.84 -19.06 2.24
N ILE A 628 -40.99 -18.44 3.05
CA ILE A 628 -40.24 -19.12 4.08
C ILE A 628 -40.79 -18.75 5.45
N PHE A 629 -40.98 -19.74 6.31
CA PHE A 629 -41.40 -19.54 7.69
C PHE A 629 -40.34 -20.18 8.59
N ASP A 630 -39.36 -19.38 9.02
CA ASP A 630 -38.29 -19.88 9.89
C ASP A 630 -38.79 -19.76 11.33
N GLN A 631 -39.37 -20.84 11.85
CA GLN A 631 -39.92 -20.89 13.21
C GLN A 631 -40.92 -19.77 13.44
N ALA A 632 -41.82 -19.57 12.47
CA ALA A 632 -42.94 -18.65 12.64
C ALA A 632 -43.99 -19.20 13.59
N THR A 633 -43.82 -20.43 14.06
CA THR A 633 -44.80 -21.10 14.90
C THR A 633 -44.34 -21.23 16.36
N SER A 634 -43.02 -21.23 16.60
CA SER A 634 -42.49 -21.53 17.92
C SER A 634 -42.98 -20.56 18.99
N ALA A 635 -43.20 -19.30 18.62
CA ALA A 635 -43.71 -18.31 19.57
C ALA A 635 -45.23 -18.32 19.67
N LEU A 636 -45.91 -19.12 18.86
CA LEU A 636 -47.37 -19.16 18.85
C LEU A 636 -47.88 -20.15 19.90
N ASP A 637 -49.17 -20.44 19.85
CA ASP A 637 -49.79 -21.39 20.76
C ASP A 637 -50.81 -22.22 19.99
N TYR A 638 -51.40 -23.20 20.68
CA TYR A 638 -52.48 -23.96 20.09
C TYR A 638 -53.74 -23.10 19.99
N GLU A 639 -54.63 -23.49 19.07
CA GLU A 639 -55.85 -22.79 18.68
C GLU A 639 -55.51 -21.53 17.88
N SER A 640 -54.22 -21.21 17.78
CA SER A 640 -53.67 -20.26 16.83
C SER A 640 -52.73 -20.93 15.85
N GLU A 641 -52.06 -21.99 16.28
CA GLU A 641 -51.37 -22.88 15.36
C GLU A 641 -52.34 -23.52 14.38
N HIS A 642 -53.48 -23.98 14.89
CA HIS A 642 -54.42 -24.74 14.06
C HIS A 642 -55.05 -23.84 13.01
N ILE A 643 -55.14 -22.54 13.30
CA ILE A 643 -55.65 -21.60 12.30
C ILE A 643 -54.71 -21.53 11.10
N ILE A 644 -53.40 -21.46 11.36
CA ILE A 644 -52.43 -21.44 10.27
C ILE A 644 -52.42 -22.78 9.55
N MET A 645 -52.58 -23.87 10.30
CA MET A 645 -52.63 -25.20 9.68
C MET A 645 -53.82 -25.33 8.74
N ARG A 646 -54.98 -24.78 9.15
CA ARG A 646 -56.15 -24.82 8.28
C ARG A 646 -56.00 -23.87 7.10
N ASN A 647 -55.34 -22.74 7.30
CA ASN A 647 -55.15 -21.78 6.21
C ASN A 647 -53.98 -22.15 5.31
N MET A 648 -53.28 -23.23 5.57
CA MET A 648 -52.19 -23.50 4.66
C MET A 648 -52.67 -23.85 3.24
N HIS A 649 -53.86 -24.43 3.08
CA HIS A 649 -54.32 -24.70 1.71
C HIS A 649 -54.49 -23.42 0.90
N LYS A 650 -54.80 -22.30 1.56
CA LYS A 650 -54.86 -21.03 0.85
C LYS A 650 -53.51 -20.32 0.81
N ILE A 651 -52.64 -20.58 1.78
CA ILE A 651 -51.35 -19.91 1.82
C ILE A 651 -50.45 -20.41 0.70
N CYS A 652 -50.39 -21.73 0.51
CA CYS A 652 -49.46 -22.34 -0.44
C CYS A 652 -50.06 -22.46 -1.85
N LYS A 653 -51.04 -21.61 -2.18
CA LYS A 653 -51.66 -21.68 -3.49
C LYS A 653 -50.72 -21.12 -4.57
N GLY A 654 -49.88 -21.97 -5.13
CA GLY A 654 -48.96 -21.57 -6.17
C GLY A 654 -47.62 -21.06 -5.69
N ARG A 655 -47.42 -20.94 -4.38
CA ARG A 655 -46.17 -20.46 -3.82
C ARG A 655 -45.38 -21.62 -3.23
N THR A 656 -44.09 -21.67 -3.57
CA THR A 656 -43.19 -22.66 -2.97
C THR A 656 -42.97 -22.30 -1.51
N VAL A 657 -43.55 -23.09 -0.61
CA VAL A 657 -43.53 -22.79 0.82
C VAL A 657 -42.54 -23.70 1.51
N ILE A 658 -41.61 -23.11 2.27
CA ILE A 658 -40.65 -23.84 3.07
C ILE A 658 -40.88 -23.47 4.54
N ILE A 659 -41.14 -24.49 5.36
CA ILE A 659 -41.50 -24.31 6.76
C ILE A 659 -40.41 -24.94 7.61
N ILE A 660 -39.84 -24.16 8.52
CA ILE A 660 -38.87 -24.64 9.49
C ILE A 660 -39.52 -24.51 10.86
N ALA A 661 -39.62 -25.63 11.58
CA ALA A 661 -40.26 -25.61 12.88
C ALA A 661 -39.81 -26.82 13.69
N HIS A 662 -39.62 -26.59 14.99
CA HIS A 662 -39.34 -27.69 15.92
C HIS A 662 -40.60 -28.40 16.38
N ARG A 663 -41.77 -27.81 16.13
CA ARG A 663 -43.04 -28.47 16.40
C ARG A 663 -43.43 -29.28 15.18
N LEU A 664 -43.37 -30.62 15.30
CA LEU A 664 -43.52 -31.48 14.13
C LEU A 664 -44.95 -31.48 13.58
N SER A 665 -45.94 -31.07 14.38
CA SER A 665 -47.32 -31.06 13.91
C SER A 665 -47.51 -30.09 12.75
N THR A 666 -46.66 -29.07 12.66
CA THR A 666 -46.72 -28.13 11.54
C THR A 666 -46.10 -28.69 10.27
N VAL A 667 -45.38 -29.81 10.36
CA VAL A 667 -44.66 -30.39 9.23
C VAL A 667 -45.30 -31.69 8.78
N LYS A 668 -46.26 -32.23 9.55
CA LYS A 668 -46.89 -33.51 9.24
C LYS A 668 -47.55 -33.55 7.87
N ASN A 669 -48.04 -32.41 7.37
CA ASN A 669 -48.73 -32.36 6.09
C ASN A 669 -47.83 -31.86 4.96
N ALA A 670 -46.53 -31.75 5.21
CA ALA A 670 -45.60 -31.29 4.18
C ALA A 670 -45.42 -32.36 3.11
N ASP A 671 -45.20 -31.90 1.87
CA ASP A 671 -44.94 -32.81 0.77
C ASP A 671 -43.64 -33.59 1.00
N ARG A 672 -42.60 -32.91 1.46
CA ARG A 672 -41.35 -33.57 1.84
C ARG A 672 -40.91 -33.03 3.19
N ILE A 673 -40.28 -33.91 3.97
CA ILE A 673 -39.72 -33.57 5.27
C ILE A 673 -38.24 -33.88 5.22
N ILE A 674 -37.41 -32.89 5.50
CA ILE A 674 -35.96 -33.02 5.41
C ILE A 674 -35.38 -32.92 6.82
N VAL A 675 -34.75 -34.00 7.27
CA VAL A 675 -34.05 -34.01 8.54
C VAL A 675 -32.60 -33.63 8.29
N MET A 676 -32.16 -32.67 9.10
CA MET A 676 -30.84 -32.16 8.98
C MET A 676 -30.16 -32.36 10.31
N GLU A 677 -28.92 -32.79 10.33
CA GLU A 677 -28.19 -32.92 11.59
C GLU A 677 -26.73 -32.59 11.29
N LYS A 678 -26.16 -31.68 12.09
CA LYS A 678 -24.82 -31.13 11.84
C LYS A 678 -24.66 -30.63 10.42
N GLY A 679 -25.72 -30.07 9.85
CA GLY A 679 -25.66 -29.60 8.48
C GLY A 679 -25.55 -30.67 7.43
N LYS A 680 -26.03 -31.89 7.71
CA LYS A 680 -26.13 -32.94 6.71
C LYS A 680 -27.57 -33.40 6.62
N ILE A 681 -28.08 -33.52 5.40
CA ILE A 681 -29.42 -34.01 5.15
C ILE A 681 -29.38 -35.54 5.21
N VAL A 682 -30.13 -36.12 6.15
CA VAL A 682 -30.05 -37.56 6.38
C VAL A 682 -31.32 -38.27 5.88
N GLU A 683 -32.46 -37.60 5.98
CA GLU A 683 -33.73 -38.22 5.65
C GLU A 683 -34.57 -37.27 4.81
N GLN A 684 -35.24 -37.84 3.80
CA GLN A 684 -36.18 -37.10 2.98
C GLN A 684 -37.40 -37.97 2.73
N GLY A 685 -38.52 -37.34 2.45
CA GLY A 685 -39.76 -38.03 2.14
C GLY A 685 -40.92 -37.44 2.91
N LYS A 686 -42.07 -38.10 2.81
CA LYS A 686 -43.27 -37.65 3.48
C LYS A 686 -43.21 -38.00 4.98
N HIS A 687 -44.26 -37.60 5.70
CA HIS A 687 -44.30 -37.83 7.13
C HIS A 687 -44.42 -39.31 7.46
N LYS A 688 -45.35 -40.01 6.80
CA LYS A 688 -45.52 -41.43 7.05
C LYS A 688 -44.38 -42.25 6.45
N GLU A 689 -43.69 -41.72 5.44
CA GLU A 689 -42.54 -42.42 4.87
C GLU A 689 -41.35 -42.41 5.82
N LEU A 690 -41.28 -41.42 6.72
CA LEU A 690 -40.21 -41.34 7.71
C LEU A 690 -40.60 -41.95 9.04
N LEU A 691 -41.85 -41.77 9.46
CA LEU A 691 -42.29 -42.30 10.75
C LEU A 691 -42.47 -43.81 10.73
N SER A 692 -42.57 -44.41 9.54
CA SER A 692 -42.72 -45.86 9.43
C SER A 692 -41.50 -46.58 9.98
N GLU A 693 -40.30 -46.08 9.68
CA GLU A 693 -39.08 -46.68 10.18
C GLU A 693 -38.81 -46.20 11.60
N PRO A 694 -38.74 -47.09 12.59
CA PRO A 694 -38.52 -46.63 13.98
C PRO A 694 -37.10 -46.22 14.27
N GLU A 695 -36.12 -46.66 13.47
CA GLU A 695 -34.73 -46.31 13.71
C GLU A 695 -34.34 -44.96 13.13
N SER A 696 -35.23 -44.33 12.36
CA SER A 696 -34.92 -43.05 11.75
C SER A 696 -34.88 -41.94 12.81
N LEU A 697 -34.19 -40.84 12.45
CA LEU A 697 -34.10 -39.71 13.36
C LEU A 697 -35.45 -39.03 13.55
N TYR A 698 -36.32 -39.09 12.55
CA TYR A 698 -37.67 -38.53 12.70
C TYR A 698 -38.45 -39.26 13.78
N SER A 699 -38.34 -40.59 13.81
CA SER A 699 -39.01 -41.37 14.85
C SER A 699 -38.41 -41.10 16.23
N TYR A 700 -37.08 -40.92 16.29
CA TYR A 700 -36.45 -40.59 17.56
C TYR A 700 -36.90 -39.24 18.08
N LEU A 701 -37.03 -38.25 17.19
CA LEU A 701 -37.53 -36.94 17.59
C LEU A 701 -39.01 -36.98 17.93
N TYR A 702 -39.73 -38.00 17.48
CA TYR A 702 -41.17 -38.10 17.73
C TYR A 702 -41.45 -38.52 19.18
N LYS B 137 -34.60 19.61 41.92
CA LYS B 137 -34.99 19.68 40.52
C LYS B 137 -33.79 20.07 39.64
N PHE B 138 -33.54 19.28 38.61
CA PHE B 138 -32.41 19.51 37.71
C PHE B 138 -32.83 20.50 36.62
N ASP B 139 -33.14 21.73 37.05
CA ASP B 139 -33.43 22.78 36.08
C ASP B 139 -32.15 23.44 35.57
N PHE B 140 -31.45 24.17 36.44
CA PHE B 140 -30.08 24.58 36.15
C PHE B 140 -29.20 24.63 37.39
N THR B 141 -29.76 24.43 38.59
CA THR B 141 -29.08 24.77 39.83
C THR B 141 -28.17 23.66 40.33
N TRP B 142 -28.11 22.51 39.65
CA TRP B 142 -27.23 21.43 40.08
C TRP B 142 -25.76 21.83 40.05
N PHE B 143 -25.38 22.75 39.16
CA PHE B 143 -24.03 23.26 39.13
C PHE B 143 -23.71 24.19 40.29
N ILE B 144 -24.73 24.72 40.97
CA ILE B 144 -24.48 25.67 42.05
C ILE B 144 -23.71 25.06 43.21
N PRO B 145 -24.05 23.87 43.73
CA PRO B 145 -23.20 23.31 44.80
C PRO B 145 -21.84 22.86 44.32
N ALA B 146 -21.79 22.15 43.20
CA ALA B 146 -20.52 21.57 42.73
C ALA B 146 -19.49 22.65 42.41
N ILE B 147 -19.93 23.76 41.85
CA ILE B 147 -19.01 24.85 41.59
C ILE B 147 -18.47 25.30 42.96
N ILE B 148 -19.32 25.18 43.98
CA ILE B 148 -18.93 25.52 45.33
C ILE B 148 -17.88 24.52 45.74
N LYS B 149 -18.04 23.26 45.32
CA LYS B 149 -17.06 22.26 45.71
C LYS B 149 -15.64 22.65 45.29
N TYR B 150 -15.48 23.35 44.16
CA TYR B 150 -14.17 23.77 43.67
C TYR B 150 -14.01 25.28 43.75
N ARG B 151 -14.81 25.91 44.62
CA ARG B 151 -14.71 27.34 44.89
C ARG B 151 -13.26 27.82 45.04
N LYS B 152 -12.37 27.02 45.64
CA LYS B 152 -11.02 27.51 45.88
C LYS B 152 -10.25 27.71 44.57
N ILE B 153 -10.25 26.70 43.70
CA ILE B 153 -9.57 26.84 42.43
C ILE B 153 -10.28 27.87 41.55
N PHE B 154 -11.61 28.01 41.71
CA PHE B 154 -12.31 29.02 40.92
C PHE B 154 -11.93 30.43 41.38
N ILE B 155 -11.83 30.65 42.68
CA ILE B 155 -11.44 31.96 43.15
C ILE B 155 -10.04 32.23 42.62
N GLU B 156 -9.27 31.16 42.46
CA GLU B 156 -7.93 31.22 41.91
C GLU B 156 -7.97 31.70 40.48
N THR B 157 -8.96 31.24 39.72
CA THR B 157 -9.09 31.67 38.33
C THR B 157 -9.51 33.13 38.26
N LEU B 158 -10.32 33.57 39.22
CA LEU B 158 -10.71 34.97 39.25
C LEU B 158 -9.53 35.86 39.59
N VAL B 159 -8.72 35.45 40.57
CA VAL B 159 -7.53 36.21 40.92
C VAL B 159 -6.60 36.32 39.73
N VAL B 160 -6.51 35.25 38.93
CA VAL B 160 -5.78 35.35 37.67
C VAL B 160 -6.50 36.26 36.70
N SER B 161 -7.82 36.06 36.53
CA SER B 161 -8.53 36.62 35.39
C SER B 161 -8.47 38.13 35.38
N VAL B 162 -8.79 38.77 36.50
CA VAL B 162 -8.75 40.23 36.58
C VAL B 162 -7.35 40.75 36.26
N PHE B 163 -6.32 40.07 36.76
CA PHE B 163 -4.96 40.55 36.50
C PHE B 163 -4.59 40.34 35.04
N LEU B 164 -5.20 39.35 34.38
CA LEU B 164 -5.06 39.23 32.93
C LEU B 164 -5.49 40.53 32.25
N GLN B 165 -6.65 41.06 32.65
CA GLN B 165 -7.10 42.33 32.11
C GLN B 165 -6.09 43.43 32.42
N LEU B 166 -5.48 43.37 33.61
CA LEU B 166 -4.44 44.34 33.94
C LEU B 166 -3.27 44.24 32.97
N PHE B 167 -2.87 43.00 32.63
CA PHE B 167 -1.87 42.82 31.59
C PHE B 167 -2.39 43.37 30.26
N ALA B 168 -3.68 43.13 29.98
CA ALA B 168 -4.28 43.66 28.77
C ALA B 168 -4.40 45.18 28.83
N LEU B 169 -4.15 45.77 29.99
CA LEU B 169 -4.07 47.21 30.10
C LEU B 169 -2.63 47.70 29.97
N ILE B 170 -1.65 46.82 30.25
CA ILE B 170 -0.25 47.22 30.24
C ILE B 170 0.23 47.51 28.81
N THR B 171 -0.09 46.61 27.88
CA THR B 171 0.40 46.76 26.51
C THR B 171 -0.13 48.02 25.80
N PRO B 172 -1.44 48.34 25.82
CA PRO B 172 -1.87 49.59 25.17
C PRO B 172 -1.30 50.84 25.83
N LEU B 173 -1.19 50.85 27.15
CA LEU B 173 -0.67 52.03 27.85
C LEU B 173 0.74 52.36 27.37
N PHE B 174 1.60 51.35 27.30
CA PHE B 174 2.94 51.54 26.74
C PHE B 174 2.88 52.21 25.38
N PHE B 175 1.90 51.82 24.55
CA PHE B 175 1.72 52.44 23.25
C PHE B 175 1.64 53.95 23.35
N GLN B 176 0.79 54.47 24.24
CA GLN B 176 0.64 55.93 24.31
C GLN B 176 1.92 56.57 24.80
N VAL B 177 2.68 55.88 25.65
CA VAL B 177 3.99 56.40 26.06
C VAL B 177 4.88 56.55 24.84
N VAL B 178 4.92 55.52 23.99
CA VAL B 178 5.69 55.59 22.75
C VAL B 178 5.17 56.73 21.88
N MET B 179 3.88 57.06 22.01
CA MET B 179 3.31 58.10 21.18
C MET B 179 3.21 59.42 21.90
N ASP B 180 3.80 59.54 23.09
CA ASP B 180 3.78 60.80 23.82
C ASP B 180 5.14 61.20 24.37
N LYS B 181 6.06 60.26 24.53
CA LYS B 181 7.40 60.56 25.03
C LYS B 181 8.52 60.15 24.08
N VAL B 182 8.24 59.42 23.01
CA VAL B 182 9.28 58.97 22.09
C VAL B 182 9.12 59.69 20.75
N LEU B 183 7.87 59.94 20.34
CA LEU B 183 7.62 60.56 19.05
C LEU B 183 7.72 62.07 19.08
N VAL B 184 7.75 62.70 20.26
CA VAL B 184 7.68 64.15 20.31
C VAL B 184 9.07 64.78 20.22
N HIS B 185 9.96 64.52 21.18
CA HIS B 185 11.30 65.11 21.10
C HIS B 185 12.25 64.22 20.29
N ARG B 186 12.59 63.06 20.85
CA ARG B 186 13.58 62.11 20.34
C ARG B 186 13.37 60.81 21.11
N GLY B 187 14.33 59.90 21.00
CA GLY B 187 14.37 58.73 21.85
C GLY B 187 14.86 57.46 21.19
N PHE B 188 15.81 56.80 21.84
CA PHE B 188 16.27 55.48 21.43
C PHE B 188 16.43 54.52 22.60
N SER B 189 16.82 55.00 23.79
CA SER B 189 17.03 54.10 24.93
C SER B 189 15.73 53.86 25.69
N THR B 190 14.89 54.89 25.82
CA THR B 190 13.59 54.70 26.44
C THR B 190 12.71 53.77 25.61
N LEU B 191 12.86 53.82 24.28
CA LEU B 191 12.15 52.88 23.43
C LEU B 191 12.68 51.46 23.61
N ASN B 192 13.99 51.33 23.82
CA ASN B 192 14.56 50.02 24.18
C ASN B 192 13.96 49.50 25.47
N VAL B 193 13.86 50.36 26.49
CA VAL B 193 13.30 49.95 27.78
C VAL B 193 11.84 49.53 27.60
N ILE B 194 11.08 50.30 26.82
CA ILE B 194 9.67 49.98 26.59
C ILE B 194 9.54 48.64 25.88
N THR B 195 10.34 48.41 24.85
CA THR B 195 10.26 47.15 24.10
C THR B 195 10.64 45.96 24.97
N VAL B 196 11.71 46.11 25.76
CA VAL B 196 12.16 45.02 26.62
C VAL B 196 11.12 44.71 27.68
N ALA B 197 10.57 45.73 28.32
CA ALA B 197 9.56 45.52 29.35
C ALA B 197 8.23 45.07 28.77
N LEU B 198 7.99 45.30 27.49
CA LEU B 198 6.75 44.88 26.86
C LEU B 198 6.79 43.44 26.37
N SER B 199 7.94 42.99 25.86
CA SER B 199 8.03 41.61 25.38
C SER B 199 7.79 40.61 26.51
N VAL B 200 8.37 40.86 27.68
CA VAL B 200 8.22 39.94 28.80
C VAL B 200 6.78 39.92 29.30
N VAL B 201 6.13 41.08 29.39
CA VAL B 201 4.77 41.11 29.92
C VAL B 201 3.81 40.51 28.90
N VAL B 202 4.10 40.63 27.61
CA VAL B 202 3.27 39.99 26.60
C VAL B 202 3.40 38.47 26.68
N VAL B 203 4.63 37.97 26.81
CA VAL B 203 4.84 36.54 26.98
C VAL B 203 4.15 36.04 28.24
N PHE B 204 4.16 36.85 29.30
CA PHE B 204 3.53 36.46 30.55
C PHE B 204 2.00 36.43 30.43
N GLU B 205 1.41 37.40 29.72
CA GLU B 205 0.00 37.28 29.31
C GLU B 205 -0.28 35.99 28.58
N ILE B 206 0.54 35.64 27.59
CA ILE B 206 0.24 34.47 26.77
C ILE B 206 0.27 33.21 27.62
N ILE B 207 1.33 33.04 28.42
CA ILE B 207 1.45 31.85 29.24
C ILE B 207 0.41 31.84 30.35
N LEU B 208 0.06 33.01 30.89
CA LEU B 208 -0.91 33.05 31.98
C LEU B 208 -2.33 32.75 31.48
N SER B 209 -2.68 33.24 30.29
CA SER B 209 -3.95 32.87 29.69
C SER B 209 -4.02 31.38 29.39
N GLY B 210 -2.92 30.82 28.88
CA GLY B 210 -2.88 29.38 28.65
C GLY B 210 -3.08 28.58 29.92
N LEU B 211 -2.38 28.96 30.99
CA LEU B 211 -2.52 28.26 32.25
C LEU B 211 -3.90 28.48 32.88
N ARG B 212 -4.47 29.66 32.70
CA ARG B 212 -5.81 29.94 33.22
C ARG B 212 -6.85 29.03 32.56
N THR B 213 -6.83 28.97 31.23
CA THR B 213 -7.81 28.11 30.56
C THR B 213 -7.52 26.63 30.81
N TYR B 214 -6.25 26.26 31.01
CA TYR B 214 -5.92 24.89 31.38
C TYR B 214 -6.53 24.53 32.74
N ILE B 215 -6.38 25.43 33.72
CA ILE B 215 -6.94 25.21 35.04
C ILE B 215 -8.47 25.15 34.98
N PHE B 216 -9.07 26.05 34.22
CA PHE B 216 -10.53 26.07 34.12
C PHE B 216 -11.06 24.78 33.49
N ALA B 217 -10.43 24.32 32.40
CA ALA B 217 -10.86 23.09 31.76
C ALA B 217 -10.68 21.89 32.69
N HIS B 218 -9.54 21.83 33.40
CA HIS B 218 -9.30 20.71 34.30
C HIS B 218 -10.30 20.67 35.45
N SER B 219 -10.65 21.84 36.00
CA SER B 219 -11.56 21.86 37.13
C SER B 219 -13.03 21.81 36.71
N THR B 220 -13.32 21.99 35.41
CA THR B 220 -14.69 21.83 34.93
C THR B 220 -14.97 20.42 34.41
N SER B 221 -13.93 19.71 33.92
CA SER B 221 -14.12 18.33 33.53
C SER B 221 -14.56 17.46 34.71
N ARG B 222 -14.19 17.86 35.93
CA ARG B 222 -14.62 17.11 37.12
C ARG B 222 -16.13 17.25 37.33
N ILE B 223 -16.66 18.46 37.15
CA ILE B 223 -18.10 18.67 37.17
C ILE B 223 -18.77 17.85 36.07
N ASP B 224 -18.13 17.80 34.90
CA ASP B 224 -18.66 17.00 33.80
C ASP B 224 -18.76 15.54 34.17
N VAL B 225 -17.72 14.98 34.80
CA VAL B 225 -17.71 13.58 35.18
C VAL B 225 -18.78 13.31 36.23
N GLU B 226 -18.93 14.23 37.19
CA GLU B 226 -19.98 14.09 38.20
C GLU B 226 -21.37 14.05 37.55
N LEU B 227 -21.61 14.97 36.60
CA LEU B 227 -22.90 15.00 35.92
C LEU B 227 -23.13 13.73 35.11
N GLY B 228 -22.09 13.23 34.44
CA GLY B 228 -22.25 12.00 33.68
C GLY B 228 -22.58 10.80 34.54
N ALA B 229 -21.87 10.65 35.65
CA ALA B 229 -22.15 9.54 36.56
C ALA B 229 -23.57 9.62 37.11
N LYS B 230 -23.99 10.83 37.53
CA LYS B 230 -25.34 11.00 38.04
C LYS B 230 -26.38 10.67 36.97
N LEU B 231 -26.13 11.13 35.74
CA LEU B 231 -27.08 10.90 34.65
C LEU B 231 -27.22 9.42 34.35
N PHE B 232 -26.11 8.69 34.28
CA PHE B 232 -26.20 7.27 33.96
C PHE B 232 -26.85 6.48 35.10
N ARG B 233 -26.53 6.84 36.35
CA ARG B 233 -27.15 6.15 37.48
C ARG B 233 -28.66 6.36 37.48
N HIS B 234 -29.10 7.60 37.22
CA HIS B 234 -30.54 7.87 37.18
C HIS B 234 -31.19 7.19 35.97
N LEU B 235 -30.46 7.09 34.86
CA LEU B 235 -30.99 6.43 33.67
C LEU B 235 -31.21 4.94 33.93
N LEU B 236 -30.24 4.28 34.56
CA LEU B 236 -30.41 2.87 34.89
C LEU B 236 -31.37 2.66 36.05
N ALA B 237 -31.66 3.69 36.83
CA ALA B 237 -32.63 3.59 37.92
C ALA B 237 -34.06 3.89 37.48
N LEU B 238 -34.27 4.16 36.20
CA LEU B 238 -35.60 4.52 35.70
C LEU B 238 -36.46 3.27 35.50
N PRO B 239 -37.79 3.41 35.61
CA PRO B 239 -38.67 2.25 35.44
C PRO B 239 -38.81 1.84 33.98
N ILE B 240 -39.41 0.66 33.79
CA ILE B 240 -39.60 0.13 32.44
C ILE B 240 -40.63 0.92 31.67
N SER B 241 -41.68 1.40 32.34
CA SER B 241 -42.71 2.18 31.65
C SER B 241 -42.15 3.47 31.08
N TYR B 242 -41.07 3.98 31.68
CA TYR B 242 -40.36 5.11 31.07
C TYR B 242 -39.77 4.74 29.73
N PHE B 243 -39.18 3.55 29.64
CA PHE B 243 -38.45 3.16 28.43
C PHE B 243 -39.40 2.71 27.33
N GLU B 244 -40.50 2.04 27.70
CA GLU B 244 -41.35 1.42 26.68
C GLU B 244 -42.18 2.45 25.92
N SER B 245 -42.49 3.59 26.54
CA SER B 245 -43.35 4.58 25.89
C SER B 245 -42.59 5.45 24.90
N ARG B 246 -41.28 5.30 24.78
CA ARG B 246 -40.46 6.10 23.89
C ARG B 246 -39.40 5.21 23.22
N ARG B 247 -38.61 5.81 22.35
CA ARG B 247 -37.65 5.10 21.52
C ARG B 247 -36.28 5.06 22.20
N VAL B 248 -35.32 4.44 21.53
CA VAL B 248 -33.96 4.33 22.05
C VAL B 248 -33.12 5.54 21.66
N GLY B 249 -33.21 5.93 20.38
CA GLY B 249 -32.47 7.09 19.90
C GLY B 249 -32.80 8.38 20.63
N ASP B 250 -34.01 8.49 21.18
CA ASP B 250 -34.34 9.66 22.00
C ASP B 250 -33.43 9.74 23.21
N THR B 251 -33.33 8.65 23.98
CA THR B 251 -32.45 8.63 25.15
C THR B 251 -30.99 8.75 24.75
N VAL B 252 -30.61 8.18 23.61
CA VAL B 252 -29.24 8.34 23.12
C VAL B 252 -28.92 9.80 22.87
N ALA B 253 -29.84 10.52 22.22
CA ALA B 253 -29.63 11.95 21.97
C ALA B 253 -29.60 12.74 23.27
N ARG B 254 -30.44 12.36 24.24
CA ARG B 254 -30.42 13.03 25.53
C ARG B 254 -29.07 12.88 26.21
N VAL B 255 -28.49 11.66 26.17
CA VAL B 255 -27.17 11.47 26.77
C VAL B 255 -26.08 12.18 25.97
N ARG B 256 -26.21 12.24 24.64
CA ARG B 256 -25.22 12.97 23.85
C ARG B 256 -25.30 14.48 24.05
N GLU B 257 -26.43 14.98 24.56
CA GLU B 257 -26.46 16.38 24.97
C GLU B 257 -25.48 16.64 26.11
N LEU B 258 -25.17 15.62 26.91
CA LEU B 258 -24.09 15.74 27.88
C LEU B 258 -22.74 15.93 27.19
N ASP B 259 -22.53 15.25 26.07
CA ASP B 259 -21.31 15.47 25.28
C ASP B 259 -21.28 16.89 24.73
N GLN B 260 -22.45 17.40 24.34
CA GLN B 260 -22.53 18.80 23.92
C GLN B 260 -22.14 19.75 25.06
N ILE B 261 -22.64 19.47 26.27
CA ILE B 261 -22.25 20.25 27.44
C ILE B 261 -20.75 20.14 27.70
N ARG B 262 -20.19 18.96 27.47
CA ARG B 262 -18.75 18.75 27.59
C ARG B 262 -17.98 19.66 26.64
N ASN B 263 -18.36 19.68 25.37
CA ASN B 263 -17.68 20.51 24.39
C ASN B 263 -17.84 21.99 24.72
N PHE B 264 -18.98 22.35 25.31
CA PHE B 264 -19.19 23.74 25.73
C PHE B 264 -18.26 24.11 26.89
N LEU B 265 -18.22 23.28 27.92
CA LEU B 265 -17.62 23.68 29.19
C LEU B 265 -16.09 23.80 29.08
N THR B 266 -15.45 22.83 28.44
CA THR B 266 -14.00 22.87 28.23
C THR B 266 -13.67 23.51 26.89
N GLY B 267 -14.16 24.73 26.67
CA GLY B 267 -13.98 25.44 25.42
C GLY B 267 -13.58 26.89 25.67
N GLN B 268 -14.04 27.74 24.76
CA GLN B 268 -13.72 29.17 24.75
C GLN B 268 -14.92 30.00 25.17
N ALA B 269 -15.84 29.39 25.92
CA ALA B 269 -17.10 30.02 26.27
C ALA B 269 -17.07 30.75 27.61
N LEU B 270 -16.78 30.02 28.70
CA LEU B 270 -16.82 30.66 30.01
C LEU B 270 -15.65 31.59 30.23
N THR B 271 -14.51 31.32 29.59
CA THR B 271 -13.37 32.23 29.69
C THR B 271 -13.71 33.58 29.05
N SER B 272 -14.41 33.56 27.92
CA SER B 272 -14.77 34.82 27.26
C SER B 272 -15.74 35.64 28.10
N VAL B 273 -16.75 34.99 28.69
CA VAL B 273 -17.69 35.75 29.52
C VAL B 273 -17.03 36.20 30.81
N LEU B 274 -16.04 35.45 31.31
CA LEU B 274 -15.31 35.89 32.49
C LEU B 274 -14.44 37.11 32.18
N ASP B 275 -13.84 37.13 30.98
CA ASP B 275 -13.09 38.31 30.55
C ASP B 275 -14.01 39.50 30.35
N LEU B 276 -15.20 39.28 29.80
CA LEU B 276 -16.16 40.36 29.59
C LEU B 276 -16.64 40.93 30.92
N LEU B 277 -16.90 40.06 31.90
CA LEU B 277 -17.38 40.53 33.18
C LEU B 277 -16.34 41.36 33.93
N PHE B 278 -15.07 40.99 33.80
CA PHE B 278 -13.98 41.68 34.50
C PHE B 278 -13.30 42.73 33.64
N SER B 279 -13.87 43.03 32.47
CA SER B 279 -13.36 44.10 31.62
C SER B 279 -13.76 45.49 32.11
N PHE B 280 -14.64 45.57 33.11
CA PHE B 280 -15.10 46.84 33.64
C PHE B 280 -13.98 47.66 34.27
N ILE B 281 -12.86 47.03 34.66
CA ILE B 281 -11.73 47.78 35.16
C ILE B 281 -11.12 48.66 34.07
N PHE B 282 -11.40 48.38 32.81
CA PHE B 282 -11.02 49.30 31.74
C PHE B 282 -11.80 50.61 31.83
N PHE B 283 -13.06 50.54 32.27
CA PHE B 283 -13.94 51.71 32.23
C PHE B 283 -13.41 52.87 33.05
N ALA B 284 -12.86 52.60 34.24
CA ALA B 284 -12.23 53.65 35.02
C ALA B 284 -11.12 54.34 34.22
N VAL B 285 -10.28 53.54 33.56
CA VAL B 285 -9.26 54.10 32.67
C VAL B 285 -9.92 54.86 31.53
N MET B 286 -11.06 54.35 31.04
CA MET B 286 -11.84 55.10 30.06
C MET B 286 -12.22 56.47 30.62
N TRP B 287 -12.67 56.51 31.88
CA TRP B 287 -13.04 57.78 32.49
C TRP B 287 -11.82 58.67 32.66
N TYR B 288 -10.62 58.09 32.65
CA TYR B 288 -9.41 58.91 32.69
C TYR B 288 -9.17 59.60 31.36
N TYR B 289 -9.59 58.97 30.26
CA TYR B 289 -9.29 59.52 28.94
C TYR B 289 -10.30 60.59 28.54
N SER B 290 -11.59 60.21 28.43
CA SER B 290 -12.60 61.18 28.03
C SER B 290 -13.95 60.72 28.54
N PRO B 291 -14.81 61.62 29.00
CA PRO B 291 -16.12 61.21 29.50
C PRO B 291 -17.12 60.92 28.39
N LYS B 292 -17.03 61.65 27.28
CA LYS B 292 -18.00 61.50 26.19
C LYS B 292 -17.87 60.15 25.51
N LEU B 293 -16.65 59.76 25.15
CA LEU B 293 -16.45 58.47 24.49
C LEU B 293 -16.70 57.32 25.45
N THR B 294 -16.38 57.50 26.73
CA THR B 294 -16.72 56.50 27.73
C THR B 294 -18.22 56.34 27.84
N LEU B 295 -18.97 57.44 27.78
CA LEU B 295 -20.43 57.36 27.76
C LEU B 295 -20.92 56.67 26.49
N VAL B 296 -20.23 56.88 25.37
CA VAL B 296 -20.58 56.19 24.13
C VAL B 296 -20.45 54.68 24.30
N ILE B 297 -19.35 54.23 24.91
CA ILE B 297 -19.16 52.79 25.13
C ILE B 297 -20.17 52.27 26.16
N LEU B 298 -20.41 53.04 27.22
CA LEU B 298 -21.33 52.65 28.28
C LEU B 298 -22.78 52.64 27.82
N PHE B 299 -23.08 53.30 26.70
CA PHE B 299 -24.36 53.14 26.02
C PHE B 299 -24.33 52.06 24.95
N SER B 300 -23.14 51.74 24.42
CA SER B 300 -23.01 50.65 23.47
C SER B 300 -23.31 49.31 24.14
N LEU B 301 -22.84 49.12 25.38
CA LEU B 301 -23.08 47.86 26.08
C LEU B 301 -24.56 47.51 26.25
N PRO B 302 -25.43 48.41 26.71
CA PRO B 302 -26.87 48.07 26.76
C PRO B 302 -27.46 47.75 25.40
N CYS B 303 -26.95 48.35 24.33
CA CYS B 303 -27.41 47.97 22.99
C CYS B 303 -27.10 46.51 22.71
N TYR B 304 -25.87 46.09 23.03
CA TYR B 304 -25.50 44.67 22.91
C TYR B 304 -26.45 43.79 23.70
N ALA B 305 -26.66 44.13 24.98
CA ALA B 305 -27.46 43.28 25.85
C ALA B 305 -28.91 43.20 25.37
N ALA B 306 -29.51 44.34 25.04
CA ALA B 306 -30.90 44.37 24.63
C ALA B 306 -31.09 43.63 23.31
N TRP B 307 -30.18 43.80 22.35
CA TRP B 307 -30.36 43.13 21.08
C TRP B 307 -30.12 41.63 21.21
N SER B 308 -29.19 41.23 22.08
CA SER B 308 -28.99 39.81 22.34
C SER B 308 -30.23 39.18 22.97
N VAL B 309 -30.86 39.89 23.92
CA VAL B 309 -32.12 39.40 24.49
C VAL B 309 -33.20 39.33 23.43
N PHE B 310 -33.20 40.29 22.49
CA PHE B 310 -34.18 40.28 21.41
C PHE B 310 -34.01 39.05 20.52
N ILE B 311 -32.76 38.68 20.20
CA ILE B 311 -32.53 37.61 19.22
C ILE B 311 -32.46 36.23 19.87
N SER B 312 -32.28 36.14 21.19
CA SER B 312 -32.18 34.85 21.85
C SER B 312 -33.38 33.93 21.67
N PRO B 313 -34.64 34.35 21.87
CA PRO B 313 -35.74 33.37 21.87
C PRO B 313 -35.97 32.67 20.53
N ILE B 314 -35.83 33.38 19.41
CA ILE B 314 -36.07 32.75 18.12
C ILE B 314 -34.98 31.70 17.83
N LEU B 315 -33.73 32.03 18.16
CA LEU B 315 -32.65 31.06 17.99
C LEU B 315 -32.86 29.85 18.90
N ARG B 316 -33.32 30.08 20.13
CA ARG B 316 -33.60 28.98 21.03
C ARG B 316 -34.70 28.07 20.50
N ARG B 317 -35.78 28.66 19.96
CA ARG B 317 -36.88 27.88 19.42
C ARG B 317 -36.42 27.06 18.21
N ARG B 318 -35.66 27.68 17.31
CA ARG B 318 -35.18 26.95 16.14
C ARG B 318 -34.19 25.86 16.49
N LEU B 319 -33.31 26.08 17.47
CA LEU B 319 -32.43 25.03 17.95
C LEU B 319 -33.18 23.91 18.65
N ASP B 320 -34.27 24.21 19.36
CA ASP B 320 -35.12 23.19 19.95
C ASP B 320 -35.77 22.32 18.87
N ASP B 321 -36.25 22.96 17.80
CA ASP B 321 -36.81 22.23 16.67
C ASP B 321 -35.74 21.36 16.02
N LYS B 322 -34.54 21.92 15.86
CA LYS B 322 -33.43 21.17 15.29
C LYS B 322 -33.07 19.98 16.17
N PHE B 323 -33.06 20.18 17.49
CA PHE B 323 -32.76 19.07 18.40
C PHE B 323 -33.81 17.98 18.31
N SER B 324 -35.09 18.36 18.23
CA SER B 324 -36.15 17.36 18.11
C SER B 324 -36.00 16.57 16.82
N ARG B 325 -35.68 17.26 15.72
CA ARG B 325 -35.46 16.58 14.45
C ARG B 325 -34.26 15.64 14.53
N ASN B 326 -33.20 16.07 15.20
CA ASN B 326 -32.01 15.22 15.36
C ASN B 326 -32.33 14.00 16.22
N ALA B 327 -33.14 14.16 17.26
CA ALA B 327 -33.55 13.02 18.08
C ALA B 327 -34.38 12.03 17.28
N ASP B 328 -35.30 12.54 16.44
CA ASP B 328 -36.06 11.64 15.57
C ASP B 328 -35.14 10.92 14.58
N ASN B 329 -34.14 11.64 14.06
CA ASN B 329 -33.19 11.02 13.14
C ASN B 329 -32.40 9.90 13.81
N GLN B 330 -31.93 10.15 15.05
CA GLN B 330 -31.21 9.11 15.78
C GLN B 330 -32.10 7.92 16.09
N SER B 331 -33.36 8.19 16.44
CA SER B 331 -34.30 7.09 16.70
C SER B 331 -34.49 6.24 15.47
N PHE B 332 -34.71 6.86 14.31
CA PHE B 332 -34.88 6.10 13.08
C PHE B 332 -33.62 5.33 12.73
N LEU B 333 -32.45 5.96 12.88
CA LEU B 333 -31.20 5.28 12.53
C LEU B 333 -30.96 4.08 13.43
N VAL B 334 -31.21 4.22 14.73
CA VAL B 334 -31.01 3.10 15.66
C VAL B 334 -31.99 1.99 15.36
N GLU B 335 -33.27 2.32 15.16
CA GLU B 335 -34.26 1.27 14.88
C GLU B 335 -34.06 0.65 13.51
N SER B 336 -33.33 1.30 12.60
CA SER B 336 -33.05 0.73 11.30
C SER B 336 -31.79 -0.12 11.29
N VAL B 337 -30.76 0.25 12.05
CA VAL B 337 -29.53 -0.55 12.07
C VAL B 337 -29.67 -1.73 13.03
N THR B 338 -30.39 -1.56 14.14
CA THR B 338 -30.62 -2.68 15.05
C THR B 338 -31.43 -3.77 14.38
N ALA B 339 -32.43 -3.41 13.60
CA ALA B 339 -33.29 -4.34 12.88
C ALA B 339 -32.87 -4.51 11.43
N ILE B 340 -31.56 -4.48 11.16
CA ILE B 340 -31.07 -4.59 9.79
C ILE B 340 -31.35 -5.98 9.21
N ASN B 341 -31.40 -7.01 10.07
CA ASN B 341 -31.69 -8.35 9.58
C ASN B 341 -33.10 -8.43 9.01
N THR B 342 -34.08 -7.84 9.71
CA THR B 342 -35.45 -7.83 9.20
C THR B 342 -35.60 -6.88 8.02
N ILE B 343 -34.84 -5.77 8.02
CA ILE B 343 -34.91 -4.82 6.91
C ILE B 343 -34.43 -5.47 5.62
N LYS B 344 -33.31 -6.20 5.68
CA LYS B 344 -32.77 -6.84 4.49
C LYS B 344 -33.36 -8.22 4.24
N ALA B 345 -34.13 -8.77 5.18
CA ALA B 345 -34.86 -10.00 4.90
C ALA B 345 -35.91 -9.75 3.83
N MET B 346 -36.69 -8.69 3.99
CA MET B 346 -37.50 -8.17 2.90
C MET B 346 -36.62 -7.28 2.02
N ALA B 347 -37.22 -6.79 0.93
CA ALA B 347 -36.49 -5.94 0.00
C ALA B 347 -36.73 -4.46 0.26
N VAL B 348 -37.21 -4.09 1.45
CA VAL B 348 -37.64 -2.72 1.70
C VAL B 348 -36.40 -1.94 2.14
N SER B 349 -35.55 -1.63 1.16
CA SER B 349 -34.56 -0.57 1.21
C SER B 349 -35.14 0.79 0.77
N PRO B 350 -35.83 0.89 -0.39
CA PRO B 350 -36.19 2.22 -0.88
C PRO B 350 -37.14 3.01 0.02
N GLN B 351 -38.04 2.35 0.74
CA GLN B 351 -38.93 3.08 1.65
C GLN B 351 -38.14 3.66 2.82
N MET B 352 -37.22 2.88 3.39
CA MET B 352 -36.34 3.40 4.43
C MET B 352 -35.46 4.53 3.88
N THR B 353 -35.00 4.39 2.64
CA THR B 353 -34.20 5.45 2.02
C THR B 353 -35.01 6.73 1.88
N ASN B 354 -36.27 6.62 1.46
CA ASN B 354 -37.13 7.79 1.32
C ASN B 354 -37.40 8.45 2.67
N ILE B 355 -37.68 7.63 3.69
CA ILE B 355 -37.94 8.18 5.03
C ILE B 355 -36.70 8.89 5.56
N TRP B 356 -35.52 8.27 5.38
CA TRP B 356 -34.27 8.90 5.79
C TRP B 356 -34.03 10.19 5.04
N ASP B 357 -34.32 10.21 3.74
CA ASP B 357 -34.10 11.41 2.93
C ASP B 357 -34.98 12.55 3.42
N LYS B 358 -36.25 12.27 3.71
CA LYS B 358 -37.15 13.30 4.21
C LYS B 358 -36.70 13.81 5.57
N GLN B 359 -36.33 12.89 6.48
CA GLN B 359 -35.90 13.29 7.81
C GLN B 359 -34.60 14.10 7.76
N LEU B 360 -33.67 13.68 6.91
CA LEU B 360 -32.41 14.40 6.76
C LEU B 360 -32.64 15.79 6.18
N ALA B 361 -33.52 15.90 5.18
CA ALA B 361 -33.82 17.21 4.62
C ALA B 361 -34.42 18.12 5.67
N GLY B 362 -35.34 17.61 6.48
CA GLY B 362 -35.91 18.43 7.54
C GLY B 362 -34.89 18.87 8.57
N TYR B 363 -34.04 17.92 9.02
CA TYR B 363 -33.05 18.25 10.03
C TYR B 363 -32.04 19.28 9.52
N VAL B 364 -31.57 19.10 8.29
CA VAL B 364 -30.58 20.04 7.76
C VAL B 364 -31.22 21.40 7.45
N ALA B 365 -32.50 21.42 7.06
CA ALA B 365 -33.18 22.70 6.87
C ALA B 365 -33.33 23.45 8.20
N ALA B 366 -33.70 22.74 9.26
CA ALA B 366 -33.79 23.39 10.57
C ALA B 366 -32.43 23.90 11.04
N GLY B 367 -31.39 23.10 10.82
CA GLY B 367 -30.05 23.55 11.15
C GLY B 367 -29.63 24.77 10.34
N PHE B 368 -30.07 24.84 9.08
CA PHE B 368 -29.72 25.99 8.25
C PHE B 368 -30.45 27.24 8.73
N LYS B 369 -31.68 27.09 9.20
CA LYS B 369 -32.37 28.23 9.80
C LYS B 369 -31.65 28.69 11.07
N VAL B 370 -31.17 27.74 11.88
CA VAL B 370 -30.36 28.09 13.04
C VAL B 370 -29.11 28.83 12.61
N THR B 371 -28.48 28.36 11.52
CA THR B 371 -27.25 28.98 11.04
C THR B 371 -27.50 30.40 10.55
N VAL B 372 -28.60 30.64 9.84
CA VAL B 372 -28.86 31.99 9.35
C VAL B 372 -29.23 32.92 10.50
N LEU B 373 -29.89 32.41 11.55
CA LEU B 373 -30.11 33.25 12.72
C LEU B 373 -28.80 33.59 13.43
N ALA B 374 -27.88 32.63 13.51
CA ALA B 374 -26.56 32.93 14.07
C ALA B 374 -25.81 33.94 13.22
N THR B 375 -25.97 33.85 11.91
CA THR B 375 -25.42 34.86 10.99
C THR B 375 -25.98 36.23 11.28
N ILE B 376 -27.30 36.32 11.48
CA ILE B 376 -27.93 37.59 11.80
C ILE B 376 -27.37 38.14 13.11
N GLY B 377 -27.19 37.27 14.10
CA GLY B 377 -26.62 37.69 15.36
C GLY B 377 -25.23 38.26 15.22
N GLN B 378 -24.35 37.54 14.51
CA GLN B 378 -22.98 38.00 14.32
C GLN B 378 -22.94 39.29 13.53
N GLN B 379 -23.77 39.42 12.50
CA GLN B 379 -23.76 40.63 11.68
C GLN B 379 -24.29 41.82 12.45
N GLY B 380 -25.31 41.61 13.30
CA GLY B 380 -25.79 42.70 14.13
C GLY B 380 -24.78 43.15 15.17
N ILE B 381 -24.06 42.19 15.75
CA ILE B 381 -22.98 42.55 16.68
C ILE B 381 -21.90 43.35 15.96
N GLN B 382 -21.56 42.93 14.74
CA GLN B 382 -20.63 43.71 13.92
C GLN B 382 -21.16 45.11 13.63
N LEU B 383 -22.46 45.23 13.35
CA LEU B 383 -23.05 46.53 13.06
C LEU B 383 -22.96 47.45 14.26
N ILE B 384 -23.30 46.94 15.44
CA ILE B 384 -23.21 47.77 16.65
C ILE B 384 -21.76 48.17 16.92
N GLN B 385 -20.83 47.22 16.80
CA GLN B 385 -19.42 47.50 17.04
C GLN B 385 -18.91 48.57 16.07
N LYS B 386 -19.20 48.41 14.79
CA LYS B 386 -18.66 49.34 13.79
C LYS B 386 -19.30 50.71 13.91
N THR B 387 -20.61 50.78 14.19
CA THR B 387 -21.25 52.08 14.34
C THR B 387 -20.71 52.83 15.55
N VAL B 388 -20.56 52.13 16.68
CA VAL B 388 -20.01 52.77 17.87
C VAL B 388 -18.56 53.17 17.63
N MET B 389 -17.83 52.37 16.86
CA MET B 389 -16.45 52.70 16.52
C MET B 389 -16.36 53.95 15.65
N ILE B 390 -17.29 54.10 14.70
CA ILE B 390 -17.32 55.31 13.88
C ILE B 390 -17.64 56.53 14.73
N ILE B 391 -18.61 56.41 15.63
CA ILE B 391 -18.94 57.51 16.53
C ILE B 391 -17.73 57.88 17.39
N ASN B 392 -17.03 56.87 17.90
CA ASN B 392 -15.83 57.11 18.71
C ASN B 392 -14.75 57.82 17.90
N LEU B 393 -14.54 57.38 16.66
CA LEU B 393 -13.53 58.02 15.80
C LEU B 393 -13.86 59.47 15.56
N TRP B 394 -15.11 59.77 15.17
CA TRP B 394 -15.48 61.15 14.86
C TRP B 394 -15.38 62.03 16.10
N LEU B 395 -15.93 61.57 17.23
CA LEU B 395 -15.92 62.37 18.44
C LEU B 395 -14.50 62.56 18.97
N GLY B 396 -13.67 61.52 18.88
CA GLY B 396 -12.29 61.65 19.32
C GLY B 396 -11.48 62.59 18.46
N ALA B 397 -11.67 62.55 17.13
CA ALA B 397 -10.99 63.49 16.26
C ALA B 397 -11.44 64.93 16.56
N HIS B 398 -12.73 65.12 16.77
CA HIS B 398 -13.23 66.45 17.11
C HIS B 398 -12.66 66.94 18.44
N LEU B 399 -12.57 66.05 19.42
CA LEU B 399 -11.99 66.43 20.71
C LEU B 399 -10.51 66.77 20.58
N VAL B 400 -9.75 65.97 19.82
CA VAL B 400 -8.32 66.20 19.70
C VAL B 400 -8.05 67.52 18.98
N ILE B 401 -8.80 67.81 17.92
CA ILE B 401 -8.62 69.12 17.28
C ILE B 401 -9.20 70.23 18.14
N SER B 402 -10.05 69.90 19.12
CA SER B 402 -10.57 70.88 20.06
C SER B 402 -9.75 70.98 21.34
N GLY B 403 -8.76 70.11 21.53
CA GLY B 403 -7.89 70.17 22.69
C GLY B 403 -8.29 69.17 23.77
N ASP B 404 -7.47 69.15 24.83
CA ASP B 404 -7.61 68.32 26.02
C ASP B 404 -7.36 66.84 25.75
N LEU B 405 -7.13 66.45 24.49
CA LEU B 405 -6.82 65.07 24.15
C LEU B 405 -5.63 65.05 23.22
N SER B 406 -4.86 63.96 23.28
CA SER B 406 -3.71 63.77 22.42
C SER B 406 -3.90 62.54 21.53
N ILE B 407 -3.01 62.41 20.55
CA ILE B 407 -3.11 61.30 19.61
C ILE B 407 -2.78 59.98 20.31
N GLY B 408 -1.82 60.00 21.25
CA GLY B 408 -1.50 58.78 21.97
C GLY B 408 -2.64 58.31 22.85
N GLN B 409 -3.31 59.24 23.53
CA GLN B 409 -4.48 58.89 24.32
C GLN B 409 -5.59 58.34 23.44
N LEU B 410 -5.77 58.91 22.24
CA LEU B 410 -6.81 58.43 21.34
C LEU B 410 -6.53 57.02 20.83
N ILE B 411 -5.29 56.74 20.44
CA ILE B 411 -4.98 55.40 19.95
C ILE B 411 -5.01 54.38 21.09
N ALA B 412 -4.63 54.81 22.30
CA ALA B 412 -4.79 53.94 23.46
C ALA B 412 -6.26 53.63 23.71
N PHE B 413 -7.13 54.64 23.57
CA PHE B 413 -8.56 54.42 23.70
C PHE B 413 -9.07 53.43 22.66
N ASN B 414 -8.59 53.57 21.41
CA ASN B 414 -9.00 52.64 20.36
C ASN B 414 -8.56 51.23 20.66
N MET B 415 -7.33 51.06 21.17
CA MET B 415 -6.84 49.73 21.52
C MET B 415 -7.67 49.12 22.66
N LEU B 416 -7.97 49.93 23.68
CA LEU B 416 -8.80 49.44 24.77
C LEU B 416 -10.20 49.07 24.29
N ALA B 417 -10.78 49.87 23.40
CA ALA B 417 -12.09 49.58 22.85
C ALA B 417 -12.08 48.27 22.07
N GLY B 418 -11.05 48.07 21.25
CA GLY B 418 -10.94 46.82 20.52
C GLY B 418 -10.79 45.61 21.44
N GLN B 419 -9.96 45.74 22.47
CA GLN B 419 -9.72 44.61 23.36
C GLN B 419 -10.89 44.38 24.31
N ILE B 420 -11.76 45.37 24.49
CA ILE B 420 -12.93 45.17 25.34
C ILE B 420 -14.12 44.69 24.54
N VAL B 421 -14.13 44.92 23.22
CA VAL B 421 -15.21 44.41 22.39
C VAL B 421 -14.87 43.04 21.83
N ALA B 422 -13.59 42.66 21.79
CA ALA B 422 -13.22 41.31 21.38
C ALA B 422 -13.94 40.21 22.14
N PRO B 423 -14.12 40.26 23.47
CA PRO B 423 -14.98 39.25 24.11
C PRO B 423 -16.41 39.25 23.59
N VAL B 424 -16.93 40.39 23.15
CA VAL B 424 -18.31 40.45 22.66
C VAL B 424 -18.44 39.70 21.35
N ILE B 425 -17.52 39.92 20.40
CA ILE B 425 -17.50 39.11 19.18
C ILE B 425 -17.23 37.65 19.54
N ARG B 426 -16.46 37.41 20.59
CA ARG B 426 -16.04 36.07 20.97
C ARG B 426 -17.22 35.25 21.46
N LEU B 427 -18.11 35.90 22.20
CA LEU B 427 -19.34 35.27 22.68
C LEU B 427 -20.42 35.24 21.58
N ALA B 428 -20.43 36.25 20.70
CA ALA B 428 -21.42 36.27 19.64
C ALA B 428 -21.18 35.16 18.63
N GLN B 429 -19.93 34.77 18.43
CA GLN B 429 -19.60 33.68 17.53
C GLN B 429 -20.07 32.32 18.05
N ILE B 430 -20.38 32.20 19.34
CA ILE B 430 -20.79 30.93 19.94
C ILE B 430 -22.12 31.10 20.68
N TRP B 431 -22.84 32.17 20.37
CA TRP B 431 -24.22 32.31 20.86
C TRP B 431 -25.08 31.10 20.50
N GLN B 432 -24.88 30.54 19.30
CA GLN B 432 -25.60 29.33 18.93
C GLN B 432 -25.25 28.17 19.85
N ASP B 433 -23.98 28.04 20.22
CA ASP B 433 -23.59 27.02 21.19
C ASP B 433 -24.23 27.28 22.55
N PHE B 434 -24.33 28.56 22.94
CA PHE B 434 -24.98 28.90 24.21
C PHE B 434 -26.43 28.46 24.22
N GLN B 435 -27.16 28.74 23.14
CA GLN B 435 -28.56 28.31 23.06
C GLN B 435 -28.67 26.79 22.99
N GLN B 436 -27.75 26.13 22.31
CA GLN B 436 -27.74 24.67 22.27
C GLN B 436 -27.52 24.09 23.66
N VAL B 437 -26.68 24.74 24.47
CA VAL B 437 -26.46 24.27 25.84
C VAL B 437 -27.69 24.51 26.69
N GLY B 438 -28.39 25.62 26.48
CA GLY B 438 -29.66 25.82 27.17
C GLY B 438 -30.65 24.70 26.86
N ILE B 439 -30.77 24.35 25.58
CA ILE B 439 -31.66 23.26 25.19
C ILE B 439 -31.19 21.94 25.79
N SER B 440 -29.87 21.71 25.79
CA SER B 440 -29.33 20.45 26.32
C SER B 440 -29.59 20.32 27.82
N VAL B 441 -29.42 21.40 28.57
CA VAL B 441 -29.70 21.36 30.01
C VAL B 441 -31.18 21.14 30.24
N THR B 442 -32.04 21.76 29.43
CA THR B 442 -33.48 21.52 29.55
C THR B 442 -33.82 20.05 29.30
N ARG B 443 -33.19 19.43 28.31
CA ARG B 443 -33.50 18.04 27.99
C ARG B 443 -32.93 17.07 29.02
N LEU B 444 -31.73 17.35 29.53
CA LEU B 444 -31.22 16.56 30.64
C LEU B 444 -32.12 16.68 31.86
N GLY B 445 -32.70 17.86 32.09
CA GLY B 445 -33.69 17.99 33.14
C GLY B 445 -34.94 17.18 32.85
N ASP B 446 -35.37 17.15 31.59
CA ASP B 446 -36.53 16.35 31.22
C ASP B 446 -36.29 14.88 31.49
N VAL B 447 -35.06 14.41 31.27
CA VAL B 447 -34.73 13.02 31.59
C VAL B 447 -34.65 12.81 33.10
N LEU B 448 -33.97 13.70 33.81
CA LEU B 448 -33.63 13.47 35.22
C LEU B 448 -34.80 13.70 36.17
N ASN B 449 -35.80 14.48 35.78
CA ASN B 449 -36.94 14.72 36.64
C ASN B 449 -38.01 13.64 36.52
N SER B 450 -37.82 12.64 35.68
CA SER B 450 -38.75 11.53 35.62
C SER B 450 -38.67 10.75 36.93
N PRO B 451 -39.78 10.29 37.49
CA PRO B 451 -39.74 9.62 38.80
C PRO B 451 -39.00 8.29 38.72
N THR B 452 -37.95 8.17 39.53
CA THR B 452 -37.12 6.98 39.55
C THR B 452 -37.69 5.96 40.54
N GLU B 453 -37.25 4.72 40.37
CA GLU B 453 -37.64 3.60 41.24
C GLU B 453 -36.42 2.78 41.61
N SER B 454 -35.37 3.47 42.06
CA SER B 454 -34.11 2.79 42.37
C SER B 454 -34.25 1.91 43.61
N TYR B 455 -34.56 2.51 44.76
CA TYR B 455 -34.66 1.75 46.00
C TYR B 455 -35.52 2.52 46.98
N HIS B 456 -36.03 1.81 47.99
CA HIS B 456 -36.78 2.41 49.09
C HIS B 456 -36.02 2.40 50.40
N GLY B 457 -35.29 1.31 50.68
CA GLY B 457 -34.51 1.21 51.90
C GLY B 457 -35.35 1.18 53.15
N LYS B 458 -36.15 0.13 53.32
CA LYS B 458 -37.08 0.01 54.44
C LYS B 458 -36.73 -1.23 55.24
N LEU B 459 -36.00 -1.04 56.34
CA LEU B 459 -35.76 -2.01 57.40
C LEU B 459 -34.95 -3.23 56.94
N ALA B 460 -34.39 -3.21 55.74
CA ALA B 460 -33.46 -4.24 55.26
C ALA B 460 -34.10 -5.64 55.31
N LEU B 461 -35.09 -5.81 54.44
CA LEU B 461 -35.87 -7.05 54.41
C LEU B 461 -34.96 -8.25 54.18
N PRO B 462 -35.13 -9.33 54.97
CA PRO B 462 -34.25 -10.50 54.84
C PRO B 462 -34.67 -11.44 53.74
N GLU B 463 -33.88 -12.51 53.52
CA GLU B 463 -34.03 -13.35 52.33
C GLU B 463 -35.42 -13.98 52.26
N ILE B 464 -35.85 -14.24 51.03
CA ILE B 464 -37.23 -14.64 50.74
C ILE B 464 -37.26 -16.09 50.31
N ASN B 465 -38.43 -16.71 50.50
CA ASN B 465 -38.74 -18.03 49.95
C ASN B 465 -39.78 -17.88 48.86
N GLY B 466 -40.25 -19.02 48.36
CA GLY B 466 -41.26 -19.00 47.31
C GLY B 466 -42.66 -18.74 47.83
N ASN B 467 -42.86 -17.63 48.52
CA ASN B 467 -44.16 -17.26 49.10
C ASN B 467 -44.68 -16.07 48.32
N ILE B 468 -45.47 -16.34 47.29
CA ILE B 468 -46.03 -15.31 46.41
C ILE B 468 -47.54 -15.32 46.56
N THR B 469 -48.13 -14.14 46.81
CA THR B 469 -49.57 -14.02 47.01
C THR B 469 -50.09 -12.84 46.20
N PHE B 470 -50.99 -13.11 45.25
CA PHE B 470 -51.67 -12.07 44.52
C PHE B 470 -53.00 -11.74 45.19
N ARG B 471 -53.34 -10.45 45.23
CA ARG B 471 -54.60 -10.04 45.84
C ARG B 471 -55.21 -8.91 45.02
N ASN B 472 -56.31 -9.22 44.33
CA ASN B 472 -57.16 -8.24 43.63
C ASN B 472 -56.36 -7.44 42.61
N ILE B 473 -55.55 -8.14 41.82
CA ILE B 473 -54.65 -7.47 40.88
C ILE B 473 -55.44 -6.89 39.73
N ARG B 474 -55.36 -5.57 39.58
CA ARG B 474 -55.88 -4.86 38.42
C ARG B 474 -54.76 -4.02 37.84
N PHE B 475 -54.54 -4.12 36.53
CA PHE B 475 -53.38 -3.48 35.94
C PHE B 475 -53.65 -3.09 34.49
N ARG B 476 -53.17 -1.90 34.13
CA ARG B 476 -53.19 -1.43 32.74
C ARG B 476 -51.81 -0.91 32.37
N TYR B 477 -51.38 -1.22 31.15
CA TYR B 477 -50.12 -0.69 30.63
C TYR B 477 -50.17 0.83 30.48
N LYS B 478 -51.30 1.38 30.04
CA LYS B 478 -51.49 2.81 29.97
C LYS B 478 -52.77 3.19 30.70
N PRO B 479 -52.83 4.41 31.24
CA PRO B 479 -54.07 4.82 31.95
C PRO B 479 -55.31 4.78 31.07
N ASP B 480 -55.16 5.01 29.77
CA ASP B 480 -56.31 4.93 28.87
C ASP B 480 -56.49 3.52 28.34
N SER B 481 -55.48 2.67 28.47
CA SER B 481 -55.49 1.32 27.92
C SER B 481 -56.51 0.44 28.63
N PRO B 482 -57.11 -0.53 27.94
CA PRO B 482 -58.03 -1.44 28.61
C PRO B 482 -57.33 -2.30 29.65
N VAL B 483 -58.09 -2.70 30.67
CA VAL B 483 -57.52 -3.49 31.75
C VAL B 483 -57.15 -4.88 31.22
N ILE B 484 -55.98 -5.35 31.65
CA ILE B 484 -55.48 -6.66 31.21
C ILE B 484 -55.92 -7.72 32.22
N LEU B 485 -55.47 -7.57 33.46
CA LEU B 485 -55.79 -8.50 34.53
C LEU B 485 -56.90 -7.92 35.39
N ASP B 486 -58.00 -8.68 35.54
CA ASP B 486 -59.20 -8.17 36.21
C ASP B 486 -59.25 -8.56 37.67
N ASN B 487 -59.27 -9.85 37.98
CA ASN B 487 -59.47 -10.32 39.35
C ASN B 487 -58.50 -11.46 39.67
N ILE B 488 -57.22 -11.25 39.37
CA ILE B 488 -56.21 -12.27 39.60
C ILE B 488 -56.00 -12.41 41.11
N ASN B 489 -56.32 -13.59 41.65
CA ASN B 489 -56.12 -13.89 43.06
C ASN B 489 -55.45 -15.25 43.16
N LEU B 490 -54.13 -15.25 43.31
CA LEU B 490 -53.36 -16.49 43.34
C LEU B 490 -52.43 -16.47 44.54
N SER B 491 -52.15 -17.67 45.06
CA SER B 491 -51.21 -17.87 46.14
C SER B 491 -50.32 -19.05 45.81
N ILE B 492 -49.01 -18.82 45.77
CA ILE B 492 -48.04 -19.84 45.39
C ILE B 492 -47.22 -20.19 46.64
N LYS B 493 -47.20 -21.47 46.99
CA LYS B 493 -46.44 -21.91 48.14
C LYS B 493 -45.00 -22.25 47.74
N GLN B 494 -44.17 -22.44 48.76
CA GLN B 494 -42.73 -22.65 48.53
C GLN B 494 -42.49 -23.99 47.85
N GLY B 495 -41.60 -23.99 46.85
CA GLY B 495 -41.23 -25.19 46.14
C GLY B 495 -42.26 -25.71 45.15
N GLU B 496 -43.32 -24.94 44.90
CA GLU B 496 -44.41 -25.38 44.04
C GLU B 496 -44.07 -25.06 42.59
N VAL B 497 -43.83 -26.08 41.78
CA VAL B 497 -43.50 -25.88 40.37
C VAL B 497 -44.81 -25.60 39.63
N ILE B 498 -45.15 -24.32 39.48
CA ILE B 498 -46.44 -23.90 38.98
C ILE B 498 -46.29 -23.51 37.51
N GLY B 499 -47.20 -23.97 36.67
CA GLY B 499 -47.22 -23.64 35.26
C GLY B 499 -48.49 -22.90 34.90
N ILE B 500 -48.38 -22.00 33.92
CA ILE B 500 -49.50 -21.17 33.48
C ILE B 500 -49.67 -21.34 31.98
N VAL B 501 -50.90 -21.65 31.56
CA VAL B 501 -51.25 -21.89 30.17
C VAL B 501 -52.40 -20.97 29.79
N GLY B 502 -52.32 -20.40 28.59
CA GLY B 502 -53.39 -19.56 28.12
C GLY B 502 -53.27 -19.27 26.64
N ARG B 503 -54.26 -18.55 26.13
CA ARG B 503 -54.25 -18.15 24.73
C ARG B 503 -53.18 -17.09 24.47
N SER B 504 -52.88 -16.87 23.20
CA SER B 504 -51.96 -15.80 22.83
C SER B 504 -52.61 -14.46 23.09
N GLY B 505 -51.89 -13.57 23.77
CA GLY B 505 -52.44 -12.28 24.14
C GLY B 505 -53.35 -12.31 25.35
N SER B 506 -53.45 -13.45 26.04
CA SER B 506 -54.28 -13.52 27.24
C SER B 506 -53.70 -12.68 28.37
N GLY B 507 -52.38 -12.62 28.49
CA GLY B 507 -51.74 -11.84 29.53
C GLY B 507 -50.87 -12.65 30.45
N LYS B 508 -50.33 -13.77 29.96
CA LYS B 508 -49.47 -14.60 30.79
C LYS B 508 -48.15 -13.91 31.10
N SER B 509 -47.68 -13.03 30.22
CA SER B 509 -46.45 -12.28 30.50
C SER B 509 -46.66 -11.15 31.50
N THR B 510 -47.91 -10.72 31.71
CA THR B 510 -48.17 -9.68 32.70
C THR B 510 -47.87 -10.18 34.10
N LEU B 511 -48.19 -11.44 34.40
CA LEU B 511 -47.82 -12.01 35.69
C LEU B 511 -46.31 -12.08 35.86
N THR B 512 -45.60 -12.45 34.79
CA THR B 512 -44.14 -12.46 34.81
C THR B 512 -43.57 -11.08 35.12
N LYS B 513 -44.11 -10.05 34.46
CA LYS B 513 -43.61 -8.70 34.68
C LYS B 513 -44.08 -8.11 36.00
N LEU B 514 -45.13 -8.67 36.60
CA LEU B 514 -45.64 -8.17 37.87
C LEU B 514 -45.02 -8.85 39.08
N ILE B 515 -44.48 -10.07 38.91
CA ILE B 515 -43.70 -10.68 39.98
C ILE B 515 -42.50 -9.80 40.32
N GLN B 516 -41.79 -9.34 39.28
CA GLN B 516 -40.70 -8.40 39.45
C GLN B 516 -41.26 -6.98 39.52
N ARG B 517 -40.38 -6.04 39.86
CA ARG B 517 -40.79 -4.65 40.04
C ARG B 517 -40.63 -3.88 38.72
N PHE B 518 -41.21 -4.45 37.67
CA PHE B 518 -41.28 -3.76 36.39
C PHE B 518 -42.45 -2.78 36.34
N TYR B 519 -43.57 -3.14 36.95
CA TYR B 519 -44.80 -2.35 36.90
C TYR B 519 -45.41 -2.27 38.29
N ILE B 520 -46.36 -1.34 38.44
CA ILE B 520 -47.12 -1.17 39.67
C ILE B 520 -48.58 -1.42 39.34
N PRO B 521 -49.25 -2.36 40.00
CA PRO B 521 -50.66 -2.62 39.70
C PRO B 521 -51.54 -1.42 40.01
N GLU B 522 -52.55 -1.21 39.16
CA GLU B 522 -53.49 -0.11 39.38
C GLU B 522 -54.32 -0.32 40.64
N ASN B 523 -54.77 -1.54 40.88
CA ASN B 523 -55.52 -1.88 42.08
C ASN B 523 -55.05 -3.25 42.57
N GLY B 524 -55.05 -3.43 43.89
CA GLY B 524 -54.56 -4.67 44.47
C GLY B 524 -53.05 -4.71 44.56
N GLN B 525 -52.56 -5.78 45.18
CA GLN B 525 -51.13 -5.88 45.41
C GLN B 525 -50.68 -7.33 45.42
N VAL B 526 -49.37 -7.45 45.22
CA VAL B 526 -48.76 -8.74 45.24
C VAL B 526 -47.92 -8.69 46.48
N LEU B 527 -47.60 -9.83 47.06
CA LEU B 527 -46.70 -9.87 48.21
C LEU B 527 -45.75 -11.06 48.08
N ILE B 528 -44.48 -10.81 48.43
CA ILE B 528 -43.45 -11.83 48.46
C ILE B 528 -43.02 -12.02 49.91
N ASP B 529 -43.11 -13.26 50.40
CA ASP B 529 -42.75 -13.61 51.77
C ASP B 529 -43.54 -12.79 52.79
N GLY B 530 -44.80 -12.46 52.43
CA GLY B 530 -45.65 -11.68 53.29
C GLY B 530 -45.43 -10.19 53.24
N HIS B 531 -44.48 -9.71 52.44
CA HIS B 531 -44.19 -8.29 52.36
C HIS B 531 -44.72 -7.70 51.06
N ASP B 532 -45.41 -6.57 51.16
CA ASP B 532 -45.97 -5.91 49.99
C ASP B 532 -44.86 -5.39 49.08
N LEU B 533 -45.13 -5.39 47.78
CA LEU B 533 -44.13 -4.98 46.79
C LEU B 533 -44.24 -3.51 46.41
N ALA B 534 -45.19 -2.77 46.98
CA ALA B 534 -45.28 -1.34 46.67
C ALA B 534 -44.15 -0.55 47.33
N LEU B 535 -43.45 -1.15 48.29
CA LEU B 535 -42.39 -0.47 49.02
C LEU B 535 -41.10 -1.28 49.08
N ALA B 536 -41.05 -2.44 48.42
CA ALA B 536 -39.85 -3.26 48.47
C ALA B 536 -38.79 -2.74 47.51
N ASP B 537 -37.55 -3.17 47.75
CA ASP B 537 -36.44 -2.75 46.91
C ASP B 537 -36.45 -3.56 45.62
N PRO B 538 -36.53 -2.92 44.46
CA PRO B 538 -36.54 -3.69 43.20
C PRO B 538 -35.25 -4.45 42.92
N ASN B 539 -34.10 -3.83 43.18
CA ASN B 539 -32.82 -4.48 42.88
C ASN B 539 -32.63 -5.73 43.72
N TRP B 540 -33.00 -5.66 45.00
CA TRP B 540 -32.88 -6.82 45.89
C TRP B 540 -33.72 -8.00 45.40
N LEU B 541 -34.99 -7.76 45.07
CA LEU B 541 -35.83 -8.84 44.59
C LEU B 541 -35.33 -9.38 43.26
N ARG B 542 -34.93 -8.49 42.36
CA ARG B 542 -34.52 -8.93 41.03
C ARG B 542 -33.13 -9.56 41.01
N ARG B 543 -32.36 -9.44 42.10
CA ARG B 543 -31.21 -10.31 42.26
C ARG B 543 -31.55 -11.58 43.04
N GLN B 544 -32.66 -11.58 43.78
CA GLN B 544 -33.13 -12.82 44.38
C GLN B 544 -33.94 -13.68 43.42
N VAL B 545 -34.35 -13.12 42.27
CA VAL B 545 -35.21 -13.80 41.32
C VAL B 545 -34.44 -14.02 40.02
N GLY B 546 -34.44 -15.25 39.52
CA GLY B 546 -33.85 -15.59 38.25
C GLY B 546 -34.93 -15.78 37.20
N VAL B 547 -34.74 -15.18 36.03
CA VAL B 547 -35.78 -15.12 35.02
C VAL B 547 -35.17 -15.36 33.63
N VAL B 548 -35.86 -16.17 32.84
CA VAL B 548 -35.69 -16.23 31.40
C VAL B 548 -36.96 -15.65 30.79
N LEU B 549 -36.80 -14.64 29.93
CA LEU B 549 -37.93 -13.91 29.39
C LEU B 549 -38.41 -14.54 28.09
N GLN B 550 -39.52 -14.01 27.57
CA GLN B 550 -40.08 -14.50 26.30
C GLN B 550 -39.11 -14.26 25.15
N ASP B 551 -38.51 -13.07 25.11
CA ASP B 551 -37.47 -12.76 24.14
C ASP B 551 -36.13 -12.67 24.87
N ASN B 552 -35.15 -13.43 24.39
CA ASN B 552 -33.85 -13.52 25.02
C ASN B 552 -32.84 -12.73 24.21
N VAL B 553 -32.18 -11.76 24.85
CA VAL B 553 -31.11 -10.99 24.25
C VAL B 553 -29.91 -11.04 25.17
N LEU B 554 -28.73 -11.21 24.58
CA LEU B 554 -27.47 -11.25 25.31
C LEU B 554 -26.70 -9.96 25.03
N LEU B 555 -25.49 -9.88 25.57
CA LEU B 555 -24.61 -8.75 25.34
C LEU B 555 -23.43 -9.18 24.47
N ASN B 556 -22.72 -8.20 23.92
CA ASN B 556 -21.60 -8.47 23.02
C ASN B 556 -20.37 -8.84 23.86
N ARG B 557 -20.50 -9.95 24.58
CA ARG B 557 -19.44 -10.43 25.46
C ARG B 557 -19.25 -11.93 25.18
N SER B 558 -18.40 -12.56 25.98
CA SER B 558 -18.17 -14.00 25.86
C SER B 558 -19.26 -14.78 26.59
N ILE B 559 -19.37 -16.07 26.26
CA ILE B 559 -20.38 -16.92 26.86
C ILE B 559 -20.13 -17.07 28.36
N ILE B 560 -18.86 -17.24 28.75
CA ILE B 560 -18.53 -17.41 30.17
C ILE B 560 -18.91 -16.17 30.97
N ASP B 561 -18.90 -15.00 30.34
CA ASP B 561 -19.28 -13.76 31.00
C ASP B 561 -20.77 -13.49 30.84
N ASN B 562 -21.34 -13.85 29.68
CA ASN B 562 -22.78 -13.66 29.45
C ASN B 562 -23.60 -14.49 30.43
N ILE B 563 -23.19 -15.75 30.66
CA ILE B 563 -23.88 -16.58 31.63
C ILE B 563 -23.64 -16.06 33.04
N SER B 564 -22.42 -15.61 33.33
CA SER B 564 -22.04 -15.13 34.66
C SER B 564 -22.15 -13.62 34.78
N LEU B 565 -23.17 -13.03 34.13
CA LEU B 565 -23.32 -11.59 34.14
C LEU B 565 -23.66 -11.07 35.53
N ALA B 566 -24.29 -11.90 36.37
CA ALA B 566 -24.66 -11.47 37.71
C ALA B 566 -23.43 -11.27 38.59
N ASN B 567 -22.40 -12.11 38.43
CA ASN B 567 -21.20 -12.00 39.24
C ASN B 567 -19.99 -12.44 38.43
N PRO B 568 -19.11 -11.52 38.03
CA PRO B 568 -17.96 -11.88 37.18
C PRO B 568 -16.84 -12.60 37.91
N GLY B 569 -16.72 -12.43 39.21
CA GLY B 569 -15.70 -13.13 39.99
C GLY B 569 -16.08 -14.54 40.41
N MET B 570 -17.27 -15.00 40.07
CA MET B 570 -17.70 -16.35 40.43
C MET B 570 -16.98 -17.40 39.57
N SER B 571 -16.67 -18.53 40.20
CA SER B 571 -15.78 -19.53 39.62
C SER B 571 -16.36 -20.19 38.38
N VAL B 572 -15.47 -20.78 37.58
CA VAL B 572 -15.83 -21.40 36.31
C VAL B 572 -16.65 -22.67 36.53
N GLU B 573 -16.37 -23.41 37.60
CA GLU B 573 -17.05 -24.69 37.84
C GLU B 573 -18.54 -24.50 38.05
N LYS B 574 -18.94 -23.37 38.66
CA LYS B 574 -20.36 -23.07 38.80
C LYS B 574 -21.02 -22.91 37.44
N VAL B 575 -20.36 -22.19 36.52
CA VAL B 575 -20.92 -22.01 35.19
C VAL B 575 -20.94 -23.34 34.43
N ILE B 576 -19.93 -24.18 34.63
CA ILE B 576 -19.89 -25.49 33.99
C ILE B 576 -21.07 -26.34 34.47
N TYR B 577 -21.30 -26.34 35.78
CA TYR B 577 -22.43 -27.09 36.33
C TYR B 577 -23.76 -26.56 35.82
N ALA B 578 -23.88 -25.23 35.73
CA ALA B 578 -25.12 -24.64 35.20
C ALA B 578 -25.34 -25.01 33.74
N ALA B 579 -24.27 -25.01 32.94
CA ALA B 579 -24.40 -25.32 31.53
C ALA B 579 -24.73 -26.80 31.31
N LYS B 580 -24.10 -27.69 32.09
CA LYS B 580 -24.47 -29.10 32.04
C LYS B 580 -25.91 -29.31 32.47
N LEU B 581 -26.33 -28.60 33.52
CA LEU B 581 -27.70 -28.73 34.00
C LEU B 581 -28.70 -28.18 32.98
N ALA B 582 -28.33 -27.13 32.27
CA ALA B 582 -29.19 -26.55 31.25
C ALA B 582 -29.07 -27.25 29.90
N GLY B 583 -28.20 -28.25 29.79
CA GLY B 583 -28.00 -28.92 28.52
C GLY B 583 -27.26 -28.10 27.49
N ALA B 584 -26.53 -27.09 27.91
CA ALA B 584 -25.83 -26.20 27.00
C ALA B 584 -24.34 -26.48 26.87
N HIS B 585 -23.82 -27.48 27.61
CA HIS B 585 -22.37 -27.71 27.56
C HIS B 585 -21.95 -28.42 26.29
N ASP B 586 -22.82 -29.22 25.68
CA ASP B 586 -22.42 -30.05 24.55
C ASP B 586 -22.05 -29.20 23.33
N PHE B 587 -22.91 -28.27 22.94
CA PHE B 587 -22.61 -27.47 21.76
C PHE B 587 -21.49 -26.48 22.03
N ILE B 588 -21.42 -25.94 23.25
CA ILE B 588 -20.34 -25.02 23.60
C ILE B 588 -19.00 -25.73 23.54
N SER B 589 -18.93 -26.96 24.05
CA SER B 589 -17.72 -27.76 23.91
C SER B 589 -17.44 -28.06 22.44
N GLU B 590 -18.50 -28.25 21.65
CA GLU B 590 -18.30 -28.49 20.22
C GLU B 590 -17.96 -27.19 19.48
N LEU B 591 -18.22 -26.03 20.10
CA LEU B 591 -17.82 -24.77 19.50
C LEU B 591 -16.31 -24.66 19.42
N ARG B 592 -15.84 -23.91 18.43
CA ARG B 592 -14.41 -23.77 18.17
C ARG B 592 -13.71 -23.04 19.31
N GLU B 593 -14.31 -21.97 19.82
CA GLU B 593 -13.71 -21.19 20.90
C GLU B 593 -14.13 -21.65 22.28
N GLY B 594 -15.10 -22.55 22.39
CA GLY B 594 -15.56 -22.97 23.70
C GLY B 594 -16.29 -21.85 24.39
N TYR B 595 -15.80 -21.45 25.57
CA TYR B 595 -16.35 -20.33 26.31
C TYR B 595 -15.74 -18.99 25.92
N ASN B 596 -15.14 -18.90 24.74
CA ASN B 596 -14.46 -17.68 24.32
C ASN B 596 -15.13 -16.98 23.14
N THR B 597 -16.06 -17.64 22.45
CA THR B 597 -16.71 -17.02 21.31
C THR B 597 -17.59 -15.85 21.77
N ILE B 598 -17.76 -14.88 20.88
CA ILE B 598 -18.39 -13.61 21.20
C ILE B 598 -19.76 -13.56 20.53
N VAL B 599 -20.79 -13.27 21.30
CA VAL B 599 -22.12 -13.01 20.75
C VAL B 599 -22.06 -11.67 20.03
N GLY B 600 -22.10 -11.71 18.69
CA GLY B 600 -21.82 -10.53 17.89
C GLY B 600 -22.89 -9.45 17.92
N GLU B 601 -24.08 -9.76 18.43
CA GLU B 601 -25.18 -8.81 18.47
C GLU B 601 -26.00 -9.10 19.71
N GLN B 602 -27.25 -8.62 19.72
CA GLN B 602 -28.13 -8.86 20.86
C GLN B 602 -28.35 -10.36 21.08
N GLY B 603 -28.55 -11.10 20.01
CA GLY B 603 -28.63 -12.55 20.10
C GLY B 603 -28.03 -13.26 18.91
N ALA B 604 -27.41 -12.50 18.01
CA ALA B 604 -26.87 -13.09 16.79
C ALA B 604 -25.46 -13.64 17.04
N GLY B 605 -24.95 -14.34 16.04
CA GLY B 605 -23.70 -15.05 16.16
C GLY B 605 -23.85 -16.50 16.55
N LEU B 606 -25.00 -16.86 17.13
CA LEU B 606 -25.34 -18.24 17.46
C LEU B 606 -26.74 -18.53 16.97
N SER B 607 -27.23 -19.73 17.27
CA SER B 607 -28.56 -20.15 16.85
C SER B 607 -29.60 -19.62 17.84
N GLY B 608 -30.86 -19.98 17.64
CA GLY B 608 -31.92 -19.58 18.55
C GLY B 608 -32.00 -20.48 19.76
N GLY B 609 -31.93 -21.80 19.53
CA GLY B 609 -31.92 -22.73 20.64
C GLY B 609 -30.70 -22.58 21.52
N GLN B 610 -29.54 -22.33 20.91
CA GLN B 610 -28.33 -22.09 21.68
C GLN B 610 -28.46 -20.83 22.52
N ARG B 611 -29.04 -19.78 21.95
CA ARG B 611 -29.27 -18.54 22.71
C ARG B 611 -30.22 -18.79 23.87
N GLN B 612 -31.28 -19.57 23.64
CA GLN B 612 -32.22 -19.90 24.72
C GLN B 612 -31.53 -20.70 25.82
N ARG B 613 -30.69 -21.66 25.45
CA ARG B 613 -29.97 -22.44 26.45
C ARG B 613 -28.99 -21.58 27.24
N ILE B 614 -28.32 -20.64 26.57
CA ILE B 614 -27.41 -19.73 27.26
C ILE B 614 -28.18 -18.84 28.22
N ALA B 615 -29.36 -18.36 27.82
CA ALA B 615 -30.19 -17.57 28.71
C ALA B 615 -30.64 -18.38 29.92
N ILE B 616 -31.00 -19.64 29.70
CA ILE B 616 -31.41 -20.52 30.80
C ILE B 616 -30.26 -20.74 31.77
N ALA B 617 -29.06 -20.98 31.24
CA ALA B 617 -27.88 -21.14 32.08
C ALA B 617 -27.56 -19.87 32.85
N ARG B 618 -27.72 -18.71 32.21
CA ARG B 618 -27.49 -17.44 32.87
C ARG B 618 -28.48 -17.23 34.03
N ALA B 619 -29.74 -17.62 33.82
CA ALA B 619 -30.73 -17.53 34.89
C ALA B 619 -30.45 -18.51 36.02
N LEU B 620 -29.92 -19.70 35.71
CA LEU B 620 -29.70 -20.74 36.69
C LEU B 620 -28.31 -20.74 37.31
N VAL B 621 -27.41 -19.84 36.89
CA VAL B 621 -26.02 -19.93 37.35
C VAL B 621 -25.90 -19.46 38.79
N ASN B 622 -26.81 -18.61 39.24
CA ASN B 622 -26.82 -18.14 40.62
C ASN B 622 -27.64 -19.10 41.47
N ASN B 623 -27.99 -18.68 42.68
CA ASN B 623 -28.86 -19.47 43.55
C ASN B 623 -30.18 -18.76 43.84
N PRO B 624 -30.99 -18.47 42.83
CA PRO B 624 -32.20 -17.68 43.04
C PRO B 624 -33.26 -18.48 43.78
N LYS B 625 -34.11 -17.74 44.51
CA LYS B 625 -35.19 -18.33 45.27
C LYS B 625 -36.49 -18.43 44.49
N ILE B 626 -36.71 -17.55 43.51
CA ILE B 626 -37.87 -17.60 42.64
C ILE B 626 -37.36 -17.63 41.20
N LEU B 627 -37.76 -18.65 40.45
CA LEU B 627 -37.40 -18.81 39.06
C LEU B 627 -38.63 -18.58 38.20
N ILE B 628 -38.46 -17.84 37.10
CA ILE B 628 -39.54 -17.59 36.15
C ILE B 628 -39.02 -17.95 34.77
N PHE B 629 -39.60 -18.98 34.18
CA PHE B 629 -39.22 -19.47 32.85
C PHE B 629 -40.36 -19.12 31.89
N ASP B 630 -40.31 -17.92 31.32
CA ASP B 630 -41.31 -17.46 30.35
C ASP B 630 -40.83 -17.88 28.96
N GLN B 631 -41.48 -18.90 28.40
CA GLN B 631 -41.11 -19.48 27.10
C GLN B 631 -39.64 -19.93 27.10
N ALA B 632 -39.26 -20.69 28.12
CA ALA B 632 -37.89 -21.18 28.21
C ALA B 632 -37.64 -22.27 27.18
N THR B 633 -38.69 -22.86 26.64
CA THR B 633 -38.59 -23.86 25.57
C THR B 633 -39.43 -23.36 24.40
N SER B 634 -38.85 -22.49 23.58
CA SER B 634 -39.53 -21.99 22.39
C SER B 634 -38.74 -22.34 21.13
N ALA B 635 -37.47 -21.96 21.10
CA ALA B 635 -36.61 -22.20 19.94
C ALA B 635 -35.80 -23.48 20.08
N LEU B 636 -36.21 -24.38 20.97
CA LEU B 636 -35.47 -25.61 21.22
C LEU B 636 -36.20 -26.80 20.62
N ASP B 637 -35.43 -27.75 20.09
CA ASP B 637 -36.01 -28.97 19.54
C ASP B 637 -36.51 -29.87 20.66
N TYR B 638 -37.10 -31.00 20.27
CA TYR B 638 -37.69 -31.91 21.25
C TYR B 638 -36.64 -32.59 22.11
N GLU B 639 -35.45 -32.85 21.56
CA GLU B 639 -34.41 -33.50 22.35
C GLU B 639 -33.91 -32.60 23.47
N SER B 640 -33.64 -31.33 23.16
CA SER B 640 -33.22 -30.38 24.19
C SER B 640 -34.33 -30.14 25.21
N GLU B 641 -35.58 -30.10 24.75
CA GLU B 641 -36.71 -29.99 25.67
C GLU B 641 -36.77 -31.18 26.62
N HIS B 642 -36.53 -32.39 26.10
CA HIS B 642 -36.50 -33.57 26.94
C HIS B 642 -35.35 -33.51 27.94
N ILE B 643 -34.18 -33.01 27.50
CA ILE B 643 -33.05 -32.86 28.41
C ILE B 643 -33.40 -31.91 29.55
N ILE B 644 -34.03 -30.78 29.21
CA ILE B 644 -34.44 -29.81 30.24
C ILE B 644 -35.48 -30.41 31.16
N MET B 645 -36.42 -31.20 30.62
CA MET B 645 -37.42 -31.85 31.47
C MET B 645 -36.79 -32.85 32.42
N ARG B 646 -35.78 -33.60 31.97
CA ARG B 646 -35.11 -34.54 32.87
C ARG B 646 -34.29 -33.80 33.93
N ASN B 647 -33.70 -32.66 33.58
CA ASN B 647 -32.94 -31.87 34.55
C ASN B 647 -33.84 -30.96 35.41
N MET B 648 -35.13 -30.93 35.12
CA MET B 648 -36.04 -30.07 35.88
C MET B 648 -36.11 -30.44 37.35
N HIS B 649 -35.93 -31.73 37.67
CA HIS B 649 -35.89 -32.13 39.07
C HIS B 649 -34.70 -31.50 39.78
N LYS B 650 -33.54 -31.47 39.13
CA LYS B 650 -32.38 -30.79 39.69
C LYS B 650 -32.54 -29.28 39.68
N ILE B 651 -33.40 -28.76 38.78
CA ILE B 651 -33.66 -27.32 38.77
C ILE B 651 -34.39 -26.90 40.05
N CYS B 652 -35.39 -27.68 40.46
CA CYS B 652 -36.35 -27.27 41.48
C CYS B 652 -36.03 -27.82 42.86
N LYS B 653 -34.75 -27.92 43.22
CA LYS B 653 -34.36 -28.39 44.54
C LYS B 653 -34.52 -27.26 45.54
N GLY B 654 -35.78 -26.99 45.91
CA GLY B 654 -36.10 -25.96 46.87
C GLY B 654 -36.40 -24.60 46.29
N ARG B 655 -36.63 -24.50 44.98
CA ARG B 655 -36.92 -23.23 44.33
C ARG B 655 -38.33 -23.25 43.75
N THR B 656 -39.06 -22.15 43.95
CA THR B 656 -40.39 -22.00 43.38
C THR B 656 -40.25 -21.49 41.95
N VAL B 657 -40.78 -22.25 40.99
CA VAL B 657 -40.61 -21.99 39.56
C VAL B 657 -41.97 -21.74 38.94
N ILE B 658 -42.09 -20.65 38.19
CA ILE B 658 -43.28 -20.31 37.42
C ILE B 658 -42.96 -20.48 35.95
N ILE B 659 -43.63 -21.42 35.29
CA ILE B 659 -43.34 -21.79 33.92
C ILE B 659 -44.45 -21.24 33.03
N ILE B 660 -44.09 -20.31 32.15
CA ILE B 660 -45.01 -19.73 31.18
C ILE B 660 -44.69 -20.38 29.85
N ALA B 661 -45.56 -21.26 29.37
CA ALA B 661 -45.28 -21.98 28.13
C ALA B 661 -46.58 -22.41 27.48
N HIS B 662 -46.64 -22.25 26.16
CA HIS B 662 -47.78 -22.72 25.39
C HIS B 662 -47.74 -24.23 25.19
N ARG B 663 -46.54 -24.80 25.08
CA ARG B 663 -46.38 -26.25 24.91
C ARG B 663 -46.86 -26.95 26.17
N LEU B 664 -47.90 -27.79 26.03
CA LEU B 664 -48.44 -28.49 27.18
C LEU B 664 -47.56 -29.65 27.64
N SER B 665 -46.60 -30.08 26.81
CA SER B 665 -45.74 -31.19 27.19
C SER B 665 -44.79 -30.81 28.31
N THR B 666 -44.30 -29.58 28.31
CA THR B 666 -43.33 -29.14 29.31
C THR B 666 -43.98 -28.78 30.64
N VAL B 667 -45.31 -28.71 30.70
CA VAL B 667 -46.03 -28.44 31.94
C VAL B 667 -46.86 -29.62 32.40
N LYS B 668 -46.68 -30.80 31.78
CA LYS B 668 -47.40 -31.99 32.21
C LYS B 668 -46.97 -32.41 33.62
N ASN B 669 -45.68 -32.31 33.92
CA ASN B 669 -45.15 -32.64 35.23
C ASN B 669 -45.10 -31.45 36.18
N ALA B 670 -45.90 -30.42 35.92
CA ALA B 670 -45.94 -29.25 36.77
C ALA B 670 -46.76 -29.54 38.02
N ASP B 671 -46.40 -28.85 39.11
CA ASP B 671 -47.04 -29.13 40.40
C ASP B 671 -48.45 -28.57 40.45
N ARG B 672 -48.72 -27.49 39.73
CA ARG B 672 -50.06 -26.92 39.66
C ARG B 672 -50.22 -26.17 38.36
N ILE B 673 -51.27 -26.48 37.61
CA ILE B 673 -51.52 -25.79 36.35
C ILE B 673 -52.59 -24.75 36.52
N ILE B 674 -52.35 -23.59 35.98
CA ILE B 674 -53.24 -22.44 36.04
C ILE B 674 -53.56 -22.02 34.62
N VAL B 675 -54.84 -22.00 34.26
CA VAL B 675 -55.27 -21.64 32.92
C VAL B 675 -55.91 -20.26 32.97
N MET B 676 -55.45 -19.37 32.08
CA MET B 676 -55.97 -18.02 32.02
C MET B 676 -56.35 -17.64 30.59
N GLU B 677 -57.48 -16.95 30.46
CA GLU B 677 -57.91 -16.43 29.15
C GLU B 677 -58.52 -15.05 29.37
N LYS B 678 -58.18 -14.12 28.48
CA LYS B 678 -58.66 -12.74 28.54
C LYS B 678 -58.38 -12.09 29.90
N GLY B 679 -57.23 -12.43 30.47
CA GLY B 679 -56.85 -11.88 31.77
C GLY B 679 -57.72 -12.32 32.92
N LYS B 680 -58.20 -13.56 32.89
CA LYS B 680 -58.97 -14.13 33.98
C LYS B 680 -58.49 -15.54 34.25
N ILE B 681 -58.26 -15.86 35.53
CA ILE B 681 -57.92 -17.22 35.92
C ILE B 681 -59.19 -18.04 35.85
N VAL B 682 -59.30 -18.93 34.86
CA VAL B 682 -60.55 -19.62 34.60
C VAL B 682 -60.52 -21.10 34.97
N GLU B 683 -59.36 -21.75 34.91
CA GLU B 683 -59.21 -23.08 35.47
C GLU B 683 -57.90 -23.14 36.26
N GLN B 684 -57.92 -23.89 37.36
CA GLN B 684 -56.75 -24.03 38.21
C GLN B 684 -56.83 -25.36 38.94
N GLY B 685 -55.67 -25.98 39.14
CA GLY B 685 -55.58 -27.25 39.83
C GLY B 685 -54.49 -28.10 39.22
N LYS B 686 -54.54 -29.40 39.54
CA LYS B 686 -53.56 -30.34 39.04
C LYS B 686 -53.83 -30.64 37.57
N HIS B 687 -52.84 -31.25 36.91
CA HIS B 687 -52.95 -31.54 35.48
C HIS B 687 -54.00 -32.63 35.21
N LYS B 688 -53.96 -33.72 35.96
CA LYS B 688 -54.84 -34.84 35.68
C LYS B 688 -56.30 -34.51 36.01
N GLU B 689 -56.54 -33.85 37.14
CA GLU B 689 -57.91 -33.53 37.52
C GLU B 689 -58.52 -32.51 36.58
N LEU B 690 -57.70 -31.61 36.03
CA LEU B 690 -58.22 -30.65 35.06
C LEU B 690 -58.44 -31.29 33.70
N LEU B 691 -57.54 -32.20 33.31
CA LEU B 691 -57.70 -32.88 32.02
C LEU B 691 -58.83 -33.90 32.06
N SER B 692 -59.26 -34.32 33.25
CA SER B 692 -60.35 -35.29 33.35
C SER B 692 -61.66 -34.74 32.81
N GLU B 693 -61.87 -33.43 32.88
CA GLU B 693 -63.08 -32.82 32.36
C GLU B 693 -62.93 -32.57 30.87
N PRO B 694 -63.74 -33.20 30.01
CA PRO B 694 -63.59 -32.97 28.56
C PRO B 694 -63.96 -31.56 28.11
N GLU B 695 -64.73 -30.82 28.90
CA GLU B 695 -65.18 -29.49 28.53
C GLU B 695 -64.17 -28.40 28.88
N SER B 696 -63.06 -28.74 29.53
CA SER B 696 -62.08 -27.75 29.93
C SER B 696 -61.32 -27.21 28.72
N LEU B 697 -60.88 -25.96 28.83
CA LEU B 697 -60.06 -25.35 27.79
C LEU B 697 -58.70 -26.03 27.68
N TYR B 698 -58.16 -26.49 28.81
CA TYR B 698 -56.91 -27.25 28.79
C TYR B 698 -57.08 -28.54 28.01
N SER B 699 -58.18 -29.26 28.23
CA SER B 699 -58.44 -30.47 27.46
C SER B 699 -58.62 -30.14 25.98
N TYR B 700 -59.32 -29.05 25.69
CA TYR B 700 -59.51 -28.61 24.30
C TYR B 700 -58.17 -28.40 23.61
N LEU B 701 -57.26 -27.67 24.27
CA LEU B 701 -55.90 -27.54 23.74
C LEU B 701 -55.22 -28.90 23.64
N TYR B 702 -55.59 -29.84 24.51
CA TYR B 702 -54.95 -31.15 24.48
C TYR B 702 -55.29 -31.92 23.21
N GLN B 703 -56.57 -31.95 22.80
CA GLN B 703 -56.78 -32.62 21.52
C GLN B 703 -56.41 -31.72 20.35
N LEU B 704 -56.18 -30.44 20.58
CA LEU B 704 -55.71 -29.60 19.45
C LEU B 704 -54.24 -29.87 19.22
N GLN B 705 -53.51 -30.24 20.27
CA GLN B 705 -52.12 -30.62 20.07
C GLN B 705 -52.00 -31.92 19.29
N SER B 706 -52.87 -32.89 19.57
CA SER B 706 -52.85 -34.17 18.87
C SER B 706 -53.51 -34.05 17.51
N LEU C 29 -39.15 35.26 10.38
CA LEU C 29 -37.97 34.86 11.14
C LEU C 29 -38.35 33.97 12.31
N ASP C 30 -39.52 34.22 12.90
CA ASP C 30 -40.05 33.40 13.98
C ASP C 30 -40.86 32.23 13.46
N THR C 31 -41.12 32.16 12.16
CA THR C 31 -41.90 31.07 11.60
C THR C 31 -41.08 29.78 11.60
N PRO C 32 -41.73 28.63 11.82
CA PRO C 32 -40.98 27.36 11.81
C PRO C 32 -40.65 26.88 10.40
N VAL C 33 -40.02 25.72 10.29
CA VAL C 33 -39.65 25.15 9.00
C VAL C 33 -40.82 24.32 8.49
N ARG C 34 -41.22 24.59 7.25
CA ARG C 34 -42.38 23.91 6.68
C ARG C 34 -42.12 23.30 5.31
N GLU C 35 -43.17 23.00 4.57
CA GLU C 35 -43.00 22.29 3.30
C GLU C 35 -42.26 23.11 2.25
N LYS C 36 -42.46 24.43 2.20
CA LYS C 36 -41.85 25.23 1.15
C LYS C 36 -40.33 25.25 1.28
N ASP C 37 -39.82 25.04 2.49
CA ASP C 37 -38.38 24.84 2.68
C ASP C 37 -38.02 23.36 2.79
N GLU C 38 -39.00 22.50 3.09
CA GLU C 38 -38.75 21.06 3.14
C GLU C 38 -38.43 20.51 1.76
N ASN C 39 -39.13 21.01 0.74
CA ASN C 39 -39.05 20.39 -0.59
C ASN C 39 -37.70 20.66 -1.25
N GLU C 40 -37.17 21.88 -1.10
CA GLU C 40 -35.99 22.25 -1.87
C GLU C 40 -34.73 21.57 -1.35
N PHE C 41 -34.76 21.06 -0.13
CA PHE C 41 -33.60 20.36 0.41
C PHE C 41 -33.74 18.84 0.34
N LEU C 42 -34.76 18.32 -0.32
CA LEU C 42 -34.88 16.88 -0.50
C LEU C 42 -33.82 16.43 -1.50
N PRO C 43 -33.03 15.39 -1.19
CA PRO C 43 -31.84 15.11 -2.00
C PRO C 43 -32.13 14.71 -3.43
N ALA C 44 -33.32 14.17 -3.73
CA ALA C 44 -33.65 13.85 -5.12
C ALA C 44 -33.68 15.12 -5.97
N HIS C 45 -34.33 16.17 -5.47
CA HIS C 45 -34.37 17.44 -6.20
C HIS C 45 -32.98 18.02 -6.37
N LEU C 46 -32.09 17.77 -5.40
CA LEU C 46 -30.69 18.16 -5.57
C LEU C 46 -30.04 17.36 -6.70
N GLU C 47 -30.40 16.08 -6.81
CA GLU C 47 -29.80 15.22 -7.83
C GLU C 47 -30.26 15.61 -9.23
N LEU C 48 -31.55 15.97 -9.38
CA LEU C 48 -32.02 16.46 -10.68
C LEU C 48 -31.30 17.74 -11.08
N ILE C 49 -31.29 18.74 -10.20
CA ILE C 49 -30.78 20.05 -10.56
C ILE C 49 -29.26 20.02 -10.63
N GLU C 50 -28.73 19.89 -11.84
CA GLU C 50 -27.30 19.96 -12.07
C GLU C 50 -26.92 21.41 -12.38
N THR C 51 -25.75 21.82 -11.89
CA THR C 51 -25.30 23.21 -11.89
C THR C 51 -26.38 24.09 -11.27
N PRO C 52 -26.64 23.97 -9.97
CA PRO C 52 -27.78 24.66 -9.37
C PRO C 52 -27.52 26.14 -9.15
N VAL C 53 -28.59 26.92 -9.20
CA VAL C 53 -28.53 28.35 -8.94
C VAL C 53 -29.16 28.61 -7.58
N SER C 54 -28.57 29.54 -6.83
CA SER C 54 -29.03 29.84 -5.48
C SER C 54 -30.30 30.68 -5.53
N ARG C 55 -30.92 30.84 -4.36
CA ARG C 55 -32.11 31.67 -4.23
C ARG C 55 -31.85 33.15 -4.47
N ARG C 56 -30.62 33.62 -4.21
CA ARG C 56 -30.27 35.03 -4.41
C ARG C 56 -29.01 35.15 -5.27
N PRO C 57 -29.09 34.82 -6.55
CA PRO C 57 -27.88 34.92 -7.39
C PRO C 57 -27.59 36.33 -7.87
N ARG C 58 -28.64 37.13 -8.16
CA ARG C 58 -28.44 38.46 -8.69
C ARG C 58 -28.27 39.52 -7.61
N LEU C 59 -28.46 39.15 -6.34
CA LEU C 59 -28.40 40.15 -5.28
C LEU C 59 -26.96 40.58 -5.01
N VAL C 60 -25.99 39.83 -5.51
CA VAL C 60 -24.59 40.19 -5.27
C VAL C 60 -24.22 41.46 -6.04
N ALA C 61 -24.35 41.42 -7.36
CA ALA C 61 -24.06 42.61 -8.16
C ALA C 61 -25.07 43.73 -7.90
N TYR C 62 -26.28 43.37 -7.50
CA TYR C 62 -27.28 44.36 -7.13
C TYR C 62 -26.86 45.12 -5.88
N PHE C 63 -26.30 44.41 -4.90
CA PHE C 63 -25.89 45.04 -3.66
C PHE C 63 -24.52 45.68 -3.77
N ILE C 64 -23.73 45.32 -4.78
CA ILE C 64 -22.45 46.00 -4.98
C ILE C 64 -22.68 47.39 -5.55
N MET C 65 -23.26 47.49 -6.73
CA MET C 65 -23.67 48.77 -7.30
C MET C 65 -25.19 48.90 -7.32
N SER D 9 -34.73 39.12 38.26
CA SER D 9 -36.06 39.06 38.86
C SER D 9 -36.08 38.04 40.00
N GLU D 10 -37.07 37.15 39.98
CA GLU D 10 -37.19 36.14 41.02
C GLU D 10 -36.13 35.06 40.89
N PHE D 11 -35.64 34.81 39.67
CA PHE D 11 -34.60 33.80 39.49
C PHE D 11 -33.30 34.20 40.17
N LEU D 12 -32.98 35.50 40.18
CA LEU D 12 -31.82 35.96 40.93
C LEU D 12 -32.00 35.70 42.42
N LEU D 13 -33.22 35.94 42.93
CA LEU D 13 -33.50 35.68 44.34
C LEU D 13 -33.35 34.20 44.69
N ARG D 14 -33.87 33.32 43.84
CA ARG D 14 -33.79 31.89 44.13
C ARG D 14 -32.35 31.38 43.99
N TYR D 15 -31.59 31.94 43.04
CA TYR D 15 -30.18 31.57 42.93
C TYR D 15 -29.40 32.03 44.15
N LYS D 16 -29.68 33.23 44.66
CA LYS D 16 -29.02 33.69 45.87
C LYS D 16 -29.39 32.82 47.06
N LEU D 17 -30.67 32.43 47.16
CA LEU D 17 -31.10 31.57 48.26
C LEU D 17 -30.39 30.22 48.21
N VAL D 18 -30.34 29.60 47.02
CA VAL D 18 -29.66 28.31 46.89
C VAL D 18 -28.17 28.46 47.14
N TRP D 19 -27.56 29.55 46.67
CA TRP D 19 -26.14 29.77 46.89
C TRP D 19 -25.81 29.88 48.37
N SER D 20 -26.62 30.64 49.13
CA SER D 20 -26.40 30.73 50.57
C SER D 20 -26.67 29.41 51.26
N GLU D 21 -27.72 28.70 50.83
CA GLU D 21 -28.10 27.44 51.45
C GLU D 21 -27.00 26.40 51.30
N THR D 22 -26.32 26.37 50.15
CA THR D 22 -25.16 25.49 50.01
C THR D 22 -23.89 26.15 50.52
N TRP D 23 -23.93 27.45 50.79
CA TRP D 23 -22.81 28.13 51.44
C TRP D 23 -22.70 27.78 52.92
N LYS D 24 -23.75 27.29 53.52
CA LYS D 24 -23.59 26.94 54.91
C LYS D 24 -23.15 25.50 55.01
N ILE D 25 -22.97 24.84 53.89
CA ILE D 25 -22.64 23.43 53.90
C ILE D 25 -21.16 23.21 53.51
N ARG D 26 -20.38 24.28 53.42
CA ARG D 26 -18.95 24.12 53.19
C ARG D 26 -18.32 23.41 54.38
N LYS D 27 -17.27 22.64 54.09
CA LYS D 27 -16.59 21.68 54.96
C LYS D 27 -17.42 20.43 55.21
N GLN D 28 -18.67 20.39 54.74
CA GLN D 28 -19.46 19.17 54.70
C GLN D 28 -19.62 18.63 53.28
N LEU D 29 -19.55 19.48 52.27
CA LEU D 29 -19.49 19.05 50.88
C LEU D 29 -18.07 18.84 50.38
N ASP D 30 -17.08 19.41 51.06
CA ASP D 30 -15.69 19.22 50.66
C ASP D 30 -15.24 17.80 50.97
N THR D 31 -14.23 17.35 50.23
CA THR D 31 -13.68 16.02 50.24
C THR D 31 -12.29 16.02 50.88
N PRO D 32 -11.86 14.94 51.54
CA PRO D 32 -10.58 14.98 52.24
C PRO D 32 -9.39 14.98 51.30
N VAL D 33 -8.28 15.55 51.81
CA VAL D 33 -7.11 15.78 50.98
C VAL D 33 -6.34 14.47 50.79
N ARG D 34 -5.77 14.29 49.60
CA ARG D 34 -4.97 13.13 49.28
C ARG D 34 -3.86 13.54 48.32
N GLU D 35 -2.68 12.97 48.48
CA GLU D 35 -1.58 13.31 47.60
C GLU D 35 -1.65 12.50 46.31
N LYS D 36 -0.71 12.78 45.40
CA LYS D 36 -0.82 12.30 44.03
C LYS D 36 -0.72 10.78 43.92
N ASP D 37 0.31 10.18 44.52
CA ASP D 37 0.48 8.74 44.39
C ASP D 37 -0.63 7.97 45.12
N GLU D 38 -1.32 8.65 46.03
CA GLU D 38 -2.46 8.03 46.70
C GLU D 38 -3.74 8.20 45.90
N ASN D 39 -3.94 9.38 45.28
CA ASN D 39 -5.24 9.64 44.66
C ASN D 39 -5.29 9.18 43.20
N GLU D 40 -4.16 8.79 42.60
CA GLU D 40 -4.27 8.18 41.28
C GLU D 40 -4.68 6.71 41.35
N PHE D 41 -4.60 6.09 42.54
CA PHE D 41 -5.12 4.74 42.74
C PHE D 41 -6.53 4.80 43.33
N LEU D 42 -7.46 5.24 42.50
CA LEU D 42 -8.85 5.32 42.90
C LEU D 42 -9.58 4.68 41.75
N PRO D 43 -10.87 4.42 41.90
CA PRO D 43 -11.53 3.93 40.70
C PRO D 43 -11.28 4.97 39.62
N ALA D 44 -11.36 4.60 38.34
CA ALA D 44 -11.03 5.54 37.27
C ALA D 44 -11.71 6.91 37.39
N HIS D 45 -12.96 6.93 37.81
CA HIS D 45 -13.68 8.20 37.93
C HIS D 45 -13.27 8.98 39.16
N LEU D 46 -13.34 8.36 40.34
CA LEU D 46 -13.03 9.08 41.56
C LEU D 46 -11.68 9.71 41.40
N GLU D 47 -10.77 9.00 40.75
CA GLU D 47 -9.45 9.54 40.49
C GLU D 47 -9.57 10.71 39.56
N LEU D 48 -10.35 10.56 38.51
CA LEU D 48 -10.56 11.73 37.64
C LEU D 48 -11.11 12.95 38.38
N ILE D 49 -11.93 12.78 39.42
CA ILE D 49 -12.55 13.92 40.13
C ILE D 49 -11.78 14.58 41.32
N GLU D 50 -11.04 13.83 42.12
CA GLU D 50 -10.30 14.33 43.28
C GLU D 50 -8.81 14.51 43.04
N THR D 51 -8.35 14.54 41.78
CA THR D 51 -6.98 14.96 41.52
C THR D 51 -6.93 16.47 41.38
N PRO D 52 -6.19 17.17 42.23
CA PRO D 52 -5.95 18.60 42.00
C PRO D 52 -5.15 18.79 40.72
N VAL D 53 -5.11 20.04 40.24
CA VAL D 53 -4.54 20.30 38.93
C VAL D 53 -3.07 19.91 38.88
N SER D 54 -2.22 20.55 39.69
CA SER D 54 -0.86 20.14 40.02
C SER D 54 -0.25 21.20 40.94
N ARG D 55 0.99 21.00 41.36
CA ARG D 55 1.72 22.05 42.06
C ARG D 55 2.45 22.99 41.09
N ARG D 56 2.59 22.62 39.83
CA ARG D 56 3.31 23.43 38.85
C ARG D 56 2.49 24.61 38.33
N PRO D 57 1.26 24.42 37.80
CA PRO D 57 0.53 25.59 37.29
C PRO D 57 0.22 26.64 38.34
N ARG D 58 -0.09 26.23 39.57
CA ARG D 58 -0.36 27.20 40.63
C ARG D 58 0.86 28.04 40.92
N LEU D 59 2.03 27.41 41.02
CA LEU D 59 3.26 28.15 41.31
C LEU D 59 3.66 29.04 40.13
N VAL D 60 3.42 28.58 38.90
CA VAL D 60 3.73 29.42 37.74
C VAL D 60 2.83 30.65 37.71
N ALA D 61 1.53 30.46 37.95
CA ALA D 61 0.59 31.58 37.96
C ALA D 61 0.93 32.55 39.09
N TYR D 62 1.28 32.02 40.26
CA TYR D 62 1.64 32.89 41.37
C TYR D 62 2.97 33.59 41.14
N PHE D 63 3.89 32.97 40.39
CA PHE D 63 5.13 33.64 40.04
C PHE D 63 4.86 34.81 39.10
N ILE D 64 3.96 34.61 38.13
CA ILE D 64 3.58 35.72 37.24
C ILE D 64 2.89 36.83 38.05
N MET D 65 2.03 36.44 38.99
CA MET D 65 1.43 37.37 39.94
C MET D 65 2.48 38.19 40.67
N GLY D 66 3.47 37.52 41.27
CA GLY D 66 4.47 38.22 42.04
C GLY D 66 5.32 39.13 41.18
N PHE D 67 5.62 38.70 39.96
CA PHE D 67 6.39 39.53 39.04
C PHE D 67 5.65 40.81 38.72
N LEU D 68 4.36 40.71 38.38
CA LEU D 68 3.58 41.91 38.11
C LEU D 68 3.48 42.81 39.34
N VAL D 69 3.27 42.19 40.52
CA VAL D 69 3.09 42.99 41.73
C VAL D 69 4.37 43.77 42.05
N ILE D 70 5.53 43.11 41.99
CA ILE D 70 6.77 43.81 42.31
C ILE D 70 7.10 44.83 41.24
N ALA D 71 6.73 44.55 39.98
CA ALA D 71 6.95 45.53 38.92
C ALA D 71 6.13 46.79 39.17
N VAL D 72 4.86 46.63 39.55
CA VAL D 72 4.01 47.79 39.82
C VAL D 72 4.52 48.56 41.03
N ILE D 73 4.92 47.85 42.09
CA ILE D 73 5.44 48.53 43.28
C ILE D 73 6.72 49.30 42.97
N LEU D 74 7.61 48.68 42.18
CA LEU D 74 8.85 49.35 41.79
C LEU D 74 8.57 50.57 40.92
N SER D 75 7.62 50.45 40.00
CA SER D 75 7.31 51.58 39.12
C SER D 75 6.67 52.73 39.88
N VAL D 76 5.78 52.43 40.84
CA VAL D 76 5.09 53.49 41.58
C VAL D 76 5.96 54.02 42.72
N LEU D 77 6.48 53.13 43.56
CA LEU D 77 7.39 53.54 44.63
C LEU D 77 8.83 53.25 44.24
N ASP E 8 4.02 -20.88 46.96
CA ASP E 8 4.21 -19.43 46.96
C ASP E 8 2.92 -18.74 47.40
N TYR E 9 3.04 -17.63 48.12
CA TYR E 9 1.87 -16.92 48.60
C TYR E 9 1.62 -15.73 47.73
N GLY E 10 2.67 -14.96 47.51
CA GLY E 10 2.47 -13.72 46.77
C GLY E 10 1.71 -13.92 45.48
N LEU E 11 1.93 -15.07 44.83
CA LEU E 11 1.20 -15.40 43.61
C LEU E 11 -0.29 -15.58 43.91
N TYR E 12 -0.62 -16.22 45.03
CA TYR E 12 -2.01 -16.39 45.40
C TYR E 12 -2.64 -15.03 45.70
N ALA E 13 -1.87 -14.12 46.31
CA ALA E 13 -2.35 -12.76 46.54
C ALA E 13 -2.63 -12.05 45.23
N LEU E 14 -1.76 -12.24 44.23
CA LEU E 14 -2.00 -11.68 42.91
C LEU E 14 -3.27 -12.25 42.30
N GLU E 15 -3.49 -13.56 42.46
CA GLU E 15 -4.71 -14.18 41.93
C GLU E 15 -5.96 -13.60 42.60
N ILE E 16 -5.90 -13.41 43.92
CA ILE E 16 -7.04 -12.84 44.65
C ILE E 16 -7.31 -11.41 44.20
N LEU E 17 -6.24 -10.62 44.01
CA LEU E 17 -6.39 -9.25 43.54
C LEU E 17 -7.00 -9.22 42.14
N ALA E 18 -6.55 -10.12 41.26
CA ALA E 18 -7.11 -10.20 39.92
C ALA E 18 -8.58 -10.58 39.96
N GLN E 19 -8.95 -11.52 40.82
CA GLN E 19 -10.36 -11.89 40.96
C GLN E 19 -11.18 -10.74 41.50
N TYR E 20 -10.62 -9.96 42.44
CA TYR E 20 -11.32 -8.80 42.97
C TYR E 20 -11.53 -7.75 41.89
N HIS E 21 -10.54 -7.56 41.02
CA HIS E 21 -10.69 -6.65 39.90
C HIS E 21 -11.31 -7.31 38.67
N ASN E 22 -11.72 -8.57 38.79
CA ASN E 22 -12.51 -9.29 37.77
C ASN E 22 -11.73 -9.44 36.47
N VAL E 23 -10.54 -10.03 36.57
CA VAL E 23 -9.76 -10.47 35.42
C VAL E 23 -9.27 -11.88 35.69
N SER E 24 -9.37 -12.75 34.68
CA SER E 24 -9.05 -14.16 34.86
C SER E 24 -7.55 -14.39 34.74
N VAL E 25 -6.99 -15.16 35.67
CA VAL E 25 -5.56 -15.44 35.71
C VAL E 25 -5.33 -16.91 36.02
N ASN E 26 -4.14 -17.40 35.68
CA ASN E 26 -3.69 -18.71 36.09
C ASN E 26 -2.43 -18.55 36.93
N PRO E 27 -2.43 -18.99 38.19
CA PRO E 27 -1.20 -18.84 39.00
C PRO E 27 0.01 -19.55 38.41
N GLU E 28 -0.17 -20.76 37.87
CA GLU E 28 0.97 -21.51 37.35
C GLU E 28 1.54 -20.87 36.08
N GLU E 29 0.69 -20.23 35.27
CA GLU E 29 1.18 -19.54 34.08
C GLU E 29 2.02 -18.33 34.45
N ILE E 30 1.59 -17.59 35.48
CA ILE E 30 2.39 -16.48 35.99
C ILE E 30 3.71 -16.98 36.57
N LYS E 31 3.67 -18.11 37.29
CA LYS E 31 4.88 -18.73 37.78
C LYS E 31 5.82 -19.13 36.64
N HIS E 32 5.27 -19.60 35.53
CA HIS E 32 6.07 -19.96 34.38
C HIS E 32 6.73 -18.74 33.74
N ARG E 33 5.96 -17.65 33.57
CA ARG E 33 6.47 -16.50 32.85
C ARG E 33 7.24 -15.51 33.71
N PHE E 34 7.24 -15.65 35.04
CA PHE E 34 7.91 -14.65 35.87
C PHE E 34 8.69 -15.23 37.03
N ASP E 35 8.80 -16.55 37.14
CA ASP E 35 9.61 -17.16 38.20
C ASP E 35 10.71 -18.01 37.57
N THR E 36 11.43 -17.42 36.60
CA THR E 36 12.43 -18.15 35.82
C THR E 36 13.47 -18.81 36.71
N ASP E 37 13.97 -18.07 37.71
CA ASP E 37 14.96 -18.61 38.63
C ASP E 37 14.34 -19.39 39.79
N GLY E 38 13.02 -19.48 39.85
CA GLY E 38 12.35 -20.21 40.91
C GLY E 38 12.44 -19.48 42.23
N THR E 39 12.27 -20.25 43.31
CA THR E 39 12.31 -19.76 44.68
C THR E 39 11.34 -18.59 44.89
N GLY E 40 10.12 -18.77 44.38
CA GLY E 40 9.10 -17.75 44.50
C GLY E 40 9.17 -16.71 43.41
N LEU E 41 8.24 -15.76 43.48
CA LEU E 41 8.15 -14.71 42.47
C LEU E 41 9.12 -13.58 42.77
N GLY E 42 8.94 -12.92 43.91
CA GLY E 42 9.68 -11.72 44.23
C GLY E 42 8.86 -10.47 43.97
N LEU E 43 9.50 -9.33 44.19
CA LEU E 43 8.83 -8.04 44.04
C LEU E 43 8.71 -7.63 42.58
N THR E 44 9.85 -7.56 41.88
CA THR E 44 9.84 -7.07 40.51
C THR E 44 9.11 -8.04 39.58
N SER E 45 9.19 -9.33 39.85
CA SER E 45 8.41 -10.30 39.07
C SER E 45 6.92 -10.10 39.28
N TRP E 46 6.52 -9.84 40.52
CA TRP E 46 5.12 -9.55 40.81
C TRP E 46 4.64 -8.31 40.06
N LEU E 47 5.48 -7.26 40.05
CA LEU E 47 5.08 -6.03 39.37
C LEU E 47 5.03 -6.23 37.86
N LEU E 48 5.97 -7.00 37.29
CA LEU E 48 5.90 -7.33 35.87
C LEU E 48 4.63 -8.10 35.55
N ALA E 49 4.26 -9.08 36.37
CA ALA E 49 3.04 -9.84 36.13
C ALA E 49 1.81 -8.95 36.20
N ALA E 50 1.75 -8.07 37.21
CA ALA E 50 0.60 -7.18 37.35
C ALA E 50 0.50 -6.20 36.18
N LYS E 51 1.64 -5.69 35.71
CA LYS E 51 1.62 -4.82 34.54
C LYS E 51 1.22 -5.58 33.28
N SER E 52 1.65 -6.83 33.14
CA SER E 52 1.25 -7.64 32.00
C SER E 52 -0.23 -7.99 32.04
N LEU E 53 -0.86 -7.99 33.21
CA LEU E 53 -2.28 -8.23 33.35
C LEU E 53 -3.12 -6.99 33.09
N GLU E 54 -2.49 -5.90 32.65
CA GLU E 54 -3.13 -4.58 32.53
C GLU E 54 -3.74 -4.19 33.88
N LEU E 55 -2.84 -3.99 34.84
CA LEU E 55 -3.23 -3.70 36.22
C LEU E 55 -2.11 -2.86 36.84
N LYS E 56 -2.34 -1.55 36.91
CA LYS E 56 -1.34 -0.64 37.45
C LYS E 56 -1.10 -0.92 38.93
N VAL E 57 0.18 -1.08 39.31
CA VAL E 57 0.57 -1.32 40.69
C VAL E 57 1.76 -0.43 41.01
N LYS E 58 1.92 -0.12 42.29
CA LYS E 58 3.06 0.67 42.73
C LYS E 58 3.42 0.32 44.16
N GLN E 59 4.71 0.08 44.40
CA GLN E 59 5.24 -0.21 45.72
C GLN E 59 5.66 1.11 46.36
N VAL E 60 4.87 1.59 47.32
CA VAL E 60 5.12 2.88 47.96
C VAL E 60 5.16 2.68 49.47
N LYS E 61 5.91 3.54 50.16
CA LYS E 61 5.95 3.51 51.60
C LYS E 61 4.79 4.35 52.16
N LYS E 62 4.05 3.79 53.10
CA LYS E 62 2.90 4.50 53.65
C LYS E 62 2.83 4.46 55.17
N THR E 63 2.48 5.58 55.76
CA THR E 63 2.36 5.69 57.20
C THR E 63 1.12 4.97 57.70
N ILE E 64 1.10 4.68 58.99
CA ILE E 64 -0.01 3.94 59.58
C ILE E 64 -1.32 4.71 59.47
N ASP E 65 -1.28 6.05 59.48
CA ASP E 65 -2.51 6.83 59.42
C ASP E 65 -2.97 7.08 57.99
N ARG E 66 -2.05 7.06 57.02
CA ARG E 66 -2.41 7.30 55.64
C ARG E 66 -3.11 6.12 54.98
N LEU E 67 -3.19 4.98 55.65
CA LEU E 67 -3.87 3.81 55.11
C LEU E 67 -5.38 3.95 55.09
N ASN E 68 -5.92 5.00 55.73
CA ASN E 68 -7.36 5.22 55.72
C ASN E 68 -7.85 5.94 54.47
N PHE E 69 -6.93 6.49 53.67
CA PHE E 69 -7.30 7.21 52.46
C PHE E 69 -6.94 6.46 51.18
N ILE E 70 -6.28 5.30 51.27
CA ILE E 70 -5.98 4.58 50.04
C ILE E 70 -7.20 3.77 49.64
N SER E 71 -7.33 3.42 48.36
CA SER E 71 -8.46 2.62 47.92
C SER E 71 -8.13 1.16 48.20
N LEU E 72 -9.10 0.34 48.59
CA LEU E 72 -8.76 -1.02 48.91
C LEU E 72 -9.23 -1.96 47.79
N PRO E 73 -8.66 -3.19 47.70
CA PRO E 73 -7.67 -3.90 48.54
C PRO E 73 -6.23 -3.47 48.31
N ALA E 74 -5.34 -3.87 49.21
CA ALA E 74 -3.92 -3.54 49.08
C ALA E 74 -3.09 -4.65 49.68
N LEU E 75 -2.26 -5.28 48.86
CA LEU E 75 -1.34 -6.31 49.35
C LEU E 75 -0.11 -5.65 49.95
N VAL E 76 0.29 -6.09 51.15
CA VAL E 76 1.50 -5.60 51.80
C VAL E 76 2.60 -6.62 51.58
N TRP E 77 3.79 -6.13 51.22
CA TRP E 77 4.93 -6.99 50.91
C TRP E 77 5.87 -6.99 52.12
N ARG E 78 5.92 -8.13 52.81
CA ARG E 78 6.83 -8.31 53.93
C ARG E 78 8.17 -8.83 53.42
N GLU E 79 9.25 -8.09 53.72
CA GLU E 79 10.58 -8.49 53.27
C GLU E 79 10.99 -9.80 53.92
N ASP E 80 10.80 -9.93 55.23
CA ASP E 80 11.37 -11.04 55.96
C ASP E 80 10.46 -12.27 56.04
N GLY E 81 9.21 -12.18 55.59
CA GLY E 81 8.31 -13.30 55.75
C GLY E 81 7.08 -13.30 54.86
N ARG E 82 5.98 -13.81 55.40
CA ARG E 82 4.77 -14.01 54.63
C ARG E 82 4.01 -12.70 54.44
N HIS E 83 3.15 -12.68 53.43
CA HIS E 83 2.40 -11.49 53.04
C HIS E 83 0.93 -11.62 53.45
N PHE E 84 0.23 -10.50 53.40
CA PHE E 84 -1.22 -10.48 53.59
C PHE E 84 -1.79 -9.29 52.83
N ILE E 85 -3.11 -9.28 52.70
CA ILE E 85 -3.83 -8.28 51.93
C ILE E 85 -4.79 -7.55 52.85
N LEU E 86 -4.60 -6.25 53.01
CA LEU E 86 -5.50 -5.44 53.82
C LEU E 86 -6.68 -5.01 52.96
N THR E 87 -7.87 -5.00 53.56
CA THR E 87 -9.08 -4.55 52.88
C THR E 87 -10.05 -4.06 53.95
N LYS E 88 -10.89 -3.10 53.58
CA LYS E 88 -11.96 -2.58 54.44
C LYS E 88 -11.39 -2.03 55.75
N VAL E 89 -10.62 -0.94 55.63
CA VAL E 89 -10.01 -0.32 56.79
C VAL E 89 -11.10 0.24 57.69
N SER E 90 -10.94 0.03 59.00
CA SER E 90 -11.93 0.45 60.00
C SER E 90 -11.38 1.63 60.78
N LYS E 91 -12.20 2.68 60.89
CA LYS E 91 -11.81 3.88 61.61
C LYS E 91 -12.38 3.87 63.03
N GLU E 92 -11.64 4.48 63.95
CA GLU E 92 -12.02 4.61 65.36
C GLU E 92 -12.22 3.26 66.04
N ALA E 93 -11.55 2.21 65.56
CA ALA E 93 -11.68 0.88 66.14
C ALA E 93 -10.34 0.18 66.34
N ASN E 94 -9.25 0.66 65.73
CA ASN E 94 -7.92 0.06 65.84
C ASN E 94 -7.92 -1.40 65.38
N ARG E 95 -8.76 -1.72 64.40
CA ARG E 95 -8.89 -3.07 63.86
C ARG E 95 -8.77 -3.03 62.35
N TYR E 96 -8.04 -3.99 61.79
CA TYR E 96 -7.81 -4.07 60.35
C TYR E 96 -8.18 -5.44 59.82
N LEU E 97 -8.97 -5.47 58.75
CA LEU E 97 -9.41 -6.71 58.13
C LEU E 97 -8.38 -7.12 57.09
N ILE E 98 -7.54 -8.10 57.44
CA ILE E 98 -6.49 -8.58 56.55
C ILE E 98 -6.77 -10.04 56.22
N PHE E 99 -6.65 -10.37 54.94
CA PHE E 99 -6.64 -11.76 54.50
C PHE E 99 -5.20 -12.25 54.53
N ASP E 100 -4.94 -13.27 55.34
CA ASP E 100 -3.63 -13.92 55.37
C ASP E 100 -3.53 -14.88 54.20
N LEU E 101 -2.37 -14.93 53.56
CA LEU E 101 -2.20 -15.83 52.42
C LEU E 101 -2.08 -17.29 52.85
N GLU E 102 -1.83 -17.54 54.13
CA GLU E 102 -2.09 -18.87 54.66
C GLU E 102 -3.58 -19.16 54.53
N GLN E 103 -3.92 -20.36 54.08
CA GLN E 103 -5.30 -20.64 53.70
C GLN E 103 -6.19 -20.70 54.93
N ARG E 104 -6.81 -19.57 55.27
CA ARG E 104 -7.68 -19.46 56.43
C ARG E 104 -8.63 -18.30 56.20
N ASN E 105 -9.42 -17.98 57.22
CA ASN E 105 -10.42 -16.93 57.13
C ASN E 105 -9.78 -15.55 57.18
N PRO E 106 -10.42 -14.54 56.57
CA PRO E 106 -9.95 -13.17 56.72
C PRO E 106 -10.09 -12.70 58.16
N ARG E 107 -8.98 -12.29 58.78
CA ARG E 107 -8.95 -12.02 60.20
C ARG E 107 -8.85 -10.52 60.46
N VAL E 108 -9.53 -10.08 61.52
CA VAL E 108 -9.40 -8.72 62.03
C VAL E 108 -8.27 -8.70 63.05
N LEU E 109 -7.26 -7.89 62.78
CA LEU E 109 -6.07 -7.81 63.61
C LEU E 109 -6.08 -6.48 64.38
N GLU E 110 -5.64 -6.53 65.63
CA GLU E 110 -5.64 -5.38 66.51
C GLU E 110 -4.40 -4.52 66.26
N GLN E 111 -4.45 -3.29 66.78
CA GLN E 111 -3.50 -2.25 66.39
C GLN E 111 -2.07 -2.61 66.76
N SER E 112 -1.86 -3.11 67.99
CA SER E 112 -0.50 -3.36 68.46
C SER E 112 0.19 -4.43 67.64
N GLU E 113 -0.50 -5.54 67.38
CA GLU E 113 0.08 -6.61 66.56
C GLU E 113 0.28 -6.16 65.11
N PHE E 114 -0.61 -5.33 64.57
CA PHE E 114 -0.41 -4.89 63.20
C PHE E 114 0.82 -4.00 63.10
N GLU E 115 0.94 -3.03 64.01
CA GLU E 115 2.14 -2.19 64.05
C GLU E 115 3.40 -3.02 64.35
N ALA E 116 3.23 -4.18 65.00
CA ALA E 116 4.34 -5.10 65.14
C ALA E 116 4.60 -5.88 63.86
N LEU E 117 3.57 -6.14 63.06
CA LEU E 117 3.67 -6.96 61.86
C LEU E 117 3.50 -6.15 60.58
N TYR E 118 4.09 -4.95 60.53
CA TYR E 118 4.00 -4.09 59.36
C TYR E 118 5.34 -3.37 59.19
N GLN E 119 5.99 -3.60 58.05
CA GLN E 119 7.31 -3.02 57.83
C GLN E 119 7.25 -1.54 57.49
N GLY E 120 6.14 -1.07 56.94
CA GLY E 120 6.00 0.32 56.55
C GLY E 120 5.81 0.55 55.06
N HIS E 121 5.84 -0.49 54.23
CA HIS E 121 5.62 -0.37 52.79
C HIS E 121 4.34 -1.08 52.41
N ILE E 122 3.82 -0.76 51.23
CA ILE E 122 2.59 -1.34 50.72
C ILE E 122 2.60 -1.28 49.21
N ILE E 123 1.71 -2.07 48.59
CA ILE E 123 1.52 -2.06 47.15
C ILE E 123 0.11 -1.58 46.86
N LEU E 124 -0.01 -0.53 46.06
CA LEU E 124 -1.29 0.01 45.65
C LEU E 124 -1.65 -0.50 44.26
N ILE E 125 -2.92 -0.81 44.06
CA ILE E 125 -3.42 -1.49 42.87
C ILE E 125 -4.61 -0.72 42.32
N ALA E 126 -4.58 -0.44 41.01
CA ALA E 126 -5.71 0.16 40.31
C ALA E 126 -5.73 -0.37 38.89
N SER E 127 -6.92 -0.38 38.28
CA SER E 127 -7.12 -0.92 36.94
C SER E 127 -7.63 0.20 36.03
N ARG E 128 -6.99 0.35 34.86
CA ARG E 128 -7.35 1.37 33.89
C ARG E 128 -7.81 0.68 32.61
N SER E 129 -9.12 0.46 32.48
CA SER E 129 -9.69 -0.24 31.34
C SER E 129 -10.68 0.68 30.64
N SER E 130 -10.18 1.47 29.69
CA SER E 130 -11.02 2.39 28.93
C SER E 130 -11.62 1.71 27.70
N LEU E 135 -1.47 -3.15 17.34
CA LEU E 135 -0.06 -3.45 17.14
C LEU E 135 0.53 -2.59 16.03
N ALA E 136 1.05 -1.42 16.42
CA ALA E 136 1.65 -0.52 15.45
C ALA E 136 2.96 -1.08 14.93
N LYS E 137 3.24 -0.81 13.64
CA LYS E 137 4.47 -1.29 13.03
C LYS E 137 5.68 -0.59 13.63
N PHE E 138 6.80 -1.31 13.67
CA PHE E 138 8.03 -0.77 14.24
C PHE E 138 8.70 0.12 13.21
N ASP E 139 8.61 1.44 13.43
CA ASP E 139 9.12 2.47 12.55
C ASP E 139 9.90 3.48 13.39
N PHE E 140 10.20 4.64 12.78
CA PHE E 140 10.69 5.77 13.56
C PHE E 140 9.70 6.16 14.65
N THR E 141 8.40 5.99 14.38
CA THR E 141 7.37 6.41 15.32
C THR E 141 7.45 5.66 16.64
N TRP E 142 8.03 4.46 16.64
CA TRP E 142 8.20 3.73 17.89
C TRP E 142 9.10 4.49 18.86
N PHE E 143 10.03 5.29 18.35
CA PHE E 143 10.88 6.09 19.22
C PHE E 143 10.14 7.29 19.79
N ILE E 144 8.97 7.64 19.24
CA ILE E 144 8.23 8.80 19.74
C ILE E 144 7.76 8.61 21.18
N PRO E 145 7.14 7.49 21.59
CA PRO E 145 6.88 7.31 23.03
C PRO E 145 8.15 7.29 23.86
N ALA E 146 9.24 6.74 23.32
CA ALA E 146 10.51 6.75 24.03
C ALA E 146 10.98 8.18 24.29
N ILE E 147 10.72 9.09 23.35
CA ILE E 147 10.95 10.51 23.60
C ILE E 147 10.02 11.00 24.71
N ILE E 148 8.74 10.60 24.66
CA ILE E 148 7.76 11.11 25.61
C ILE E 148 8.01 10.55 27.01
N LYS E 149 8.37 9.26 27.11
CA LYS E 149 8.59 8.65 28.42
C LYS E 149 9.77 9.30 29.14
N TYR E 150 10.86 9.54 28.42
CA TYR E 150 12.03 10.23 28.98
C TYR E 150 11.99 11.72 28.69
N ARG E 151 10.87 12.37 29.02
CA ARG E 151 10.69 13.78 28.68
C ARG E 151 11.48 14.70 29.60
N LYS E 152 11.58 14.36 30.89
CA LYS E 152 12.30 15.22 31.83
C LYS E 152 13.77 15.31 31.46
N ILE E 153 14.38 14.17 31.12
CA ILE E 153 15.81 14.15 30.79
C ILE E 153 16.06 14.94 29.50
N PHE E 154 15.17 14.79 28.52
CA PHE E 154 15.37 15.48 27.25
C PHE E 154 15.14 16.98 27.38
N ILE E 155 14.17 17.39 28.20
CA ILE E 155 13.97 18.81 28.48
C ILE E 155 15.20 19.39 29.19
N GLU E 156 15.73 18.64 30.16
CA GLU E 156 16.96 19.05 30.84
C GLU E 156 18.10 19.21 29.84
N THR E 157 18.25 18.26 28.92
CA THR E 157 19.31 18.33 27.92
C THR E 157 19.11 19.52 26.99
N LEU E 158 17.85 19.83 26.63
CA LEU E 158 17.58 21.01 25.82
C LEU E 158 17.98 22.29 26.55
N VAL E 159 17.68 22.38 27.84
CA VAL E 159 18.07 23.56 28.62
C VAL E 159 19.59 23.68 28.67
N VAL E 160 20.27 22.54 28.89
CA VAL E 160 21.73 22.56 28.94
C VAL E 160 22.32 22.99 27.60
N SER E 161 21.74 22.51 26.50
CA SER E 161 22.23 22.89 25.18
C SER E 161 21.99 24.38 24.91
N VAL E 162 20.86 24.91 25.36
CA VAL E 162 20.60 26.34 25.20
C VAL E 162 21.63 27.15 25.97
N PHE E 163 21.94 26.76 27.20
CA PHE E 163 22.95 27.48 27.98
C PHE E 163 24.34 27.30 27.38
N LEU E 164 24.60 26.14 26.77
CA LEU E 164 25.87 25.93 26.05
C LEU E 164 25.99 26.89 24.88
N GLN E 165 24.91 27.07 24.13
CA GLN E 165 24.90 28.03 23.03
C GLN E 165 25.07 29.45 23.55
N LEU E 166 24.51 29.74 24.72
CA LEU E 166 24.69 31.07 25.32
C LEU E 166 26.15 31.31 25.68
N PHE E 167 26.83 30.30 26.23
CA PHE E 167 28.26 30.44 26.52
C PHE E 167 29.07 30.61 25.25
N ALA E 168 28.77 29.82 24.21
CA ALA E 168 29.46 29.96 22.94
C ALA E 168 29.15 31.29 22.26
N LEU E 169 28.02 31.91 22.60
CA LEU E 169 27.71 33.25 22.11
C LEU E 169 28.45 34.33 22.90
N ILE E 170 28.63 34.12 24.20
CA ILE E 170 29.33 35.12 25.00
C ILE E 170 30.84 35.03 24.78
N THR E 171 31.32 33.94 24.19
CA THR E 171 32.75 33.84 23.90
C THR E 171 33.26 34.92 22.93
N PRO E 172 32.64 35.19 21.77
CA PRO E 172 33.21 36.18 20.85
C PRO E 172 32.86 37.64 21.14
N LEU E 173 31.93 37.92 22.06
CA LEU E 173 31.73 39.31 22.49
C LEU E 173 32.99 39.88 23.13
N PHE E 174 33.67 39.07 23.94
CA PHE E 174 34.95 39.49 24.49
C PHE E 174 35.98 39.71 23.40
N PHE E 175 35.95 38.88 22.35
CA PHE E 175 36.88 39.06 21.23
C PHE E 175 36.63 40.38 20.52
N GLN E 176 35.35 40.71 20.27
CA GLN E 176 35.00 41.97 19.64
C GLN E 176 35.38 43.15 20.52
N VAL E 177 35.22 43.01 21.84
CA VAL E 177 35.62 44.07 22.76
C VAL E 177 37.14 44.27 22.69
N VAL E 178 37.90 43.18 22.65
CA VAL E 178 39.35 43.29 22.66
C VAL E 178 39.84 43.91 21.34
N MET E 179 39.25 43.51 20.22
CA MET E 179 39.69 44.04 18.93
C MET E 179 39.03 45.36 18.57
N ASP E 180 38.11 45.84 19.41
CA ASP E 180 37.39 47.08 19.14
C ASP E 180 37.62 48.17 20.19
N LYS E 181 37.85 47.81 21.44
CA LYS E 181 37.97 48.82 22.49
C LYS E 181 39.23 48.66 23.33
N VAL E 182 39.89 47.51 23.27
CA VAL E 182 41.12 47.32 24.03
C VAL E 182 42.33 47.46 23.13
N LEU E 183 42.20 47.06 21.86
CA LEU E 183 43.33 47.14 20.94
C LEU E 183 43.58 48.57 20.47
N VAL E 184 42.56 49.42 20.50
CA VAL E 184 42.68 50.73 19.86
C VAL E 184 43.40 51.73 20.76
N HIS E 185 42.84 52.02 21.95
CA HIS E 185 43.43 53.08 22.77
C HIS E 185 44.59 52.56 23.61
N ARG E 186 44.30 51.72 24.59
CA ARG E 186 45.24 51.22 25.60
C ARG E 186 44.55 50.04 26.29
N GLY E 187 45.14 49.57 27.40
CA GLY E 187 44.43 48.67 28.29
C GLY E 187 45.23 47.51 28.84
N PHE E 188 45.27 47.40 30.17
CA PHE E 188 45.82 46.24 30.86
C PHE E 188 44.86 45.63 31.86
N SER E 189 44.11 46.45 32.61
CA SER E 189 43.18 45.91 33.59
C SER E 189 41.96 45.29 32.91
N THR E 190 41.41 45.97 31.91
CA THR E 190 40.29 45.41 31.16
C THR E 190 40.71 44.13 30.42
N LEU E 191 41.95 44.09 29.93
CA LEU E 191 42.46 42.88 29.29
C LEU E 191 42.49 41.72 30.28
N ASN E 192 42.96 41.97 31.50
CA ASN E 192 43.01 40.92 32.51
C ASN E 192 41.61 40.45 32.90
N VAL E 193 40.68 41.39 33.04
CA VAL E 193 39.30 41.03 33.39
C VAL E 193 38.68 40.17 32.29
N ILE E 194 38.85 40.57 31.04
CA ILE E 194 38.35 39.78 29.91
C ILE E 194 38.99 38.39 29.91
N THR E 195 40.30 38.32 30.14
CA THR E 195 40.98 37.03 30.09
C THR E 195 40.46 36.09 31.18
N VAL E 196 40.34 36.59 32.41
CA VAL E 196 39.92 35.70 33.50
C VAL E 196 38.44 35.31 33.36
N ALA E 197 37.58 36.26 32.94
CA ALA E 197 36.18 35.93 32.75
C ALA E 197 36.01 34.92 31.62
N LEU E 198 36.79 35.08 30.55
CA LEU E 198 36.72 34.15 29.42
C LEU E 198 37.22 32.76 29.80
N SER E 199 38.29 32.69 30.60
CA SER E 199 38.77 31.39 31.07
C SER E 199 37.71 30.70 31.92
N VAL E 200 37.08 31.45 32.82
CA VAL E 200 36.03 30.88 33.66
C VAL E 200 34.86 30.39 32.81
N VAL E 201 34.45 31.19 31.83
CA VAL E 201 33.26 30.84 31.06
C VAL E 201 33.54 29.66 30.15
N VAL E 202 34.77 29.54 29.61
CA VAL E 202 35.06 28.38 28.76
C VAL E 202 35.20 27.11 29.60
N VAL E 203 35.74 27.23 30.83
CA VAL E 203 35.78 26.08 31.72
C VAL E 203 34.37 25.59 32.04
N PHE E 204 33.48 26.53 32.36
CA PHE E 204 32.10 26.17 32.65
C PHE E 204 31.39 25.61 31.42
N GLU E 205 31.72 26.15 30.24
CA GLU E 205 31.18 25.63 28.98
C GLU E 205 31.58 24.18 28.76
N ILE E 206 32.86 23.87 28.97
CA ILE E 206 33.35 22.51 28.78
C ILE E 206 32.68 21.55 29.77
N ILE E 207 32.60 21.96 31.03
CA ILE E 207 31.95 21.12 32.05
C ILE E 207 30.48 20.89 31.69
N LEU E 208 29.80 21.95 31.26
CA LEU E 208 28.38 21.85 30.93
C LEU E 208 28.16 20.92 29.74
N SER E 209 29.00 21.04 28.71
CA SER E 209 28.88 20.15 27.55
C SER E 209 29.13 18.70 27.93
N GLY E 210 30.14 18.45 28.76
CA GLY E 210 30.41 17.10 29.21
C GLY E 210 29.25 16.50 29.98
N LEU E 211 28.67 17.28 30.90
CA LEU E 211 27.51 16.81 31.63
C LEU E 211 26.32 16.55 30.71
N ARG E 212 26.13 17.43 29.71
CA ARG E 212 25.04 17.24 28.76
C ARG E 212 25.16 15.91 28.02
N THR E 213 26.33 15.66 27.44
CA THR E 213 26.46 14.43 26.66
C THR E 213 26.48 13.20 27.55
N TYR E 214 26.96 13.31 28.80
CA TYR E 214 26.89 12.19 29.73
C TYR E 214 25.44 11.83 30.04
N ILE E 215 24.62 12.82 30.37
CA ILE E 215 23.22 12.57 30.71
C ILE E 215 22.47 12.02 29.51
N PHE E 216 22.71 12.61 28.32
CA PHE E 216 22.05 12.13 27.12
C PHE E 216 22.46 10.70 26.78
N ALA E 217 23.74 10.38 26.95
CA ALA E 217 24.21 9.02 26.70
C ALA E 217 23.55 8.04 27.65
N HIS E 218 23.40 8.41 28.93
CA HIS E 218 22.75 7.53 29.90
C HIS E 218 21.30 7.28 29.52
N SER E 219 20.56 8.34 29.18
CA SER E 219 19.15 8.18 28.83
C SER E 219 18.98 7.33 27.57
N THR E 220 19.80 7.59 26.55
CA THR E 220 19.69 6.83 25.31
C THR E 220 20.15 5.39 25.51
N SER E 221 21.08 5.16 26.44
CA SER E 221 21.46 3.81 26.82
C SER E 221 20.28 3.07 27.43
N ARG E 222 19.53 3.72 28.31
CA ARG E 222 18.32 3.11 28.86
C ARG E 222 17.32 2.78 27.75
N ILE E 223 17.15 3.70 26.79
CA ILE E 223 16.23 3.48 25.68
C ILE E 223 16.65 2.26 24.88
N ASP E 224 17.96 2.15 24.60
CA ASP E 224 18.46 1.01 23.84
C ASP E 224 18.27 -0.30 24.57
N VAL E 225 18.46 -0.30 25.90
CA VAL E 225 18.27 -1.52 26.67
C VAL E 225 16.81 -1.96 26.60
N GLU E 226 15.88 -1.01 26.73
CA GLU E 226 14.47 -1.35 26.58
C GLU E 226 14.17 -1.91 25.19
N LEU E 227 14.74 -1.30 24.15
CA LEU E 227 14.52 -1.77 22.79
C LEU E 227 15.06 -3.18 22.59
N GLY E 228 16.24 -3.46 23.14
CA GLY E 228 16.81 -4.80 23.01
C GLY E 228 15.99 -5.85 23.72
N ALA E 229 15.50 -5.53 24.93
CA ALA E 229 14.64 -6.46 25.64
C ALA E 229 13.37 -6.75 24.85
N LYS E 230 12.75 -5.70 24.30
CA LYS E 230 11.54 -5.90 23.50
C LYS E 230 11.82 -6.73 22.26
N LEU E 231 12.96 -6.47 21.60
CA LEU E 231 13.29 -7.21 20.38
C LEU E 231 13.48 -8.69 20.67
N PHE E 232 14.22 -9.03 21.73
CA PHE E 232 14.43 -10.43 22.04
C PHE E 232 13.14 -11.11 22.47
N ARG E 233 12.31 -10.41 23.25
CA ARG E 233 11.03 -10.97 23.69
C ARG E 233 10.14 -11.27 22.49
N HIS E 234 10.11 -10.37 21.50
CA HIS E 234 9.31 -10.63 20.31
C HIS E 234 9.93 -11.71 19.44
N LEU E 235 11.27 -11.80 19.43
CA LEU E 235 11.95 -12.77 18.59
C LEU E 235 11.70 -14.19 19.07
N LEU E 236 11.72 -14.41 20.38
CA LEU E 236 11.53 -15.76 20.90
C LEU E 236 10.09 -16.24 20.75
N ALA E 237 9.16 -15.32 20.50
CA ALA E 237 7.76 -15.70 20.31
C ALA E 237 7.39 -15.89 18.85
N LEU E 238 8.36 -15.81 17.95
CA LEU E 238 8.11 -15.96 16.52
C LEU E 238 7.96 -17.43 16.14
N PRO E 239 7.19 -17.72 15.08
CA PRO E 239 6.92 -19.13 14.74
C PRO E 239 8.15 -19.85 14.22
N ILE E 240 8.04 -21.18 14.16
CA ILE E 240 9.14 -22.01 13.67
C ILE E 240 9.37 -21.84 12.17
N SER E 241 8.30 -21.73 11.38
CA SER E 241 8.46 -21.53 9.94
C SER E 241 9.20 -20.22 9.64
N TYR E 242 9.09 -19.24 10.54
CA TYR E 242 9.89 -18.03 10.43
C TYR E 242 11.38 -18.34 10.40
N PHE E 243 11.86 -19.13 11.37
CA PHE E 243 13.28 -19.49 11.39
C PHE E 243 13.59 -20.47 10.26
N GLU E 244 12.59 -21.21 9.79
CA GLU E 244 12.82 -22.19 8.73
C GLU E 244 13.09 -21.51 7.39
N SER E 245 12.35 -20.44 7.09
CA SER E 245 12.52 -19.78 5.80
C SER E 245 13.83 -19.02 5.71
N ARG E 246 14.30 -18.50 6.82
CA ARG E 246 15.54 -17.77 6.83
C ARG E 246 16.72 -18.59 7.23
N ARG E 247 17.79 -17.92 7.58
CA ARG E 247 18.99 -18.57 8.06
C ARG E 247 19.40 -17.89 9.37
N VAL E 248 20.22 -18.59 10.15
CA VAL E 248 20.60 -18.10 11.48
C VAL E 248 21.43 -16.83 11.38
N GLY E 249 22.31 -16.73 10.39
CA GLY E 249 23.15 -15.56 10.26
C GLY E 249 22.37 -14.31 9.90
N ASP E 250 21.29 -14.46 9.14
CA ASP E 250 20.43 -13.32 8.82
C ASP E 250 19.86 -12.70 10.09
N THR E 251 19.31 -13.54 10.97
CA THR E 251 18.76 -13.03 12.23
C THR E 251 19.86 -12.47 13.13
N VAL E 252 21.05 -13.08 13.11
CA VAL E 252 22.16 -12.55 13.91
C VAL E 252 22.53 -11.15 13.45
N ALA E 253 22.60 -10.95 12.13
CA ALA E 253 22.90 -9.63 11.59
C ALA E 253 21.79 -8.63 11.90
N ARG E 254 20.54 -9.08 11.84
CA ARG E 254 19.41 -8.20 12.17
C ARG E 254 19.49 -7.75 13.63
N VAL E 255 19.85 -8.66 14.53
CA VAL E 255 19.97 -8.30 15.94
C VAL E 255 21.16 -7.36 16.16
N ARG E 256 22.29 -7.62 15.48
CA ARG E 256 23.44 -6.73 15.61
C ARG E 256 23.21 -5.38 14.96
N GLU E 257 22.18 -5.25 14.11
CA GLU E 257 21.79 -3.92 13.67
C GLU E 257 21.29 -3.06 14.84
N LEU E 258 20.79 -3.67 15.91
CA LEU E 258 20.50 -2.92 17.12
C LEU E 258 21.77 -2.42 17.78
N ASP E 259 22.85 -3.21 17.72
CA ASP E 259 24.15 -2.73 18.17
C ASP E 259 24.61 -1.55 17.33
N GLN E 260 24.35 -1.61 16.02
CA GLN E 260 24.61 -0.46 15.16
C GLN E 260 23.84 0.78 15.59
N ILE E 261 22.53 0.62 15.87
CA ILE E 261 21.71 1.73 16.32
C ILE E 261 22.26 2.32 17.61
N ARG E 262 22.65 1.46 18.55
CA ARG E 262 23.16 1.95 19.82
C ARG E 262 24.51 2.65 19.65
N ASN E 263 25.40 2.07 18.84
CA ASN E 263 26.73 2.65 18.63
C ASN E 263 26.60 4.03 18.01
N PHE E 264 25.61 4.20 17.12
CA PHE E 264 25.23 5.53 16.68
C PHE E 264 24.74 6.40 17.83
N LEU E 265 23.80 5.88 18.61
CA LEU E 265 22.92 6.74 19.40
C LEU E 265 23.66 7.41 20.55
N THR E 266 24.54 6.69 21.24
CA THR E 266 25.27 7.24 22.37
C THR E 266 26.63 7.82 21.94
N GLY E 267 26.61 8.69 20.94
CA GLY E 267 27.80 9.32 20.43
C GLY E 267 27.61 10.82 20.28
N GLN E 268 28.26 11.36 19.24
CA GLN E 268 28.18 12.78 18.91
C GLN E 268 27.09 13.08 17.88
N ALA E 269 26.01 12.29 17.87
CA ALA E 269 25.03 12.37 16.81
C ALA E 269 23.88 13.32 17.15
N LEU E 270 23.12 13.01 18.20
CA LEU E 270 21.96 13.84 18.53
C LEU E 270 22.35 15.13 19.23
N THR E 271 23.48 15.16 19.93
CA THR E 271 23.97 16.42 20.48
C THR E 271 24.30 17.40 19.38
N SER E 272 24.87 16.91 18.27
CA SER E 272 25.22 17.79 17.16
C SER E 272 23.97 18.39 16.52
N VAL E 273 22.93 17.58 16.29
CA VAL E 273 21.72 18.12 15.68
C VAL E 273 20.98 19.02 16.67
N LEU E 274 21.08 18.73 17.97
CA LEU E 274 20.50 19.64 18.96
C LEU E 274 21.20 20.99 18.95
N ASP E 275 22.52 20.99 18.80
CA ASP E 275 23.25 22.25 18.67
C ASP E 275 22.88 22.97 17.38
N LEU E 276 22.69 22.21 16.30
CA LEU E 276 22.33 22.82 15.02
C LEU E 276 20.95 23.48 15.08
N LEU E 277 19.98 22.82 15.72
CA LEU E 277 18.63 23.37 15.78
C LEU E 277 18.54 24.55 16.72
N PHE E 278 19.51 24.71 17.64
CA PHE E 278 19.56 25.84 18.55
C PHE E 278 20.53 26.92 18.08
N SER E 279 20.64 27.10 16.76
CA SER E 279 21.54 28.09 16.19
C SER E 279 20.87 29.44 15.93
N PHE E 280 19.56 29.56 16.20
CA PHE E 280 18.88 30.83 16.00
C PHE E 280 19.31 31.87 17.02
N ILE E 281 19.76 31.44 18.20
CA ILE E 281 20.32 32.37 19.17
C ILE E 281 21.55 33.07 18.61
N PHE E 282 22.40 32.30 17.93
CA PHE E 282 23.52 32.91 17.19
C PHE E 282 23.00 33.82 16.08
N PHE E 283 21.98 33.36 15.35
CA PHE E 283 21.49 34.08 14.18
C PHE E 283 20.96 35.46 14.53
N ALA E 284 20.28 35.58 15.67
CA ALA E 284 19.77 36.89 16.09
C ALA E 284 20.91 37.88 16.30
N VAL E 285 21.99 37.44 16.95
CA VAL E 285 23.11 38.32 17.23
C VAL E 285 23.84 38.69 15.94
N MET E 286 24.05 37.71 15.05
CA MET E 286 24.68 38.03 13.76
C MET E 286 23.83 38.99 12.94
N TRP E 287 22.50 38.82 12.96
CA TRP E 287 21.63 39.77 12.27
C TRP E 287 21.70 41.15 12.91
N TYR E 288 21.86 41.20 14.24
CA TYR E 288 21.99 42.49 14.91
C TYR E 288 23.28 43.20 14.51
N TYR E 289 24.39 42.46 14.35
CA TYR E 289 25.63 43.09 13.94
C TYR E 289 25.52 43.72 12.56
N SER E 290 24.97 42.99 11.60
CA SER E 290 24.88 43.49 10.23
C SER E 290 23.77 42.78 9.48
N PRO E 291 22.82 43.52 8.89
CA PRO E 291 21.74 42.86 8.14
C PRO E 291 22.21 42.17 6.88
N LYS E 292 23.03 42.83 6.07
CA LYS E 292 23.46 42.25 4.80
C LYS E 292 24.77 41.47 4.94
N LEU E 293 24.81 40.59 5.95
CA LEU E 293 25.84 39.57 6.03
C LEU E 293 25.30 38.24 6.53
N THR E 294 24.02 38.16 6.90
CA THR E 294 23.42 36.91 7.35
C THR E 294 22.50 36.29 6.31
N LEU E 295 22.14 37.05 5.26
CA LEU E 295 21.33 36.49 4.19
C LEU E 295 22.07 35.39 3.45
N VAL E 296 23.40 35.50 3.36
CA VAL E 296 24.18 34.46 2.69
C VAL E 296 24.09 33.15 3.46
N ILE E 297 24.17 33.21 4.80
CA ILE E 297 24.05 32.00 5.60
C ILE E 297 22.61 31.49 5.56
N LEU E 298 21.63 32.40 5.62
CA LEU E 298 20.22 32.03 5.59
C LEU E 298 19.82 31.48 4.23
N PHE E 299 20.62 31.71 3.19
CA PHE E 299 20.41 31.09 1.89
C PHE E 299 21.25 29.82 1.71
N SER E 300 22.39 29.71 2.40
CA SER E 300 23.19 28.50 2.33
C SER E 300 22.56 27.36 3.13
N LEU E 301 21.80 27.69 4.17
CA LEU E 301 21.09 26.63 4.91
C LEU E 301 20.10 25.86 4.03
N PRO E 302 19.26 26.50 3.21
CA PRO E 302 18.52 25.72 2.21
C PRO E 302 19.41 25.01 1.22
N CYS E 303 20.57 25.58 0.89
CA CYS E 303 21.52 24.87 0.02
C CYS E 303 22.06 23.63 0.72
N TYR E 304 22.35 23.74 2.03
CA TYR E 304 22.73 22.57 2.81
C TYR E 304 21.64 21.52 2.80
N ALA E 305 20.38 21.94 2.98
CA ALA E 305 19.27 21.00 2.97
C ALA E 305 19.11 20.33 1.61
N ALA E 306 19.28 21.11 0.53
CA ALA E 306 19.17 20.55 -0.81
C ALA E 306 20.28 19.54 -1.09
N TRP E 307 21.51 19.86 -0.69
CA TRP E 307 22.60 18.90 -0.86
C TRP E 307 22.35 17.64 -0.05
N SER E 308 21.85 17.80 1.18
CA SER E 308 21.57 16.64 2.03
C SER E 308 20.48 15.75 1.43
N VAL E 309 19.41 16.35 0.92
CA VAL E 309 18.32 15.54 0.39
C VAL E 309 18.71 14.97 -0.97
N PHE E 310 19.68 15.58 -1.65
CA PHE E 310 20.18 14.98 -2.88
C PHE E 310 21.07 13.77 -2.58
N ILE E 311 21.91 13.88 -1.55
CA ILE E 311 22.87 12.81 -1.25
C ILE E 311 22.26 11.68 -0.42
N SER E 312 21.16 11.93 0.30
CA SER E 312 20.61 10.92 1.20
C SER E 312 20.11 9.66 0.49
N PRO E 313 19.28 9.73 -0.57
CA PRO E 313 18.74 8.47 -1.11
C PRO E 313 19.80 7.57 -1.76
N ILE E 314 20.79 8.16 -2.42
CA ILE E 314 21.84 7.35 -3.04
C ILE E 314 22.67 6.65 -1.97
N LEU E 315 23.00 7.35 -0.89
CA LEU E 315 23.72 6.73 0.21
C LEU E 315 22.88 5.67 0.91
N ARG E 316 21.58 5.90 1.03
CA ARG E 316 20.68 4.88 1.58
C ARG E 316 20.67 3.63 0.70
N ARG E 317 20.71 3.79 -0.59
CA ARG E 317 20.69 2.64 -1.49
C ARG E 317 22.01 1.92 -1.48
N ARG E 318 23.10 2.65 -1.35
CA ARG E 318 24.40 2.02 -1.20
C ARG E 318 24.49 1.24 0.11
N LEU E 319 23.98 1.81 1.20
CA LEU E 319 24.08 1.14 2.49
C LEU E 319 23.12 -0.03 2.58
N ASP E 320 21.99 0.01 1.89
CA ASP E 320 21.12 -1.15 1.81
C ASP E 320 21.82 -2.30 1.09
N ASP E 321 22.50 -1.99 -0.03
CA ASP E 321 23.29 -3.02 -0.70
C ASP E 321 24.41 -3.55 0.19
N LYS E 322 25.08 -2.64 0.90
CA LYS E 322 26.17 -3.04 1.78
C LYS E 322 25.67 -3.93 2.91
N PHE E 323 24.51 -3.61 3.48
CA PHE E 323 23.96 -4.47 4.53
C PHE E 323 23.49 -5.81 3.98
N SER E 324 22.96 -5.84 2.75
CA SER E 324 22.62 -7.13 2.16
C SER E 324 23.86 -8.00 2.01
N ARG E 325 24.96 -7.41 1.53
CA ARG E 325 26.22 -8.15 1.44
C ARG E 325 26.71 -8.58 2.81
N ASN E 326 26.59 -7.71 3.81
CA ASN E 326 27.03 -8.04 5.16
C ASN E 326 26.22 -9.17 5.76
N ALA E 327 24.91 -9.16 5.54
CA ALA E 327 24.05 -10.23 6.05
C ALA E 327 24.35 -11.54 5.36
N ASP E 328 24.59 -11.51 4.04
CA ASP E 328 24.96 -12.74 3.34
C ASP E 328 26.28 -13.28 3.86
N ASN E 329 27.28 -12.40 4.07
CA ASN E 329 28.56 -12.83 4.61
C ASN E 329 28.40 -13.39 6.02
N GLN E 330 27.56 -12.75 6.85
CA GLN E 330 27.32 -13.22 8.20
C GLN E 330 26.68 -14.61 8.21
N SER E 331 25.66 -14.81 7.37
CA SER E 331 25.01 -16.11 7.29
C SER E 331 25.97 -17.18 6.81
N PHE E 332 26.77 -16.84 5.80
CA PHE E 332 27.77 -17.79 5.30
C PHE E 332 28.78 -18.16 6.37
N LEU E 333 29.28 -17.16 7.10
CA LEU E 333 30.28 -17.41 8.14
C LEU E 333 29.72 -18.27 9.26
N VAL E 334 28.50 -17.96 9.72
CA VAL E 334 27.91 -18.72 10.81
C VAL E 334 27.62 -20.15 10.38
N GLU E 335 27.13 -20.32 9.14
CA GLU E 335 26.88 -21.67 8.63
C GLU E 335 28.17 -22.46 8.51
N SER E 336 29.25 -21.82 8.07
CA SER E 336 30.53 -22.52 7.95
C SER E 336 31.08 -22.91 9.32
N VAL E 337 31.01 -22.00 10.30
CA VAL E 337 31.61 -22.28 11.60
C VAL E 337 30.79 -23.32 12.36
N THR E 338 29.45 -23.22 12.32
CA THR E 338 28.62 -24.11 13.12
C THR E 338 28.63 -25.55 12.59
N ALA E 339 29.10 -25.77 11.37
CA ALA E 339 29.22 -27.09 10.79
C ALA E 339 30.66 -27.37 10.39
N ILE E 340 31.60 -26.96 11.23
CA ILE E 340 33.02 -27.07 10.90
C ILE E 340 33.47 -28.52 10.86
N ASN E 341 32.74 -29.42 11.53
CA ASN E 341 33.13 -30.83 11.55
C ASN E 341 33.02 -31.44 10.16
N THR E 342 31.88 -31.24 9.49
CA THR E 342 31.72 -31.79 8.15
C THR E 342 32.50 -31.01 7.11
N ILE E 343 32.72 -29.71 7.34
CA ILE E 343 33.56 -28.93 6.44
C ILE E 343 34.99 -29.43 6.47
N LYS E 344 35.52 -29.72 7.66
CA LYS E 344 36.88 -30.23 7.77
C LYS E 344 36.97 -31.68 7.35
N ALA E 345 35.88 -32.45 7.55
CA ALA E 345 35.90 -33.87 7.24
C ALA E 345 36.13 -34.15 5.76
N MET E 346 35.65 -33.29 4.88
CA MET E 346 35.91 -33.38 3.46
C MET E 346 36.80 -32.22 3.02
N ALA E 347 37.04 -32.14 1.72
CA ALA E 347 37.96 -31.16 1.14
C ALA E 347 37.22 -30.08 0.37
N VAL E 348 36.09 -29.61 0.91
CA VAL E 348 35.37 -28.50 0.31
C VAL E 348 36.01 -27.16 0.64
N SER E 349 37.03 -27.16 1.51
CA SER E 349 37.65 -25.91 1.94
C SER E 349 38.19 -25.01 0.83
N PRO E 350 38.80 -25.52 -0.28
CA PRO E 350 39.16 -24.60 -1.37
C PRO E 350 37.95 -23.89 -1.97
N GLN E 351 36.89 -24.65 -2.26
CA GLN E 351 35.66 -24.07 -2.79
C GLN E 351 35.04 -23.12 -1.78
N MET E 352 35.14 -23.48 -0.50
CA MET E 352 34.49 -22.73 0.57
C MET E 352 35.19 -21.37 0.68
N THR E 353 36.52 -21.39 0.63
CA THR E 353 37.30 -20.16 0.64
C THR E 353 37.07 -19.34 -0.63
N ASN E 354 36.83 -20.02 -1.76
CA ASN E 354 36.54 -19.30 -2.99
C ASN E 354 35.24 -18.50 -2.89
N ILE E 355 34.19 -19.13 -2.36
CA ILE E 355 32.92 -18.40 -2.22
C ILE E 355 33.06 -17.33 -1.14
N TRP E 356 33.88 -17.58 -0.12
CA TRP E 356 34.18 -16.53 0.85
C TRP E 356 34.85 -15.33 0.19
N ASP E 357 35.81 -15.60 -0.69
CA ASP E 357 36.51 -14.52 -1.38
C ASP E 357 35.57 -13.73 -2.26
N LYS E 358 34.66 -14.43 -2.94
CA LYS E 358 33.63 -13.76 -3.74
C LYS E 358 32.80 -12.82 -2.88
N GLN E 359 32.26 -13.34 -1.77
CA GLN E 359 31.42 -12.53 -0.90
C GLN E 359 32.18 -11.37 -0.28
N LEU E 360 33.43 -11.62 0.14
CA LEU E 360 34.23 -10.58 0.78
C LEU E 360 34.58 -9.47 -0.21
N ALA E 361 34.93 -9.83 -1.44
CA ALA E 361 35.21 -8.82 -2.45
C ALA E 361 33.98 -7.99 -2.77
N GLY E 362 32.82 -8.65 -2.85
CA GLY E 362 31.58 -7.90 -3.04
C GLY E 362 31.30 -6.94 -1.89
N TYR E 363 31.53 -7.40 -0.66
CA TYR E 363 31.28 -6.55 0.51
C TYR E 363 32.25 -5.37 0.55
N VAL E 364 33.52 -5.60 0.22
CA VAL E 364 34.49 -4.51 0.21
C VAL E 364 34.18 -3.52 -0.90
N ALA E 365 33.74 -4.02 -2.05
CA ALA E 365 33.34 -3.12 -3.14
C ALA E 365 32.15 -2.26 -2.72
N ALA E 366 31.18 -2.86 -2.04
CA ALA E 366 30.03 -2.11 -1.54
C ALA E 366 30.46 -1.06 -0.54
N GLY E 367 31.36 -1.41 0.38
CA GLY E 367 31.83 -0.45 1.37
C GLY E 367 32.60 0.70 0.74
N PHE E 368 33.44 0.40 -0.25
CA PHE E 368 34.18 1.45 -0.94
C PHE E 368 33.24 2.36 -1.72
N LYS E 369 32.24 1.77 -2.38
CA LYS E 369 31.23 2.56 -3.09
C LYS E 369 30.40 3.41 -2.14
N VAL E 370 30.21 2.96 -0.90
CA VAL E 370 29.58 3.78 0.12
C VAL E 370 30.47 4.95 0.53
N THR E 371 31.75 4.68 0.78
CA THR E 371 32.61 5.70 1.37
C THR E 371 33.01 6.77 0.35
N VAL E 372 33.04 6.41 -0.95
CA VAL E 372 33.34 7.43 -1.95
C VAL E 372 32.19 8.42 -2.07
N LEU E 373 30.95 7.92 -2.02
CA LEU E 373 29.80 8.81 -2.01
C LEU E 373 29.75 9.62 -0.73
N ALA E 374 30.14 9.02 0.39
CA ALA E 374 30.19 9.74 1.66
C ALA E 374 31.16 10.91 1.59
N THR E 375 32.35 10.69 1.03
CA THR E 375 33.32 11.78 0.96
C THR E 375 32.95 12.79 -0.11
N ILE E 376 32.22 12.38 -1.15
CA ILE E 376 31.68 13.34 -2.10
C ILE E 376 30.68 14.26 -1.42
N GLY E 377 29.79 13.68 -0.61
CA GLY E 377 28.87 14.47 0.18
C GLY E 377 29.54 15.39 1.19
N GLN E 378 30.61 14.92 1.84
CA GLN E 378 31.39 15.76 2.73
C GLN E 378 32.06 16.93 2.00
N GLN E 379 32.63 16.67 0.82
CA GLN E 379 33.28 17.72 0.05
C GLN E 379 32.26 18.73 -0.45
N GLY E 380 31.03 18.27 -0.73
CA GLY E 380 29.98 19.21 -1.10
C GLY E 380 29.65 20.19 0.02
N ILE E 381 29.52 19.67 1.24
CA ILE E 381 29.27 20.52 2.39
C ILE E 381 30.44 21.47 2.62
N GLN E 382 31.66 20.97 2.43
CA GLN E 382 32.84 21.82 2.56
C GLN E 382 32.83 22.94 1.54
N LEU E 383 32.42 22.64 0.30
CA LEU E 383 32.33 23.65 -0.74
C LEU E 383 31.29 24.71 -0.42
N ILE E 384 30.13 24.27 0.08
CA ILE E 384 29.09 25.22 0.46
C ILE E 384 29.55 26.10 1.61
N GLN E 385 30.29 25.55 2.56
CA GLN E 385 30.88 26.37 3.62
C GLN E 385 31.88 27.37 3.08
N LYS E 386 32.76 26.92 2.18
CA LYS E 386 33.89 27.76 1.77
C LYS E 386 33.47 28.89 0.85
N THR E 387 32.51 28.64 -0.04
CA THR E 387 32.02 29.72 -0.89
C THR E 387 31.35 30.81 -0.07
N VAL E 388 30.55 30.41 0.91
CA VAL E 388 29.92 31.38 1.82
C VAL E 388 30.99 32.10 2.62
N MET E 389 32.05 31.41 3.02
CA MET E 389 33.14 32.04 3.74
C MET E 389 33.82 33.13 2.89
N ILE E 390 34.10 32.83 1.63
CA ILE E 390 34.82 33.79 0.80
C ILE E 390 33.92 34.98 0.46
N ILE E 391 32.63 34.74 0.22
CA ILE E 391 31.76 35.88 -0.06
C ILE E 391 31.50 36.69 1.21
N ASN E 392 31.55 36.04 2.38
CA ASN E 392 31.54 36.78 3.64
C ASN E 392 32.77 37.66 3.77
N LEU E 393 33.94 37.14 3.40
CA LEU E 393 35.15 37.98 3.39
C LEU E 393 34.98 39.18 2.48
N TRP E 394 34.44 38.95 1.28
CA TRP E 394 34.26 40.03 0.30
C TRP E 394 33.33 41.11 0.84
N LEU E 395 32.14 40.70 1.31
CA LEU E 395 31.16 41.67 1.78
C LEU E 395 31.59 42.33 3.09
N GLY E 396 32.26 41.59 3.97
CA GLY E 396 32.75 42.19 5.20
C GLY E 396 33.85 43.20 4.95
N ALA E 397 34.72 42.92 3.98
CA ALA E 397 35.73 43.89 3.59
C ALA E 397 35.08 45.16 3.05
N HIS E 398 34.04 45.01 2.21
CA HIS E 398 33.30 46.19 1.76
C HIS E 398 32.69 46.95 2.92
N LEU E 399 32.08 46.23 3.86
CA LEU E 399 31.37 46.87 4.97
C LEU E 399 32.31 47.47 6.02
N VAL E 400 33.57 47.07 6.05
CA VAL E 400 34.52 47.64 7.00
C VAL E 400 35.36 48.75 6.36
N ILE E 401 35.51 48.74 5.03
CA ILE E 401 36.17 49.88 4.37
C ILE E 401 35.22 51.03 4.11
N SER E 402 33.90 50.80 4.22
CA SER E 402 32.91 51.85 3.99
C SER E 402 32.38 52.43 5.29
N GLY E 403 31.82 51.59 6.15
CA GLY E 403 31.28 52.04 7.41
C GLY E 403 30.18 51.09 7.89
N ASP E 404 29.65 51.41 9.06
CA ASP E 404 28.61 50.65 9.77
C ASP E 404 29.08 49.27 10.20
N LEU E 405 30.39 49.02 10.21
CA LEU E 405 30.93 47.73 10.62
C LEU E 405 32.42 47.91 10.91
N SER E 406 32.86 47.40 12.05
CA SER E 406 34.23 47.53 12.52
C SER E 406 34.97 46.21 12.34
N ILE E 407 36.30 46.28 12.51
CA ILE E 407 37.15 45.13 12.28
C ILE E 407 36.87 44.02 13.30
N GLY E 408 36.70 44.40 14.56
CA GLY E 408 36.37 43.40 15.58
C GLY E 408 35.01 42.78 15.35
N GLN E 409 34.05 43.57 14.84
CA GLN E 409 32.75 43.03 14.48
C GLN E 409 32.88 42.00 13.35
N LEU E 410 33.75 42.28 12.38
CA LEU E 410 33.98 41.32 11.31
C LEU E 410 34.61 40.03 11.84
N ILE E 411 35.57 40.14 12.75
CA ILE E 411 36.21 38.95 13.33
C ILE E 411 35.18 38.13 14.09
N ALA E 412 34.36 38.79 14.91
CA ALA E 412 33.32 38.09 15.67
C ALA E 412 32.31 37.43 14.75
N PHE E 413 31.92 38.12 13.67
CA PHE E 413 30.99 37.55 12.71
C PHE E 413 31.58 36.30 12.04
N ASN E 414 32.86 36.36 11.65
CA ASN E 414 33.49 35.21 11.02
C ASN E 414 33.54 34.01 11.96
N MET E 415 33.89 34.24 13.23
CA MET E 415 33.95 33.10 14.14
C MET E 415 32.56 32.59 14.51
N LEU E 416 31.56 33.50 14.55
CA LEU E 416 30.19 33.05 14.74
C LEU E 416 29.73 32.16 13.59
N ALA E 417 30.07 32.53 12.36
CA ALA E 417 29.75 31.69 11.21
C ALA E 417 30.45 30.34 11.29
N GLY E 418 31.71 30.35 11.72
CA GLY E 418 32.43 29.08 11.89
C GLY E 418 31.79 28.18 12.93
N GLN E 419 31.36 28.76 14.06
CA GLN E 419 30.70 27.98 15.10
C GLN E 419 29.31 27.54 14.66
N ILE E 420 28.70 28.28 13.74
CA ILE E 420 27.46 27.81 13.11
C ILE E 420 27.71 26.57 12.26
N VAL E 421 28.77 26.61 11.45
CA VAL E 421 28.94 25.56 10.45
C VAL E 421 29.64 24.32 11.00
N ALA E 422 30.31 24.42 12.16
CA ALA E 422 30.92 23.23 12.74
C ALA E 422 29.94 22.11 13.04
N PRO E 423 28.75 22.35 13.62
CA PRO E 423 27.76 21.26 13.67
C PRO E 423 27.38 20.71 12.31
N VAL E 424 27.31 21.56 11.29
CA VAL E 424 26.97 21.09 9.95
C VAL E 424 28.03 20.14 9.42
N ILE E 425 29.31 20.47 9.62
CA ILE E 425 30.36 19.58 9.14
C ILE E 425 30.39 18.29 9.96
N ARG E 426 30.04 18.35 11.26
CA ARG E 426 29.95 17.11 12.03
C ARG E 426 28.83 16.21 11.51
N LEU E 427 27.67 16.81 11.20
CA LEU E 427 26.59 16.06 10.55
C LEU E 427 27.06 15.44 9.24
N ALA E 428 27.82 16.20 8.45
CA ALA E 428 28.34 15.66 7.19
C ALA E 428 29.28 14.49 7.43
N GLN E 429 30.07 14.53 8.50
CA GLN E 429 30.98 13.44 8.80
C GLN E 429 30.25 12.17 9.26
N ILE E 430 29.15 12.30 9.98
CA ILE E 430 28.47 11.10 10.48
C ILE E 430 27.20 10.80 9.69
N TRP E 431 27.08 11.41 8.50
CA TRP E 431 25.98 11.08 7.59
C TRP E 431 25.92 9.59 7.27
N GLN E 432 27.08 8.93 7.20
CA GLN E 432 27.10 7.49 6.96
C GLN E 432 26.36 6.74 8.06
N ASP E 433 26.62 7.11 9.31
CA ASP E 433 25.93 6.47 10.42
C ASP E 433 24.46 6.84 10.48
N PHE E 434 24.11 8.08 10.08
CA PHE E 434 22.69 8.43 9.95
C PHE E 434 21.98 7.49 8.98
N GLN E 435 22.54 7.28 7.79
CA GLN E 435 21.90 6.38 6.83
C GLN E 435 21.94 4.93 7.31
N GLN E 436 22.99 4.56 8.04
CA GLN E 436 23.05 3.21 8.61
C GLN E 436 21.91 2.98 9.59
N VAL E 437 21.60 3.96 10.42
CA VAL E 437 20.46 3.84 11.32
C VAL E 437 19.15 3.85 10.52
N GLY E 438 19.10 4.65 9.45
CA GLY E 438 17.91 4.68 8.62
C GLY E 438 17.56 3.33 8.04
N ILE E 439 18.57 2.55 7.65
CA ILE E 439 18.29 1.19 7.18
C ILE E 439 18.19 0.18 8.34
N SER E 440 18.86 0.46 9.47
CA SER E 440 18.88 -0.49 10.58
C SER E 440 17.52 -0.55 11.28
N VAL E 441 16.88 0.61 11.47
CA VAL E 441 15.54 0.62 12.06
C VAL E 441 14.56 -0.09 11.14
N THR E 442 14.74 0.06 9.83
CA THR E 442 13.91 -0.66 8.87
C THR E 442 14.08 -2.16 9.00
N ARG E 443 15.32 -2.62 9.16
CA ARG E 443 15.54 -4.07 9.31
C ARG E 443 15.00 -4.59 10.64
N LEU E 444 15.16 -3.82 11.72
CA LEU E 444 14.57 -4.20 13.00
C LEU E 444 13.05 -4.28 12.89
N GLY E 445 12.43 -3.35 12.14
CA GLY E 445 11.01 -3.45 11.89
C GLY E 445 10.64 -4.68 11.09
N ASP E 446 11.44 -5.00 10.07
CA ASP E 446 11.22 -6.20 9.27
C ASP E 446 11.23 -7.45 10.14
N VAL E 447 12.10 -7.48 11.15
CA VAL E 447 12.08 -8.58 12.11
C VAL E 447 10.84 -8.50 12.99
N LEU E 448 10.51 -7.31 13.47
CA LEU E 448 9.45 -7.14 14.46
C LEU E 448 8.05 -7.16 13.86
N ASN E 449 7.87 -6.72 12.61
CA ASN E 449 6.56 -6.66 12.01
C ASN E 449 6.05 -8.02 11.55
N SER E 450 6.89 -9.03 11.53
CA SER E 450 6.44 -10.37 11.16
C SER E 450 5.48 -10.90 12.22
N PRO E 451 4.43 -11.62 11.81
CA PRO E 451 3.45 -12.14 12.78
C PRO E 451 4.11 -13.13 13.74
N THR E 452 3.65 -13.11 14.99
CA THR E 452 4.20 -13.95 16.03
C THR E 452 3.28 -15.13 16.32
N GLU E 453 3.69 -15.97 17.26
CA GLU E 453 2.88 -17.09 17.73
C GLU E 453 1.97 -16.66 18.87
N SER E 454 1.19 -15.61 18.61
CA SER E 454 0.35 -15.01 19.65
C SER E 454 -0.81 -15.92 20.01
N TYR E 455 -1.27 -15.80 21.25
CA TYR E 455 -2.43 -16.52 21.75
C TYR E 455 -3.47 -15.54 22.24
N HIS E 456 -4.73 -15.97 22.26
CA HIS E 456 -5.81 -15.12 22.72
C HIS E 456 -5.65 -14.80 24.21
N GLY E 457 -5.80 -13.54 24.56
CA GLY E 457 -5.67 -13.11 25.94
C GLY E 457 -6.95 -13.24 26.74
N LYS E 458 -7.64 -14.37 26.57
CA LYS E 458 -8.88 -14.64 27.25
C LYS E 458 -8.59 -15.35 28.58
N LEU E 459 -9.63 -15.93 29.17
CA LEU E 459 -9.48 -16.67 30.42
C LEU E 459 -8.53 -17.84 30.23
N ALA E 460 -7.63 -18.02 31.19
CA ALA E 460 -6.60 -19.05 31.07
C ALA E 460 -7.19 -20.45 31.20
N LEU E 461 -6.47 -21.43 30.68
CA LEU E 461 -6.97 -22.79 30.60
C LEU E 461 -6.43 -23.65 31.74
N PRO E 462 -7.20 -24.62 32.22
CA PRO E 462 -6.75 -25.45 33.34
C PRO E 462 -5.71 -26.46 32.91
N GLU E 463 -5.36 -27.34 33.86
CA GLU E 463 -4.36 -28.36 33.61
C GLU E 463 -4.88 -29.39 32.60
N ILE E 464 -3.94 -30.13 32.00
CA ILE E 464 -4.22 -30.99 30.87
C ILE E 464 -4.33 -32.43 31.33
N ASN E 465 -5.39 -33.11 30.91
CA ASN E 465 -5.44 -34.56 30.86
C ASN E 465 -5.15 -34.98 29.43
N GLY E 466 -4.47 -36.11 29.27
CA GLY E 466 -3.96 -36.49 27.96
C GLY E 466 -5.01 -36.94 26.98
N ASN E 467 -5.92 -36.04 26.59
CA ASN E 467 -6.96 -36.33 25.61
C ASN E 467 -6.60 -35.60 24.33
N ILE E 468 -5.90 -36.30 23.44
CA ILE E 468 -5.45 -35.72 22.19
C ILE E 468 -6.35 -36.19 21.07
N THR E 469 -7.01 -35.26 20.39
CA THR E 469 -7.88 -35.62 19.27
C THR E 469 -7.42 -34.89 18.02
N PHE E 470 -6.99 -35.63 17.03
CA PHE E 470 -6.74 -35.12 15.68
C PHE E 470 -8.01 -35.37 14.89
N ARG E 471 -8.57 -34.32 14.31
CA ARG E 471 -9.83 -34.40 13.57
C ARG E 471 -9.62 -33.81 12.18
N ASN E 472 -9.75 -34.68 11.18
CA ASN E 472 -9.82 -34.31 9.77
C ASN E 472 -8.60 -33.51 9.33
N ILE E 473 -7.44 -33.95 9.82
CA ILE E 473 -6.21 -33.16 9.70
C ILE E 473 -5.65 -33.25 8.29
N ARG E 474 -5.43 -32.09 7.68
CA ARG E 474 -4.71 -31.97 6.41
C ARG E 474 -3.65 -30.89 6.55
N PHE E 475 -2.38 -31.29 6.56
CA PHE E 475 -1.27 -30.38 6.81
C PHE E 475 -0.22 -30.47 5.72
N ARG E 476 0.29 -29.31 5.30
CA ARG E 476 1.43 -29.20 4.41
C ARG E 476 2.35 -28.11 4.93
N TYR E 477 3.67 -28.31 4.75
CA TYR E 477 4.65 -27.37 5.30
C TYR E 477 4.61 -26.03 4.58
N LYS E 478 4.64 -26.06 3.25
CA LYS E 478 4.58 -24.87 2.44
C LYS E 478 3.25 -24.78 1.73
N PRO E 479 2.82 -23.57 1.34
CA PRO E 479 1.57 -23.46 0.57
C PRO E 479 1.59 -24.24 -0.74
N ASP E 480 2.74 -24.33 -1.39
CA ASP E 480 2.88 -25.13 -2.60
C ASP E 480 3.37 -26.55 -2.35
N SER E 481 3.71 -26.88 -1.11
CA SER E 481 4.27 -28.19 -0.80
C SER E 481 3.21 -29.29 -0.99
N PRO E 482 3.64 -30.51 -1.33
CA PRO E 482 2.69 -31.62 -1.39
C PRO E 482 2.09 -31.91 -0.02
N VAL E 483 0.87 -32.43 -0.03
CA VAL E 483 0.15 -32.71 1.22
C VAL E 483 0.89 -33.79 2.01
N ILE E 484 1.21 -33.49 3.26
CA ILE E 484 1.94 -34.43 4.10
C ILE E 484 1.00 -35.35 4.87
N LEU E 485 -0.01 -34.77 5.52
CA LEU E 485 -1.01 -35.52 6.25
C LEU E 485 -2.34 -35.40 5.51
N ASP E 486 -2.90 -36.53 5.11
CA ASP E 486 -4.12 -36.49 4.28
C ASP E 486 -5.37 -36.37 5.13
N ASN E 487 -5.68 -37.40 5.91
CA ASN E 487 -6.94 -37.48 6.66
C ASN E 487 -6.71 -38.05 8.05
N ILE E 488 -5.70 -37.53 8.74
CA ILE E 488 -5.35 -38.05 10.06
C ILE E 488 -6.47 -37.75 11.04
N ASN E 489 -7.20 -38.79 11.46
CA ASN E 489 -8.20 -38.72 12.52
C ASN E 489 -7.81 -39.74 13.58
N LEU E 490 -7.64 -39.28 14.82
CA LEU E 490 -7.07 -40.14 15.85
C LEU E 490 -7.44 -39.62 17.24
N SER E 491 -7.57 -40.56 18.18
CA SER E 491 -7.93 -40.23 19.56
C SER E 491 -6.96 -40.93 20.51
N ILE E 492 -6.45 -40.19 21.48
CA ILE E 492 -5.56 -40.70 22.51
C ILE E 492 -6.12 -40.30 23.87
N LYS E 493 -6.23 -41.27 24.78
CA LYS E 493 -6.74 -41.05 26.12
C LYS E 493 -5.58 -41.01 27.11
N GLN E 494 -5.92 -40.72 28.37
CA GLN E 494 -4.90 -40.56 29.40
C GLN E 494 -4.25 -41.90 29.73
N GLY E 495 -2.96 -41.84 30.06
CA GLY E 495 -2.22 -43.03 30.43
C GLY E 495 -2.08 -44.05 29.33
N GLU E 496 -2.18 -43.63 28.08
CA GLU E 496 -2.16 -44.53 26.93
C GLU E 496 -0.79 -44.44 26.26
N VAL E 497 -0.01 -45.51 26.35
CA VAL E 497 1.33 -45.54 25.77
C VAL E 497 1.22 -45.84 24.29
N ILE E 498 1.10 -44.80 23.47
CA ILE E 498 0.95 -44.95 22.04
C ILE E 498 2.33 -45.03 21.40
N GLY E 499 2.47 -45.91 20.39
CA GLY E 499 3.67 -45.96 19.59
C GLY E 499 3.32 -45.70 18.13
N ILE E 500 4.21 -45.00 17.45
CA ILE E 500 4.02 -44.65 16.04
C ILE E 500 5.19 -45.18 15.24
N VAL E 501 4.89 -45.88 14.14
CA VAL E 501 5.92 -46.47 13.30
C VAL E 501 5.53 -46.23 11.84
N GLY E 502 6.54 -46.27 10.97
CA GLY E 502 6.31 -46.09 9.55
C GLY E 502 7.65 -46.04 8.82
N ARG E 503 7.57 -45.81 7.52
CA ARG E 503 8.78 -45.67 6.73
C ARG E 503 9.47 -44.34 7.01
N SER E 504 10.74 -44.24 6.62
CA SER E 504 11.49 -43.01 6.79
C SER E 504 10.93 -41.92 5.88
N GLY E 505 10.39 -40.87 6.49
CA GLY E 505 9.75 -39.81 5.75
C GLY E 505 8.24 -39.92 5.64
N SER E 506 7.62 -40.83 6.40
CA SER E 506 6.18 -41.00 6.34
C SER E 506 5.42 -39.78 6.87
N GLY E 507 5.92 -39.14 7.92
CA GLY E 507 5.26 -37.96 8.46
C GLY E 507 4.90 -38.08 9.93
N LYS E 508 5.61 -38.94 10.67
CA LYS E 508 5.37 -39.07 12.10
C LYS E 508 5.96 -37.91 12.87
N SER E 509 7.11 -37.39 12.42
CA SER E 509 7.65 -36.18 13.03
C SER E 509 6.74 -34.99 12.83
N THR E 510 5.95 -35.00 11.76
CA THR E 510 4.93 -33.96 11.58
C THR E 510 3.84 -34.10 12.64
N LEU E 511 3.48 -35.33 13.00
CA LEU E 511 2.55 -35.52 14.11
C LEU E 511 3.14 -35.01 15.42
N THR E 512 4.43 -35.27 15.65
CA THR E 512 5.08 -34.72 16.84
C THR E 512 5.06 -33.20 16.84
N LYS E 513 5.33 -32.59 15.69
CA LYS E 513 5.34 -31.13 15.58
C LYS E 513 3.93 -30.54 15.51
N LEU E 514 2.90 -31.38 15.36
CA LEU E 514 1.52 -30.90 15.40
C LEU E 514 0.87 -31.09 16.77
N ILE E 515 1.38 -32.00 17.59
CA ILE E 515 0.88 -32.13 18.96
C ILE E 515 1.17 -30.85 19.73
N GLN E 516 2.45 -30.51 19.87
CA GLN E 516 2.84 -29.18 20.33
C GLN E 516 2.65 -28.20 19.19
N ARG E 517 2.28 -26.96 19.53
CA ARG E 517 1.90 -25.99 18.51
C ARG E 517 3.15 -25.42 17.85
N PHE E 518 3.78 -26.23 17.00
CA PHE E 518 4.82 -25.76 16.10
C PHE E 518 4.24 -25.19 14.82
N TYR E 519 3.15 -25.77 14.34
CA TYR E 519 2.45 -25.28 13.17
C TYR E 519 0.95 -25.38 13.40
N ILE E 520 0.19 -24.77 12.52
CA ILE E 520 -1.27 -24.87 12.52
C ILE E 520 -1.70 -25.70 11.32
N PRO E 521 -2.64 -26.63 11.47
CA PRO E 521 -3.09 -27.41 10.31
C PRO E 521 -3.86 -26.55 9.32
N GLU E 522 -3.73 -26.91 8.04
CA GLU E 522 -4.48 -26.19 7.01
C GLU E 522 -5.96 -26.53 7.05
N ASN E 523 -6.29 -27.81 7.23
CA ASN E 523 -7.67 -28.27 7.34
C ASN E 523 -7.79 -29.18 8.56
N GLY E 524 -8.96 -29.14 9.20
CA GLY E 524 -9.17 -29.90 10.41
C GLY E 524 -8.57 -29.20 11.62
N GLN E 525 -8.61 -29.89 12.76
CA GLN E 525 -8.11 -29.30 13.98
C GLN E 525 -7.66 -30.38 14.96
N VAL E 526 -6.78 -29.99 15.87
CA VAL E 526 -6.34 -30.83 16.97
C VAL E 526 -6.80 -30.19 18.28
N LEU E 527 -7.38 -31.01 19.15
CA LEU E 527 -7.91 -30.55 20.42
C LEU E 527 -7.25 -31.33 21.55
N ILE E 528 -6.79 -30.59 22.56
CA ILE E 528 -6.17 -31.17 23.75
C ILE E 528 -7.13 -30.94 24.92
N ASP E 529 -7.58 -32.04 25.52
CA ASP E 529 -8.55 -32.01 26.63
C ASP E 529 -9.83 -31.27 26.23
N GLY E 530 -10.20 -31.36 24.95
CA GLY E 530 -11.38 -30.71 24.44
C GLY E 530 -11.20 -29.25 24.07
N HIS E 531 -10.00 -28.69 24.23
CA HIS E 531 -9.74 -27.30 23.88
C HIS E 531 -8.97 -27.23 22.58
N ASP E 532 -9.45 -26.38 21.66
CA ASP E 532 -8.84 -26.29 20.34
C ASP E 532 -7.47 -25.66 20.40
N LEU E 533 -6.50 -26.11 19.61
CA LEU E 533 -5.21 -25.43 19.64
C LEU E 533 -5.19 -24.21 18.71
N ALA E 534 -6.11 -24.13 17.77
CA ALA E 534 -6.06 -23.00 16.85
C ALA E 534 -5.91 -21.68 17.58
N LEU E 535 -6.37 -21.60 18.84
CA LEU E 535 -6.23 -20.39 19.64
C LEU E 535 -5.66 -20.64 21.02
N ALA E 536 -5.23 -21.87 21.32
CA ALA E 536 -4.68 -22.18 22.63
C ALA E 536 -3.29 -21.53 22.78
N ASP E 537 -2.86 -21.41 24.03
CA ASP E 537 -1.58 -20.79 24.33
C ASP E 537 -0.46 -21.80 24.07
N PRO E 538 0.44 -21.53 23.12
CA PRO E 538 1.54 -22.49 22.87
C PRO E 538 2.49 -22.62 24.05
N ASN E 539 2.75 -21.52 24.77
CA ASN E 539 3.66 -21.57 25.89
C ASN E 539 3.16 -22.49 26.99
N TRP E 540 1.86 -22.42 27.28
CA TRP E 540 1.26 -23.24 28.33
C TRP E 540 1.37 -24.73 28.00
N LEU E 541 1.04 -25.12 26.77
CA LEU E 541 1.12 -26.52 26.39
C LEU E 541 2.58 -26.99 26.32
N ARG E 542 3.48 -26.15 25.83
CA ARG E 542 4.89 -26.52 25.83
C ARG E 542 5.42 -26.67 27.26
N ARG E 543 4.82 -25.96 28.22
CA ARG E 543 5.14 -26.21 29.62
C ARG E 543 4.57 -27.54 30.10
N GLN E 544 3.35 -27.88 29.68
CA GLN E 544 2.73 -29.12 30.14
C GLN E 544 3.20 -30.36 29.39
N VAL E 545 3.98 -30.23 28.33
CA VAL E 545 4.40 -31.36 27.52
C VAL E 545 5.92 -31.45 27.48
N GLY E 546 6.45 -32.63 27.78
CA GLY E 546 7.87 -32.88 27.70
C GLY E 546 8.24 -33.66 26.45
N VAL E 547 9.10 -33.08 25.61
CA VAL E 547 9.41 -33.65 24.31
C VAL E 547 10.91 -33.89 24.22
N VAL E 548 11.29 -35.12 23.84
CA VAL E 548 12.64 -35.42 23.38
C VAL E 548 12.61 -35.42 21.87
N LEU E 549 13.37 -34.52 21.26
CA LEU E 549 13.32 -34.31 19.82
C LEU E 549 14.22 -35.29 19.09
N GLN E 550 14.29 -35.11 17.77
CA GLN E 550 15.14 -35.96 16.94
C GLN E 550 16.49 -35.30 16.69
N ASP E 551 16.50 -33.97 16.49
CA ASP E 551 17.76 -33.28 16.23
C ASP E 551 18.70 -33.35 17.43
N ASN E 552 18.17 -33.16 18.63
CA ASN E 552 18.87 -33.46 19.89
C ASN E 552 20.16 -32.65 20.03
N VAL E 553 20.00 -31.34 20.13
CA VAL E 553 21.13 -30.46 20.41
C VAL E 553 21.03 -29.99 21.86
N LEU E 554 22.18 -29.68 22.45
CA LEU E 554 22.28 -29.22 23.82
C LEU E 554 22.74 -27.77 23.84
N LEU E 555 22.74 -27.19 25.04
CA LEU E 555 23.09 -25.79 25.24
C LEU E 555 24.32 -25.70 26.13
N ASN E 556 25.17 -24.69 25.86
CA ASN E 556 26.45 -24.58 26.54
C ASN E 556 26.30 -24.11 27.97
N ARG E 557 26.15 -25.06 28.89
CA ARG E 557 26.10 -24.78 30.32
C ARG E 557 26.47 -26.07 31.06
N SER E 558 26.30 -26.05 32.38
CA SER E 558 26.55 -27.26 33.16
C SER E 558 25.47 -28.30 32.91
N ILE E 559 25.80 -29.55 33.20
CA ILE E 559 24.88 -30.66 32.94
C ILE E 559 23.63 -30.52 33.81
N ILE E 560 23.82 -30.17 35.09
CA ILE E 560 22.67 -29.99 35.98
C ILE E 560 21.78 -28.86 35.48
N ASP E 561 22.38 -27.75 35.05
CA ASP E 561 21.60 -26.65 34.51
C ASP E 561 20.93 -27.04 33.18
N ASN E 562 21.62 -27.83 32.37
CA ASN E 562 21.04 -28.29 31.10
C ASN E 562 19.81 -29.15 31.35
N ILE E 563 19.87 -30.04 32.35
CA ILE E 563 18.71 -30.86 32.68
C ILE E 563 17.61 -30.01 33.30
N SER E 564 17.97 -29.09 34.19
CA SER E 564 17.01 -28.25 34.89
C SER E 564 16.74 -26.94 34.16
N LEU E 565 16.92 -26.91 32.84
CA LEU E 565 16.66 -25.70 32.06
C LEU E 565 15.20 -25.29 32.17
N ALA E 566 14.29 -26.26 32.19
CA ALA E 566 12.86 -25.93 32.31
C ALA E 566 12.54 -25.38 33.70
N ASN E 567 13.03 -26.02 34.75
CA ASN E 567 12.73 -25.64 36.13
C ASN E 567 14.02 -25.53 36.92
N PRO E 568 14.72 -24.39 36.84
CA PRO E 568 15.99 -24.24 37.57
C PRO E 568 15.82 -24.09 39.07
N GLY E 569 14.63 -23.80 39.57
CA GLY E 569 14.40 -23.55 40.97
C GLY E 569 14.15 -24.76 41.83
N MET E 570 14.27 -25.97 41.28
CA MET E 570 14.01 -27.19 42.02
C MET E 570 15.30 -27.72 42.66
N SER E 571 15.18 -28.88 43.30
CA SER E 571 16.29 -29.49 44.01
C SER E 571 17.21 -30.25 43.05
N VAL E 572 18.25 -30.85 43.63
CA VAL E 572 19.18 -31.64 42.84
C VAL E 572 18.82 -33.12 42.91
N GLU E 573 18.11 -33.53 43.97
CA GLU E 573 17.72 -34.94 44.11
C GLU E 573 16.70 -35.32 43.04
N LYS E 574 15.86 -34.38 42.59
CA LYS E 574 15.00 -34.64 41.43
C LYS E 574 15.83 -34.89 40.18
N VAL E 575 16.92 -34.13 40.01
CA VAL E 575 17.80 -34.34 38.88
C VAL E 575 18.46 -35.73 38.96
N ILE E 576 18.84 -36.14 40.18
CA ILE E 576 19.40 -37.48 40.37
C ILE E 576 18.37 -38.53 39.98
N TYR E 577 17.12 -38.36 40.41
CA TYR E 577 16.07 -39.31 40.07
C TYR E 577 15.86 -39.38 38.56
N ALA E 578 15.80 -38.22 37.89
CA ALA E 578 15.59 -38.20 36.45
C ALA E 578 16.76 -38.85 35.71
N ALA E 579 17.98 -38.59 36.14
CA ALA E 579 19.14 -39.19 35.50
C ALA E 579 19.18 -40.70 35.73
N LYS E 580 18.72 -41.15 36.89
CA LYS E 580 18.65 -42.59 37.14
C LYS E 580 17.60 -43.25 36.25
N LEU E 581 16.45 -42.60 36.06
CA LEU E 581 15.45 -43.13 35.12
C LEU E 581 15.97 -43.13 33.69
N ALA E 582 16.72 -42.10 33.31
CA ALA E 582 17.29 -42.04 31.97
C ALA E 582 18.49 -42.98 31.80
N GLY E 583 18.99 -43.57 32.88
CA GLY E 583 20.13 -44.46 32.78
C GLY E 583 21.45 -43.77 32.58
N ALA E 584 21.55 -42.47 32.90
CA ALA E 584 22.78 -41.72 32.74
C ALA E 584 23.31 -41.14 34.05
N HIS E 585 22.70 -41.46 35.19
CA HIS E 585 23.20 -40.92 36.46
C HIS E 585 24.61 -41.42 36.74
N ASP E 586 24.87 -42.71 36.51
CA ASP E 586 26.21 -43.23 36.74
C ASP E 586 27.22 -42.63 35.77
N PHE E 587 26.88 -42.54 34.47
CA PHE E 587 27.81 -41.95 33.49
C PHE E 587 28.13 -40.51 33.81
N ILE E 588 27.23 -39.82 34.50
CA ILE E 588 27.52 -38.49 35.01
C ILE E 588 28.42 -38.58 36.24
N SER E 589 28.15 -39.53 37.13
CA SER E 589 28.87 -39.59 38.40
C SER E 589 30.35 -39.90 38.20
N GLU E 590 30.69 -40.75 37.23
CA GLU E 590 32.11 -41.06 37.04
C GLU E 590 32.86 -39.96 36.31
N LEU E 591 32.19 -38.85 35.98
CA LEU E 591 32.89 -37.67 35.52
C LEU E 591 33.48 -36.92 36.71
N ARG E 592 34.55 -36.16 36.45
CA ARG E 592 35.25 -35.46 37.53
C ARG E 592 34.38 -34.39 38.15
N GLU E 593 33.77 -33.54 37.33
CA GLU E 593 32.94 -32.45 37.84
C GLU E 593 31.52 -32.89 38.17
N GLY E 594 31.16 -34.14 37.91
CA GLY E 594 29.81 -34.60 38.18
C GLY E 594 28.80 -33.90 37.28
N TYR E 595 27.78 -33.31 37.91
CA TYR E 595 26.76 -32.60 37.16
C TYR E 595 27.18 -31.18 36.76
N ASN E 596 28.30 -30.69 37.28
CA ASN E 596 28.73 -29.33 37.04
C ASN E 596 29.64 -29.18 35.82
N THR E 597 29.94 -30.28 35.12
CA THR E 597 30.83 -30.20 33.97
C THR E 597 30.16 -29.44 32.82
N ILE E 598 30.98 -28.73 32.05
CA ILE E 598 30.49 -27.95 30.93
C ILE E 598 30.35 -28.87 29.71
N VAL E 599 29.12 -28.99 29.20
CA VAL E 599 28.88 -29.85 28.05
C VAL E 599 29.41 -29.22 26.76
N GLY E 600 29.59 -27.90 26.74
CA GLY E 600 30.10 -27.24 25.56
C GLY E 600 29.00 -26.91 24.56
N GLU E 601 29.40 -26.18 23.53
CA GLU E 601 28.50 -25.75 22.47
C GLU E 601 28.09 -26.94 21.61
N GLN E 602 26.79 -27.04 21.33
CA GLN E 602 26.23 -28.08 20.47
C GLN E 602 26.48 -29.48 21.03
N GLY E 603 26.61 -29.57 22.35
CA GLY E 603 26.90 -30.83 23.01
C GLY E 603 28.23 -31.42 22.58
N ALA E 604 29.24 -30.56 22.47
CA ALA E 604 30.55 -31.02 22.03
C ALA E 604 31.19 -31.96 23.05
N GLY E 605 31.04 -31.65 24.34
CA GLY E 605 31.71 -32.40 25.39
C GLY E 605 31.17 -33.80 25.64
N LEU E 606 30.01 -34.13 25.06
CA LEU E 606 29.40 -35.43 25.23
C LEU E 606 29.17 -36.09 23.87
N SER E 607 29.13 -37.42 23.88
CA SER E 607 28.91 -38.18 22.66
C SER E 607 27.41 -38.21 22.33
N GLY E 608 27.05 -38.97 21.30
CA GLY E 608 25.67 -39.05 20.86
C GLY E 608 24.72 -39.67 21.86
N GLY E 609 25.04 -40.88 22.32
CA GLY E 609 24.17 -41.55 23.28
C GLY E 609 24.12 -40.85 24.63
N GLN E 610 25.24 -40.27 25.06
CA GLN E 610 25.26 -39.56 26.34
C GLN E 610 24.35 -38.35 26.30
N ARG E 611 24.45 -37.51 25.26
CA ARG E 611 23.56 -36.37 25.17
C ARG E 611 22.13 -36.80 24.86
N GLN E 612 21.94 -37.98 24.26
CA GLN E 612 20.59 -38.50 24.06
C GLN E 612 19.94 -38.80 25.40
N ARG E 613 20.66 -39.50 26.29
CA ARG E 613 20.16 -39.75 27.63
C ARG E 613 19.98 -38.46 28.42
N ILE E 614 20.88 -37.49 28.21
CA ILE E 614 20.76 -36.20 28.87
C ILE E 614 19.47 -35.48 28.44
N ALA E 615 19.17 -35.50 27.14
CA ALA E 615 17.94 -34.87 26.66
C ALA E 615 16.71 -35.61 27.17
N ILE E 616 16.79 -36.95 27.25
CA ILE E 616 15.67 -37.73 27.78
C ILE E 616 15.40 -37.33 29.23
N ALA E 617 16.46 -37.24 30.04
CA ALA E 617 16.29 -36.83 31.42
C ALA E 617 15.79 -35.39 31.52
N ARG E 618 16.27 -34.52 30.64
CA ARG E 618 15.86 -33.11 30.66
C ARG E 618 14.37 -32.97 30.36
N ALA E 619 13.86 -33.70 29.37
CA ALA E 619 12.44 -33.64 29.07
C ALA E 619 11.61 -34.46 30.04
N LEU E 620 12.18 -35.32 30.86
CA LEU E 620 11.30 -36.03 31.80
C LEU E 620 11.41 -35.48 33.21
N VAL E 621 12.44 -34.70 33.53
CA VAL E 621 12.60 -34.26 34.91
C VAL E 621 11.42 -33.41 35.40
N ASN E 622 10.69 -32.77 34.49
CA ASN E 622 9.53 -31.98 34.87
C ASN E 622 8.35 -32.91 35.17
N ASN E 623 7.15 -32.34 35.30
CA ASN E 623 5.93 -33.12 35.52
C ASN E 623 5.00 -32.89 34.34
N PRO E 624 5.25 -33.53 33.21
CA PRO E 624 4.42 -33.29 32.02
C PRO E 624 3.25 -34.24 31.93
N LYS E 625 2.16 -33.73 31.36
CA LYS E 625 0.97 -34.53 31.12
C LYS E 625 1.07 -35.33 29.83
N ILE E 626 1.78 -34.80 28.83
CA ILE E 626 2.09 -35.52 27.60
C ILE E 626 3.60 -35.60 27.48
N LEU E 627 4.08 -36.80 27.14
CA LEU E 627 5.51 -37.07 27.08
C LEU E 627 5.81 -37.72 25.73
N ILE E 628 6.52 -37.01 24.86
CA ILE E 628 6.80 -37.45 23.50
C ILE E 628 8.28 -37.81 23.40
N PHE E 629 8.57 -38.94 22.77
CA PHE E 629 9.94 -39.38 22.49
C PHE E 629 10.05 -39.59 20.99
N ASP E 630 10.47 -38.56 20.26
CA ASP E 630 10.62 -38.65 18.80
C ASP E 630 12.01 -39.19 18.51
N GLN E 631 12.10 -40.52 18.35
CA GLN E 631 13.37 -41.21 18.10
C GLN E 631 14.41 -40.89 19.16
N ALA E 632 13.99 -40.92 20.43
CA ALA E 632 14.91 -40.80 21.54
C ALA E 632 15.76 -42.05 21.73
N THR E 633 15.51 -43.09 20.94
CA THR E 633 16.19 -44.37 21.06
C THR E 633 17.18 -44.63 19.93
N SER E 634 16.97 -44.02 18.76
CA SER E 634 17.74 -44.34 17.57
C SER E 634 19.23 -44.10 17.77
N ALA E 635 19.61 -43.10 18.55
CA ALA E 635 21.01 -42.81 18.83
C ALA E 635 21.56 -43.64 19.98
N LEU E 636 20.73 -44.42 20.65
CA LEU E 636 21.15 -45.20 21.80
C LEU E 636 21.70 -46.55 21.35
N ASP E 637 21.94 -47.45 22.30
CA ASP E 637 22.43 -48.79 22.02
C ASP E 637 21.71 -49.78 22.94
N TYR E 638 22.00 -51.07 22.73
CA TYR E 638 21.49 -52.08 23.62
C TYR E 638 22.21 -52.00 24.97
N GLU E 639 21.54 -52.54 26.01
CA GLU E 639 21.92 -52.49 27.41
C GLU E 639 21.77 -51.07 27.96
N SER E 640 21.44 -50.12 27.09
CA SER E 640 20.94 -48.81 27.45
C SER E 640 19.52 -48.60 26.97
N GLU E 641 19.16 -49.22 25.85
CA GLU E 641 17.76 -49.34 25.47
C GLU E 641 16.95 -50.10 26.51
N HIS E 642 17.51 -51.20 27.00
CA HIS E 642 16.76 -52.07 27.91
C HIS E 642 16.52 -51.38 29.25
N ILE E 643 17.41 -50.46 29.62
CA ILE E 643 17.19 -49.68 30.84
C ILE E 643 15.95 -48.82 30.72
N ILE E 644 15.79 -48.15 29.57
CA ILE E 644 14.60 -47.33 29.34
C ILE E 644 13.36 -48.22 29.23
N MET E 645 13.51 -49.39 28.62
CA MET E 645 12.38 -50.32 28.52
C MET E 645 11.93 -50.79 29.89
N ARG E 646 12.87 -51.06 30.79
CA ARG E 646 12.52 -51.46 32.16
C ARG E 646 11.93 -50.29 32.94
N ASN E 647 12.44 -49.08 32.70
CA ASN E 647 11.94 -47.91 33.42
C ASN E 647 10.66 -47.36 32.81
N MET E 648 10.14 -47.94 31.75
CA MET E 648 8.93 -47.35 31.24
C MET E 648 7.74 -47.49 32.23
N HIS E 649 7.70 -48.54 33.06
CA HIS E 649 6.59 -48.62 34.00
C HIS E 649 6.59 -47.45 34.98
N LYS E 650 7.75 -46.88 35.29
CA LYS E 650 7.79 -45.69 36.12
C LYS E 650 7.67 -44.40 35.31
N ILE E 651 8.09 -44.43 34.04
CA ILE E 651 8.03 -43.22 33.23
C ILE E 651 6.59 -42.86 32.89
N CYS E 652 5.79 -43.85 32.48
CA CYS E 652 4.43 -43.60 32.03
C CYS E 652 3.41 -43.63 33.16
N LYS E 653 3.83 -43.35 34.39
CA LYS E 653 2.91 -43.37 35.52
C LYS E 653 2.02 -42.15 35.50
N GLY E 654 0.88 -42.24 34.82
CA GLY E 654 -0.08 -41.15 34.74
C GLY E 654 0.15 -40.18 33.60
N ARG E 655 1.22 -40.34 32.83
CA ARG E 655 1.52 -39.45 31.73
C ARG E 655 1.21 -40.14 30.40
N THR E 656 0.51 -39.43 29.53
CA THR E 656 0.24 -39.92 28.18
C THR E 656 1.54 -39.91 27.39
N VAL E 657 2.10 -41.10 27.13
CA VAL E 657 3.41 -41.24 26.51
C VAL E 657 3.23 -41.66 25.06
N ILE E 658 3.84 -40.90 24.15
CA ILE E 658 3.86 -41.22 22.73
C ILE E 658 5.31 -41.44 22.32
N ILE E 659 5.58 -42.61 21.76
CA ILE E 659 6.93 -43.04 21.41
C ILE E 659 6.99 -43.22 19.90
N ILE E 660 7.93 -42.54 19.26
CA ILE E 660 8.20 -42.69 17.84
C ILE E 660 9.59 -43.30 17.71
N ALA E 661 9.68 -44.45 17.05
CA ALA E 661 10.96 -45.13 16.92
C ALA E 661 10.91 -46.10 15.74
N HIS E 662 12.03 -46.17 15.02
CA HIS E 662 12.18 -47.16 13.97
C HIS E 662 12.61 -48.51 14.50
N ARG E 663 13.05 -48.58 15.75
CA ARG E 663 13.37 -49.85 16.41
C ARG E 663 12.10 -50.37 17.05
N LEU E 664 11.54 -51.45 16.50
CA LEU E 664 10.22 -51.92 16.90
C LEU E 664 10.21 -52.50 18.30
N SER E 665 11.36 -52.90 18.84
CA SER E 665 11.41 -53.48 20.18
C SER E 665 10.98 -52.48 21.24
N THR E 666 11.13 -51.18 20.96
CA THR E 666 10.68 -50.14 21.88
C THR E 666 9.17 -49.93 21.83
N VAL E 667 8.49 -50.50 20.84
CA VAL E 667 7.06 -50.28 20.64
C VAL E 667 6.27 -51.55 20.91
N LYS E 668 6.94 -52.69 21.11
CA LYS E 668 6.28 -53.97 21.32
C LYS E 668 5.34 -53.97 22.52
N ASN E 669 5.62 -53.16 23.55
CA ASN E 669 4.81 -53.13 24.76
C ASN E 669 3.84 -51.95 24.78
N ALA E 670 3.69 -51.25 23.66
CA ALA E 670 2.77 -50.12 23.59
C ALA E 670 1.32 -50.60 23.61
N ASP E 671 0.45 -49.77 24.21
CA ASP E 671 -0.97 -50.08 24.24
C ASP E 671 -1.56 -50.10 22.84
N ARG E 672 -1.18 -49.14 22.00
CA ARG E 672 -1.56 -49.13 20.59
C ARG E 672 -0.33 -48.84 19.75
N ILE E 673 -0.30 -49.44 18.56
CA ILE E 673 0.76 -49.23 17.58
C ILE E 673 0.10 -48.70 16.32
N ILE E 674 0.55 -47.54 15.85
CA ILE E 674 -0.04 -46.87 14.71
C ILE E 674 0.97 -46.87 13.57
N VAL E 675 0.64 -47.54 12.48
CA VAL E 675 1.46 -47.53 11.28
C VAL E 675 0.99 -46.41 10.38
N MET E 676 1.96 -45.62 9.95
CA MET E 676 1.70 -44.50 9.12
C MET E 676 2.49 -44.67 7.87
N GLU E 677 1.92 -44.39 6.71
CA GLU E 677 2.65 -44.45 5.47
C GLU E 677 2.12 -43.35 4.55
N LYS E 678 3.02 -42.53 4.02
CA LYS E 678 2.67 -41.32 3.26
C LYS E 678 1.68 -40.44 4.01
N GLY E 679 1.81 -40.38 5.33
CA GLY E 679 0.90 -39.60 6.13
C GLY E 679 -0.52 -40.13 6.21
N LYS E 680 -0.71 -41.44 6.03
CA LYS E 680 -2.00 -42.07 6.24
C LYS E 680 -1.85 -43.17 7.28
N ILE E 681 -2.76 -43.19 8.25
CA ILE E 681 -2.77 -44.22 9.28
C ILE E 681 -3.46 -45.45 8.70
N VAL E 682 -2.73 -46.57 8.63
CA VAL E 682 -3.26 -47.75 7.97
C VAL E 682 -3.60 -48.85 8.98
N GLU E 683 -2.86 -48.92 10.07
CA GLU E 683 -3.02 -50.00 11.03
C GLU E 683 -2.99 -49.44 12.45
N GLN E 684 -3.89 -49.96 13.29
CA GLN E 684 -3.92 -49.62 14.71
C GLN E 684 -4.17 -50.90 15.50
N GLY E 685 -3.73 -50.89 16.74
CA GLY E 685 -3.94 -52.01 17.64
C GLY E 685 -2.66 -52.34 18.39
N LYS E 686 -2.70 -53.44 19.13
CA LYS E 686 -1.55 -53.89 19.91
C LYS E 686 -0.52 -54.55 19.00
N HIS E 687 0.60 -54.96 19.61
CA HIS E 687 1.69 -55.56 18.84
C HIS E 687 1.28 -56.91 18.27
N LYS E 688 0.70 -57.78 19.10
CA LYS E 688 0.28 -59.08 18.63
C LYS E 688 -0.96 -59.00 17.75
N GLU E 689 -1.75 -57.93 17.88
CA GLU E 689 -2.91 -57.75 17.01
C GLU E 689 -2.50 -57.39 15.59
N LEU E 690 -1.31 -56.79 15.42
CA LEU E 690 -0.80 -56.44 14.11
C LEU E 690 0.13 -57.51 13.54
N LEU E 691 0.96 -58.12 14.39
CA LEU E 691 1.91 -59.13 13.92
C LEU E 691 1.22 -60.44 13.56
N SER E 692 -0.02 -60.65 14.03
CA SER E 692 -0.73 -61.88 13.70
C SER E 692 -1.01 -61.98 12.21
N GLU E 693 -1.40 -60.87 11.58
CA GLU E 693 -1.65 -60.86 10.15
C GLU E 693 -0.33 -60.72 9.40
N PRO E 694 0.03 -61.68 8.53
CA PRO E 694 1.32 -61.57 7.83
C PRO E 694 1.31 -60.58 6.68
N GLU E 695 0.14 -60.22 6.15
CA GLU E 695 0.07 -59.27 5.05
C GLU E 695 0.12 -57.82 5.49
N SER E 696 0.06 -57.56 6.79
CA SER E 696 0.08 -56.20 7.29
C SER E 696 1.45 -55.56 7.11
N LEU E 697 1.47 -54.22 7.12
CA LEU E 697 2.73 -53.50 6.97
C LEU E 697 3.63 -53.70 8.18
N TYR E 698 3.05 -53.92 9.36
CA TYR E 698 3.86 -54.21 10.54
C TYR E 698 4.64 -55.51 10.37
N SER E 699 4.00 -56.53 9.82
CA SER E 699 4.70 -57.80 9.57
C SER E 699 5.77 -57.64 8.50
N TYR E 700 5.49 -56.82 7.48
CA TYR E 700 6.49 -56.58 6.45
C TYR E 700 7.71 -55.85 7.01
N LEU E 701 7.48 -54.87 7.89
CA LEU E 701 8.60 -54.19 8.54
C LEU E 701 9.32 -55.08 9.53
N TYR E 702 8.69 -56.15 9.98
CA TYR E 702 9.30 -57.05 10.96
C TYR E 702 10.37 -57.92 10.33
N LYS F 137 54.60 -13.45 13.33
CA LYS F 137 53.59 -13.21 14.36
C LYS F 137 52.69 -12.03 13.98
N PHE F 138 51.38 -12.26 14.02
CA PHE F 138 50.39 -11.24 13.66
C PHE F 138 50.11 -10.36 14.88
N ASP F 139 51.14 -9.64 15.33
CA ASP F 139 50.93 -8.68 16.40
C ASP F 139 50.43 -7.34 15.85
N PHE F 140 51.28 -6.63 15.12
CA PHE F 140 50.81 -5.51 14.31
C PHE F 140 51.58 -5.35 13.00
N THR F 141 52.64 -6.12 12.79
CA THR F 141 53.61 -5.84 11.73
C THR F 141 53.20 -6.40 10.37
N TRP F 142 52.09 -7.12 10.28
CA TRP F 142 51.65 -7.66 9.00
C TRP F 142 51.36 -6.56 7.98
N PHE F 143 50.95 -5.38 8.44
CA PHE F 143 50.73 -4.25 7.55
C PHE F 143 52.04 -3.64 7.03
N ILE F 144 53.17 -3.93 7.69
CA ILE F 144 54.43 -3.33 7.28
C ILE F 144 54.85 -3.74 5.87
N PRO F 145 54.82 -5.02 5.47
CA PRO F 145 55.17 -5.33 4.08
C PRO F 145 54.13 -4.86 3.07
N ALA F 146 52.85 -5.10 3.35
CA ALA F 146 51.81 -4.79 2.38
C ALA F 146 51.74 -3.30 2.08
N ILE F 147 51.94 -2.47 3.10
CA ILE F 147 51.96 -1.04 2.86
C ILE F 147 53.12 -0.77 1.91
N ILE F 148 54.17 -1.57 2.04
CA ILE F 148 55.32 -1.47 1.16
C ILE F 148 54.86 -1.85 -0.22
N LYS F 149 53.97 -2.84 -0.32
CA LYS F 149 53.50 -3.25 -1.64
C LYS F 149 52.91 -2.08 -2.43
N TYR F 150 52.25 -1.12 -1.75
CA TYR F 150 51.64 0.03 -2.40
C TYR F 150 52.37 1.31 -2.04
N ARG F 151 53.64 1.17 -1.63
CA ARG F 151 54.51 2.31 -1.37
C ARG F 151 54.42 3.41 -2.43
N LYS F 152 54.24 3.06 -3.71
CA LYS F 152 54.25 4.09 -4.74
C LYS F 152 53.04 5.01 -4.63
N ILE F 153 51.84 4.42 -4.54
CA ILE F 153 50.64 5.25 -4.40
C ILE F 153 50.64 5.94 -3.04
N PHE F 154 51.24 5.33 -2.02
CA PHE F 154 51.31 6.00 -0.72
C PHE F 154 52.23 7.21 -0.77
N ILE F 155 53.37 7.09 -1.43
CA ILE F 155 54.26 8.23 -1.52
C ILE F 155 53.51 9.31 -2.28
N GLU F 156 52.63 8.89 -3.18
CA GLU F 156 51.80 9.78 -3.96
C GLU F 156 50.86 10.54 -3.04
N THR F 157 50.32 9.86 -2.03
CA THR F 157 49.42 10.52 -1.09
C THR F 157 50.20 11.51 -0.22
N LEU F 158 51.45 11.18 0.08
CA LEU F 158 52.27 12.10 0.87
C LEU F 158 52.60 13.34 0.06
N VAL F 159 52.95 13.17 -1.22
CA VAL F 159 53.23 14.30 -2.09
C VAL F 159 52.00 15.20 -2.19
N VAL F 160 50.82 14.60 -2.21
CA VAL F 160 49.60 15.40 -2.15
C VAL F 160 49.47 16.03 -0.77
N SER F 161 49.64 15.23 0.28
CA SER F 161 49.19 15.62 1.62
C SER F 161 49.88 16.89 2.10
N VAL F 162 51.21 16.93 2.01
CA VAL F 162 51.95 18.12 2.44
C VAL F 162 51.50 19.34 1.65
N PHE F 163 51.26 19.20 0.35
CA PHE F 163 50.86 20.36 -0.44
C PHE F 163 49.44 20.78 -0.07
N LEU F 164 48.62 19.84 0.40
CA LEU F 164 47.33 20.21 0.97
C LEU F 164 47.52 21.23 2.10
N GLN F 165 48.46 20.94 3.00
CA GLN F 165 48.76 21.89 4.07
C GLN F 165 49.23 23.22 3.48
N LEU F 166 49.98 23.16 2.38
CA LEU F 166 50.39 24.39 1.72
C LEU F 166 49.18 25.19 1.23
N PHE F 167 48.19 24.48 0.66
CA PHE F 167 46.93 25.14 0.33
C PHE F 167 46.26 25.67 1.58
N ALA F 168 46.32 24.89 2.67
CA ALA F 168 45.76 25.34 3.95
C ALA F 168 46.57 26.50 4.52
N LEU F 169 47.73 26.79 3.94
CA LEU F 169 48.48 27.97 4.32
C LEU F 169 48.16 29.14 3.39
N ILE F 170 47.66 28.86 2.18
CA ILE F 170 47.41 29.91 1.21
C ILE F 170 46.23 30.79 1.64
N THR F 171 45.13 30.14 2.05
CA THR F 171 43.92 30.89 2.40
C THR F 171 44.11 31.83 3.60
N PRO F 172 44.67 31.41 4.74
CA PRO F 172 44.87 32.38 5.84
C PRO F 172 45.84 33.51 5.49
N LEU F 173 46.90 33.21 4.72
CA LEU F 173 47.87 34.25 4.37
C LEU F 173 47.20 35.38 3.61
N PHE F 174 46.38 35.03 2.61
CA PHE F 174 45.60 36.03 1.89
C PHE F 174 44.81 36.91 2.84
N PHE F 175 44.25 36.31 3.90
CA PHE F 175 43.52 37.08 4.91
C PHE F 175 44.36 38.23 5.43
N GLN F 176 45.60 37.96 5.85
CA GLN F 176 46.40 39.05 6.43
C GLN F 176 46.71 40.10 5.38
N VAL F 177 46.84 39.70 4.11
CA VAL F 177 47.02 40.69 3.05
C VAL F 177 45.81 41.61 3.00
N VAL F 178 44.61 41.02 3.03
CA VAL F 178 43.39 41.82 3.06
C VAL F 178 43.38 42.71 4.29
N MET F 179 44.04 42.27 5.37
CA MET F 179 44.02 43.05 6.60
C MET F 179 45.28 43.87 6.78
N ASP F 180 46.14 43.95 5.74
CA ASP F 180 47.35 44.76 5.83
C ASP F 180 47.56 45.64 4.60
N LYS F 181 46.94 45.32 3.47
CA LYS F 181 47.08 46.12 2.26
C LYS F 181 45.76 46.62 1.69
N VAL F 182 44.62 46.18 2.21
CA VAL F 182 43.32 46.60 1.69
C VAL F 182 42.62 47.47 2.73
N LEU F 183 42.80 47.13 4.01
CA LEU F 183 42.10 47.86 5.06
C LEU F 183 42.81 49.13 5.49
N VAL F 184 44.07 49.33 5.10
CA VAL F 184 44.83 50.46 5.61
C VAL F 184 44.62 51.71 4.77
N HIS F 185 45.01 51.70 3.49
CA HIS F 185 44.80 52.89 2.66
C HIS F 185 43.42 52.88 2.01
N ARG F 186 43.22 51.97 1.07
CA ARG F 186 42.05 51.84 0.21
C ARG F 186 42.12 50.48 -0.46
N GLY F 187 41.29 50.27 -1.48
CA GLY F 187 41.43 49.11 -2.32
C GLY F 187 40.13 48.51 -2.82
N PHE F 188 40.05 48.29 -4.14
CA PHE F 188 38.94 47.57 -4.74
C PHE F 188 39.40 46.55 -5.78
N SER F 189 40.48 46.82 -6.53
CA SER F 189 40.92 45.88 -7.56
C SER F 189 41.85 44.81 -7.00
N THR F 190 42.70 45.18 -6.04
CA THR F 190 43.53 44.18 -5.37
C THR F 190 42.67 43.20 -4.57
N LEU F 191 41.56 43.68 -4.01
CA LEU F 191 40.63 42.78 -3.34
C LEU F 191 39.95 41.86 -4.34
N ASN F 192 39.64 42.37 -5.54
CA ASN F 192 39.15 41.50 -6.61
C ASN F 192 40.15 40.42 -6.96
N VAL F 193 41.42 40.78 -7.09
CA VAL F 193 42.46 39.81 -7.43
C VAL F 193 42.57 38.77 -6.32
N ILE F 194 42.54 39.21 -5.06
CA ILE F 194 42.63 38.28 -3.93
C ILE F 194 41.46 37.32 -3.93
N THR F 195 40.24 37.83 -4.13
CA THR F 195 39.06 36.97 -4.12
C THR F 195 39.09 35.96 -5.27
N VAL F 196 39.46 36.43 -6.46
CA VAL F 196 39.51 35.54 -7.62
C VAL F 196 40.57 34.46 -7.43
N ALA F 197 41.76 34.83 -6.96
CA ALA F 197 42.81 33.86 -6.75
C ALA F 197 42.54 32.96 -5.55
N LEU F 198 41.66 33.38 -4.64
CA LEU F 198 41.33 32.56 -3.48
C LEU F 198 40.24 31.55 -3.76
N SER F 199 39.24 31.92 -4.57
CA SER F 199 38.16 30.98 -4.88
C SER F 199 38.69 29.73 -5.58
N VAL F 200 39.59 29.92 -6.54
CA VAL F 200 40.12 28.79 -7.30
C VAL F 200 40.97 27.89 -6.42
N VAL F 201 41.81 28.47 -5.55
CA VAL F 201 42.67 27.65 -4.71
C VAL F 201 41.85 26.93 -3.64
N VAL F 202 40.76 27.54 -3.19
CA VAL F 202 39.87 26.87 -2.25
C VAL F 202 39.19 25.68 -2.91
N VAL F 203 38.67 25.88 -4.12
CA VAL F 203 38.06 24.78 -4.87
C VAL F 203 39.08 23.67 -5.10
N PHE F 204 40.32 24.05 -5.37
CA PHE F 204 41.37 23.06 -5.62
C PHE F 204 41.73 22.28 -4.36
N GLU F 205 41.79 22.96 -3.20
CA GLU F 205 41.83 22.24 -1.92
C GLU F 205 40.71 21.24 -1.77
N ILE F 206 39.48 21.65 -2.04
CA ILE F 206 38.35 20.77 -1.80
C ILE F 206 38.43 19.53 -2.67
N ILE F 207 38.67 19.73 -3.97
CA ILE F 207 38.74 18.60 -4.89
C ILE F 207 39.98 17.75 -4.61
N LEU F 208 41.09 18.37 -4.21
CA LEU F 208 42.30 17.60 -3.96
C LEU F 208 42.20 16.77 -2.70
N SER F 209 41.56 17.30 -1.65
CA SER F 209 41.29 16.51 -0.45
C SER F 209 40.35 15.35 -0.76
N GLY F 210 39.32 15.60 -1.58
CA GLY F 210 38.43 14.52 -1.98
C GLY F 210 39.17 13.42 -2.74
N LEU F 211 40.01 13.80 -3.70
CA LEU F 211 40.75 12.81 -4.46
C LEU F 211 41.80 12.11 -3.59
N ARG F 212 42.39 12.82 -2.64
CA ARG F 212 43.37 12.21 -1.74
C ARG F 212 42.72 11.12 -0.89
N THR F 213 41.59 11.44 -0.27
CA THR F 213 40.94 10.42 0.56
C THR F 213 40.35 9.29 -0.30
N TYR F 214 39.95 9.60 -1.53
CA TYR F 214 39.50 8.56 -2.46
C TYR F 214 40.63 7.59 -2.76
N ILE F 215 41.82 8.12 -3.07
CA ILE F 215 42.99 7.29 -3.36
C ILE F 215 43.37 6.47 -2.15
N PHE F 216 43.37 7.09 -0.96
CA PHE F 216 43.74 6.38 0.26
C PHE F 216 42.78 5.23 0.55
N ALA F 217 41.46 5.49 0.43
CA ALA F 217 40.48 4.44 0.67
C ALA F 217 40.63 3.31 -0.34
N HIS F 218 40.83 3.65 -1.62
CA HIS F 218 40.96 2.62 -2.64
C HIS F 218 42.20 1.76 -2.44
N SER F 219 43.32 2.38 -2.03
CA SER F 219 44.54 1.61 -1.86
C SER F 219 44.63 0.93 -0.50
N THR F 220 43.74 1.28 0.44
CA THR F 220 43.69 0.58 1.72
C THR F 220 42.68 -0.57 1.72
N SER F 221 41.63 -0.48 0.90
CA SER F 221 40.70 -1.59 0.77
C SER F 221 41.39 -2.85 0.24
N ARG F 222 42.48 -2.67 -0.53
CA ARG F 222 43.22 -3.82 -1.03
C ARG F 222 43.94 -4.55 0.10
N ILE F 223 44.53 -3.79 1.03
CA ILE F 223 45.10 -4.37 2.24
C ILE F 223 44.01 -5.08 3.04
N ASP F 224 42.82 -4.47 3.10
CA ASP F 224 41.71 -5.09 3.80
C ASP F 224 41.34 -6.43 3.19
N VAL F 225 41.27 -6.51 1.86
CA VAL F 225 40.92 -7.75 1.19
C VAL F 225 41.99 -8.82 1.43
N GLU F 226 43.27 -8.41 1.37
CA GLU F 226 44.35 -9.34 1.67
C GLU F 226 44.23 -9.91 3.08
N LEU F 227 43.96 -9.03 4.05
CA LEU F 227 43.81 -9.48 5.43
C LEU F 227 42.62 -10.42 5.59
N GLY F 228 41.51 -10.10 4.92
CA GLY F 228 40.34 -10.97 5.02
C GLY F 228 40.58 -12.35 4.44
N ALA F 229 41.21 -12.41 3.27
CA ALA F 229 41.52 -13.71 2.66
C ALA F 229 42.45 -14.52 3.54
N LYS F 230 43.50 -13.88 4.07
CA LYS F 230 44.42 -14.58 4.96
C LYS F 230 43.70 -15.09 6.20
N LEU F 231 42.84 -14.25 6.79
CA LEU F 231 42.12 -14.63 8.00
C LEU F 231 41.23 -15.83 7.76
N PHE F 232 40.47 -15.82 6.66
CA PHE F 232 39.56 -16.94 6.42
C PHE F 232 40.31 -18.22 6.08
N ARG F 233 41.42 -18.11 5.32
CA ARG F 233 42.21 -19.29 5.03
C ARG F 233 42.79 -19.90 6.30
N HIS F 234 43.31 -19.06 7.21
CA HIS F 234 43.84 -19.57 8.46
C HIS F 234 42.73 -20.13 9.35
N LEU F 235 41.54 -19.53 9.28
CA LEU F 235 40.42 -20.02 10.08
C LEU F 235 39.99 -21.41 9.63
N LEU F 236 39.88 -21.61 8.30
CA LEU F 236 39.54 -22.93 7.80
C LEU F 236 40.70 -23.92 7.92
N ALA F 237 41.92 -23.45 8.10
CA ALA F 237 43.07 -24.33 8.29
C ALA F 237 43.29 -24.70 9.75
N LEU F 238 42.44 -24.24 10.66
CA LEU F 238 42.60 -24.51 12.09
C LEU F 238 42.13 -25.91 12.46
N PRO F 239 42.69 -26.51 13.50
CA PRO F 239 42.28 -27.86 13.90
C PRO F 239 40.93 -27.87 14.59
N ILE F 240 40.38 -29.08 14.76
CA ILE F 240 39.09 -29.25 15.40
C ILE F 240 39.15 -28.93 16.89
N SER F 241 40.26 -29.27 17.55
CA SER F 241 40.38 -28.98 18.98
C SER F 241 40.36 -27.49 19.25
N TYR F 242 40.75 -26.67 18.28
CA TYR F 242 40.58 -25.23 18.40
C TYR F 242 39.10 -24.85 18.46
N PHE F 243 38.27 -25.49 17.63
CA PHE F 243 36.87 -25.10 17.53
C PHE F 243 36.05 -25.66 18.69
N GLU F 244 36.38 -26.86 19.15
CA GLU F 244 35.51 -27.54 20.12
C GLU F 244 35.63 -26.92 21.51
N SER F 245 36.78 -26.33 21.84
CA SER F 245 36.99 -25.79 23.17
C SER F 245 36.34 -24.43 23.37
N ARG F 246 35.78 -23.83 22.33
CA ARG F 246 35.15 -22.52 22.40
C ARG F 246 33.86 -22.51 21.58
N ARG F 247 33.18 -21.37 21.59
CA ARG F 247 31.86 -21.22 21.00
C ARG F 247 31.98 -20.74 19.55
N VAL F 248 30.83 -20.56 18.91
CA VAL F 248 30.78 -20.08 17.53
C VAL F 248 30.78 -18.57 17.47
N GLY F 249 29.94 -17.94 18.31
CA GLY F 249 29.87 -16.49 18.36
C GLY F 249 31.18 -15.81 18.69
N ASP F 250 32.06 -16.50 19.43
CA ASP F 250 33.40 -15.95 19.67
C ASP F 250 34.14 -15.74 18.37
N THR F 251 34.22 -16.79 17.54
CA THR F 251 34.91 -16.66 16.26
C THR F 251 34.18 -15.70 15.33
N VAL F 252 32.85 -15.66 15.40
CA VAL F 252 32.10 -14.68 14.60
C VAL F 252 32.48 -13.26 14.98
N ALA F 253 32.58 -12.98 16.28
CA ALA F 253 32.99 -11.64 16.72
C ALA F 253 34.42 -11.34 16.31
N ARG F 254 35.30 -12.35 16.37
CA ARG F 254 36.69 -12.15 15.94
C ARG F 254 36.74 -11.76 14.47
N VAL F 255 35.95 -12.43 13.63
CA VAL F 255 35.94 -12.07 12.21
C VAL F 255 35.29 -10.71 11.99
N ARG F 256 34.26 -10.37 12.76
CA ARG F 256 33.64 -9.05 12.61
C ARG F 256 34.56 -7.92 13.09
N GLU F 257 35.56 -8.24 13.91
CA GLU F 257 36.58 -7.23 14.20
C GLU F 257 37.34 -6.82 12.95
N LEU F 258 37.41 -7.71 11.95
CA LEU F 258 37.93 -7.31 10.64
C LEU F 258 37.03 -6.27 9.98
N ASP F 259 35.72 -6.41 10.14
CA ASP F 259 34.80 -5.38 9.64
C ASP F 259 35.01 -4.07 10.38
N GLN F 260 35.29 -4.15 11.68
CA GLN F 260 35.65 -2.94 12.43
C GLN F 260 36.91 -2.28 11.87
N ILE F 261 37.93 -3.10 11.56
CA ILE F 261 39.14 -2.58 10.93
C ILE F 261 38.83 -1.97 9.58
N ARG F 262 37.90 -2.57 8.83
CA ARG F 262 37.45 -2.03 7.56
C ARG F 262 36.86 -0.63 7.73
N ASN F 263 35.95 -0.47 8.68
CA ASN F 263 35.33 0.83 8.91
C ASN F 263 36.35 1.85 9.38
N PHE F 264 37.36 1.40 10.11
CA PHE F 264 38.44 2.29 10.54
C PHE F 264 39.28 2.77 9.36
N LEU F 265 39.72 1.83 8.52
CA LEU F 265 40.76 2.12 7.54
C LEU F 265 40.26 3.04 6.43
N THR F 266 39.08 2.75 5.90
CA THR F 266 38.46 3.60 4.87
C THR F 266 37.56 4.65 5.49
N GLY F 267 38.12 5.44 6.41
CA GLY F 267 37.37 6.46 7.12
C GLY F 267 38.13 7.77 7.19
N GLN F 268 37.93 8.47 8.30
CA GLN F 268 38.51 9.80 8.52
C GLN F 268 39.62 9.73 9.55
N ALA F 269 40.24 8.57 9.70
CA ALA F 269 41.22 8.33 10.75
C ALA F 269 42.65 8.57 10.31
N LEU F 270 43.12 7.83 9.29
CA LEU F 270 44.51 7.96 8.87
C LEU F 270 44.77 9.27 8.15
N THR F 271 43.76 9.81 7.47
CA THR F 271 43.91 11.12 6.83
C THR F 271 44.14 12.21 7.87
N SER F 272 43.43 12.14 8.99
CA SER F 272 43.59 13.15 10.04
C SER F 272 44.98 13.09 10.66
N VAL F 273 45.47 11.88 10.96
CA VAL F 273 46.80 11.78 11.55
C VAL F 273 47.87 12.13 10.54
N LEU F 274 47.62 11.90 9.24
CA LEU F 274 48.57 12.31 8.22
C LEU F 274 48.62 13.84 8.10
N ASP F 275 47.46 14.49 8.22
CA ASP F 275 47.43 15.95 8.25
C ASP F 275 48.13 16.49 9.48
N LEU F 276 47.93 15.85 10.63
CA LEU F 276 48.57 16.30 11.86
C LEU F 276 50.09 16.14 11.78
N LEU F 277 50.56 15.04 11.20
CA LEU F 277 52.00 14.81 11.11
C LEU F 277 52.67 15.82 10.19
N PHE F 278 52.00 16.22 9.12
CA PHE F 278 52.56 17.15 8.13
C PHE F 278 52.13 18.59 8.38
N SER F 279 51.50 18.86 9.51
CA SER F 279 51.15 20.22 9.89
C SER F 279 52.33 21.00 10.45
N PHE F 280 53.47 20.34 10.68
CA PHE F 280 54.66 20.99 11.21
C PHE F 280 55.22 22.06 10.29
N ILE F 281 54.89 22.02 9.00
CA ILE F 281 55.30 23.09 8.08
C ILE F 281 54.64 24.41 8.44
N PHE F 282 53.55 24.38 9.21
CA PHE F 282 53.00 25.61 9.74
C PHE F 282 53.93 26.25 10.77
N PHE F 283 54.66 25.42 11.53
CA PHE F 283 55.45 25.93 12.65
C PHE F 283 56.51 26.91 12.21
N ALA F 284 57.20 26.65 11.09
CA ALA F 284 58.14 27.63 10.56
C ALA F 284 57.46 28.97 10.31
N VAL F 285 56.27 28.94 9.69
CA VAL F 285 55.50 30.16 9.52
C VAL F 285 55.12 30.75 10.88
N MET F 286 54.83 29.88 11.85
CA MET F 286 54.63 30.35 13.22
C MET F 286 55.85 31.12 13.72
N TRP F 287 57.04 30.58 13.45
CA TRP F 287 58.28 31.24 13.87
C TRP F 287 58.47 32.55 13.12
N TYR F 288 57.79 32.70 11.98
CA TYR F 288 57.84 33.98 11.26
C TYR F 288 57.00 35.03 11.97
N TYR F 289 55.93 34.60 12.64
CA TYR F 289 55.01 35.57 13.25
C TYR F 289 55.51 36.01 14.63
N SER F 290 55.64 35.08 15.57
CA SER F 290 56.08 35.44 16.91
C SER F 290 56.70 34.23 17.58
N PRO F 291 57.79 34.39 18.34
CA PRO F 291 58.41 33.24 18.99
C PRO F 291 57.67 32.79 20.24
N LYS F 292 57.07 33.74 20.97
CA LYS F 292 56.42 33.41 22.24
C LYS F 292 55.16 32.56 22.01
N LEU F 293 54.30 32.98 21.08
CA LEU F 293 53.08 32.22 20.81
C LEU F 293 53.41 30.89 20.14
N THR F 294 54.45 30.85 19.31
CA THR F 294 54.90 29.59 18.75
C THR F 294 55.38 28.65 19.84
N LEU F 295 56.09 29.18 20.84
CA LEU F 295 56.48 28.36 21.98
C LEU F 295 55.27 27.89 22.77
N VAL F 296 54.23 28.73 22.84
CA VAL F 296 53.00 28.33 23.51
C VAL F 296 52.38 27.13 22.80
N ILE F 297 52.31 27.16 21.47
CA ILE F 297 51.76 26.03 20.72
C ILE F 297 52.67 24.81 20.83
N LEU F 298 53.98 25.02 20.76
CA LEU F 298 54.95 23.93 20.83
C LEU F 298 55.02 23.31 22.22
N PHE F 299 54.50 23.99 23.23
CA PHE F 299 54.28 23.38 24.54
C PHE F 299 52.87 22.81 24.68
N SER F 300 51.92 23.31 23.89
CA SER F 300 50.57 22.76 23.89
C SER F 300 50.58 21.33 23.33
N LEU F 301 51.37 21.08 22.28
CA LEU F 301 51.40 19.75 21.68
C LEU F 301 51.85 18.66 22.66
N PRO F 302 52.93 18.80 23.44
CA PRO F 302 53.25 17.77 24.43
C PRO F 302 52.17 17.57 25.48
N CYS F 303 51.42 18.62 25.82
CA CYS F 303 50.28 18.44 26.72
C CYS F 303 49.26 17.48 26.12
N TYR F 304 48.93 17.69 24.83
CA TYR F 304 48.04 16.78 24.11
C TYR F 304 48.58 15.35 24.17
N ALA F 305 49.85 15.17 23.82
CA ALA F 305 50.41 13.82 23.73
C ALA F 305 50.42 13.14 25.09
N ALA F 306 50.89 13.85 26.13
CA ALA F 306 50.99 13.26 27.46
C ALA F 306 49.62 12.92 28.01
N TRP F 307 48.63 13.79 27.83
CA TRP F 307 47.32 13.51 28.37
C TRP F 307 46.64 12.38 27.61
N SER F 308 46.88 12.29 26.30
CA SER F 308 46.35 11.18 25.52
C SER F 308 46.95 9.86 25.98
N VAL F 309 48.26 9.84 26.26
CA VAL F 309 48.89 8.64 26.79
C VAL F 309 48.33 8.31 28.17
N PHE F 310 48.02 9.34 28.96
CA PHE F 310 47.42 9.13 30.28
C PHE F 310 46.06 8.46 30.16
N ILE F 311 45.23 8.89 29.21
CA ILE F 311 43.85 8.41 29.15
C ILE F 311 43.70 7.16 28.30
N SER F 312 44.69 6.81 27.47
CA SER F 312 44.57 5.64 26.61
C SER F 312 44.37 4.32 27.35
N PRO F 313 45.13 3.96 28.39
CA PRO F 313 45.00 2.59 28.94
C PRO F 313 43.64 2.27 29.55
N ILE F 314 43.02 3.22 30.24
CA ILE F 314 41.72 2.94 30.86
C ILE F 314 40.65 2.73 29.78
N LEU F 315 40.69 3.56 28.73
CA LEU F 315 39.75 3.37 27.63
C LEU F 315 39.99 2.04 26.93
N ARG F 316 41.25 1.65 26.76
CA ARG F 316 41.56 0.36 26.15
C ARG F 316 41.02 -0.79 26.99
N ARG F 317 41.21 -0.73 28.32
CA ARG F 317 40.73 -1.79 29.19
C ARG F 317 39.21 -1.88 29.17
N ARG F 318 38.52 -0.74 29.22
CA ARG F 318 37.06 -0.76 29.16
C ARG F 318 36.53 -1.23 27.82
N LEU F 319 37.16 -0.86 26.71
CA LEU F 319 36.78 -1.39 25.41
C LEU F 319 37.06 -2.88 25.28
N ASP F 320 38.13 -3.39 25.89
CA ASP F 320 38.39 -4.82 25.93
C ASP F 320 37.29 -5.56 26.70
N ASP F 321 36.87 -5.01 27.83
CA ASP F 321 35.76 -5.58 28.59
C ASP F 321 34.48 -5.56 27.77
N LYS F 322 34.23 -4.44 27.08
CA LYS F 322 33.07 -4.31 26.22
C LYS F 322 33.11 -5.33 25.08
N PHE F 323 34.29 -5.53 24.49
CA PHE F 323 34.41 -6.52 23.42
C PHE F 323 34.16 -7.92 23.93
N SER F 324 34.67 -8.25 25.12
CA SER F 324 34.42 -9.58 25.69
C SER F 324 32.94 -9.79 25.95
N ARG F 325 32.26 -8.77 26.47
CA ARG F 325 30.83 -8.86 26.70
C ARG F 325 30.06 -9.02 25.38
N ASN F 326 30.50 -8.30 24.34
CA ASN F 326 29.86 -8.43 23.03
C ASN F 326 30.07 -9.81 22.44
N ALA F 327 31.27 -10.39 22.63
CA ALA F 327 31.52 -11.74 22.15
C ALA F 327 30.65 -12.76 22.87
N ASP F 328 30.49 -12.59 24.19
CA ASP F 328 29.58 -13.48 24.93
C ASP F 328 28.14 -13.31 24.45
N ASN F 329 27.74 -12.07 24.16
CA ASN F 329 26.39 -11.83 23.65
C ASN F 329 26.18 -12.51 22.30
N GLN F 330 27.15 -12.40 21.39
CA GLN F 330 27.04 -13.07 20.10
C GLN F 330 27.01 -14.58 20.26
N SER F 331 27.82 -15.12 21.17
CA SER F 331 27.81 -16.56 21.42
C SER F 331 26.44 -17.02 21.90
N PHE F 332 25.86 -16.31 22.87
CA PHE F 332 24.54 -16.68 23.35
C PHE F 332 23.48 -16.56 22.26
N LEU F 333 23.54 -15.48 21.47
CA LEU F 333 22.55 -15.29 20.41
C LEU F 333 22.64 -16.39 19.35
N VAL F 334 23.86 -16.76 18.95
CA VAL F 334 24.02 -17.81 17.95
C VAL F 334 23.55 -19.14 18.50
N GLU F 335 23.95 -19.48 19.74
CA GLU F 335 23.52 -20.76 20.30
C GLU F 335 22.04 -20.80 20.63
N SER F 336 21.38 -19.64 20.72
CA SER F 336 19.94 -19.60 20.94
C SER F 336 19.14 -19.64 19.65
N VAL F 337 19.61 -19.01 18.58
CA VAL F 337 18.88 -19.03 17.33
C VAL F 337 19.14 -20.32 16.54
N THR F 338 20.36 -20.86 16.62
CA THR F 338 20.65 -22.13 15.98
C THR F 338 19.82 -23.25 16.58
N ALA F 339 19.67 -23.26 17.91
CA ALA F 339 18.91 -24.27 18.61
C ALA F 339 17.50 -23.79 18.95
N ILE F 340 16.88 -23.01 18.05
CA ILE F 340 15.55 -22.48 18.31
C ILE F 340 14.51 -23.59 18.36
N ASN F 341 14.73 -24.69 17.61
CA ASN F 341 13.79 -25.80 17.63
C ASN F 341 13.72 -26.44 19.01
N THR F 342 14.88 -26.65 19.64
CA THR F 342 14.89 -27.21 20.98
C THR F 342 14.43 -26.19 22.02
N ILE F 343 14.71 -24.91 21.79
CA ILE F 343 14.27 -23.87 22.72
C ILE F 343 12.76 -23.80 22.77
N LYS F 344 12.12 -23.82 21.59
CA LYS F 344 10.66 -23.74 21.54
C LYS F 344 9.98 -25.10 21.66
N ALA F 345 10.73 -26.20 21.61
CA ALA F 345 10.14 -27.50 21.93
C ALA F 345 9.70 -27.54 23.38
N MET F 346 10.59 -27.13 24.28
CA MET F 346 10.18 -26.83 25.64
C MET F 346 9.61 -25.42 25.70
N ALA F 347 9.14 -25.04 26.88
CA ALA F 347 8.55 -23.72 27.07
C ALA F 347 9.54 -22.70 27.62
N VAL F 348 10.84 -22.98 27.53
CA VAL F 348 11.83 -22.15 28.22
C VAL F 348 12.18 -21.00 27.27
N SER F 349 11.26 -20.05 27.20
CA SER F 349 11.50 -18.68 26.75
C SER F 349 11.96 -17.77 27.88
N PRO F 350 11.28 -17.73 29.05
CA PRO F 350 11.62 -16.70 30.05
C PRO F 350 13.03 -16.80 30.60
N GLN F 351 13.59 -18.00 30.74
CA GLN F 351 14.96 -18.11 31.24
C GLN F 351 15.95 -17.55 30.23
N MET F 352 15.76 -17.86 28.95
CA MET F 352 16.58 -17.26 27.90
C MET F 352 16.41 -15.75 27.87
N THR F 353 15.17 -15.28 28.07
CA THR F 353 14.92 -13.84 28.10
C THR F 353 15.67 -13.18 29.26
N ASN F 354 15.66 -13.81 30.43
CA ASN F 354 16.37 -13.26 31.58
C ASN F 354 17.88 -13.24 31.35
N ILE F 355 18.42 -14.33 30.78
CA ILE F 355 19.85 -14.38 30.51
C ILE F 355 20.24 -13.31 29.49
N TRP F 356 19.43 -13.15 28.44
CA TRP F 356 19.69 -12.11 27.45
C TRP F 356 19.60 -10.73 28.08
N ASP F 357 18.63 -10.51 28.96
CA ASP F 357 18.47 -9.20 29.60
C ASP F 357 19.69 -8.87 30.44
N LYS F 358 20.19 -9.83 31.22
CA LYS F 358 21.37 -9.60 32.04
C LYS F 358 22.59 -9.32 31.17
N GLN F 359 22.78 -10.13 30.11
CA GLN F 359 23.94 -9.94 29.24
C GLN F 359 23.88 -8.61 28.51
N LEU F 360 22.68 -8.23 28.04
CA LEU F 360 22.51 -6.94 27.37
C LEU F 360 22.77 -5.78 28.31
N ALA F 361 22.26 -5.87 29.54
CA ALA F 361 22.52 -4.82 30.52
C ALA F 361 24.02 -4.67 30.78
N GLY F 362 24.72 -5.79 30.93
CA GLY F 362 26.16 -5.71 31.13
C GLY F 362 26.89 -5.10 29.95
N TYR F 363 26.56 -5.55 28.73
CA TYR F 363 27.23 -5.05 27.54
C TYR F 363 27.00 -3.55 27.36
N VAL F 364 25.75 -3.12 27.53
CA VAL F 364 25.44 -1.70 27.33
C VAL F 364 26.04 -0.85 28.45
N ALA F 365 26.13 -1.38 29.68
CA ALA F 365 26.80 -0.65 30.75
C ALA F 365 28.29 -0.47 30.46
N ALA F 366 28.95 -1.54 29.99
CA ALA F 366 30.36 -1.42 29.63
C ALA F 366 30.56 -0.43 28.48
N GLY F 367 29.67 -0.47 27.49
CA GLY F 367 29.73 0.49 26.41
C GLY F 367 29.53 1.92 26.89
N PHE F 368 28.66 2.09 27.89
CA PHE F 368 28.42 3.43 28.43
C PHE F 368 29.62 3.94 29.19
N LYS F 369 30.33 3.05 29.90
CA LYS F 369 31.59 3.45 30.52
C LYS F 369 32.61 3.86 29.47
N VAL F 370 32.68 3.11 28.37
CA VAL F 370 33.55 3.50 27.26
C VAL F 370 33.16 4.87 26.73
N THR F 371 31.85 5.11 26.61
CA THR F 371 31.36 6.38 26.09
C THR F 371 31.71 7.54 27.01
N VAL F 372 31.59 7.35 28.32
CA VAL F 372 31.90 8.45 29.24
C VAL F 372 33.41 8.70 29.28
N LEU F 373 34.24 7.65 29.10
CA LEU F 373 35.67 7.90 28.98
C LEU F 373 36.00 8.67 27.69
N ALA F 374 35.32 8.34 26.60
CA ALA F 374 35.52 9.11 25.36
C ALA F 374 35.07 10.55 25.54
N THR F 375 33.99 10.76 26.30
CA THR F 375 33.54 12.11 26.65
C THR F 375 34.62 12.85 27.42
N ILE F 376 35.22 12.18 28.41
CA ILE F 376 36.29 12.81 29.18
C ILE F 376 37.46 13.18 28.27
N GLY F 377 37.80 12.29 27.33
CA GLY F 377 38.87 12.59 26.40
C GLY F 377 38.58 13.81 25.54
N GLN F 378 37.38 13.87 24.96
CA GLN F 378 37.02 15.00 24.12
C GLN F 378 36.97 16.30 24.91
N GLN F 379 36.44 16.25 26.14
CA GLN F 379 36.34 17.46 26.95
C GLN F 379 37.71 17.93 27.40
N GLY F 380 38.62 17.01 27.71
CA GLY F 380 39.97 17.42 28.06
C GLY F 380 40.73 18.02 26.89
N ILE F 381 40.52 17.46 25.68
CA ILE F 381 41.12 18.05 24.49
C ILE F 381 40.58 19.46 24.27
N GLN F 382 39.26 19.64 24.46
CA GLN F 382 38.67 20.97 24.40
C GLN F 382 39.27 21.90 25.44
N LEU F 383 39.50 21.40 26.65
CA LEU F 383 40.06 22.23 27.72
C LEU F 383 41.46 22.71 27.36
N ILE F 384 42.29 21.79 26.86
CA ILE F 384 43.65 22.17 26.46
C ILE F 384 43.62 23.18 25.32
N GLN F 385 42.77 22.92 24.32
CA GLN F 385 42.66 23.82 23.17
C GLN F 385 42.22 25.21 23.60
N LYS F 386 41.17 25.29 24.42
CA LYS F 386 40.63 26.58 24.80
C LYS F 386 41.58 27.33 25.73
N THR F 387 42.24 26.64 26.65
CA THR F 387 43.19 27.32 27.53
C THR F 387 44.38 27.87 26.75
N VAL F 388 44.93 27.08 25.83
CA VAL F 388 46.04 27.56 25.02
C VAL F 388 45.58 28.69 24.12
N MET F 389 44.33 28.63 23.64
CA MET F 389 43.78 29.71 22.82
C MET F 389 43.64 31.00 23.62
N ILE F 390 43.22 30.91 24.89
CA ILE F 390 43.13 32.10 25.73
C ILE F 390 44.51 32.69 25.97
N ILE F 391 45.49 31.84 26.26
CA ILE F 391 46.86 32.32 26.44
C ILE F 391 47.35 33.01 25.18
N ASN F 392 47.09 32.42 24.02
CA ASN F 392 47.49 33.01 22.76
C ASN F 392 46.82 34.36 22.54
N LEU F 393 45.52 34.46 22.84
CA LEU F 393 44.82 35.73 22.67
C LEU F 393 45.41 36.81 23.55
N TRP F 394 45.61 36.50 24.84
CA TRP F 394 46.14 37.51 25.76
C TRP F 394 47.54 37.94 25.37
N LEU F 395 48.42 36.97 25.09
CA LEU F 395 49.80 37.30 24.75
C LEU F 395 49.89 38.05 23.41
N GLY F 396 49.05 37.66 22.44
CA GLY F 396 49.04 38.36 21.17
C GLY F 396 48.53 39.78 21.28
N ALA F 397 47.49 40.00 22.08
CA ALA F 397 47.00 41.36 22.29
C ALA F 397 48.07 42.21 22.97
N HIS F 398 48.74 41.64 23.98
CA HIS F 398 49.81 42.36 24.66
C HIS F 398 50.96 42.69 23.70
N LEU F 399 51.32 41.75 22.83
CA LEU F 399 52.37 42.01 21.86
C LEU F 399 51.96 43.09 20.87
N VAL F 400 50.72 43.04 20.36
CA VAL F 400 50.29 44.00 19.36
C VAL F 400 50.24 45.40 19.96
N ILE F 401 49.73 45.54 21.19
CA ILE F 401 49.78 46.87 21.81
C ILE F 401 51.20 47.24 22.21
N SER F 402 52.11 46.26 22.30
CA SER F 402 53.51 46.54 22.57
C SER F 402 54.36 46.69 21.32
N GLY F 403 53.79 46.45 20.14
CA GLY F 403 54.50 46.63 18.89
C GLY F 403 55.05 45.32 18.32
N ASP F 404 55.64 45.43 17.13
CA ASP F 404 56.28 44.36 16.37
C ASP F 404 55.26 43.37 15.80
N LEU F 405 53.98 43.51 16.12
CA LEU F 405 52.95 42.64 15.57
C LEU F 405 51.80 43.50 15.08
N SER F 406 51.09 43.00 14.06
CA SER F 406 49.94 43.68 13.50
C SER F 406 48.68 42.82 13.68
N ILE F 407 47.53 43.45 13.43
CA ILE F 407 46.26 42.75 13.59
C ILE F 407 46.10 41.66 12.53
N GLY F 408 46.57 41.92 11.30
CA GLY F 408 46.50 40.90 10.26
C GLY F 408 47.35 39.68 10.58
N GLN F 409 48.56 39.91 11.09
CA GLN F 409 49.41 38.80 11.52
C GLN F 409 48.76 38.02 12.64
N LEU F 410 48.11 38.72 13.58
CA LEU F 410 47.47 38.03 14.70
C LEU F 410 46.30 37.17 14.25
N ILE F 411 45.45 37.70 13.35
CA ILE F 411 44.31 36.90 12.90
C ILE F 411 44.78 35.75 12.01
N ALA F 412 45.86 35.96 11.25
CA ALA F 412 46.45 34.86 10.50
C ALA F 412 46.97 33.78 11.44
N PHE F 413 47.59 34.19 12.55
CA PHE F 413 48.05 33.23 13.55
C PHE F 413 46.87 32.45 14.14
N ASN F 414 45.78 33.15 14.42
CA ASN F 414 44.60 32.47 14.96
C ASN F 414 44.04 31.47 13.97
N MET F 415 43.99 31.83 12.69
CA MET F 415 43.49 30.91 11.67
C MET F 415 44.39 29.68 11.54
N LEU F 416 45.71 29.90 11.55
CA LEU F 416 46.64 28.77 11.51
C LEU F 416 46.50 27.88 12.73
N ALA F 417 46.33 28.47 13.91
CA ALA F 417 46.15 27.71 15.13
C ALA F 417 44.88 26.86 15.07
N GLY F 418 43.79 27.46 14.59
CA GLY F 418 42.55 26.70 14.43
C GLY F 418 42.69 25.55 13.46
N GLN F 419 43.34 25.81 12.32
CA GLN F 419 43.47 24.77 11.30
C GLN F 419 44.50 23.71 11.68
N ILE F 420 45.40 24.02 12.62
CA ILE F 420 46.37 23.02 13.05
C ILE F 420 45.84 22.23 14.25
N VAL F 421 44.88 22.78 14.99
CA VAL F 421 44.29 22.02 16.08
C VAL F 421 43.06 21.25 15.63
N ALA F 422 42.45 21.61 14.50
CA ALA F 422 41.36 20.82 13.95
C ALA F 422 41.68 19.35 13.76
N PRO F 423 42.86 18.94 13.27
CA PRO F 423 43.16 17.49 13.29
C PRO F 423 43.19 16.89 14.69
N VAL F 424 43.53 17.68 15.71
CA VAL F 424 43.59 17.14 17.06
C VAL F 424 42.19 16.82 17.58
N ILE F 425 41.23 17.73 17.39
CA ILE F 425 39.84 17.42 17.69
C ILE F 425 39.35 16.28 16.81
N ARG F 426 39.86 16.20 15.59
CA ARG F 426 39.39 15.23 14.61
C ARG F 426 39.79 13.82 15.04
N LEU F 427 40.99 13.68 15.59
CA LEU F 427 41.46 12.40 16.13
C LEU F 427 40.88 12.12 17.51
N ALA F 428 40.64 13.17 18.30
CA ALA F 428 40.09 12.96 19.63
C ALA F 428 38.65 12.46 19.57
N GLN F 429 37.91 12.86 18.53
CA GLN F 429 36.55 12.38 18.36
C GLN F 429 36.47 10.89 18.00
N ILE F 430 37.58 10.29 17.57
CA ILE F 430 37.60 8.88 17.17
C ILE F 430 38.70 8.12 17.91
N TRP F 431 39.18 8.70 19.01
CA TRP F 431 40.08 7.96 19.90
C TRP F 431 39.47 6.64 20.36
N GLN F 432 38.15 6.62 20.60
CA GLN F 432 37.50 5.36 20.95
C GLN F 432 37.60 4.35 19.82
N ASP F 433 37.45 4.80 18.57
CA ASP F 433 37.64 3.91 17.43
C ASP F 433 39.07 3.43 17.36
N PHE F 434 40.04 4.30 17.67
CA PHE F 434 41.44 3.90 17.67
C PHE F 434 41.70 2.78 18.67
N GLN F 435 41.17 2.93 19.89
CA GLN F 435 41.33 1.88 20.90
C GLN F 435 40.60 0.61 20.50
N GLN F 436 39.42 0.74 19.88
CA GLN F 436 38.70 -0.43 19.40
C GLN F 436 39.50 -1.17 18.34
N VAL F 437 40.21 -0.43 17.48
CA VAL F 437 41.05 -1.06 16.46
C VAL F 437 42.24 -1.75 17.10
N GLY F 438 42.81 -1.14 18.14
CA GLY F 438 43.87 -1.83 18.88
C GLY F 438 43.40 -3.17 19.43
N ILE F 439 42.22 -3.16 20.05
CA ILE F 439 41.64 -4.40 20.58
C ILE F 439 41.37 -5.39 19.45
N SER F 440 40.85 -4.90 18.32
CA SER F 440 40.52 -5.78 17.20
C SER F 440 41.77 -6.43 16.62
N VAL F 441 42.85 -5.67 16.47
CA VAL F 441 44.10 -6.24 15.97
C VAL F 441 44.66 -7.26 16.96
N THR F 442 44.54 -6.97 18.26
CA THR F 442 44.98 -7.94 19.26
C THR F 442 44.18 -9.24 19.17
N ARG F 443 42.87 -9.15 18.94
CA ARG F 443 42.04 -10.35 18.88
C ARG F 443 42.25 -11.12 17.58
N LEU F 444 42.43 -10.41 16.45
CA LEU F 444 42.81 -11.09 15.23
C LEU F 444 44.15 -11.80 15.38
N GLY F 445 45.09 -11.20 16.12
CA GLY F 445 46.32 -11.90 16.44
C GLY F 445 46.09 -13.12 17.30
N ASP F 446 45.16 -13.02 18.25
CA ASP F 446 44.84 -14.18 19.10
C ASP F 446 44.29 -15.31 18.27
N VAL F 447 43.51 -15.00 17.24
CA VAL F 447 43.00 -16.04 16.34
C VAL F 447 44.12 -16.58 15.46
N LEU F 448 44.92 -15.70 14.86
CA LEU F 448 45.85 -16.09 13.82
C LEU F 448 47.11 -16.77 14.35
N ASN F 449 47.48 -16.55 15.60
CA ASN F 449 48.65 -17.18 16.17
C ASN F 449 48.38 -18.58 16.71
N SER F 450 47.15 -19.06 16.64
CA SER F 450 46.87 -20.43 17.03
C SER F 450 47.54 -21.38 16.03
N PRO F 451 48.13 -22.48 16.50
CA PRO F 451 48.87 -23.36 15.59
C PRO F 451 47.95 -24.03 14.57
N THR F 452 48.24 -23.81 13.30
CA THR F 452 47.43 -24.35 12.22
C THR F 452 47.92 -25.73 11.83
N GLU F 453 47.06 -26.47 11.13
CA GLU F 453 47.36 -27.81 10.64
C GLU F 453 46.91 -27.95 9.19
N SER F 454 47.27 -26.97 8.37
CA SER F 454 46.82 -26.95 6.98
C SER F 454 47.45 -28.07 6.18
N TYR F 455 48.78 -28.07 6.06
CA TYR F 455 49.47 -29.07 5.26
C TYR F 455 50.92 -29.16 5.72
N HIS F 456 51.56 -30.27 5.37
CA HIS F 456 52.98 -30.47 5.64
C HIS F 456 53.82 -30.45 4.36
N GLY F 457 53.31 -31.03 3.27
CA GLY F 457 54.01 -31.04 2.01
C GLY F 457 55.30 -31.85 2.05
N LYS F 458 55.19 -33.16 2.24
CA LYS F 458 56.34 -34.04 2.38
C LYS F 458 56.30 -35.08 1.28
N LEU F 459 57.06 -34.84 0.21
CA LEU F 459 57.40 -35.80 -0.84
C LEU F 459 56.20 -36.24 -1.68
N ALA F 460 55.03 -35.61 -1.51
CA ALA F 460 53.87 -35.83 -2.36
C ALA F 460 53.44 -37.31 -2.35
N LEU F 461 52.95 -37.73 -1.19
CA LEU F 461 52.58 -39.12 -0.97
C LEU F 461 51.54 -39.57 -2.01
N PRO F 462 51.72 -40.75 -2.62
CA PRO F 462 50.79 -41.20 -3.66
C PRO F 462 49.56 -41.88 -3.09
N GLU F 463 48.62 -42.28 -3.97
CA GLU F 463 47.31 -42.72 -3.56
C GLU F 463 47.37 -43.92 -2.62
N ILE F 464 46.37 -44.03 -1.75
CA ILE F 464 46.38 -44.99 -0.66
C ILE F 464 45.35 -46.07 -0.91
N ASN F 465 45.57 -47.23 -0.28
CA ASN F 465 44.59 -48.30 -0.22
C ASN F 465 44.07 -48.42 1.21
N GLY F 466 43.28 -49.45 1.46
CA GLY F 466 42.74 -49.68 2.79
C GLY F 466 43.73 -50.33 3.74
N ASN F 467 44.89 -49.72 3.92
CA ASN F 467 45.94 -50.25 4.79
C ASN F 467 46.04 -49.34 6.01
N ILE F 468 45.30 -49.69 7.06
CA ILE F 468 45.24 -48.91 8.30
C ILE F 468 45.84 -49.74 9.42
N THR F 469 46.78 -49.15 10.16
CA THR F 469 47.45 -49.85 11.25
C THR F 469 47.51 -48.94 12.47
N PHE F 470 46.88 -49.38 13.57
CA PHE F 470 46.99 -48.68 14.84
C PHE F 470 48.11 -49.29 15.68
N ARG F 471 48.86 -48.42 16.37
CA ARG F 471 49.96 -48.92 17.21
C ARG F 471 50.00 -48.09 18.49
N ASN F 472 49.63 -48.72 19.60
CA ASN F 472 49.78 -48.18 20.96
C ASN F 472 49.07 -46.83 21.11
N ILE F 473 47.84 -46.77 20.61
CA ILE F 473 47.11 -45.51 20.59
C ILE F 473 46.69 -45.13 22.00
N ARG F 474 47.16 -43.97 22.46
CA ARG F 474 46.70 -43.35 23.69
C ARG F 474 46.28 -41.93 23.38
N PHE F 475 45.09 -41.54 23.82
CA PHE F 475 44.54 -40.26 23.41
C PHE F 475 43.64 -39.69 24.48
N ARG F 476 43.73 -38.38 24.69
CA ARG F 476 42.83 -37.63 25.55
C ARG F 476 42.35 -36.39 24.82
N TYR F 477 41.06 -36.09 24.98
CA TYR F 477 40.49 -34.86 24.42
C TYR F 477 41.11 -33.61 25.05
N LYS F 478 41.35 -33.63 26.35
CA LYS F 478 42.04 -32.55 27.03
C LYS F 478 43.22 -33.11 27.80
N PRO F 479 44.27 -32.30 28.00
CA PRO F 479 45.43 -32.80 28.78
C PRO F 479 45.08 -33.24 30.19
N ASP F 480 44.06 -32.62 30.81
CA ASP F 480 43.65 -33.03 32.14
C ASP F 480 42.60 -34.13 32.08
N SER F 481 41.98 -34.32 30.91
CA SER F 481 40.89 -35.27 30.73
C SER F 481 41.37 -36.71 30.89
N PRO F 482 40.53 -37.61 31.37
CA PRO F 482 40.94 -39.02 31.47
C PRO F 482 41.17 -39.63 30.09
N VAL F 483 42.06 -40.63 30.05
CA VAL F 483 42.40 -41.28 28.80
C VAL F 483 41.18 -42.06 28.29
N ILE F 484 40.94 -41.95 26.98
CA ILE F 484 39.80 -42.64 26.36
C ILE F 484 40.26 -44.00 25.84
N LEU F 485 41.22 -43.99 24.91
CA LEU F 485 41.75 -45.20 24.32
C LEU F 485 43.08 -45.54 24.97
N ASP F 486 43.19 -46.76 25.51
CA ASP F 486 44.34 -47.15 26.31
C ASP F 486 45.39 -47.89 25.49
N ASN F 487 45.03 -49.04 24.91
CA ASN F 487 46.00 -49.90 24.23
C ASN F 487 45.41 -50.40 22.91
N ILE F 488 44.86 -49.49 22.11
CA ILE F 488 44.25 -49.85 20.84
C ILE F 488 45.36 -50.27 19.88
N ASN F 489 45.34 -51.54 19.45
CA ASN F 489 46.31 -52.07 18.49
C ASN F 489 45.53 -52.85 17.45
N LEU F 490 45.24 -52.21 16.32
CA LEU F 490 44.44 -52.82 15.26
C LEU F 490 45.14 -52.65 13.93
N SER F 491 44.91 -53.62 13.05
CA SER F 491 45.42 -53.59 11.69
C SER F 491 44.30 -53.99 10.74
N ILE F 492 43.97 -53.12 9.79
CA ILE F 492 42.88 -53.34 8.86
C ILE F 492 43.48 -53.55 7.47
N LYS F 493 43.14 -54.66 6.84
CA LYS F 493 43.65 -54.94 5.50
C LYS F 493 42.72 -54.37 4.44
N GLN F 494 43.19 -54.36 3.21
CA GLN F 494 42.47 -53.73 2.12
C GLN F 494 41.19 -54.50 1.80
N GLY F 495 40.09 -53.77 1.60
CA GLY F 495 38.82 -54.36 1.24
C GLY F 495 38.08 -55.04 2.38
N GLU F 496 38.57 -54.90 3.61
CA GLU F 496 37.99 -55.59 4.75
C GLU F 496 36.85 -54.75 5.32
N VAL F 497 35.62 -55.24 5.18
CA VAL F 497 34.46 -54.52 5.69
C VAL F 497 34.38 -54.77 7.20
N ILE F 498 34.98 -53.87 7.98
CA ILE F 498 35.16 -54.06 9.41
C ILE F 498 34.09 -53.26 10.14
N GLY F 499 33.47 -53.88 11.14
CA GLY F 499 32.47 -53.24 11.96
C GLY F 499 32.93 -53.19 13.41
N ILE F 500 32.52 -52.14 14.12
CA ILE F 500 32.89 -51.93 15.51
C ILE F 500 31.64 -51.75 16.35
N VAL F 501 31.53 -52.52 17.43
CA VAL F 501 30.38 -52.51 18.32
C VAL F 501 30.86 -52.26 19.73
N GLY F 502 30.12 -51.43 20.46
CA GLY F 502 30.47 -51.17 21.85
C GLY F 502 29.34 -50.48 22.58
N ARG F 503 29.57 -50.25 23.87
CA ARG F 503 28.62 -49.55 24.70
C ARG F 503 28.59 -48.07 24.33
N SER F 504 27.54 -47.39 24.80
CA SER F 504 27.45 -45.94 24.62
C SER F 504 28.52 -45.26 25.47
N GLY F 505 29.27 -44.36 24.85
CA GLY F 505 30.36 -43.69 25.54
C GLY F 505 31.62 -44.52 25.66
N SER F 506 31.69 -45.68 25.01
CA SER F 506 32.90 -46.49 25.05
C SER F 506 34.04 -45.82 24.30
N GLY F 507 33.75 -45.12 23.21
CA GLY F 507 34.78 -44.45 22.46
C GLY F 507 34.89 -44.90 21.02
N LYS F 508 33.78 -45.39 20.46
CA LYS F 508 33.80 -45.85 19.08
C LYS F 508 33.98 -44.69 18.10
N SER F 509 33.53 -43.49 18.47
CA SER F 509 33.73 -42.33 17.61
C SER F 509 35.15 -41.80 17.66
N THR F 510 35.91 -42.15 18.69
CA THR F 510 37.31 -41.71 18.77
C THR F 510 38.13 -42.34 17.64
N LEU F 511 37.87 -43.61 17.32
CA LEU F 511 38.55 -44.23 16.19
C LEU F 511 38.19 -43.55 14.89
N THR F 512 36.90 -43.19 14.73
CA THR F 512 36.47 -42.46 13.54
C THR F 512 37.20 -41.13 13.42
N LYS F 513 37.31 -40.38 14.52
CA LYS F 513 37.97 -39.09 14.48
C LYS F 513 39.50 -39.22 14.39
N LEU F 514 40.05 -40.38 14.74
CA LEU F 514 41.49 -40.58 14.68
C LEU F 514 41.96 -41.14 13.35
N ILE F 515 41.08 -41.81 12.59
CA ILE F 515 41.43 -42.19 11.22
C ILE F 515 41.74 -40.94 10.41
N GLN F 516 40.90 -39.93 10.51
CA GLN F 516 41.14 -38.64 9.88
C GLN F 516 42.05 -37.80 10.77
N ARG F 517 42.50 -36.68 10.21
CA ARG F 517 43.43 -35.81 10.93
C ARG F 517 42.67 -34.75 11.73
N PHE F 518 41.71 -35.22 12.52
CA PHE F 518 41.01 -34.35 13.46
C PHE F 518 41.80 -34.14 14.74
N TYR F 519 42.49 -35.19 15.21
CA TYR F 519 43.19 -35.16 16.48
C TYR F 519 44.57 -35.80 16.30
N ILE F 520 45.43 -35.57 17.29
CA ILE F 520 46.76 -36.17 17.35
C ILE F 520 46.83 -37.04 18.60
N PRO F 521 47.13 -38.32 18.47
CA PRO F 521 47.20 -39.18 19.66
C PRO F 521 48.30 -38.75 20.61
N GLU F 522 48.02 -38.87 21.91
CA GLU F 522 49.02 -38.52 22.93
C GLU F 522 50.21 -39.47 22.89
N ASN F 523 49.97 -40.76 22.70
CA ASN F 523 51.03 -41.75 22.60
C ASN F 523 50.64 -42.75 21.52
N GLY F 524 51.63 -43.26 20.79
CA GLY F 524 51.37 -44.17 19.69
C GLY F 524 50.95 -43.44 18.43
N GLN F 525 50.79 -44.22 17.36
CA GLN F 525 50.50 -43.62 16.07
C GLN F 525 49.67 -44.57 15.21
N VAL F 526 49.05 -43.94 14.23
CA VAL F 526 48.25 -44.67 13.30
C VAL F 526 49.03 -44.54 12.02
N LEU F 527 48.87 -45.46 11.09
CA LEU F 527 49.51 -45.33 9.79
C LEU F 527 48.54 -45.76 8.69
N ILE F 528 48.55 -45.00 7.59
CA ILE F 528 47.77 -45.30 6.40
C ILE F 528 48.74 -45.63 5.27
N ASP F 529 48.58 -46.82 4.68
CA ASP F 529 49.43 -47.29 3.59
C ASP F 529 50.90 -47.31 4.00
N GLY F 530 51.16 -47.60 5.28
CA GLY F 530 52.51 -47.64 5.80
C GLY F 530 53.11 -46.30 6.15
N HIS F 531 52.37 -45.21 5.96
CA HIS F 531 52.90 -43.89 6.26
C HIS F 531 52.27 -43.33 7.52
N ASP F 532 53.12 -42.79 8.41
CA ASP F 532 52.64 -42.23 9.66
C ASP F 532 51.80 -40.99 9.40
N LEU F 533 50.81 -40.77 10.28
CA LEU F 533 49.88 -39.65 10.12
C LEU F 533 50.30 -38.41 10.88
N ALA F 534 51.41 -38.45 11.61
CA ALA F 534 51.87 -37.26 12.33
C ALA F 534 52.43 -36.21 11.38
N LEU F 535 52.72 -36.60 10.14
CA LEU F 535 53.31 -35.70 9.15
C LEU F 535 52.58 -35.71 7.82
N ALA F 536 51.47 -36.44 7.71
CA ALA F 536 50.74 -36.50 6.45
C ALA F 536 49.87 -35.27 6.26
N ASP F 537 49.48 -35.03 5.02
CA ASP F 537 48.63 -33.89 4.68
C ASP F 537 47.19 -34.20 5.06
N PRO F 538 46.56 -33.41 5.93
CA PRO F 538 45.16 -33.69 6.30
C PRO F 538 44.18 -33.57 5.15
N ASN F 539 44.32 -32.54 4.30
CA ASN F 539 43.37 -32.32 3.23
C ASN F 539 43.41 -33.46 2.22
N TRP F 540 44.60 -33.95 1.91
CA TRP F 540 44.74 -35.07 0.97
C TRP F 540 44.05 -36.33 1.48
N LEU F 541 44.29 -36.70 2.74
CA LEU F 541 43.64 -37.88 3.29
C LEU F 541 42.13 -37.70 3.37
N ARG F 542 41.68 -36.52 3.81
CA ARG F 542 40.26 -36.31 3.98
C ARG F 542 39.52 -36.09 2.67
N ARG F 543 40.23 -35.89 1.55
CA ARG F 543 39.59 -36.04 0.25
C ARG F 543 39.73 -37.46 -0.29
N GLN F 544 40.67 -38.24 0.23
CA GLN F 544 40.74 -39.66 -0.12
C GLN F 544 39.79 -40.50 0.72
N VAL F 545 39.25 -39.95 1.80
CA VAL F 545 38.40 -40.69 2.74
C VAL F 545 36.99 -40.12 2.70
N GLY F 546 36.00 -40.98 2.52
CA GLY F 546 34.59 -40.60 2.57
C GLY F 546 33.98 -41.03 3.89
N VAL F 547 33.24 -40.12 4.52
CA VAL F 547 32.76 -40.34 5.87
C VAL F 547 31.32 -39.84 6.00
N VAL F 548 30.49 -40.64 6.67
CA VAL F 548 29.23 -40.20 7.25
C VAL F 548 29.40 -40.22 8.76
N LEU F 549 29.13 -39.09 9.39
CA LEU F 549 29.37 -38.93 10.82
C LEU F 549 28.16 -39.33 11.64
N GLN F 550 28.33 -39.35 12.97
CA GLN F 550 27.23 -39.68 13.86
C GLN F 550 26.10 -38.67 13.76
N ASP F 551 26.44 -37.39 13.69
CA ASP F 551 25.47 -36.33 13.45
C ASP F 551 25.69 -35.77 12.06
N ASN F 552 24.63 -35.74 11.26
CA ASN F 552 24.70 -35.31 9.88
C ASN F 552 24.09 -33.92 9.74
N VAL F 553 24.88 -32.98 9.23
CA VAL F 553 24.42 -31.63 8.95
C VAL F 553 24.77 -31.30 7.50
N LEU F 554 23.84 -30.67 6.80
CA LEU F 554 24.02 -30.25 5.43
C LEU F 554 24.17 -28.73 5.39
N LEU F 555 24.28 -28.18 4.19
CA LEU F 555 24.34 -26.75 3.99
C LEU F 555 23.07 -26.26 3.33
N ASN F 556 22.86 -24.94 3.38
CA ASN F 556 21.64 -24.33 2.84
C ASN F 556 21.77 -24.23 1.32
N ARG F 557 21.88 -25.38 0.67
CA ARG F 557 22.04 -25.47 -0.77
C ARG F 557 21.04 -26.51 -1.29
N SER F 558 21.13 -26.80 -2.59
CA SER F 558 20.27 -27.81 -3.19
C SER F 558 20.84 -29.21 -2.95
N ILE F 559 19.99 -30.22 -3.14
CA ILE F 559 20.41 -31.60 -2.94
C ILE F 559 21.47 -32.00 -3.93
N ILE F 560 21.33 -31.59 -5.20
CA ILE F 560 22.30 -31.93 -6.22
C ILE F 560 23.67 -31.35 -5.90
N ASP F 561 23.71 -30.22 -5.18
CA ASP F 561 24.96 -29.60 -4.80
C ASP F 561 25.42 -30.11 -3.43
N ASN F 562 24.47 -30.37 -2.53
CA ASN F 562 24.82 -30.90 -1.21
C ASN F 562 25.49 -32.26 -1.32
N ILE F 563 24.96 -33.14 -2.18
CA ILE F 563 25.58 -34.44 -2.40
C ILE F 563 26.91 -34.27 -3.12
N SER F 564 26.98 -33.36 -4.08
CA SER F 564 28.18 -33.14 -4.89
C SER F 564 29.03 -32.00 -4.34
N LEU F 565 29.08 -31.87 -3.02
CA LEU F 565 29.83 -30.78 -2.39
C LEU F 565 31.34 -30.91 -2.65
N ALA F 566 31.82 -32.14 -2.85
CA ALA F 566 33.24 -32.35 -3.09
C ALA F 566 33.68 -31.79 -4.43
N ASN F 567 32.83 -31.90 -5.45
CA ASN F 567 33.18 -31.41 -6.79
C ASN F 567 31.92 -30.91 -7.49
N PRO F 568 31.76 -29.61 -7.68
CA PRO F 568 30.53 -29.07 -8.28
C PRO F 568 30.43 -29.27 -9.78
N GLY F 569 31.55 -29.43 -10.49
CA GLY F 569 31.55 -29.68 -11.91
C GLY F 569 31.33 -31.13 -12.31
N MET F 570 31.19 -32.04 -11.35
CA MET F 570 30.99 -33.45 -11.65
C MET F 570 29.56 -33.70 -12.15
N SER F 571 29.45 -34.62 -13.09
CA SER F 571 28.22 -34.81 -13.86
C SER F 571 27.06 -35.32 -12.99
N VAL F 572 25.84 -35.11 -13.50
CA VAL F 572 24.62 -35.45 -12.80
C VAL F 572 24.45 -36.97 -12.69
N GLU F 573 24.89 -37.71 -13.70
CA GLU F 573 24.69 -39.17 -13.70
C GLU F 573 25.43 -39.84 -12.56
N LYS F 574 26.58 -39.31 -12.17
CA LYS F 574 27.28 -39.83 -11.01
C LYS F 574 26.45 -39.67 -9.74
N VAL F 575 25.83 -38.50 -9.57
CA VAL F 575 24.99 -38.27 -8.39
C VAL F 575 23.74 -39.16 -8.44
N ILE F 576 23.20 -39.37 -9.64
CA ILE F 576 22.02 -40.24 -9.79
C ILE F 576 22.38 -41.67 -9.40
N TYR F 577 23.54 -42.15 -9.85
CA TYR F 577 23.98 -43.49 -9.49
C TYR F 577 24.24 -43.61 -8.00
N ALA F 578 24.83 -42.57 -7.40
CA ALA F 578 25.07 -42.58 -5.96
C ALA F 578 23.76 -42.60 -5.17
N ALA F 579 22.76 -41.83 -5.63
CA ALA F 579 21.49 -41.77 -4.92
C ALA F 579 20.71 -43.07 -5.06
N LYS F 580 20.74 -43.68 -6.25
CA LYS F 580 20.14 -45.00 -6.41
C LYS F 580 20.84 -46.04 -5.56
N LEU F 581 22.18 -45.97 -5.49
CA LEU F 581 22.94 -46.91 -4.69
C LEU F 581 22.67 -46.71 -3.20
N ALA F 582 22.47 -45.47 -2.78
CA ALA F 582 22.17 -45.17 -1.38
C ALA F 582 20.69 -45.30 -1.05
N GLY F 583 19.85 -45.63 -2.02
CA GLY F 583 18.43 -45.73 -1.77
C GLY F 583 17.74 -44.40 -1.57
N ALA F 584 18.34 -43.31 -2.03
CA ALA F 584 17.80 -41.98 -1.82
C ALA F 584 17.09 -41.40 -3.04
N HIS F 585 17.06 -42.14 -4.16
CA HIS F 585 16.47 -41.58 -5.37
C HIS F 585 14.94 -41.58 -5.32
N ASP F 586 14.34 -42.51 -4.58
CA ASP F 586 12.89 -42.67 -4.62
C ASP F 586 12.17 -41.46 -4.03
N PHE F 587 12.56 -41.04 -2.82
CA PHE F 587 11.87 -39.92 -2.20
C PHE F 587 12.22 -38.61 -2.89
N ILE F 588 13.46 -38.47 -3.37
CA ILE F 588 13.85 -37.26 -4.10
C ILE F 588 13.04 -37.12 -5.37
N SER F 589 12.86 -38.22 -6.10
CA SER F 589 11.98 -38.20 -7.28
C SER F 589 10.55 -37.90 -6.86
N GLU F 590 10.12 -38.38 -5.69
CA GLU F 590 8.78 -38.09 -5.22
C GLU F 590 8.69 -36.66 -4.67
N LEU F 591 9.83 -36.03 -4.38
CA LEU F 591 9.81 -34.63 -3.96
C LEU F 591 9.32 -33.74 -5.10
N ARG F 592 8.72 -32.61 -4.72
CA ARG F 592 8.14 -31.69 -5.68
C ARG F 592 9.19 -31.04 -6.56
N GLU F 593 10.31 -30.63 -5.97
CA GLU F 593 11.38 -29.97 -6.71
C GLU F 593 12.43 -30.95 -7.24
N GLY F 594 12.39 -32.21 -6.83
CA GLY F 594 13.42 -33.15 -7.26
C GLY F 594 14.75 -32.80 -6.63
N TYR F 595 15.75 -32.55 -7.49
CA TYR F 595 17.07 -32.13 -7.03
C TYR F 595 17.19 -30.62 -6.86
N ASN F 596 16.07 -29.91 -6.72
CA ASN F 596 16.09 -28.46 -6.64
C ASN F 596 15.67 -27.91 -5.28
N THR F 597 15.08 -28.74 -4.42
CA THR F 597 14.64 -28.27 -3.12
C THR F 597 15.85 -27.90 -2.25
N ILE F 598 15.63 -26.95 -1.35
CA ILE F 598 16.70 -26.34 -0.57
C ILE F 598 16.59 -26.82 0.88
N VAL F 599 17.68 -27.33 1.41
CA VAL F 599 17.78 -27.66 2.83
C VAL F 599 17.80 -26.34 3.60
N GLY F 600 16.70 -26.04 4.30
CA GLY F 600 16.51 -24.71 4.88
C GLY F 600 17.38 -24.41 6.08
N GLU F 601 18.02 -25.40 6.65
CA GLU F 601 18.84 -25.21 7.85
C GLU F 601 19.99 -26.22 7.78
N GLN F 602 20.62 -26.48 8.94
CA GLN F 602 21.71 -27.44 8.99
C GLN F 602 21.25 -28.83 8.54
N GLY F 603 20.07 -29.24 8.98
CA GLY F 603 19.49 -30.48 8.50
C GLY F 603 17.99 -30.42 8.38
N ALA F 604 17.41 -29.25 8.59
CA ALA F 604 15.97 -29.10 8.57
C ALA F 604 15.47 -28.89 7.14
N GLY F 605 14.15 -28.92 6.98
CA GLY F 605 13.52 -28.88 5.69
C GLY F 605 13.20 -30.24 5.12
N LEU F 606 13.86 -31.29 5.62
CA LEU F 606 13.58 -32.67 5.25
C LEU F 606 13.48 -33.50 6.53
N SER F 607 13.31 -34.81 6.35
CA SER F 607 13.18 -35.72 7.49
C SER F 607 14.57 -36.10 8.00
N GLY F 608 14.62 -36.99 8.98
CA GLY F 608 15.88 -37.46 9.51
C GLY F 608 16.48 -38.57 8.66
N GLY F 609 15.65 -39.53 8.26
CA GLY F 609 16.12 -40.59 7.39
C GLY F 609 16.53 -40.08 6.02
N GLN F 610 15.78 -39.10 5.49
CA GLN F 610 16.15 -38.49 4.22
C GLN F 610 17.49 -37.76 4.33
N ARG F 611 17.70 -37.06 5.45
CA ARG F 611 18.98 -36.38 5.67
C ARG F 611 20.12 -37.40 5.77
N GLN F 612 19.88 -38.51 6.46
CA GLN F 612 20.90 -39.55 6.56
C GLN F 612 21.22 -40.15 5.19
N ARG F 613 20.20 -40.40 4.37
CA ARG F 613 20.42 -40.93 3.04
C ARG F 613 21.18 -39.94 2.15
N ILE F 614 20.86 -38.65 2.28
CA ILE F 614 21.58 -37.63 1.51
C ILE F 614 23.04 -37.57 1.95
N ALA F 615 23.29 -37.68 3.26
CA ALA F 615 24.67 -37.71 3.74
C ALA F 615 25.41 -38.93 3.21
N ILE F 616 24.75 -40.08 3.19
CA ILE F 616 25.37 -41.31 2.66
C ILE F 616 25.70 -41.15 1.19
N ALA F 617 24.77 -40.57 0.41
CA ALA F 617 25.03 -40.33 -1.00
C ALA F 617 26.17 -39.35 -1.20
N ARG F 618 26.23 -38.31 -0.37
CA ARG F 618 27.32 -37.34 -0.45
C ARG F 618 28.66 -38.00 -0.17
N ALA F 619 28.70 -38.91 0.82
CA ALA F 619 29.93 -39.63 1.10
C ALA F 619 30.31 -40.59 -0.02
N LEU F 620 29.32 -41.20 -0.69
CA LEU F 620 29.58 -42.21 -1.71
C LEU F 620 29.64 -41.65 -3.13
N VAL F 621 29.45 -40.34 -3.33
CA VAL F 621 29.35 -39.82 -4.68
C VAL F 621 30.72 -39.77 -5.36
N ASN F 622 31.78 -39.68 -4.56
CA ASN F 622 33.14 -39.67 -5.09
C ASN F 622 33.64 -41.11 -5.18
N ASN F 623 34.94 -41.28 -5.36
CA ASN F 623 35.56 -42.61 -5.37
C ASN F 623 36.55 -42.80 -4.22
N PRO F 624 36.10 -42.70 -2.98
CA PRO F 624 37.03 -42.75 -1.85
C PRO F 624 37.59 -44.15 -1.64
N LYS F 625 38.80 -44.18 -1.09
CA LYS F 625 39.48 -45.43 -0.80
C LYS F 625 39.19 -45.97 0.59
N ILE F 626 38.88 -45.10 1.55
CA ILE F 626 38.50 -45.51 2.90
C ILE F 626 37.15 -44.88 3.21
N LEU F 627 36.17 -45.71 3.54
CA LEU F 627 34.84 -45.27 3.90
C LEU F 627 34.62 -45.48 5.39
N ILE F 628 34.02 -44.50 6.05
CA ILE F 628 33.69 -44.59 7.46
C ILE F 628 32.22 -44.24 7.62
N PHE F 629 31.42 -45.21 8.02
CA PHE F 629 29.98 -45.05 8.23
C PHE F 629 29.72 -45.10 9.72
N ASP F 630 29.80 -43.94 10.39
CA ASP F 630 29.53 -43.83 11.82
C ASP F 630 28.04 -43.54 11.99
N GLN F 631 27.30 -44.55 12.44
CA GLN F 631 25.84 -44.47 12.58
C GLN F 631 25.17 -44.07 11.28
N ALA F 632 25.53 -44.77 10.20
CA ALA F 632 24.93 -44.48 8.90
C ALA F 632 23.49 -44.96 8.83
N THR F 633 23.09 -45.84 9.75
CA THR F 633 21.71 -46.30 9.85
C THR F 633 21.26 -46.02 11.28
N SER F 634 20.80 -44.78 11.52
CA SER F 634 20.28 -44.40 12.83
C SER F 634 18.84 -43.94 12.71
N ALA F 635 18.59 -42.96 11.84
CA ALA F 635 17.26 -42.39 11.65
C ALA F 635 16.51 -43.05 10.51
N LEU F 636 16.93 -44.24 10.08
CA LEU F 636 16.33 -44.92 8.94
C LEU F 636 15.49 -46.09 9.42
N ASP F 637 14.37 -46.32 8.75
CA ASP F 637 13.52 -47.47 9.07
C ASP F 637 14.17 -48.76 8.59
N TYR F 638 13.49 -49.88 8.87
CA TYR F 638 14.05 -51.18 8.55
C TYR F 638 14.10 -51.43 7.05
N GLU F 639 13.16 -50.87 6.29
CA GLU F 639 13.17 -51.08 4.84
C GLU F 639 14.37 -50.39 4.19
N SER F 640 14.63 -49.14 4.57
CA SER F 640 15.80 -48.43 4.05
C SER F 640 17.09 -49.09 4.50
N GLU F 641 17.13 -49.58 5.74
CA GLU F 641 18.29 -50.32 6.22
C GLU F 641 18.53 -51.58 5.39
N HIS F 642 17.44 -52.29 5.04
CA HIS F 642 17.56 -53.47 4.19
C HIS F 642 18.06 -53.10 2.79
N ILE F 643 17.58 -51.97 2.25
CA ILE F 643 18.04 -51.50 0.95
C ILE F 643 19.54 -51.23 0.99
N ILE F 644 19.99 -50.55 2.05
CA ILE F 644 21.41 -50.25 2.19
C ILE F 644 22.22 -51.53 2.36
N MET F 645 21.70 -52.50 3.10
CA MET F 645 22.39 -53.78 3.25
C MET F 645 22.51 -54.53 1.93
N ARG F 646 21.47 -54.50 1.11
CA ARG F 646 21.56 -55.15 -0.20
C ARG F 646 22.52 -54.42 -1.12
N ASN F 647 22.59 -53.09 -1.04
CA ASN F 647 23.52 -52.32 -1.85
C ASN F 647 24.94 -52.28 -1.27
N MET F 648 25.13 -52.85 -0.07
CA MET F 648 26.44 -52.83 0.57
C MET F 648 27.49 -53.57 -0.24
N HIS F 649 27.09 -54.60 -0.98
CA HIS F 649 28.04 -55.29 -1.86
C HIS F 649 28.55 -54.36 -2.95
N LYS F 650 27.66 -53.56 -3.54
CA LYS F 650 28.09 -52.56 -4.51
C LYS F 650 28.84 -51.41 -3.85
N ILE F 651 28.63 -51.19 -2.55
CA ILE F 651 29.39 -50.16 -1.84
C ILE F 651 30.87 -50.54 -1.75
N CYS F 652 31.15 -51.81 -1.44
CA CYS F 652 32.48 -52.25 -1.03
C CYS F 652 33.25 -52.91 -2.16
N LYS F 653 33.09 -52.42 -3.40
CA LYS F 653 33.84 -52.96 -4.53
C LYS F 653 35.25 -52.40 -4.51
N GLY F 654 36.07 -52.93 -3.60
CA GLY F 654 37.45 -52.53 -3.47
C GLY F 654 37.71 -51.41 -2.48
N ARG F 655 36.76 -51.10 -1.61
CA ARG F 655 36.92 -50.04 -0.62
C ARG F 655 36.87 -50.63 0.78
N THR F 656 37.79 -50.17 1.63
CA THR F 656 37.80 -50.58 3.04
C THR F 656 36.82 -49.71 3.82
N VAL F 657 35.84 -50.34 4.45
CA VAL F 657 34.74 -49.65 5.12
C VAL F 657 34.77 -49.98 6.60
N ILE F 658 34.70 -48.95 7.44
CA ILE F 658 34.62 -49.09 8.89
C ILE F 658 33.22 -48.66 9.30
N ILE F 659 32.45 -49.59 9.85
CA ILE F 659 31.04 -49.36 10.18
C ILE F 659 30.92 -49.25 11.69
N ILE F 660 30.53 -48.07 12.16
CA ILE F 660 30.30 -47.81 13.58
C ILE F 660 28.79 -47.80 13.77
N ALA F 661 28.24 -48.84 14.40
CA ALA F 661 26.80 -48.94 14.55
C ALA F 661 26.47 -49.79 15.77
N HIS F 662 25.47 -49.32 16.53
CA HIS F 662 24.98 -50.09 17.66
C HIS F 662 24.07 -51.23 17.21
N ARG F 663 23.33 -51.05 16.11
CA ARG F 663 22.46 -52.09 15.58
C ARG F 663 23.31 -53.26 15.09
N LEU F 664 23.13 -54.43 15.71
CA LEU F 664 23.90 -55.59 15.32
C LEU F 664 23.45 -56.20 14.00
N SER F 665 22.27 -55.83 13.50
CA SER F 665 21.78 -56.39 12.25
C SER F 665 22.59 -55.90 11.07
N THR F 666 23.02 -54.64 11.09
CA THR F 666 23.75 -54.06 9.96
C THR F 666 25.22 -54.47 9.94
N VAL F 667 25.72 -55.11 11.00
CA VAL F 667 27.09 -55.60 11.04
C VAL F 667 27.16 -57.11 11.07
N LYS F 668 26.04 -57.81 10.83
CA LYS F 668 26.06 -59.27 10.79
C LYS F 668 26.88 -59.77 9.61
N ASN F 669 26.76 -59.10 8.46
CA ASN F 669 27.52 -59.45 7.27
C ASN F 669 28.85 -58.71 7.16
N ALA F 670 29.37 -58.22 8.28
CA ALA F 670 30.65 -57.53 8.28
C ALA F 670 31.80 -58.53 8.21
N ASP F 671 32.91 -58.09 7.62
CA ASP F 671 34.03 -58.99 7.39
C ASP F 671 34.79 -59.29 8.67
N ARG F 672 34.78 -58.35 9.63
CA ARG F 672 35.42 -58.56 10.92
C ARG F 672 34.75 -57.68 11.96
N ILE F 673 34.32 -58.28 13.06
CA ILE F 673 33.69 -57.50 14.11
C ILE F 673 34.65 -57.26 15.25
N ILE F 674 34.69 -56.04 15.71
CA ILE F 674 35.57 -55.59 16.79
C ILE F 674 34.70 -55.02 17.89
N VAL F 675 34.81 -55.58 19.09
CA VAL F 675 34.01 -55.15 20.24
C VAL F 675 34.90 -54.36 21.19
N MET F 676 34.46 -53.17 21.57
CA MET F 676 35.22 -52.32 22.48
C MET F 676 34.34 -51.83 23.62
N GLU F 677 34.91 -51.81 24.82
CA GLU F 677 34.22 -51.26 25.98
C GLU F 677 35.24 -50.51 26.84
N LYS F 678 34.85 -49.34 27.33
CA LYS F 678 35.70 -48.48 28.16
C LYS F 678 37.04 -48.18 27.48
N GLY F 679 36.99 -48.02 26.15
CA GLY F 679 38.19 -47.73 25.39
C GLY F 679 39.20 -48.85 25.36
N LYS F 680 38.74 -50.10 25.34
CA LYS F 680 39.62 -51.26 25.22
C LYS F 680 39.02 -52.23 24.22
N ILE F 681 39.83 -52.71 23.28
CA ILE F 681 39.40 -53.75 22.34
C ILE F 681 39.36 -55.05 23.12
N VAL F 682 38.15 -55.56 23.39
CA VAL F 682 38.00 -56.70 24.29
C VAL F 682 37.59 -57.98 23.57
N GLU F 683 36.87 -57.89 22.46
CA GLU F 683 36.65 -59.05 21.60
C GLU F 683 36.86 -58.63 20.15
N GLN F 684 37.42 -59.55 19.36
CA GLN F 684 37.68 -59.29 17.96
C GLN F 684 37.68 -60.61 17.20
N GLY F 685 37.20 -60.56 15.97
CA GLY F 685 37.13 -61.74 15.12
C GLY F 685 35.88 -61.70 14.27
N LYS F 686 35.54 -62.86 13.71
CA LYS F 686 34.37 -62.99 12.86
C LYS F 686 33.10 -62.96 13.70
N HIS F 687 31.96 -62.76 13.03
CA HIS F 687 30.69 -62.67 13.73
C HIS F 687 30.26 -64.01 14.33
N LYS F 688 30.36 -65.09 13.55
CA LYS F 688 29.87 -66.38 14.01
C LYS F 688 30.75 -66.96 15.12
N GLU F 689 32.07 -66.85 14.97
CA GLU F 689 32.96 -67.41 15.99
C GLU F 689 32.87 -66.64 17.29
N LEU F 690 32.58 -65.33 17.22
CA LEU F 690 32.42 -64.56 18.44
C LEU F 690 31.05 -64.82 19.08
N LEU F 691 30.01 -64.98 18.26
CA LEU F 691 28.68 -65.27 18.78
C LEU F 691 28.57 -66.69 19.32
N SER F 692 29.49 -67.58 18.93
CA SER F 692 29.45 -68.96 19.41
C SER F 692 29.68 -69.04 20.91
N GLU F 693 30.43 -68.11 21.49
CA GLU F 693 30.67 -68.10 22.92
C GLU F 693 29.52 -67.42 23.63
N PRO F 694 28.76 -68.10 24.49
CA PRO F 694 27.64 -67.45 25.17
C PRO F 694 28.05 -66.38 26.17
N GLU F 695 29.30 -66.39 26.64
CA GLU F 695 29.76 -65.44 27.64
C GLU F 695 30.25 -64.13 27.04
N SER F 696 30.28 -64.01 25.72
CA SER F 696 30.77 -62.80 25.07
C SER F 696 29.79 -61.65 25.25
N LEU F 697 30.34 -60.43 25.27
CA LEU F 697 29.51 -59.23 25.35
C LEU F 697 28.69 -59.05 24.09
N TYR F 698 29.23 -59.45 22.94
CA TYR F 698 28.47 -59.42 21.70
C TYR F 698 27.24 -60.33 21.78
N SER F 699 27.43 -61.55 22.29
CA SER F 699 26.31 -62.46 22.47
C SER F 699 25.31 -61.88 23.47
N TYR F 700 25.80 -61.27 24.55
CA TYR F 700 24.94 -60.64 25.54
C TYR F 700 24.04 -59.59 24.89
N LEU F 701 24.65 -58.70 24.08
CA LEU F 701 23.86 -57.75 23.31
C LEU F 701 22.91 -58.47 22.35
N TYR F 702 23.29 -59.66 21.90
CA TYR F 702 22.45 -60.39 20.94
C TYR F 702 21.14 -60.84 21.60
N GLN F 703 21.20 -61.42 22.81
CA GLN F 703 19.88 -61.72 23.38
C GLN F 703 19.23 -60.48 23.99
N LEU F 704 19.97 -59.38 24.13
CA LEU F 704 19.29 -58.15 24.59
C LEU F 704 18.51 -57.55 23.44
N GLN F 705 18.97 -57.76 22.21
CA GLN F 705 18.20 -57.29 21.07
C GLN F 705 16.89 -58.07 20.94
N SER F 706 16.94 -59.39 21.15
CA SER F 706 15.75 -60.22 21.05
C SER F 706 14.88 -60.09 22.30
N LEU G 29 37.52 5.49 38.03
CA LEU G 29 37.58 5.57 36.57
C LEU G 29 38.24 4.33 35.99
N ASP G 30 39.21 3.77 36.72
CA ASP G 30 39.88 2.53 36.33
C ASP G 30 39.14 1.30 36.83
N THR G 31 38.12 1.47 37.66
CA THR G 31 37.39 0.34 38.19
C THR G 31 36.52 -0.29 37.10
N PRO G 32 36.35 -1.62 37.11
CA PRO G 32 35.50 -2.25 36.09
C PRO G 32 34.02 -2.09 36.37
N VAL G 33 33.18 -2.67 35.52
CA VAL G 33 31.73 -2.59 35.68
C VAL G 33 31.28 -3.74 36.58
N ARG G 34 30.51 -3.38 37.61
CA ARG G 34 30.08 -4.37 38.59
C ARG G 34 28.59 -4.37 38.84
N GLU G 35 28.16 -4.95 39.96
CA GLU G 35 26.72 -5.09 40.21
C GLU G 35 26.01 -3.75 40.43
N LYS G 36 26.67 -2.78 41.06
CA LYS G 36 25.99 -1.52 41.37
C LYS G 36 25.64 -0.76 40.11
N ASP G 37 26.37 -0.99 39.02
CA ASP G 37 25.99 -0.47 37.72
C ASP G 37 25.26 -1.50 36.87
N GLU G 38 25.39 -2.78 37.21
CA GLU G 38 24.68 -3.84 36.50
C GLU G 38 23.18 -3.75 36.75
N ASN G 39 22.79 -3.42 37.98
CA ASN G 39 21.40 -3.52 38.37
C ASN G 39 20.55 -2.43 37.72
N GLU G 40 21.09 -1.20 37.63
CA GLU G 40 20.27 -0.08 37.19
C GLU G 40 19.97 -0.12 35.70
N PHE G 41 20.75 -0.89 34.94
CA PHE G 41 20.50 -1.01 33.51
C PHE G 41 19.75 -2.28 33.13
N LEU G 42 19.29 -3.05 34.10
CA LEU G 42 18.50 -4.23 33.79
C LEU G 42 17.12 -3.77 33.30
N PRO G 43 16.64 -4.30 32.17
CA PRO G 43 15.46 -3.69 31.52
C PRO G 43 14.19 -3.77 32.33
N ALA G 44 14.06 -4.74 33.25
CA ALA G 44 12.88 -4.79 34.09
C ALA G 44 12.78 -3.55 34.97
N HIS G 45 13.90 -3.17 35.61
CA HIS G 45 13.91 -1.96 36.42
C HIS G 45 13.61 -0.73 35.60
N LEU G 46 14.01 -0.73 34.32
CA LEU G 46 13.63 0.35 33.43
C LEU G 46 12.11 0.35 33.20
N GLU G 47 11.52 -0.84 33.10
CA GLU G 47 10.09 -0.96 32.85
C GLU G 47 9.27 -0.50 34.04
N LEU G 48 9.71 -0.82 35.26
CA LEU G 48 9.03 -0.32 36.46
C LEU G 48 9.08 1.20 36.52
N ILE G 49 10.27 1.78 36.41
CA ILE G 49 10.45 3.20 36.63
C ILE G 49 9.90 3.98 35.45
N GLU G 50 8.68 4.48 35.58
CA GLU G 50 8.08 5.34 34.58
C GLU G 50 8.38 6.80 34.93
N THR G 51 8.63 7.60 33.89
CA THR G 51 9.16 8.96 34.01
C THR G 51 10.42 8.94 34.87
N PRO G 52 11.51 8.36 34.38
CA PRO G 52 12.68 8.17 35.23
C PRO G 52 13.49 9.44 35.40
N VAL G 53 14.15 9.54 36.55
CA VAL G 53 15.02 10.65 36.87
C VAL G 53 16.46 10.17 36.78
N SER G 54 17.33 11.03 36.24
CA SER G 54 18.73 10.66 36.04
C SER G 54 19.50 10.70 37.36
N ARG G 55 20.73 10.19 37.33
CA ARG G 55 21.60 10.21 38.49
C ARG G 55 22.01 11.61 38.91
N ARG G 56 22.08 12.55 37.96
CA ARG G 56 22.47 13.94 38.27
C ARG G 56 21.44 14.92 37.73
N PRO G 57 20.24 14.96 38.32
CA PRO G 57 19.22 15.89 37.82
C PRO G 57 19.41 17.32 38.31
N ARG G 58 19.88 17.51 39.54
CA ARG G 58 20.01 18.83 40.11
C ARG G 58 21.35 19.49 39.80
N LEU G 59 22.28 18.74 39.19
CA LEU G 59 23.61 19.29 38.95
C LEU G 59 23.59 20.31 37.82
N VAL G 60 22.52 20.34 37.04
CA VAL G 60 22.45 21.30 35.92
C VAL G 60 22.31 22.72 36.45
N ALA G 61 21.24 22.99 37.20
CA ALA G 61 21.06 24.33 37.77
C ALA G 61 22.12 24.64 38.82
N TYR G 62 22.66 23.60 39.47
CA TYR G 62 23.75 23.79 40.42
C TYR G 62 25.00 24.29 39.71
N PHE G 63 25.29 23.73 38.54
CA PHE G 63 26.50 24.11 37.81
C PHE G 63 26.28 25.37 36.98
N ILE G 64 25.03 25.77 36.74
CA ILE G 64 24.78 27.03 36.06
C ILE G 64 25.05 28.20 37.00
N MET G 65 24.31 28.29 38.09
CA MET G 65 24.57 29.28 39.13
C MET G 65 25.10 28.61 40.39
N SER H 9 60.90 3.31 21.92
CA SER H 9 61.78 2.41 22.65
C SER H 9 62.25 1.26 21.76
N GLU H 10 62.11 0.03 22.24
CA GLU H 10 62.53 -1.14 21.48
C GLU H 10 61.58 -1.43 20.33
N PHE H 11 60.30 -1.05 20.46
CA PHE H 11 59.35 -1.28 19.39
C PHE H 11 59.68 -0.47 18.15
N LEU H 12 60.21 0.75 18.33
CA LEU H 12 60.69 1.52 17.18
C LEU H 12 61.85 0.81 16.50
N LEU H 13 62.77 0.23 17.29
CA LEU H 13 63.89 -0.50 16.72
C LEU H 13 63.42 -1.72 15.93
N ARG H 14 62.47 -2.47 16.48
CA ARG H 14 62.01 -3.67 15.77
C ARG H 14 61.19 -3.30 14.52
N TYR H 15 60.44 -2.19 14.58
CA TYR H 15 59.73 -1.73 13.39
C TYR H 15 60.71 -1.29 12.31
N LYS H 16 61.79 -0.60 12.69
CA LYS H 16 62.80 -0.22 11.72
C LYS H 16 63.49 -1.44 11.11
N LEU H 17 63.78 -2.45 11.95
CA LEU H 17 64.41 -3.67 11.46
C LEU H 17 63.51 -4.38 10.46
N VAL H 18 62.22 -4.53 10.79
CA VAL H 18 61.28 -5.19 9.89
C VAL H 18 61.10 -4.37 8.61
N TRP H 19 61.05 -3.04 8.73
CA TRP H 19 60.88 -2.19 7.58
C TRP H 19 62.05 -2.33 6.62
N SER H 20 63.28 -2.34 7.14
CA SER H 20 64.45 -2.54 6.27
C SER H 20 64.47 -3.95 5.69
N GLU H 21 64.10 -4.94 6.50
CA GLU H 21 64.13 -6.33 6.07
C GLU H 21 63.17 -6.57 4.91
N THR H 22 62.00 -5.92 4.94
CA THR H 22 61.11 -6.00 3.78
C THR H 22 61.44 -4.95 2.74
N TRP H 23 62.30 -3.99 3.08
CA TRP H 23 62.80 -3.03 2.10
C TRP H 23 63.82 -3.66 1.16
N LYS H 24 64.41 -4.77 1.52
CA LYS H 24 65.33 -5.35 0.58
C LYS H 24 64.60 -6.31 -0.32
N ILE H 25 63.30 -6.44 -0.12
CA ILE H 25 62.54 -7.42 -0.88
C ILE H 25 61.65 -6.73 -1.93
N ARG H 26 61.83 -5.43 -2.14
CA ARG H 26 61.14 -4.76 -3.23
C ARG H 26 61.58 -5.33 -4.56
N LYS H 27 60.64 -5.34 -5.51
CA LYS H 27 60.70 -6.00 -6.83
C LYS H 27 60.56 -7.51 -6.70
N GLN H 28 60.54 -8.06 -5.49
CA GLN H 28 60.18 -9.45 -5.25
C GLN H 28 58.80 -9.59 -4.61
N LEU H 29 58.35 -8.58 -3.87
CA LEU H 29 56.99 -8.53 -3.36
C LEU H 29 56.03 -7.82 -4.31
N ASP H 30 56.55 -7.03 -5.26
CA ASP H 30 55.71 -6.36 -6.22
C ASP H 30 55.14 -7.36 -7.23
N THR H 31 54.01 -7.00 -7.81
CA THR H 31 53.21 -7.80 -8.72
C THR H 31 53.30 -7.25 -10.14
N PRO H 32 53.19 -8.08 -11.17
CA PRO H 32 53.40 -7.58 -12.53
C PRO H 32 52.25 -6.70 -13.01
N VAL H 33 52.59 -5.81 -13.95
CA VAL H 33 51.65 -4.79 -14.39
C VAL H 33 50.64 -5.40 -15.36
N ARG H 34 49.40 -4.93 -15.28
CA ARG H 34 48.33 -5.37 -16.15
C ARG H 34 47.39 -4.20 -16.42
N GLU H 35 46.88 -4.10 -17.63
CA GLU H 35 45.97 -3.01 -17.96
C GLU H 35 44.55 -3.35 -17.53
N LYS H 36 43.64 -2.39 -17.74
CA LYS H 36 42.32 -2.46 -17.12
C LYS H 36 41.48 -3.61 -17.66
N ASP H 37 41.36 -3.73 -18.99
CA ASP H 37 40.52 -4.77 -19.55
C ASP H 37 41.10 -6.16 -19.30
N GLU H 38 42.39 -6.22 -18.97
CA GLU H 38 43.00 -7.50 -18.61
C GLU H 38 42.81 -7.80 -17.12
N ASN H 39 42.94 -6.78 -16.26
CA ASN H 39 42.95 -7.08 -14.84
C ASN H 39 41.55 -7.08 -14.22
N GLU H 40 40.51 -6.64 -14.95
CA GLU H 40 39.17 -6.83 -14.41
C GLU H 40 38.66 -8.26 -14.62
N PHE H 41 39.32 -9.04 -15.48
CA PHE H 41 39.00 -10.46 -15.63
C PHE H 41 39.96 -11.30 -14.79
N LEU H 42 39.77 -11.20 -13.47
CA LEU H 42 40.57 -11.97 -12.54
C LEU H 42 39.55 -12.55 -11.61
N PRO H 43 39.96 -13.47 -10.74
CA PRO H 43 38.94 -13.88 -9.77
C PRO H 43 38.46 -12.62 -9.08
N ALA H 44 37.26 -12.61 -8.51
CA ALA H 44 36.72 -11.38 -7.92
C ALA H 44 37.69 -10.66 -6.97
N HIS H 45 38.44 -11.40 -6.18
CA HIS H 45 39.35 -10.78 -5.24
C HIS H 45 40.63 -10.27 -5.91
N LEU H 46 41.31 -11.13 -6.65
CA LEU H 46 42.56 -10.72 -7.25
C LEU H 46 42.32 -9.46 -8.04
N GLU H 47 41.15 -9.39 -8.68
CA GLU H 47 40.79 -8.20 -9.42
C GLU H 47 40.62 -7.06 -8.47
N LEU H 48 39.93 -7.30 -7.36
CA LEU H 48 39.83 -6.22 -6.37
C LEU H 48 41.19 -5.71 -5.89
N ILE H 49 42.21 -6.56 -5.81
CA ILE H 49 43.54 -6.16 -5.28
C ILE H 49 44.59 -5.55 -6.25
N GLU H 50 44.67 -5.99 -7.51
CA GLU H 50 45.63 -5.52 -8.51
C GLU H 50 45.04 -4.53 -9.52
N THR H 51 43.89 -3.93 -9.24
CA THR H 51 43.44 -2.81 -10.06
C THR H 51 44.02 -1.52 -9.52
N PRO H 52 44.84 -0.80 -10.28
CA PRO H 52 45.25 0.54 -9.87
C PRO H 52 44.04 1.46 -9.81
N VAL H 53 44.22 2.63 -9.18
CA VAL H 53 43.09 3.50 -8.89
C VAL H 53 42.40 3.95 -10.17
N SER H 54 43.11 4.69 -11.04
CA SER H 54 42.77 4.97 -12.42
C SER H 54 43.84 5.90 -13.00
N ARG H 55 43.70 6.26 -14.27
CA ARG H 55 44.54 7.31 -14.84
C ARG H 55 43.97 8.70 -14.63
N ARG H 56 42.71 8.82 -14.22
CA ARG H 56 42.06 10.12 -14.03
C ARG H 56 42.45 10.79 -12.71
N PRO H 57 42.32 10.15 -11.54
CA PRO H 57 42.68 10.86 -10.30
C PRO H 57 44.14 11.26 -10.22
N ARG H 58 45.05 10.43 -10.73
CA ARG H 58 46.46 10.79 -10.71
C ARG H 58 46.73 12.03 -11.55
N LEU H 59 46.14 12.09 -12.75
CA LEU H 59 46.36 13.25 -13.61
C LEU H 59 45.68 14.50 -13.04
N VAL H 60 44.52 14.34 -12.40
CA VAL H 60 43.87 15.49 -11.78
C VAL H 60 44.71 16.04 -10.62
N ALA H 61 45.22 15.14 -9.76
CA ALA H 61 46.06 15.57 -8.65
C ALA H 61 47.34 16.22 -9.14
N TYR H 62 47.95 15.65 -10.19
CA TYR H 62 49.17 16.24 -10.74
C TYR H 62 48.89 17.56 -11.44
N PHE H 63 47.70 17.73 -12.01
CA PHE H 63 47.33 19.01 -12.60
C PHE H 63 47.20 20.08 -11.52
N ILE H 64 46.60 19.72 -10.38
CA ILE H 64 46.51 20.66 -9.26
C ILE H 64 47.91 20.99 -8.74
N MET H 65 48.76 19.96 -8.65
CA MET H 65 50.18 20.16 -8.33
C MET H 65 50.84 21.16 -9.26
N GLY H 66 50.72 20.96 -10.57
CA GLY H 66 51.37 21.84 -11.52
C GLY H 66 50.84 23.25 -11.45
N PHE H 67 49.52 23.39 -11.23
CA PHE H 67 48.92 24.72 -11.11
C PHE H 67 49.50 25.46 -9.91
N LEU H 68 49.58 24.80 -8.75
CA LEU H 68 50.17 25.45 -7.58
C LEU H 68 51.63 25.79 -7.82
N VAL H 69 52.38 24.86 -8.43
CA VAL H 69 53.81 25.08 -8.64
C VAL H 69 54.05 26.29 -9.54
N ILE H 70 53.32 26.37 -10.66
CA ILE H 70 53.53 27.49 -11.58
C ILE H 70 53.03 28.78 -10.96
N ALA H 71 51.98 28.70 -10.13
CA ALA H 71 51.51 29.90 -9.44
C ALA H 71 52.56 30.44 -8.47
N VAL H 72 53.20 29.54 -7.71
CA VAL H 72 54.24 29.97 -6.78
C VAL H 72 55.44 30.53 -7.52
N ILE H 73 55.85 29.87 -8.61
CA ILE H 73 56.99 30.36 -9.39
C ILE H 73 56.69 31.74 -9.99
N LEU H 74 55.47 31.91 -10.52
CA LEU H 74 55.10 33.20 -11.09
C LEU H 74 55.04 34.29 -10.01
N SER H 75 54.52 33.95 -8.83
CA SER H 75 54.44 34.94 -7.76
C SER H 75 55.81 35.33 -7.24
N VAL H 76 56.73 34.37 -7.11
CA VAL H 76 58.05 34.67 -6.58
C VAL H 76 58.97 35.24 -7.65
N LEU H 77 59.08 34.56 -8.79
CA LEU H 77 59.87 35.08 -9.90
C LEU H 77 58.96 35.69 -10.97
N ASP I 8 27.44 -27.65 -33.76
CA ASP I 8 28.06 -26.38 -33.42
C ASP I 8 29.16 -26.61 -32.38
N TYR I 9 30.24 -25.84 -32.45
CA TYR I 9 31.34 -26.00 -31.51
C TYR I 9 31.26 -24.93 -30.48
N GLY I 10 31.12 -23.70 -30.95
CA GLY I 10 31.17 -22.60 -30.00
C GLY I 10 30.25 -22.80 -28.81
N LEU I 11 29.10 -23.44 -29.05
CA LEU I 11 28.17 -23.76 -27.97
C LEU I 11 28.78 -24.76 -27.00
N TYR I 12 29.51 -25.75 -27.52
CA TYR I 12 30.17 -26.71 -26.64
C TYR I 12 31.26 -26.02 -25.84
N ALA I 13 31.95 -25.05 -26.44
CA ALA I 13 32.94 -24.26 -25.71
C ALA I 13 32.28 -23.47 -24.59
N LEU I 14 31.09 -22.90 -24.85
CA LEU I 14 30.35 -22.20 -23.81
C LEU I 14 29.97 -23.16 -22.68
N GLU I 15 29.56 -24.38 -23.03
CA GLU I 15 29.21 -25.37 -22.01
C GLU I 15 30.42 -25.73 -21.15
N ILE I 16 31.58 -25.91 -21.79
CA ILE I 16 32.80 -26.23 -21.06
C ILE I 16 33.20 -25.09 -20.14
N LEU I 17 33.09 -23.85 -20.62
CA LEU I 17 33.40 -22.68 -19.79
C LEU I 17 32.46 -22.59 -18.60
N ALA I 18 31.17 -22.86 -18.83
CA ALA I 18 30.20 -22.84 -17.74
C ALA I 18 30.50 -23.92 -16.70
N GLN I 19 30.88 -25.11 -17.17
CA GLN I 19 31.26 -26.18 -16.25
C GLN I 19 32.51 -25.81 -15.47
N TYR I 20 33.47 -25.15 -16.12
CA TYR I 20 34.68 -24.71 -15.43
C TYR I 20 34.36 -23.68 -14.36
N HIS I 21 33.42 -22.77 -14.66
CA HIS I 21 32.98 -21.81 -13.66
C HIS I 21 31.85 -22.33 -12.79
N ASN I 22 31.47 -23.60 -12.95
CA ASN I 22 30.55 -24.30 -12.06
C ASN I 22 29.15 -23.67 -12.07
N VAL I 23 28.60 -23.57 -13.27
CA VAL I 23 27.19 -23.20 -13.47
C VAL I 23 26.59 -24.17 -14.48
N SER I 24 25.38 -24.64 -14.19
CA SER I 24 24.75 -25.67 -15.01
C SER I 24 24.07 -25.05 -16.22
N VAL I 25 24.30 -25.64 -17.40
CA VAL I 25 23.76 -25.13 -18.65
C VAL I 25 23.24 -26.30 -19.49
N ASN I 26 22.36 -25.98 -20.44
CA ASN I 26 21.92 -26.92 -21.46
C ASN I 26 22.31 -26.37 -22.83
N PRO I 27 23.14 -27.07 -23.61
CA PRO I 27 23.48 -26.54 -24.94
C PRO I 27 22.29 -26.33 -25.85
N GLU I 28 21.32 -27.24 -25.85
CA GLU I 28 20.18 -27.12 -26.75
C GLU I 28 19.27 -25.96 -26.36
N GLU I 29 19.17 -25.67 -25.06
CA GLU I 29 18.36 -24.53 -24.61
C GLU I 29 18.98 -23.21 -25.05
N ILE I 30 20.32 -23.11 -24.98
CA ILE I 30 21.01 -21.94 -25.50
C ILE I 30 20.84 -21.82 -27.00
N LYS I 31 20.91 -22.95 -27.70
CA LYS I 31 20.64 -22.96 -29.14
C LYS I 31 19.22 -22.49 -29.45
N HIS I 32 18.26 -22.85 -28.60
CA HIS I 32 16.89 -22.42 -28.81
C HIS I 32 16.74 -20.91 -28.59
N ARG I 33 17.34 -20.38 -27.53
CA ARG I 33 17.14 -18.98 -27.18
C ARG I 33 18.09 -18.02 -27.89
N PHE I 34 19.12 -18.50 -28.59
CA PHE I 34 20.07 -17.57 -29.19
C PHE I 34 20.50 -17.95 -30.61
N ASP I 35 19.94 -19.00 -31.20
CA ASP I 35 20.25 -19.36 -32.58
C ASP I 35 18.99 -19.31 -33.42
N THR I 36 18.25 -18.18 -33.32
CA THR I 36 16.95 -18.05 -33.97
C THR I 36 17.05 -18.29 -35.47
N ASP I 37 18.05 -17.71 -36.11
CA ASP I 37 18.25 -17.88 -37.55
C ASP I 37 19.02 -19.15 -37.89
N GLY I 38 19.44 -19.92 -36.90
CA GLY I 38 20.18 -21.15 -37.15
C GLY I 38 21.59 -20.87 -37.63
N THR I 39 22.16 -21.88 -38.29
CA THR I 39 23.51 -21.83 -38.85
C THR I 39 24.54 -21.44 -37.78
N GLY I 40 24.41 -22.08 -36.61
CA GLY I 40 25.32 -21.82 -35.52
C GLY I 40 24.89 -20.63 -34.68
N LEU I 41 25.69 -20.37 -33.63
CA LEU I 41 25.39 -19.29 -32.71
C LEU I 41 25.87 -17.95 -33.24
N GLY I 42 27.18 -17.82 -33.46
CA GLY I 42 27.78 -16.55 -33.79
C GLY I 42 28.42 -15.89 -32.58
N LEU I 43 28.94 -14.70 -32.81
CA LEU I 43 29.64 -13.96 -31.76
C LEU I 43 28.66 -13.29 -30.80
N THR I 44 27.78 -12.45 -31.33
CA THR I 44 26.88 -11.69 -30.46
C THR I 44 25.89 -12.59 -29.75
N SER I 45 25.46 -13.68 -30.40
CA SER I 45 24.61 -14.65 -29.72
C SER I 45 25.34 -15.32 -28.57
N TRP I 46 26.61 -15.65 -28.77
CA TRP I 46 27.43 -16.22 -27.70
C TRP I 46 27.55 -15.26 -26.53
N LEU I 47 27.78 -13.97 -26.83
CA LEU I 47 27.92 -12.99 -25.75
C LEU I 47 26.60 -12.77 -25.03
N LEU I 48 25.47 -12.75 -25.76
CA LEU I 48 24.17 -12.67 -25.10
C LEU I 48 23.93 -13.87 -24.19
N ALA I 49 24.27 -15.07 -24.66
CA ALA I 49 24.09 -16.26 -23.82
C ALA I 49 24.95 -16.19 -22.56
N ALA I 50 26.22 -15.79 -22.72
CA ALA I 50 27.11 -15.69 -21.57
C ALA I 50 26.64 -14.63 -20.58
N LYS I 51 26.15 -13.50 -21.08
CA LYS I 51 25.61 -12.49 -20.19
C LYS I 51 24.34 -12.97 -19.48
N SER I 52 23.50 -13.72 -20.19
CA SER I 52 22.29 -14.27 -19.58
C SER I 52 22.62 -15.33 -18.53
N LEU I 53 23.78 -15.97 -18.63
CA LEU I 53 24.21 -16.95 -17.63
C LEU I 53 24.87 -16.31 -16.42
N GLU I 54 24.82 -14.98 -16.32
CA GLU I 54 25.55 -14.21 -15.31
C GLU I 54 27.04 -14.57 -15.37
N LEU I 55 27.64 -14.21 -16.50
CA LEU I 55 29.03 -14.55 -16.78
C LEU I 55 29.59 -13.45 -17.68
N LYS I 56 30.35 -12.53 -17.10
CA LYS I 56 30.91 -11.42 -17.85
C LYS I 56 31.92 -11.93 -18.88
N VAL I 57 31.75 -11.50 -20.13
CA VAL I 57 32.66 -11.87 -21.21
C VAL I 57 32.97 -10.62 -22.02
N LYS I 58 34.12 -10.63 -22.68
CA LYS I 58 34.50 -9.52 -23.54
C LYS I 58 35.40 -10.02 -24.66
N GLN I 59 35.07 -9.60 -25.89
CA GLN I 59 35.87 -9.93 -27.06
C GLN I 59 36.88 -8.81 -27.27
N VAL I 60 38.15 -9.10 -26.96
CA VAL I 60 39.22 -8.10 -27.03
C VAL I 60 40.35 -8.64 -27.89
N LYS I 61 41.09 -7.75 -28.54
CA LYS I 61 42.25 -8.15 -29.30
C LYS I 61 43.47 -8.22 -28.37
N LYS I 62 44.22 -9.31 -28.45
CA LYS I 62 45.36 -9.48 -27.57
C LYS I 62 46.60 -9.96 -28.28
N THR I 63 47.73 -9.40 -27.91
CA THR I 63 49.02 -9.76 -28.49
C THR I 63 49.47 -11.12 -27.99
N ILE I 64 50.39 -11.72 -28.73
CA ILE I 64 50.88 -13.06 -28.39
C ILE I 64 51.57 -13.09 -27.03
N ASP I 65 52.19 -11.98 -26.61
CA ASP I 65 52.90 -11.97 -25.33
C ASP I 65 51.98 -11.61 -24.17
N ARG I 66 50.89 -10.89 -24.43
CA ARG I 66 49.98 -10.50 -23.36
C ARG I 66 49.11 -11.64 -22.88
N LEU I 67 49.14 -12.79 -23.55
CA LEU I 67 48.34 -13.94 -23.13
C LEU I 67 48.87 -14.60 -21.86
N ASN I 68 50.05 -14.21 -21.40
CA ASN I 68 50.60 -14.77 -20.18
C ASN I 68 50.07 -14.10 -18.91
N PHE I 69 49.39 -12.96 -19.05
CA PHE I 69 48.84 -12.24 -17.91
C PHE I 69 47.33 -12.31 -17.83
N ILE I 70 46.65 -12.94 -18.77
CA ILE I 70 45.20 -13.03 -18.65
C ILE I 70 44.87 -14.21 -17.76
N SER I 71 43.69 -14.21 -17.14
CA SER I 71 43.29 -15.32 -16.29
C SER I 71 42.73 -16.41 -17.20
N LEU I 72 42.96 -17.68 -16.88
CA LEU I 72 42.46 -18.70 -17.79
C LEU I 72 41.25 -19.40 -17.18
N PRO I 73 40.41 -20.08 -18.00
CA PRO I 73 40.46 -20.37 -19.43
C PRO I 73 40.02 -19.21 -20.33
N ALA I 74 40.30 -19.32 -21.63
CA ALA I 74 39.90 -18.28 -22.58
C ALA I 74 39.60 -18.91 -23.93
N LEU I 75 38.36 -18.77 -24.40
CA LEU I 75 38.00 -19.26 -25.71
C LEU I 75 38.42 -18.25 -26.78
N VAL I 76 39.08 -18.73 -27.84
CA VAL I 76 39.47 -17.89 -28.96
C VAL I 76 38.46 -18.09 -30.08
N TRP I 77 38.03 -16.97 -30.68
CA TRP I 77 37.01 -17.00 -31.72
C TRP I 77 37.70 -16.84 -33.08
N ARG I 78 37.72 -17.93 -33.85
CA ARG I 78 38.28 -17.90 -35.20
C ARG I 78 37.19 -17.50 -36.19
N GLU I 79 37.45 -16.42 -36.94
CA GLU I 79 36.48 -15.93 -37.91
C GLU I 79 36.25 -16.96 -39.01
N ASP I 80 37.33 -17.52 -39.55
CA ASP I 80 37.23 -18.33 -40.76
C ASP I 80 36.99 -19.81 -40.50
N GLY I 81 37.05 -20.27 -39.24
CA GLY I 81 36.93 -21.68 -38.99
C GLY I 81 36.59 -22.08 -37.56
N ARG I 82 37.14 -23.21 -37.13
CA ARG I 82 36.77 -23.79 -35.84
C ARG I 82 37.47 -23.07 -34.70
N HIS I 83 36.93 -23.23 -33.50
CA HIS I 83 37.41 -22.54 -32.31
C HIS I 83 38.15 -23.52 -31.39
N PHE I 84 38.85 -22.95 -30.42
CA PHE I 84 39.47 -23.74 -29.36
C PHE I 84 39.59 -22.87 -28.11
N ILE I 85 39.91 -23.51 -26.99
CA ILE I 85 39.96 -22.85 -25.69
C ILE I 85 41.36 -23.01 -25.13
N LEU I 86 42.07 -21.91 -24.93
CA LEU I 86 43.39 -21.93 -24.34
C LEU I 86 43.26 -21.96 -22.83
N THR I 87 44.13 -22.74 -22.17
CA THR I 87 44.16 -22.81 -20.72
C THR I 87 45.57 -23.21 -20.31
N LYS I 88 45.98 -22.76 -19.12
CA LYS I 88 47.27 -23.12 -18.53
C LYS I 88 48.43 -22.74 -19.45
N VAL I 89 48.61 -21.43 -19.64
CA VAL I 89 49.68 -20.93 -20.48
C VAL I 89 51.03 -21.28 -19.87
N SER I 90 51.95 -21.73 -20.71
CA SER I 90 53.27 -22.18 -20.29
C SER I 90 54.30 -21.15 -20.71
N LYS I 91 55.15 -20.74 -19.76
CA LYS I 91 56.20 -19.77 -20.02
C LYS I 91 57.54 -20.47 -20.28
N GLU I 92 58.36 -19.83 -21.12
CA GLU I 92 59.70 -20.31 -21.48
C GLU I 92 59.67 -21.70 -22.11
N ALA I 93 58.57 -22.07 -22.77
CA ALA I 93 58.46 -23.36 -23.42
C ALA I 93 57.87 -23.30 -24.82
N ASN I 94 57.26 -22.18 -25.21
CA ASN I 94 56.65 -22.01 -26.53
C ASN I 94 55.58 -23.06 -26.80
N ARG I 95 54.87 -23.49 -25.76
CA ARG I 95 53.83 -24.50 -25.85
C ARG I 95 52.57 -24.00 -25.17
N TYR I 96 51.42 -24.25 -25.80
CA TYR I 96 50.14 -23.80 -25.28
C TYR I 96 49.15 -24.96 -25.21
N LEU I 97 48.51 -25.10 -24.04
CA LEU I 97 47.55 -26.16 -23.80
C LEU I 97 46.17 -25.68 -24.24
N ILE I 98 45.74 -26.13 -25.42
CA ILE I 98 44.45 -25.74 -25.98
C ILE I 98 43.57 -26.97 -26.09
N PHE I 99 42.32 -26.83 -25.67
CA PHE I 99 41.30 -27.84 -25.93
C PHE I 99 40.64 -27.50 -27.25
N ASP I 100 40.75 -28.41 -28.22
CA ASP I 100 40.05 -28.27 -29.49
C ASP I 100 38.60 -28.67 -29.31
N LEU I 101 37.68 -27.94 -29.94
CA LEU I 101 36.28 -28.27 -29.81
C LEU I 101 35.89 -29.51 -30.61
N GLU I 102 36.74 -29.93 -31.54
CA GLU I 102 36.64 -31.29 -32.05
C GLU I 102 36.85 -32.26 -30.90
N GLN I 103 36.01 -33.29 -30.81
CA GLN I 103 35.99 -34.13 -29.62
C GLN I 103 37.25 -34.97 -29.54
N ARG I 104 38.27 -34.46 -28.84
CA ARG I 104 39.54 -35.14 -28.69
C ARG I 104 40.20 -34.63 -27.41
N ASN I 105 41.44 -35.06 -27.19
CA ASN I 105 42.18 -34.71 -25.99
C ASN I 105 42.67 -33.26 -26.05
N PRO I 106 42.85 -32.61 -24.89
CA PRO I 106 43.48 -31.29 -24.88
C PRO I 106 44.94 -31.38 -25.33
N ARG I 107 45.30 -30.64 -26.38
CA ARG I 107 46.59 -30.80 -27.01
C ARG I 107 47.48 -29.60 -26.71
N VAL I 108 48.77 -29.88 -26.56
CA VAL I 108 49.80 -28.85 -26.44
C VAL I 108 50.30 -28.53 -27.85
N LEU I 109 50.15 -27.28 -28.25
CA LEU I 109 50.50 -26.82 -29.58
C LEU I 109 51.75 -25.95 -29.50
N GLU I 110 52.63 -26.12 -30.49
CA GLU I 110 53.90 -25.42 -30.54
C GLU I 110 53.72 -24.01 -31.10
N GLN I 111 54.74 -23.19 -30.91
CA GLN I 111 54.62 -21.74 -31.11
C GLN I 111 54.31 -21.39 -32.57
N SER I 112 55.01 -22.02 -33.51
CA SER I 112 54.86 -21.65 -34.92
C SER I 112 53.46 -21.94 -35.43
N GLU I 113 52.93 -23.13 -35.13
CA GLU I 113 51.58 -23.47 -35.53
C GLU I 113 50.53 -22.61 -34.82
N PHE I 114 50.76 -22.25 -33.57
CA PHE I 114 49.78 -21.41 -32.89
C PHE I 114 49.74 -20.02 -33.51
N GLU I 115 50.91 -19.42 -33.74
CA GLU I 115 50.96 -18.13 -34.43
C GLU I 115 50.44 -18.24 -35.85
N ALA I 116 50.46 -19.44 -36.44
CA ALA I 116 49.79 -19.66 -37.71
C ALA I 116 48.28 -19.80 -37.55
N LEU I 117 47.83 -20.33 -36.41
CA LEU I 117 46.42 -20.61 -36.17
C LEU I 117 45.81 -19.69 -35.12
N TYR I 118 46.15 -18.41 -35.15
CA TYR I 118 45.62 -17.43 -34.21
C TYR I 118 45.42 -16.11 -34.94
N GLN I 119 44.16 -15.65 -34.98
CA GLN I 119 43.84 -14.44 -35.73
C GLN I 119 44.29 -13.17 -35.00
N GLY I 120 44.40 -13.22 -33.68
CA GLY I 120 44.78 -12.05 -32.90
C GLY I 120 43.73 -11.56 -31.93
N HIS I 121 42.54 -12.16 -31.89
CA HIS I 121 41.49 -11.79 -30.96
C HIS I 121 41.23 -12.92 -29.98
N ILE I 122 40.57 -12.61 -28.87
CA ILE I 122 40.28 -13.58 -27.83
C ILE I 122 39.05 -13.11 -27.07
N ILE I 123 38.45 -14.04 -26.32
CA ILE I 123 37.32 -13.74 -25.45
C ILE I 123 37.76 -14.01 -24.02
N LEU I 124 37.62 -13.00 -23.17
CA LEU I 124 37.95 -13.11 -21.75
C LEU I 124 36.67 -13.32 -20.95
N ILE I 125 36.77 -14.19 -19.94
CA ILE I 125 35.62 -14.67 -19.18
C ILE I 125 35.89 -14.50 -17.70
N ALA I 126 34.94 -13.92 -16.97
CA ALA I 126 35.00 -13.82 -15.52
C ALA I 126 33.58 -13.87 -14.97
N SER I 127 33.46 -14.32 -13.72
CA SER I 127 32.15 -14.50 -13.08
C SER I 127 32.09 -13.61 -11.85
N ARG I 128 31.01 -12.85 -11.72
CA ARG I 128 30.78 -11.94 -10.61
C ARG I 128 29.55 -12.40 -9.82
N SER I 129 29.78 -13.21 -8.80
CA SER I 129 28.67 -13.75 -8.00
C SER I 129 28.84 -13.33 -6.55
N SER I 130 28.29 -12.18 -6.20
CA SER I 130 28.37 -11.65 -4.85
C SER I 130 27.21 -12.18 -3.99
N LEU I 135 13.21 -8.04 -8.56
CA LEU I 135 12.47 -7.50 -9.68
C LEU I 135 11.79 -6.20 -9.31
N ALA I 136 12.50 -5.08 -9.51
CA ALA I 136 11.94 -3.78 -9.21
C ALA I 136 10.82 -3.41 -10.17
N LYS I 137 9.82 -2.70 -9.67
CA LYS I 137 8.71 -2.28 -10.51
C LYS I 137 9.16 -1.26 -11.53
N PHE I 138 8.50 -1.27 -12.69
CA PHE I 138 8.84 -0.35 -13.77
C PHE I 138 8.20 1.00 -13.48
N ASP I 139 9.03 1.96 -13.07
CA ASP I 139 8.64 3.31 -12.69
C ASP I 139 9.58 4.30 -13.38
N PHE I 140 9.54 5.55 -12.93
CA PHE I 140 10.56 6.52 -13.32
C PHE I 140 11.95 6.02 -12.94
N THR I 141 12.05 5.29 -11.83
CA THR I 141 13.35 4.84 -11.33
C THR I 141 14.05 3.91 -12.31
N TRP I 142 13.30 3.24 -13.19
CA TRP I 142 13.94 2.39 -14.20
C TRP I 142 14.81 3.21 -15.14
N PHE I 143 14.47 4.49 -15.35
CA PHE I 143 15.32 5.33 -16.19
C PHE I 143 16.59 5.76 -15.47
N ILE I 144 16.66 5.59 -14.15
CA ILE I 144 17.85 6.01 -13.41
C ILE I 144 19.09 5.23 -13.82
N PRO I 145 19.08 3.89 -13.92
CA PRO I 145 20.26 3.21 -14.49
C PRO I 145 20.55 3.62 -15.92
N ALA I 146 19.50 3.89 -16.71
CA ALA I 146 19.69 4.36 -18.08
C ALA I 146 20.45 5.69 -18.09
N ILE I 147 20.19 6.55 -17.10
CA ILE I 147 21.00 7.76 -16.92
C ILE I 147 22.42 7.38 -16.58
N ILE I 148 22.60 6.40 -15.68
CA ILE I 148 23.92 6.04 -15.18
C ILE I 148 24.73 5.34 -16.27
N LYS I 149 24.09 4.45 -17.04
CA LYS I 149 24.80 3.71 -18.08
C LYS I 149 25.34 4.65 -19.15
N TYR I 150 24.52 5.61 -19.58
CA TYR I 150 24.94 6.62 -20.57
C TYR I 150 25.42 7.89 -19.87
N ARG I 151 26.35 7.75 -18.93
CA ARG I 151 26.80 8.89 -18.14
C ARG I 151 27.75 9.79 -18.91
N LYS I 152 28.62 9.22 -19.75
CA LYS I 152 29.58 10.03 -20.50
C LYS I 152 28.86 10.97 -21.46
N ILE I 153 27.85 10.45 -22.17
CA ILE I 153 27.12 11.27 -23.14
C ILE I 153 26.37 12.38 -22.43
N PHE I 154 25.76 12.07 -21.29
CA PHE I 154 24.98 13.08 -20.57
C PHE I 154 25.87 14.14 -19.94
N ILE I 155 27.04 13.74 -19.44
CA ILE I 155 28.01 14.72 -18.94
C ILE I 155 28.49 15.63 -20.07
N GLU I 156 28.75 15.04 -21.24
CA GLU I 156 29.13 15.82 -22.41
C GLU I 156 28.03 16.82 -22.78
N THR I 157 26.78 16.37 -22.75
CA THR I 157 25.66 17.25 -23.08
C THR I 157 25.53 18.36 -22.04
N LEU I 158 25.77 18.06 -20.76
CA LEU I 158 25.74 19.10 -19.73
C LEU I 158 26.82 20.14 -19.97
N VAL I 159 28.03 19.71 -20.35
CA VAL I 159 29.11 20.65 -20.66
C VAL I 159 28.73 21.52 -21.86
N VAL I 160 28.16 20.90 -22.89
CA VAL I 160 27.76 21.65 -24.07
C VAL I 160 26.68 22.67 -23.73
N SER I 161 25.72 22.28 -22.88
CA SER I 161 24.66 23.21 -22.48
C SER I 161 25.22 24.37 -21.65
N VAL I 162 26.20 24.08 -20.78
CA VAL I 162 26.83 25.16 -20.02
C VAL I 162 27.53 26.14 -20.94
N PHE I 163 28.27 25.64 -21.93
CA PHE I 163 28.92 26.54 -22.88
C PHE I 163 27.91 27.27 -23.76
N LEU I 164 26.77 26.64 -24.06
CA LEU I 164 25.70 27.32 -24.77
C LEU I 164 25.15 28.48 -23.97
N GLN I 165 24.95 28.27 -22.66
CA GLN I 165 24.51 29.35 -21.78
C GLN I 165 25.56 30.44 -21.69
N LEU I 166 26.84 30.07 -21.74
CA LEU I 166 27.91 31.07 -21.73
C LEU I 166 27.86 31.93 -22.99
N PHE I 167 27.62 31.31 -24.14
CA PHE I 167 27.48 32.08 -25.38
C PHE I 167 26.26 32.99 -25.33
N ALA I 168 25.13 32.48 -24.84
CA ALA I 168 23.93 33.29 -24.72
C ALA I 168 24.10 34.40 -23.67
N LEU I 169 25.03 34.22 -22.73
CA LEU I 169 25.36 35.28 -21.78
C LEU I 169 26.29 36.33 -22.40
N ILE I 170 27.21 35.89 -23.25
CA ILE I 170 28.12 36.85 -23.89
C ILE I 170 27.43 37.62 -25.00
N THR I 171 26.27 37.14 -25.47
CA THR I 171 25.53 37.88 -26.48
C THR I 171 25.10 39.29 -26.05
N PRO I 172 24.46 39.50 -24.88
CA PRO I 172 24.00 40.85 -24.54
C PRO I 172 25.04 41.77 -23.91
N LEU I 173 26.23 41.27 -23.53
CA LEU I 173 27.30 42.18 -23.12
C LEU I 173 27.70 43.11 -24.25
N PHE I 174 27.78 42.59 -25.47
CA PHE I 174 28.04 43.44 -26.62
C PHE I 174 26.91 44.45 -26.82
N PHE I 175 25.66 44.05 -26.55
CA PHE I 175 24.54 44.98 -26.67
C PHE I 175 24.67 46.12 -25.66
N GLN I 176 25.02 45.78 -24.41
CA GLN I 176 25.20 46.80 -23.38
C GLN I 176 26.37 47.71 -23.72
N VAL I 177 27.43 47.16 -24.30
CA VAL I 177 28.57 47.97 -24.73
C VAL I 177 28.14 48.94 -25.83
N VAL I 178 27.35 48.46 -26.79
CA VAL I 178 26.95 49.30 -27.91
C VAL I 178 26.02 50.41 -27.43
N MET I 179 25.08 50.09 -26.53
CA MET I 179 24.13 51.10 -26.06
C MET I 179 24.69 51.92 -24.91
N ASP I 180 25.89 51.61 -24.43
CA ASP I 180 26.48 52.32 -23.31
C ASP I 180 27.79 53.03 -23.63
N LYS I 181 28.57 52.53 -24.56
CA LYS I 181 29.87 53.12 -24.84
C LYS I 181 30.10 53.41 -26.32
N VAL I 182 29.30 52.83 -27.21
CA VAL I 182 29.46 53.11 -28.63
C VAL I 182 28.39 54.10 -29.10
N LEU I 183 27.21 54.05 -28.50
CA LEU I 183 26.14 54.95 -28.91
C LEU I 183 26.35 56.37 -28.39
N VAL I 184 27.09 56.53 -27.30
CA VAL I 184 27.16 57.82 -26.63
C VAL I 184 28.15 58.76 -27.31
N HIS I 185 29.44 58.38 -27.36
CA HIS I 185 30.43 59.32 -27.88
C HIS I 185 30.51 59.28 -29.40
N ARG I 186 31.01 58.17 -29.94
CA ARG I 186 31.31 57.98 -31.37
C ARG I 186 31.54 56.47 -31.56
N GLY I 187 32.03 56.10 -32.74
CA GLY I 187 32.56 54.76 -32.94
C GLY I 187 32.21 54.08 -34.24
N PHE I 188 33.24 53.65 -34.96
CA PHE I 188 33.10 52.80 -36.15
C PHE I 188 33.92 51.53 -36.09
N SER I 189 35.15 51.61 -35.59
CA SER I 189 36.00 50.42 -35.52
C SER I 189 35.53 49.47 -34.42
N THR I 190 35.20 50.02 -33.25
CA THR I 190 34.66 49.19 -32.18
C THR I 190 33.32 48.57 -32.57
N LEU I 191 32.51 49.31 -33.33
CA LEU I 191 31.25 48.77 -33.83
C LEU I 191 31.49 47.57 -34.75
N ASN I 192 32.48 47.69 -35.65
CA ASN I 192 32.79 46.59 -36.55
C ASN I 192 33.32 45.38 -35.79
N VAL I 193 34.17 45.62 -34.79
CA VAL I 193 34.72 44.51 -34.00
C VAL I 193 33.61 43.79 -33.25
N ILE I 194 32.71 44.56 -32.62
CA ILE I 194 31.57 43.95 -31.93
C ILE I 194 30.71 43.16 -32.91
N THR I 195 30.44 43.72 -34.09
CA THR I 195 29.59 43.04 -35.06
C THR I 195 30.19 41.71 -35.50
N VAL I 196 31.49 41.71 -35.85
CA VAL I 196 32.09 40.48 -36.36
C VAL I 196 32.23 39.44 -35.25
N ALA I 197 32.62 39.88 -34.03
CA ALA I 197 32.73 38.94 -32.93
C ALA I 197 31.38 38.34 -32.58
N LEU I 198 30.33 39.17 -32.60
CA LEU I 198 28.99 38.68 -32.30
C LEU I 198 28.49 37.71 -33.36
N SER I 199 28.78 37.99 -34.64
CA SER I 199 28.39 37.06 -35.69
C SER I 199 29.10 35.72 -35.52
N VAL I 200 30.40 35.75 -35.20
CA VAL I 200 31.14 34.52 -34.99
C VAL I 200 30.57 33.75 -33.80
N VAL I 201 30.28 34.45 -32.71
CA VAL I 201 29.84 33.76 -31.49
C VAL I 201 28.43 33.20 -31.66
N VAL I 202 27.57 33.88 -32.41
CA VAL I 202 26.23 33.32 -32.62
C VAL I 202 26.27 32.14 -33.59
N VAL I 203 27.16 32.18 -34.58
CA VAL I 203 27.34 31.03 -35.46
C VAL I 203 27.80 29.81 -34.65
N PHE I 204 28.80 30.02 -33.79
CA PHE I 204 29.30 28.93 -32.95
C PHE I 204 28.23 28.46 -31.97
N GLU I 205 27.41 29.38 -31.45
CA GLU I 205 26.31 29.02 -30.57
C GLU I 205 25.30 28.12 -31.27
N ILE I 206 24.94 28.47 -32.51
CA ILE I 206 23.98 27.67 -33.27
C ILE I 206 24.54 26.28 -33.55
N ILE I 207 25.81 26.22 -33.98
CA ILE I 207 26.44 24.93 -34.26
C ILE I 207 26.50 24.08 -32.99
N LEU I 208 26.86 24.71 -31.86
CA LEU I 208 26.98 23.98 -30.61
C LEU I 208 25.63 23.44 -30.14
N SER I 209 24.58 24.25 -30.27
CA SER I 209 23.24 23.78 -29.89
C SER I 209 22.78 22.63 -30.78
N GLY I 210 23.04 22.72 -32.08
CA GLY I 210 22.68 21.65 -32.99
C GLY I 210 23.39 20.35 -32.65
N LEU I 211 24.68 20.43 -32.38
CA LEU I 211 25.44 19.25 -31.98
C LEU I 211 24.91 18.67 -30.66
N ARG I 212 24.57 19.56 -29.71
CA ARG I 212 24.04 19.10 -28.42
C ARG I 212 22.77 18.29 -28.61
N THR I 213 21.80 18.85 -29.34
CA THR I 213 20.53 18.13 -29.47
C THR I 213 20.68 16.90 -30.36
N TYR I 214 21.60 16.91 -31.32
CA TYR I 214 21.87 15.70 -32.11
C TYR I 214 22.40 14.57 -31.24
N ILE I 215 23.40 14.86 -30.41
CA ILE I 215 24.00 13.85 -29.55
C ILE I 215 22.98 13.34 -28.53
N PHE I 216 22.21 14.26 -27.94
CA PHE I 216 21.20 13.85 -26.97
C PHE I 216 20.11 13.00 -27.61
N ALA I 217 19.70 13.36 -28.83
CA ALA I 217 18.70 12.57 -29.54
C ALA I 217 19.22 11.17 -29.83
N HIS I 218 20.50 11.05 -30.22
CA HIS I 218 21.08 9.73 -30.48
C HIS I 218 21.10 8.88 -29.23
N SER I 219 21.55 9.45 -28.11
CA SER I 219 21.63 8.68 -26.87
C SER I 219 20.24 8.26 -26.39
N THR I 220 19.28 9.17 -26.44
CA THR I 220 17.93 8.83 -26.00
C THR I 220 17.27 7.85 -26.95
N SER I 221 17.63 7.89 -28.23
CA SER I 221 17.17 6.89 -29.19
C SER I 221 17.69 5.51 -28.82
N ARG I 222 18.96 5.41 -28.42
CA ARG I 222 19.49 4.14 -27.94
C ARG I 222 18.74 3.65 -26.71
N ILE I 223 18.45 4.57 -25.78
CA ILE I 223 17.72 4.22 -24.56
C ILE I 223 16.33 3.68 -24.92
N ASP I 224 15.66 4.33 -25.86
CA ASP I 224 14.33 3.88 -26.27
C ASP I 224 14.38 2.51 -26.93
N VAL I 225 15.40 2.25 -27.75
CA VAL I 225 15.51 0.95 -28.38
C VAL I 225 15.70 -0.14 -27.35
N GLU I 226 16.54 0.11 -26.34
CA GLU I 226 16.70 -0.85 -25.26
C GLU I 226 15.39 -1.08 -24.52
N LEU I 227 14.65 0.00 -24.25
CA LEU I 227 13.37 -0.13 -23.55
C LEU I 227 12.37 -0.94 -24.36
N GLY I 228 12.32 -0.71 -25.67
CA GLY I 228 11.40 -1.46 -26.52
C GLY I 228 11.74 -2.94 -26.58
N ALA I 229 13.03 -3.25 -26.69
CA ALA I 229 13.45 -4.65 -26.66
C ALA I 229 13.06 -5.33 -25.36
N LYS I 230 13.30 -4.65 -24.23
CA LYS I 230 12.92 -5.21 -22.95
C LYS I 230 11.42 -5.41 -22.83
N LEU I 231 10.64 -4.42 -23.31
CA LEU I 231 9.18 -4.52 -23.22
C LEU I 231 8.66 -5.70 -24.03
N PHE I 232 9.14 -5.88 -25.26
CA PHE I 232 8.66 -6.99 -26.06
C PHE I 232 9.10 -8.33 -25.48
N ARG I 233 10.33 -8.40 -24.97
CA ARG I 233 10.81 -9.64 -24.36
C ARG I 233 9.98 -10.02 -23.15
N HIS I 234 9.59 -9.04 -22.33
CA HIS I 234 8.74 -9.33 -21.18
C HIS I 234 7.31 -9.65 -21.61
N LEU I 235 6.85 -9.03 -22.71
CA LEU I 235 5.49 -9.24 -23.17
C LEU I 235 5.28 -10.65 -23.68
N LEU I 236 6.25 -11.17 -24.43
CA LEU I 236 6.09 -12.51 -25.00
C LEU I 236 6.20 -13.60 -23.94
N ALA I 237 6.71 -13.27 -22.76
CA ALA I 237 6.82 -14.25 -21.68
C ALA I 237 5.64 -14.20 -20.72
N LEU I 238 4.63 -13.38 -21.01
CA LEU I 238 3.45 -13.24 -20.15
C LEU I 238 2.50 -14.41 -20.33
N PRO I 239 1.74 -14.76 -19.30
CA PRO I 239 0.86 -15.95 -19.39
C PRO I 239 -0.29 -15.75 -20.36
N ILE I 240 -0.94 -16.86 -20.70
CA ILE I 240 -2.08 -16.84 -21.61
C ILE I 240 -3.31 -16.18 -20.99
N SER I 241 -3.58 -16.42 -19.71
CA SER I 241 -4.71 -15.78 -19.05
C SER I 241 -4.57 -14.26 -19.04
N TYR I 242 -3.33 -13.77 -19.07
CA TYR I 242 -3.08 -12.34 -19.24
C TYR I 242 -3.73 -11.81 -20.51
N PHE I 243 -3.45 -12.47 -21.64
CA PHE I 243 -4.04 -12.04 -22.90
C PHE I 243 -5.54 -12.36 -22.93
N GLU I 244 -5.98 -13.35 -22.15
CA GLU I 244 -7.38 -13.74 -22.15
C GLU I 244 -8.24 -12.68 -21.45
N SER I 245 -7.74 -12.12 -20.35
CA SER I 245 -8.54 -11.14 -19.61
C SER I 245 -8.67 -9.82 -20.36
N ARG I 246 -7.65 -9.45 -21.11
CA ARG I 246 -7.69 -8.22 -21.85
C ARG I 246 -8.11 -8.39 -23.27
N ARG I 247 -7.84 -7.38 -24.06
CA ARG I 247 -8.13 -7.42 -25.49
C ARG I 247 -6.86 -7.01 -26.23
N VAL I 248 -6.81 -7.37 -27.52
CA VAL I 248 -5.60 -7.14 -28.31
C VAL I 248 -5.33 -5.65 -28.49
N GLY I 249 -6.38 -4.84 -28.68
CA GLY I 249 -6.18 -3.43 -28.87
C GLY I 249 -5.64 -2.72 -27.64
N ASP I 250 -6.01 -3.19 -26.45
CA ASP I 250 -5.46 -2.63 -25.22
C ASP I 250 -3.94 -2.77 -25.19
N THR I 251 -3.44 -3.98 -25.47
CA THR I 251 -1.99 -4.18 -25.49
C THR I 251 -1.33 -3.41 -26.62
N VAL I 252 -2.00 -3.28 -27.78
CA VAL I 252 -1.44 -2.49 -28.88
C VAL I 252 -1.27 -1.04 -28.46
N ALA I 253 -2.29 -0.48 -27.79
CA ALA I 253 -2.20 0.90 -27.31
C ALA I 253 -1.12 1.04 -26.24
N ARG I 254 -0.99 0.05 -25.37
CA ARG I 254 0.05 0.09 -24.34
C ARG I 254 1.44 0.09 -24.97
N VAL I 255 1.64 -0.71 -26.02
CA VAL I 255 2.93 -0.73 -26.69
C VAL I 255 3.18 0.58 -27.44
N ARG I 256 2.15 1.14 -28.08
CA ARG I 256 2.32 2.42 -28.76
C ARG I 256 2.51 3.58 -27.79
N GLU I 257 2.19 3.39 -26.51
CA GLU I 257 2.59 4.38 -25.52
C GLU I 257 4.10 4.50 -25.42
N LEU I 258 4.85 3.45 -25.76
CA LEU I 258 6.29 3.58 -25.87
C LEU I 258 6.68 4.47 -27.05
N ASP I 259 5.93 4.40 -28.15
CA ASP I 259 6.12 5.34 -29.24
C ASP I 259 5.84 6.76 -28.79
N GLN I 260 4.82 6.93 -27.94
CA GLN I 260 4.57 8.24 -27.34
C GLN I 260 5.76 8.72 -26.51
N ILE I 261 6.31 7.85 -25.67
CA ILE I 261 7.48 8.19 -24.85
C ILE I 261 8.64 8.61 -25.74
N ARG I 262 8.88 7.85 -26.81
CA ARG I 262 10.01 8.17 -27.69
C ARG I 262 9.77 9.48 -28.43
N ASN I 263 8.56 9.69 -28.95
CA ASN I 263 8.25 10.91 -29.69
C ASN I 263 8.44 12.13 -28.81
N PHE I 264 8.08 12.00 -27.52
CA PHE I 264 8.48 12.99 -26.54
C PHE I 264 9.99 13.14 -26.44
N LEU I 265 10.68 12.01 -26.26
CA LEU I 265 12.01 12.04 -25.65
C LEU I 265 13.05 12.66 -26.58
N THR I 266 12.99 12.34 -27.87
CA THR I 266 13.96 12.86 -28.84
C THR I 266 13.46 14.15 -29.50
N GLY I 267 13.06 15.11 -28.68
CA GLY I 267 12.56 16.38 -29.17
C GLY I 267 13.21 17.54 -28.44
N GLN I 268 12.42 18.60 -28.25
CA GLN I 268 12.84 19.80 -27.54
C GLN I 268 12.48 19.75 -26.05
N ALA I 269 12.43 18.56 -25.47
CA ALA I 269 11.91 18.40 -24.11
C ALA I 269 12.99 18.49 -23.04
N LEU I 270 13.95 17.56 -23.07
CA LEU I 270 14.98 17.54 -22.03
C LEU I 270 16.04 18.60 -22.25
N THR I 271 16.28 19.02 -23.49
CA THR I 271 17.17 20.14 -23.73
C THR I 271 16.63 21.41 -23.10
N SER I 272 15.31 21.61 -23.18
CA SER I 272 14.70 22.80 -22.59
C SER I 272 14.85 22.82 -21.07
N VAL I 273 14.61 21.69 -20.41
CA VAL I 273 14.74 21.67 -18.95
C VAL I 273 16.21 21.74 -18.55
N LEU I 274 17.12 21.20 -19.37
CA LEU I 274 18.54 21.37 -19.10
C LEU I 274 18.95 22.83 -19.20
N ASP I 275 18.42 23.56 -20.18
CA ASP I 275 18.68 24.99 -20.28
C ASP I 275 18.09 25.73 -19.08
N LEU I 276 16.89 25.32 -18.64
CA LEU I 276 16.24 25.97 -17.51
C LEU I 276 17.04 25.78 -16.22
N LEU I 277 17.55 24.56 -15.99
CA LEU I 277 18.28 24.29 -14.75
C LEU I 277 19.65 24.95 -14.76
N PHE I 278 20.17 25.33 -15.92
CA PHE I 278 21.45 26.03 -16.03
C PHE I 278 21.27 27.53 -16.20
N SER I 279 20.25 28.09 -15.58
CA SER I 279 19.96 29.52 -15.67
C SER I 279 20.60 30.33 -14.55
N PHE I 280 21.28 29.68 -13.60
CA PHE I 280 21.93 30.42 -12.52
C PHE I 280 23.14 31.20 -13.01
N ILE I 281 23.76 30.77 -14.12
CA ILE I 281 24.84 31.54 -14.73
C ILE I 281 24.31 32.90 -15.19
N PHE I 282 23.11 32.91 -15.79
CA PHE I 282 22.46 34.18 -16.10
C PHE I 282 22.15 34.95 -14.83
N PHE I 283 21.64 34.25 -13.80
CA PHE I 283 21.16 34.90 -12.59
C PHE I 283 22.28 35.65 -11.87
N ALA I 284 23.49 35.08 -11.85
CA ALA I 284 24.61 35.76 -11.21
C ALA I 284 24.90 37.10 -11.89
N VAL I 285 24.89 37.12 -13.22
CA VAL I 285 25.19 38.34 -13.96
C VAL I 285 24.07 39.37 -13.77
N MET I 286 22.81 38.93 -13.82
CA MET I 286 21.71 39.86 -13.57
C MET I 286 21.76 40.43 -12.16
N TRP I 287 22.10 39.60 -11.17
CA TRP I 287 22.27 40.10 -9.81
C TRP I 287 23.42 41.08 -9.71
N TYR I 288 24.49 40.85 -10.48
CA TYR I 288 25.62 41.78 -10.49
C TYR I 288 25.21 43.13 -11.06
N TYR I 289 24.40 43.14 -12.12
CA TYR I 289 23.96 44.41 -12.69
C TYR I 289 23.17 45.24 -11.70
N SER I 290 22.20 44.63 -11.03
CA SER I 290 21.34 45.36 -10.11
C SER I 290 20.73 44.41 -9.09
N PRO I 291 20.90 44.68 -7.79
CA PRO I 291 20.31 43.79 -6.78
C PRO I 291 18.79 43.82 -6.76
N LYS I 292 18.18 45.01 -6.79
CA LYS I 292 16.72 45.11 -6.69
C LYS I 292 16.07 45.10 -8.06
N LEU I 293 16.46 44.14 -8.90
CA LEU I 293 15.73 43.82 -10.12
C LEU I 293 15.67 42.33 -10.39
N THR I 294 16.33 41.50 -9.58
CA THR I 294 16.30 40.05 -9.74
C THR I 294 15.43 39.36 -8.71
N LEU I 295 15.05 40.07 -7.64
CA LEU I 295 14.15 39.49 -6.65
C LEU I 295 12.78 39.19 -7.24
N VAL I 296 12.35 39.99 -8.22
CA VAL I 296 11.07 39.73 -8.87
C VAL I 296 11.10 38.41 -9.63
N ILE I 297 12.20 38.14 -10.34
CA ILE I 297 12.33 36.87 -11.05
C ILE I 297 12.50 35.72 -10.06
N LEU I 298 13.29 35.94 -9.00
CA LEU I 298 13.52 34.92 -7.99
C LEU I 298 12.26 34.63 -7.17
N PHE I 299 11.28 35.52 -7.21
CA PHE I 299 9.97 35.26 -6.62
C PHE I 299 8.97 34.72 -7.62
N SER I 300 9.13 35.03 -8.91
CA SER I 300 8.24 34.49 -9.93
C SER I 300 8.55 33.02 -10.21
N LEU I 301 9.81 32.60 -10.01
CA LEU I 301 10.12 31.18 -10.19
C LEU I 301 9.35 30.28 -9.23
N PRO I 302 9.25 30.59 -7.92
CA PRO I 302 8.28 29.84 -7.10
C PRO I 302 6.84 30.00 -7.56
N CYS I 303 6.48 31.16 -8.12
CA CYS I 303 5.14 31.31 -8.69
C CYS I 303 4.95 30.39 -9.89
N TYR I 304 5.98 30.27 -10.73
CA TYR I 304 5.95 29.31 -11.83
C TYR I 304 5.78 27.89 -11.31
N ALA I 305 6.53 27.54 -10.26
CA ALA I 305 6.42 26.20 -9.68
C ALA I 305 5.03 25.95 -9.11
N ALA I 306 4.46 26.96 -8.43
CA ALA I 306 3.12 26.81 -7.86
C ALA I 306 2.08 26.65 -8.95
N TRP I 307 2.17 27.43 -10.03
CA TRP I 307 1.24 27.27 -11.14
C TRP I 307 1.38 25.89 -11.78
N SER I 308 2.62 25.43 -11.93
CA SER I 308 2.85 24.11 -12.53
C SER I 308 2.28 22.99 -11.66
N VAL I 309 2.48 23.06 -10.35
CA VAL I 309 2.00 21.98 -9.49
C VAL I 309 0.48 22.09 -9.32
N PHE I 310 -0.09 23.28 -9.54
CA PHE I 310 -1.55 23.38 -9.54
C PHE I 310 -2.14 22.78 -10.81
N ILE I 311 -1.51 23.02 -11.96
CA ILE I 311 -2.08 22.57 -13.23
C ILE I 311 -1.74 21.12 -13.55
N SER I 312 -0.68 20.55 -12.94
CA SER I 312 -0.25 19.20 -13.29
C SER I 312 -1.28 18.11 -12.98
N PRO I 313 -1.86 18.03 -11.76
CA PRO I 313 -2.74 16.88 -11.50
C PRO I 313 -4.02 16.87 -12.31
N ILE I 314 -4.60 18.05 -12.59
CA ILE I 314 -5.82 18.10 -13.38
C ILE I 314 -5.53 17.67 -14.81
N LEU I 315 -4.41 18.11 -15.38
CA LEU I 315 -4.03 17.68 -16.72
C LEU I 315 -3.70 16.20 -16.76
N ARG I 316 -3.08 15.68 -15.69
CA ARG I 316 -2.83 14.24 -15.61
C ARG I 316 -4.14 13.46 -15.59
N ARG I 317 -5.15 13.96 -14.91
CA ARG I 317 -6.42 13.26 -14.84
C ARG I 317 -7.16 13.36 -16.15
N ARG I 318 -7.05 14.48 -16.83
CA ARG I 318 -7.64 14.61 -18.16
C ARG I 318 -6.96 13.66 -19.15
N LEU I 319 -5.64 13.56 -19.09
CA LEU I 319 -4.92 12.71 -20.03
C LEU I 319 -5.10 11.25 -19.72
N ASP I 320 -5.30 10.88 -18.46
CA ASP I 320 -5.66 9.51 -18.13
C ASP I 320 -7.00 9.14 -18.72
N ASP I 321 -7.99 10.04 -18.60
CA ASP I 321 -9.28 9.80 -19.23
C ASP I 321 -9.15 9.72 -20.75
N LYS I 322 -8.35 10.60 -21.33
CA LYS I 322 -8.15 10.61 -22.78
C LYS I 322 -7.50 9.31 -23.25
N PHE I 323 -6.51 8.81 -22.50
CA PHE I 323 -5.88 7.55 -22.88
C PHE I 323 -6.81 6.37 -22.68
N SER I 324 -7.68 6.40 -21.67
CA SER I 324 -8.67 5.34 -21.53
C SER I 324 -9.60 5.32 -22.74
N ARG I 325 -10.05 6.50 -23.18
CA ARG I 325 -10.87 6.58 -24.38
C ARG I 325 -10.10 6.11 -25.62
N ASN I 326 -8.82 6.48 -25.72
CA ASN I 326 -8.02 6.08 -26.87
C ASN I 326 -7.80 4.57 -26.89
N ALA I 327 -7.56 3.96 -25.73
CA ALA I 327 -7.39 2.51 -25.67
C ALA I 327 -8.68 1.79 -26.00
N ASP I 328 -9.82 2.30 -25.53
CA ASP I 328 -11.10 1.69 -25.91
C ASP I 328 -11.35 1.79 -27.40
N ASN I 329 -11.06 2.96 -27.99
CA ASN I 329 -11.21 3.13 -29.43
C ASN I 329 -10.28 2.20 -30.20
N GLN I 330 -9.04 2.07 -29.73
CA GLN I 330 -8.07 1.19 -30.37
C GLN I 330 -8.52 -0.27 -30.34
N SER I 331 -8.99 -0.73 -29.17
CA SER I 331 -9.47 -2.10 -29.06
C SER I 331 -10.67 -2.34 -29.95
N PHE I 332 -11.60 -1.38 -29.97
CA PHE I 332 -12.77 -1.49 -30.84
C PHE I 332 -12.37 -1.56 -32.30
N LEU I 333 -11.45 -0.69 -32.73
CA LEU I 333 -11.04 -0.66 -34.13
C LEU I 333 -10.34 -1.95 -34.53
N VAL I 334 -9.44 -2.45 -33.69
CA VAL I 334 -8.72 -3.68 -34.02
C VAL I 334 -9.67 -4.87 -34.06
N GLU I 335 -10.61 -4.92 -33.11
CA GLU I 335 -11.60 -6.00 -33.10
C GLU I 335 -12.47 -5.95 -34.35
N SER I 336 -12.88 -4.75 -34.77
CA SER I 336 -13.69 -4.62 -35.98
C SER I 336 -12.93 -5.03 -37.23
N VAL I 337 -11.67 -4.59 -37.35
CA VAL I 337 -10.92 -4.87 -38.56
C VAL I 337 -10.53 -6.34 -38.65
N THR I 338 -10.10 -6.94 -37.53
CA THR I 338 -9.61 -8.31 -37.56
C THR I 338 -10.72 -9.32 -37.82
N ALA I 339 -11.98 -8.93 -37.64
CA ALA I 339 -13.13 -9.78 -37.90
C ALA I 339 -14.04 -9.15 -38.94
N ILE I 340 -13.44 -8.56 -39.98
CA ILE I 340 -14.21 -7.82 -40.97
C ILE I 340 -15.07 -8.76 -41.82
N ASN I 341 -14.72 -10.05 -41.87
CA ASN I 341 -15.50 -10.99 -42.67
C ASN I 341 -16.90 -11.16 -42.10
N THR I 342 -17.00 -11.41 -40.80
CA THR I 342 -18.31 -11.58 -40.18
C THR I 342 -19.04 -10.25 -40.02
N ILE I 343 -18.30 -9.15 -39.87
CA ILE I 343 -18.93 -7.84 -39.81
C ILE I 343 -19.60 -7.51 -41.15
N LYS I 344 -18.92 -7.79 -42.26
CA LYS I 344 -19.48 -7.53 -43.57
C LYS I 344 -20.56 -8.55 -43.92
N ALA I 345 -20.42 -9.79 -43.42
CA ALA I 345 -21.35 -10.85 -43.77
C ALA I 345 -22.77 -10.55 -43.31
N MET I 346 -22.95 -9.86 -42.19
CA MET I 346 -24.25 -9.41 -41.72
C MET I 346 -24.32 -7.90 -41.82
N ALA I 347 -25.44 -7.35 -41.32
CA ALA I 347 -25.73 -5.92 -41.44
C ALA I 347 -25.62 -5.21 -40.09
N VAL I 348 -24.59 -5.57 -39.31
CA VAL I 348 -24.33 -4.88 -38.05
C VAL I 348 -23.63 -3.56 -38.27
N SER I 349 -23.23 -3.26 -39.51
CA SER I 349 -22.47 -2.04 -39.80
C SER I 349 -23.13 -0.73 -39.37
N PRO I 350 -24.47 -0.53 -39.47
CA PRO I 350 -25.04 0.71 -38.91
C PRO I 350 -24.82 0.81 -37.40
N GLN I 351 -25.09 -0.27 -36.68
CA GLN I 351 -24.87 -0.29 -35.23
C GLN I 351 -23.39 -0.12 -34.91
N MET I 352 -22.53 -0.71 -35.75
CA MET I 352 -21.11 -0.72 -35.52
C MET I 352 -20.58 0.71 -35.66
N THR I 353 -21.05 1.40 -36.71
CA THR I 353 -20.70 2.80 -36.91
C THR I 353 -21.29 3.69 -35.81
N ASN I 354 -22.45 3.31 -35.29
CA ASN I 354 -23.05 4.09 -34.20
C ASN I 354 -22.17 4.03 -32.94
N ILE I 355 -21.71 2.83 -32.59
CA ILE I 355 -20.85 2.73 -31.41
C ILE I 355 -19.49 3.37 -31.67
N TRP I 356 -19.03 3.33 -32.93
CA TRP I 356 -17.82 4.06 -33.30
C TRP I 356 -18.00 5.56 -33.10
N ASP I 357 -19.16 6.08 -33.51
CA ASP I 357 -19.43 7.51 -33.36
C ASP I 357 -19.48 7.90 -31.89
N LYS I 358 -20.09 7.05 -31.07
CA LYS I 358 -20.11 7.28 -29.62
C LYS I 358 -18.69 7.38 -29.07
N GLN I 359 -17.86 6.37 -29.38
CA GLN I 359 -16.49 6.36 -28.85
C GLN I 359 -15.67 7.52 -29.38
N LEU I 360 -15.84 7.85 -30.67
CA LEU I 360 -15.07 8.94 -31.28
C LEU I 360 -15.46 10.28 -30.68
N ALA I 361 -16.76 10.51 -30.46
CA ALA I 361 -17.19 11.75 -29.84
C ALA I 361 -16.68 11.87 -28.41
N GLY I 362 -16.70 10.75 -27.68
CA GLY I 362 -16.11 10.77 -26.34
C GLY I 362 -14.62 11.10 -26.37
N TYR I 363 -13.90 10.51 -27.31
CA TYR I 363 -12.46 10.75 -27.42
C TYR I 363 -12.16 12.19 -27.79
N VAL I 364 -12.94 12.76 -28.72
CA VAL I 364 -12.72 14.14 -29.14
C VAL I 364 -13.07 15.09 -27.98
N ALA I 365 -14.12 14.77 -27.24
CA ALA I 365 -14.46 15.59 -26.06
C ALA I 365 -13.35 15.56 -25.04
N ALA I 366 -12.76 14.38 -24.80
CA ALA I 366 -11.64 14.26 -23.88
C ALA I 366 -10.44 15.06 -24.36
N GLY I 367 -10.15 14.99 -25.66
CA GLY I 367 -9.02 15.74 -26.20
C GLY I 367 -9.22 17.24 -26.10
N PHE I 368 -10.44 17.71 -26.38
CA PHE I 368 -10.75 19.13 -26.27
C PHE I 368 -10.66 19.59 -24.82
N LYS I 369 -11.17 18.78 -23.90
CA LYS I 369 -11.06 19.09 -22.48
C LYS I 369 -9.62 19.09 -22.00
N VAL I 370 -8.76 18.29 -22.61
CA VAL I 370 -7.32 18.35 -22.34
C VAL I 370 -6.72 19.65 -22.86
N THR I 371 -7.03 20.02 -24.10
CA THR I 371 -6.34 21.14 -24.73
C THR I 371 -6.79 22.48 -24.16
N VAL I 372 -8.03 22.57 -23.67
CA VAL I 372 -8.48 23.82 -23.06
C VAL I 372 -7.73 24.06 -21.76
N LEU I 373 -7.55 23.00 -20.96
CA LEU I 373 -6.75 23.13 -19.74
C LEU I 373 -5.30 23.41 -20.06
N ALA I 374 -4.80 22.82 -21.14
CA ALA I 374 -3.42 23.08 -21.57
C ALA I 374 -3.21 24.55 -21.91
N THR I 375 -4.15 25.14 -22.66
CA THR I 375 -3.99 26.54 -23.02
C THR I 375 -4.28 27.46 -21.84
N ILE I 376 -5.12 27.04 -20.88
CA ILE I 376 -5.27 27.80 -19.64
C ILE I 376 -3.95 27.84 -18.88
N GLY I 377 -3.29 26.69 -18.77
CA GLY I 377 -1.97 26.63 -18.16
C GLY I 377 -0.92 27.45 -18.89
N GLN I 378 -0.94 27.45 -20.22
CA GLN I 378 -0.05 28.29 -21.00
C GLN I 378 -0.31 29.78 -20.77
N GLN I 379 -1.57 30.18 -20.73
CA GLN I 379 -1.90 31.59 -20.50
C GLN I 379 -1.53 32.02 -19.09
N GLY I 380 -1.59 31.09 -18.13
CA GLY I 380 -1.12 31.41 -16.79
C GLY I 380 0.37 31.72 -16.75
N ILE I 381 1.16 30.90 -17.45
CA ILE I 381 2.60 31.14 -17.52
C ILE I 381 2.88 32.46 -18.24
N GLN I 382 2.10 32.74 -19.29
CA GLN I 382 2.24 34.00 -20.01
C GLN I 382 1.94 35.19 -19.11
N LEU I 383 0.91 35.06 -18.27
CA LEU I 383 0.55 36.13 -17.33
C LEU I 383 1.65 36.36 -16.31
N ILE I 384 2.21 35.26 -15.77
CA ILE I 384 3.30 35.38 -14.81
C ILE I 384 4.53 36.03 -15.45
N GLN I 385 4.81 35.71 -16.72
CA GLN I 385 5.89 36.38 -17.43
C GLN I 385 5.61 37.86 -17.61
N LYS I 386 4.38 38.20 -18.01
CA LYS I 386 4.10 39.57 -18.44
C LYS I 386 4.01 40.53 -17.26
N THR I 387 3.45 40.07 -16.12
CA THR I 387 3.42 40.93 -14.94
C THR I 387 4.82 41.24 -14.44
N VAL I 388 5.69 40.22 -14.43
CA VAL I 388 7.08 40.45 -14.06
C VAL I 388 7.76 41.36 -15.06
N MET I 389 7.42 41.24 -16.34
CA MET I 389 7.99 42.12 -17.35
C MET I 389 7.59 43.58 -17.11
N ILE I 390 6.32 43.83 -16.79
CA ILE I 390 5.88 45.21 -16.64
C ILE I 390 6.44 45.80 -15.34
N ILE I 391 6.52 45.01 -14.26
CA ILE I 391 7.12 45.55 -13.05
C ILE I 391 8.62 45.73 -13.21
N ASN I 392 9.27 44.91 -14.04
CA ASN I 392 10.65 45.17 -14.42
C ASN I 392 10.79 46.48 -15.16
N LEU I 393 9.87 46.77 -16.08
CA LEU I 393 9.89 48.07 -16.76
C LEU I 393 9.77 49.20 -15.75
N TRP I 394 8.84 49.07 -14.80
CA TRP I 394 8.61 50.12 -13.81
C TRP I 394 9.86 50.36 -12.96
N LEU I 395 10.41 49.29 -12.39
CA LEU I 395 11.57 49.44 -11.52
C LEU I 395 12.82 49.84 -12.28
N GLY I 396 12.99 49.35 -13.51
CA GLY I 396 14.14 49.75 -14.31
C GLY I 396 14.07 51.21 -14.72
N ALA I 397 12.86 51.70 -15.03
CA ALA I 397 12.69 53.12 -15.30
C ALA I 397 13.05 53.95 -14.08
N HIS I 398 12.61 53.52 -12.89
CA HIS I 398 13.03 54.22 -11.67
C HIS I 398 14.54 54.20 -11.51
N LEU I 399 15.17 53.04 -11.74
CA LEU I 399 16.60 52.89 -11.51
C LEU I 399 17.45 53.58 -12.57
N VAL I 400 16.89 53.91 -13.72
CA VAL I 400 17.65 54.60 -14.76
C VAL I 400 17.39 56.11 -14.74
N ILE I 401 16.24 56.54 -14.19
CA ILE I 401 16.05 57.98 -14.00
C ILE I 401 16.67 58.49 -12.72
N SER I 402 17.06 57.60 -11.80
CA SER I 402 17.68 58.00 -10.54
C SER I 402 19.20 57.83 -10.58
N GLY I 403 19.68 56.63 -10.84
CA GLY I 403 21.10 56.37 -10.89
C GLY I 403 21.38 54.91 -10.57
N ASP I 404 22.66 54.57 -10.63
CA ASP I 404 23.20 53.23 -10.41
C ASP I 404 22.76 52.23 -11.47
N LEU I 405 22.23 52.70 -12.60
CA LEU I 405 21.79 51.83 -13.67
C LEU I 405 21.66 52.66 -14.94
N SER I 406 22.22 52.16 -16.03
CA SER I 406 22.23 52.86 -17.32
C SER I 406 21.21 52.22 -18.28
N ILE I 407 20.99 52.91 -19.40
CA ILE I 407 19.98 52.48 -20.36
C ILE I 407 20.38 51.16 -21.01
N GLY I 408 21.66 51.03 -21.38
CA GLY I 408 22.13 49.78 -21.96
C GLY I 408 22.06 48.63 -20.97
N GLN I 409 22.32 48.92 -19.70
CA GLN I 409 22.16 47.90 -18.65
C GLN I 409 20.71 47.44 -18.55
N LEU I 410 19.76 48.38 -18.66
CA LEU I 410 18.35 48.02 -18.64
C LEU I 410 17.98 47.15 -19.84
N ILE I 411 18.49 47.49 -21.03
CA ILE I 411 18.21 46.70 -22.22
C ILE I 411 18.76 45.29 -22.07
N ALA I 412 20.00 45.18 -21.60
CA ALA I 412 20.62 43.87 -21.39
C ALA I 412 19.86 43.06 -20.34
N PHE I 413 19.41 43.72 -19.27
CA PHE I 413 18.64 43.03 -18.25
C PHE I 413 17.33 42.51 -18.80
N ASN I 414 16.64 43.32 -19.61
CA ASN I 414 15.37 42.89 -20.19
C ASN I 414 15.56 41.69 -21.10
N MET I 415 16.60 41.71 -21.94
CA MET I 415 16.79 40.57 -22.83
C MET I 415 17.28 39.33 -22.08
N LEU I 416 18.06 39.54 -21.00
CA LEU I 416 18.43 38.41 -20.15
C LEU I 416 17.20 37.77 -19.51
N ALA I 417 16.26 38.58 -19.04
CA ALA I 417 15.02 38.04 -18.49
C ALA I 417 14.22 37.30 -19.56
N GLY I 418 14.18 37.83 -20.78
CA GLY I 418 13.50 37.13 -21.86
C GLY I 418 14.12 35.79 -22.18
N GLN I 419 15.46 35.73 -22.19
CA GLN I 419 16.14 34.47 -22.46
C GLN I 419 16.02 33.51 -21.28
N ILE I 420 15.80 34.05 -20.08
CA ILE I 420 15.45 33.20 -18.94
C ILE I 420 14.08 32.56 -19.14
N VAL I 421 13.10 33.36 -19.57
CA VAL I 421 11.72 32.86 -19.57
C VAL I 421 11.37 32.06 -20.82
N ALA I 422 12.16 32.18 -21.89
CA ALA I 422 11.88 31.37 -23.08
C ALA I 422 11.91 29.87 -22.83
N PRO I 423 12.87 29.29 -22.08
CA PRO I 423 12.70 27.88 -21.70
C PRO I 423 11.43 27.61 -20.91
N VAL I 424 11.02 28.55 -20.05
CA VAL I 424 9.80 28.36 -19.27
C VAL I 424 8.58 28.28 -20.18
N ILE I 425 8.51 29.16 -21.18
CA ILE I 425 7.36 29.10 -22.08
C ILE I 425 7.42 27.85 -22.95
N ARG I 426 8.61 27.36 -23.31
CA ARG I 426 8.70 26.10 -24.04
C ARG I 426 8.19 24.93 -23.20
N LEU I 427 8.58 24.90 -21.92
CA LEU I 427 8.02 23.91 -20.98
C LEU I 427 6.51 24.02 -20.91
N ALA I 428 5.98 25.24 -20.87
CA ALA I 428 4.53 25.41 -20.83
C ALA I 428 3.87 24.88 -22.10
N GLN I 429 4.53 25.04 -23.25
CA GLN I 429 3.96 24.54 -24.49
C GLN I 429 3.97 23.01 -24.58
N ILE I 430 4.97 22.34 -24.02
CA ILE I 430 5.02 20.89 -24.13
C ILE I 430 4.63 20.20 -22.82
N TRP I 431 3.97 20.96 -21.93
CA TRP I 431 3.41 20.37 -20.72
C TRP I 431 2.45 19.22 -21.02
N GLN I 432 1.72 19.30 -22.12
CA GLN I 432 0.83 18.21 -22.51
C GLN I 432 1.61 16.92 -22.72
N ASP I 433 2.74 17.02 -23.43
CA ASP I 433 3.56 15.83 -23.67
C ASP I 433 4.25 15.36 -22.40
N PHE I 434 4.60 16.29 -21.49
CA PHE I 434 5.10 15.87 -20.18
C PHE I 434 4.09 15.01 -19.44
N GLN I 435 2.83 15.45 -19.37
CA GLN I 435 1.83 14.65 -18.68
C GLN I 435 1.51 13.36 -19.44
N GLN I 436 1.61 13.41 -20.77
CA GLN I 436 1.42 12.19 -21.57
C GLN I 436 2.46 11.15 -21.23
N VAL I 437 3.72 11.55 -21.06
CA VAL I 437 4.75 10.62 -20.64
C VAL I 437 4.51 10.17 -19.21
N GLY I 438 4.03 11.09 -18.35
CA GLY I 438 3.73 10.71 -16.98
C GLY I 438 2.72 9.60 -16.87
N ILE I 439 1.72 9.59 -17.75
CA ILE I 439 0.77 8.48 -17.77
C ILE I 439 1.27 7.29 -18.60
N SER I 440 2.12 7.55 -19.61
CA SER I 440 2.58 6.49 -20.49
C SER I 440 3.54 5.55 -19.78
N VAL I 441 4.45 6.11 -18.97
CA VAL I 441 5.36 5.26 -18.20
C VAL I 441 4.58 4.43 -17.19
N THR I 442 3.51 5.00 -16.64
CA THR I 442 2.64 4.25 -15.73
C THR I 442 1.98 3.08 -16.45
N ARG I 443 1.50 3.31 -17.68
CA ARG I 443 0.87 2.21 -18.42
C ARG I 443 1.89 1.14 -18.83
N LEU I 444 3.09 1.56 -19.24
CA LEU I 444 4.15 0.59 -19.53
C LEU I 444 4.49 -0.22 -18.29
N GLY I 445 4.51 0.41 -17.11
CA GLY I 445 4.71 -0.34 -15.89
C GLY I 445 3.57 -1.31 -15.60
N ASP I 446 2.33 -0.87 -15.85
CA ASP I 446 1.18 -1.74 -15.68
C ASP I 446 1.30 -3.00 -16.55
N VAL I 447 1.84 -2.84 -17.75
CA VAL I 447 2.10 -4.01 -18.59
C VAL I 447 3.26 -4.82 -18.02
N LEU I 448 4.32 -4.16 -17.59
CA LEU I 448 5.55 -4.84 -17.19
C LEU I 448 5.48 -5.42 -15.77
N ASN I 449 4.71 -4.81 -14.87
CA ASN I 449 4.66 -5.28 -13.49
C ASN I 449 3.80 -6.52 -13.32
N SER I 450 3.04 -6.90 -14.34
CA SER I 450 2.24 -8.12 -14.24
C SER I 450 3.16 -9.34 -14.18
N PRO I 451 2.81 -10.35 -13.38
CA PRO I 451 3.66 -11.54 -13.28
C PRO I 451 3.77 -12.26 -14.61
N THR I 452 4.95 -12.83 -14.86
CA THR I 452 5.23 -13.51 -16.11
C THR I 452 5.19 -15.01 -15.93
N GLU I 453 5.44 -15.74 -17.01
CA GLU I 453 5.55 -17.20 -16.97
C GLU I 453 6.98 -17.64 -16.66
N SER I 454 7.51 -17.12 -15.56
CA SER I 454 8.91 -17.35 -15.21
C SER I 454 9.14 -18.78 -14.76
N TYR I 455 10.36 -19.26 -14.98
CA TYR I 455 10.78 -20.58 -14.55
C TYR I 455 11.98 -20.46 -13.64
N HIS I 456 12.18 -21.46 -12.79
CA HIS I 456 13.30 -21.47 -11.87
C HIS I 456 14.62 -21.53 -12.63
N GLY I 457 15.56 -20.68 -12.25
CA GLY I 457 16.86 -20.64 -12.90
C GLY I 457 17.85 -21.63 -12.33
N LYS I 458 17.39 -22.85 -12.08
CA LYS I 458 18.22 -23.90 -11.53
C LYS I 458 18.87 -24.69 -12.66
N LEU I 459 19.42 -25.86 -12.32
CA LEU I 459 20.04 -26.72 -13.32
C LEU I 459 19.03 -27.12 -14.38
N ALA I 460 19.45 -27.07 -15.64
CA ALA I 460 18.55 -27.34 -16.75
C ALA I 460 18.18 -28.81 -16.82
N LEU I 461 17.05 -29.10 -17.47
CA LEU I 461 16.50 -30.43 -17.49
C LEU I 461 16.86 -31.16 -18.79
N PRO I 462 17.03 -32.48 -18.74
CA PRO I 462 17.42 -33.22 -19.93
C PRO I 462 16.26 -33.39 -20.91
N GLU I 463 16.51 -34.17 -21.95
CA GLU I 463 15.51 -34.42 -22.97
C GLU I 463 14.35 -35.25 -22.40
N ILE I 464 13.22 -35.20 -23.11
CA ILE I 464 11.96 -35.73 -22.61
C ILE I 464 11.68 -37.08 -23.24
N ASN I 465 11.35 -38.07 -22.42
CA ASN I 465 10.63 -39.25 -22.85
C ASN I 465 9.16 -39.06 -22.51
N GLY I 466 8.28 -39.58 -23.36
CA GLY I 466 6.87 -39.26 -23.24
C GLY I 466 6.17 -39.90 -22.07
N ASN I 467 6.57 -39.54 -20.85
CA ASN I 467 5.95 -40.04 -19.63
C ASN I 467 5.13 -38.91 -19.02
N ILE I 468 3.85 -38.88 -19.37
CA ILE I 468 2.95 -37.84 -18.92
C ILE I 468 2.08 -38.38 -17.79
N THR I 469 2.17 -37.78 -16.61
CA THR I 469 1.35 -38.22 -15.49
C THR I 469 0.54 -37.05 -14.98
N PHE I 470 -0.77 -37.15 -15.08
CA PHE I 470 -1.71 -36.25 -14.44
C PHE I 470 -2.09 -36.89 -13.11
N ARG I 471 -1.89 -36.17 -12.01
CA ARG I 471 -2.15 -36.68 -10.68
C ARG I 471 -3.07 -35.72 -9.94
N ASN I 472 -4.27 -36.22 -9.64
CA ASN I 472 -5.23 -35.56 -8.74
C ASN I 472 -5.59 -34.17 -9.24
N ILE I 473 -5.77 -34.05 -10.55
CA ILE I 473 -5.86 -32.75 -11.20
C ILE I 473 -7.24 -32.15 -10.97
N ARG I 474 -7.27 -30.92 -10.45
CA ARG I 474 -8.48 -30.11 -10.34
C ARG I 474 -8.17 -28.73 -10.89
N PHE I 475 -8.75 -28.39 -12.04
CA PHE I 475 -8.46 -27.15 -12.74
C PHE I 475 -9.73 -26.38 -13.07
N ARG I 476 -9.68 -25.07 -12.88
CA ARG I 476 -10.72 -24.14 -13.30
C ARG I 476 -10.06 -22.92 -13.93
N TYR I 477 -10.71 -22.35 -14.95
CA TYR I 477 -10.11 -21.23 -15.68
C TYR I 477 -10.07 -19.97 -14.83
N LYS I 478 -11.18 -19.62 -14.21
CA LYS I 478 -11.26 -18.45 -13.35
C LYS I 478 -11.40 -18.88 -11.90
N PRO I 479 -11.00 -18.01 -10.95
CA PRO I 479 -11.18 -18.37 -9.54
C PRO I 479 -12.64 -18.63 -9.16
N ASP I 480 -13.58 -17.93 -9.79
CA ASP I 480 -14.99 -18.17 -9.56
C ASP I 480 -15.62 -19.14 -10.56
N SER I 481 -14.86 -19.57 -11.57
CA SER I 481 -15.41 -20.43 -12.61
C SER I 481 -15.75 -21.81 -12.05
N PRO I 482 -16.75 -22.49 -12.63
CA PRO I 482 -17.03 -23.87 -12.23
C PRO I 482 -15.85 -24.79 -12.54
N VAL I 483 -15.72 -25.84 -11.74
CA VAL I 483 -14.60 -26.78 -11.89
C VAL I 483 -14.71 -27.48 -13.23
N ILE I 484 -13.64 -27.42 -14.01
CA ILE I 484 -13.62 -28.03 -15.34
C ILE I 484 -13.13 -29.47 -15.28
N LEU I 485 -12.00 -29.70 -14.61
CA LEU I 485 -11.44 -31.03 -14.43
C LEU I 485 -11.58 -31.41 -12.96
N ASP I 486 -12.28 -32.51 -12.69
CA ASP I 486 -12.56 -32.88 -11.30
C ASP I 486 -11.42 -33.67 -10.67
N ASN I 487 -11.17 -34.88 -11.18
CA ASN I 487 -10.20 -35.79 -10.57
C ASN I 487 -9.39 -36.52 -11.64
N ILE I 488 -8.89 -35.77 -12.62
CA ILE I 488 -8.16 -36.37 -13.74
C ILE I 488 -6.86 -36.97 -13.23
N ASN I 489 -6.80 -38.30 -13.21
CA ASN I 489 -5.57 -39.05 -12.92
C ASN I 489 -5.31 -39.96 -14.11
N LEU I 490 -4.11 -39.84 -14.70
CA LEU I 490 -3.86 -40.53 -15.95
C LEU I 490 -2.36 -40.67 -16.19
N SER I 491 -1.99 -41.76 -16.87
CA SER I 491 -0.59 -42.06 -17.17
C SER I 491 -0.43 -42.39 -18.64
N ILE I 492 0.56 -41.79 -19.28
CA ILE I 492 0.88 -42.02 -20.69
C ILE I 492 2.36 -42.36 -20.78
N LYS I 493 2.68 -43.44 -21.47
CA LYS I 493 4.06 -43.90 -21.66
C LYS I 493 4.53 -43.54 -23.07
N GLN I 494 5.81 -43.82 -23.33
CA GLN I 494 6.41 -43.45 -24.60
C GLN I 494 5.85 -44.29 -25.74
N GLY I 495 5.74 -43.66 -26.91
CA GLY I 495 5.25 -44.34 -28.10
C GLY I 495 3.81 -44.79 -28.00
N GLU I 496 3.01 -44.16 -27.16
CA GLU I 496 1.63 -44.57 -26.90
C GLU I 496 0.70 -43.60 -27.62
N VAL I 497 0.02 -44.10 -28.66
CA VAL I 497 -0.88 -43.27 -29.45
C VAL I 497 -2.22 -43.16 -28.73
N ILE I 498 -2.35 -42.16 -27.87
CA ILE I 498 -3.56 -41.97 -27.08
C ILE I 498 -4.56 -41.14 -27.89
N GLY I 499 -5.84 -41.50 -27.80
CA GLY I 499 -6.91 -40.71 -28.37
C GLY I 499 -7.87 -40.28 -27.28
N ILE I 500 -8.38 -39.07 -27.41
CA ILE I 500 -9.30 -38.50 -26.43
C ILE I 500 -10.58 -38.10 -27.15
N VAL I 501 -11.72 -38.53 -26.61
CA VAL I 501 -13.02 -38.24 -27.20
C VAL I 501 -13.99 -37.85 -26.08
N GLY I 502 -15.04 -37.12 -26.45
CA GLY I 502 -16.06 -36.71 -25.51
C GLY I 502 -17.03 -35.77 -26.20
N ARG I 503 -17.98 -35.28 -25.40
CA ARG I 503 -18.94 -34.32 -25.93
C ARG I 503 -18.27 -32.96 -26.16
N SER I 504 -18.96 -32.12 -26.94
CA SER I 504 -18.47 -30.77 -27.21
C SER I 504 -18.51 -29.94 -25.94
N GLY I 505 -17.35 -29.52 -25.45
CA GLY I 505 -17.25 -28.80 -24.21
C GLY I 505 -16.93 -29.64 -22.99
N SER I 506 -16.54 -30.90 -23.19
CA SER I 506 -16.22 -31.77 -22.06
C SER I 506 -14.97 -31.32 -21.31
N GLY I 507 -13.95 -30.83 -22.01
CA GLY I 507 -12.74 -30.37 -21.36
C GLY I 507 -11.48 -31.05 -21.85
N LYS I 508 -11.50 -31.57 -23.07
CA LYS I 508 -10.32 -32.20 -23.64
C LYS I 508 -9.31 -31.16 -24.11
N SER I 509 -9.79 -30.02 -24.61
CA SER I 509 -8.88 -28.93 -24.94
C SER I 509 -8.20 -28.38 -23.70
N THR I 510 -8.84 -28.50 -22.53
CA THR I 510 -8.17 -28.14 -21.28
C THR I 510 -7.04 -29.11 -20.99
N LEU I 511 -7.20 -30.40 -21.31
CA LEU I 511 -6.09 -31.33 -21.19
C LEU I 511 -4.96 -30.97 -22.13
N THR I 512 -5.29 -30.57 -23.36
CA THR I 512 -4.25 -30.12 -24.29
C THR I 512 -3.52 -28.89 -23.75
N LYS I 513 -4.26 -27.94 -23.19
CA LYS I 513 -3.66 -26.73 -22.64
C LYS I 513 -2.99 -26.96 -21.29
N LEU I 514 -3.20 -28.13 -20.67
CA LEU I 514 -2.52 -28.46 -19.44
C LEU I 514 -1.28 -29.33 -19.66
N ILE I 515 -1.20 -30.03 -20.79
CA ILE I 515 0.04 -30.77 -21.11
C ILE I 515 1.19 -29.79 -21.30
N GLN I 516 1.06 -28.89 -22.27
CA GLN I 516 1.95 -27.74 -22.36
C GLN I 516 1.54 -26.72 -21.30
N ARG I 517 2.53 -26.01 -20.76
CA ARG I 517 2.27 -25.14 -19.61
C ARG I 517 1.60 -23.85 -20.09
N PHE I 518 0.32 -23.95 -20.44
CA PHE I 518 -0.51 -22.78 -20.67
C PHE I 518 -1.12 -22.27 -19.38
N TYR I 519 -1.45 -23.17 -18.45
CA TYR I 519 -1.96 -22.82 -17.14
C TYR I 519 -1.35 -23.74 -16.11
N ILE I 520 -1.54 -23.40 -14.84
CA ILE I 520 -1.14 -24.24 -13.72
C ILE I 520 -2.40 -24.80 -13.07
N PRO I 521 -2.42 -26.09 -12.70
CA PRO I 521 -3.60 -26.64 -12.03
C PRO I 521 -3.77 -26.07 -10.64
N GLU I 522 -5.03 -25.95 -10.21
CA GLU I 522 -5.31 -25.47 -8.86
C GLU I 522 -4.96 -26.52 -7.82
N ASN I 523 -5.32 -27.78 -8.08
CA ASN I 523 -5.02 -28.89 -7.20
C ASN I 523 -4.42 -30.03 -8.02
N GLY I 524 -3.51 -30.77 -7.39
CA GLY I 524 -2.80 -31.83 -8.09
C GLY I 524 -1.67 -31.28 -8.93
N GLN I 525 -1.05 -32.17 -9.70
CA GLN I 525 0.10 -31.77 -10.51
C GLN I 525 0.23 -32.68 -11.72
N VAL I 526 0.89 -32.15 -12.74
CA VAL I 526 1.27 -32.91 -13.93
C VAL I 526 2.78 -32.99 -14.00
N LEU I 527 3.29 -34.19 -14.25
CA LEU I 527 4.72 -34.43 -14.31
C LEU I 527 5.08 -35.04 -15.66
N ILE I 528 6.11 -34.47 -16.29
CA ILE I 528 6.63 -34.94 -17.57
C ILE I 528 7.99 -35.57 -17.31
N ASP I 529 8.11 -36.86 -17.62
CA ASP I 529 9.33 -37.64 -17.39
C ASP I 529 9.76 -37.59 -15.92
N GLY I 530 8.78 -37.51 -15.02
CA GLY I 530 9.05 -37.46 -13.60
C GLY I 530 9.37 -36.07 -13.06
N HIS I 531 9.39 -35.05 -13.90
CA HIS I 531 9.69 -33.69 -13.47
C HIS I 531 8.41 -32.88 -13.40
N ASP I 532 8.21 -32.19 -12.28
CA ASP I 532 6.98 -31.44 -12.07
C ASP I 532 6.90 -30.23 -12.99
N LEU I 533 5.74 -29.89 -13.51
CA LEU I 533 5.67 -28.67 -14.33
C LEU I 533 5.49 -27.42 -13.46
N ALA I 534 5.04 -27.58 -12.23
CA ALA I 534 4.80 -26.39 -11.44
C ALA I 534 5.98 -25.43 -11.46
N LEU I 535 7.20 -25.95 -11.69
CA LEU I 535 8.39 -25.11 -11.79
C LEU I 535 9.23 -25.40 -13.03
N ALA I 536 8.76 -26.26 -13.93
CA ALA I 536 9.51 -26.58 -15.14
C ALA I 536 9.52 -25.38 -16.09
N ASP I 537 10.47 -25.39 -17.01
CA ASP I 537 10.60 -24.31 -17.97
C ASP I 537 9.57 -24.47 -19.07
N PRO I 538 8.62 -23.53 -19.23
CA PRO I 538 7.63 -23.68 -20.31
C PRO I 538 8.23 -23.61 -21.70
N ASN I 539 9.27 -22.78 -21.90
CA ASN I 539 9.89 -22.65 -23.20
C ASN I 539 10.51 -23.96 -23.66
N TRP I 540 11.18 -24.66 -22.74
CA TRP I 540 11.84 -25.92 -23.07
C TRP I 540 10.83 -26.98 -23.51
N LEU I 541 9.74 -27.13 -22.76
CA LEU I 541 8.73 -28.12 -23.11
C LEU I 541 8.00 -27.73 -24.39
N ARG I 542 7.72 -26.44 -24.58
CA ARG I 542 7.10 -26.02 -25.83
C ARG I 542 8.04 -26.25 -27.01
N ARG I 543 9.36 -26.25 -26.78
CA ARG I 543 10.28 -26.67 -27.81
C ARG I 543 10.23 -28.17 -28.05
N GLN I 544 10.10 -28.96 -26.99
CA GLN I 544 10.08 -30.42 -27.14
C GLN I 544 8.73 -30.97 -27.57
N VAL I 545 7.68 -30.18 -27.62
CA VAL I 545 6.33 -30.66 -27.93
C VAL I 545 5.80 -29.93 -29.15
N GLY I 546 5.31 -30.69 -30.12
CA GLY I 546 4.69 -30.14 -31.30
C GLY I 546 3.18 -30.24 -31.24
N VAL I 547 2.49 -29.10 -31.31
CA VAL I 547 1.05 -29.04 -31.10
C VAL I 547 0.39 -28.44 -32.34
N VAL I 548 -0.63 -29.13 -32.86
CA VAL I 548 -1.56 -28.55 -33.82
C VAL I 548 -2.79 -28.16 -33.03
N LEU I 549 -3.11 -26.86 -33.04
CA LEU I 549 -4.18 -26.33 -32.20
C LEU I 549 -5.53 -26.46 -32.89
N GLN I 550 -6.56 -25.92 -32.22
CA GLN I 550 -7.90 -25.94 -32.78
C GLN I 550 -8.21 -24.63 -33.50
N ASP I 551 -7.74 -23.50 -32.96
CA ASP I 551 -8.02 -22.21 -33.59
C ASP I 551 -7.37 -22.11 -34.97
N ASN I 552 -6.11 -22.57 -35.09
CA ASN I 552 -5.45 -22.79 -36.36
C ASN I 552 -5.35 -21.49 -37.19
N VAL I 553 -4.59 -20.54 -36.67
CA VAL I 553 -4.29 -19.32 -37.42
C VAL I 553 -2.85 -19.39 -37.89
N LEU I 554 -2.58 -18.70 -39.01
CA LEU I 554 -1.26 -18.65 -39.60
C LEU I 554 -0.69 -17.24 -39.49
N LEU I 555 0.57 -17.10 -39.88
CA LEU I 555 1.29 -15.84 -39.79
C LEU I 555 1.68 -15.37 -41.18
N ASN I 556 1.68 -14.05 -41.38
CA ASN I 556 1.88 -13.47 -42.70
C ASN I 556 3.34 -13.56 -43.14
N ARG I 557 3.69 -14.66 -43.81
CA ARG I 557 5.01 -14.85 -44.38
C ARG I 557 4.89 -15.91 -45.47
N SER I 558 6.03 -16.34 -46.00
CA SER I 558 6.03 -17.40 -47.00
C SER I 558 5.67 -18.74 -46.36
N ILE I 559 5.20 -19.66 -47.20
CA ILE I 559 4.76 -20.96 -46.71
C ILE I 559 5.92 -21.74 -46.11
N ILE I 560 7.08 -21.70 -46.77
CA ILE I 560 8.26 -22.39 -46.24
C ILE I 560 8.67 -21.80 -44.90
N ASP I 561 8.65 -20.47 -44.78
CA ASP I 561 8.97 -19.84 -43.51
C ASP I 561 7.91 -20.13 -42.46
N ASN I 562 6.63 -20.20 -42.87
CA ASN I 562 5.57 -20.53 -41.94
C ASN I 562 5.73 -21.93 -41.37
N ILE I 563 6.12 -22.89 -42.21
CA ILE I 563 6.36 -24.24 -41.74
C ILE I 563 7.61 -24.30 -40.88
N SER I 564 8.68 -23.61 -41.30
CA SER I 564 9.95 -23.61 -40.60
C SER I 564 10.05 -22.49 -39.57
N LEU I 565 8.93 -22.01 -39.05
CA LEU I 565 8.94 -20.95 -38.04
C LEU I 565 9.69 -21.41 -36.78
N ALA I 566 9.53 -22.67 -36.39
CA ALA I 566 10.23 -23.18 -35.22
C ALA I 566 11.73 -23.27 -35.46
N ASN I 567 12.14 -23.83 -36.60
CA ASN I 567 13.55 -24.05 -36.92
C ASN I 567 13.85 -23.51 -38.31
N PRO I 568 14.11 -22.20 -38.43
CA PRO I 568 14.38 -21.62 -39.76
C PRO I 568 15.74 -21.99 -40.33
N GLY I 569 16.66 -22.51 -39.52
CA GLY I 569 18.01 -22.81 -39.96
C GLY I 569 18.21 -24.16 -40.60
N MET I 570 17.14 -24.93 -40.83
CA MET I 570 17.25 -26.25 -41.41
C MET I 570 17.13 -26.20 -42.93
N SER I 571 17.14 -27.37 -43.55
CA SER I 571 17.09 -27.49 -45.00
C SER I 571 15.66 -27.36 -45.51
N VAL I 572 15.51 -27.46 -46.83
CA VAL I 572 14.19 -27.40 -47.45
C VAL I 572 13.67 -28.81 -47.71
N GLU I 573 14.56 -29.80 -47.81
CA GLU I 573 14.13 -31.18 -48.04
C GLU I 573 13.39 -31.74 -46.83
N LYS I 574 13.73 -31.28 -45.62
CA LYS I 574 12.92 -31.62 -44.45
C LYS I 574 11.52 -31.05 -44.56
N VAL I 575 11.40 -29.83 -45.09
CA VAL I 575 10.09 -29.23 -45.31
C VAL I 575 9.30 -30.04 -46.33
N ILE I 576 9.97 -30.50 -47.38
CA ILE I 576 9.32 -31.35 -48.38
C ILE I 576 8.82 -32.64 -47.73
N TYR I 577 9.64 -33.26 -46.89
CA TYR I 577 9.25 -34.48 -46.20
C TYR I 577 8.03 -34.24 -45.30
N ALA I 578 8.05 -33.14 -44.53
CA ALA I 578 6.95 -32.84 -43.64
C ALA I 578 5.66 -32.56 -44.41
N ALA I 579 5.77 -31.84 -45.52
CA ALA I 579 4.58 -31.55 -46.33
C ALA I 579 4.04 -32.81 -46.99
N LYS I 580 4.92 -33.73 -47.36
CA LYS I 580 4.47 -35.00 -47.91
C LYS I 580 3.75 -35.84 -46.86
N LEU I 581 4.26 -35.86 -45.62
CA LEU I 581 3.55 -36.55 -44.55
C LEU I 581 2.21 -35.89 -44.25
N ALA I 582 2.16 -34.56 -44.30
CA ALA I 582 0.90 -33.86 -44.07
C ALA I 582 -0.06 -33.95 -45.25
N GLY I 583 0.39 -34.46 -46.39
CA GLY I 583 -0.48 -34.56 -47.55
C GLY I 583 -0.73 -33.26 -48.27
N ALA I 584 0.13 -32.26 -48.07
CA ALA I 584 -0.02 -30.96 -48.71
C ALA I 584 1.15 -30.57 -49.59
N HIS I 585 2.13 -31.46 -49.79
CA HIS I 585 3.27 -31.11 -50.63
C HIS I 585 2.85 -30.87 -52.07
N ASP I 586 1.96 -31.72 -52.60
CA ASP I 586 1.48 -31.50 -53.96
C ASP I 586 0.65 -30.23 -54.07
N PHE I 587 -0.28 -29.98 -53.12
CA PHE I 587 -1.08 -28.75 -53.17
C PHE I 587 -0.24 -27.50 -53.09
N ILE I 588 0.94 -27.60 -52.49
CA ILE I 588 1.90 -26.51 -52.52
C ILE I 588 2.60 -26.45 -53.89
N SER I 589 2.96 -27.61 -54.44
CA SER I 589 3.74 -27.63 -55.68
C SER I 589 2.98 -27.06 -56.85
N GLU I 590 1.66 -27.30 -56.94
CA GLU I 590 0.92 -26.77 -58.07
C GLU I 590 0.61 -25.29 -57.93
N LEU I 591 1.06 -24.64 -56.85
CA LEU I 591 1.03 -23.20 -56.77
C LEU I 591 2.19 -22.61 -57.59
N ARG I 592 2.00 -21.37 -58.04
CA ARG I 592 3.00 -20.74 -58.90
C ARG I 592 4.30 -20.49 -58.16
N GLU I 593 4.23 -19.89 -56.96
CA GLU I 593 5.42 -19.57 -56.20
C GLU I 593 5.92 -20.76 -55.37
N GLY I 594 5.21 -21.88 -55.38
CA GLY I 594 5.65 -23.03 -54.61
C GLY I 594 5.55 -22.74 -53.12
N TYR I 595 6.66 -22.96 -52.41
CA TYR I 595 6.71 -22.71 -50.98
C TYR I 595 6.92 -21.24 -50.64
N ASN I 596 7.23 -20.40 -51.62
CA ASN I 596 7.55 -19.01 -51.38
C ASN I 596 6.34 -18.09 -51.45
N THR I 597 5.14 -18.62 -51.71
CA THR I 597 3.96 -17.79 -51.81
C THR I 597 3.58 -17.21 -50.45
N ILE I 598 3.04 -16.00 -50.48
CA ILE I 598 2.63 -15.31 -49.26
C ILE I 598 1.25 -15.80 -48.85
N VAL I 599 1.15 -16.39 -47.66
CA VAL I 599 -0.14 -16.90 -47.19
C VAL I 599 -1.06 -15.77 -46.75
N GLY I 600 -0.51 -14.60 -46.43
CA GLY I 600 -1.33 -13.47 -46.02
C GLY I 600 -1.64 -13.50 -44.54
N GLU I 601 -2.28 -12.41 -44.10
CA GLU I 601 -2.65 -12.25 -42.70
C GLU I 601 -3.80 -13.20 -42.35
N GLN I 602 -3.67 -13.88 -41.20
CA GLN I 602 -4.70 -14.77 -40.68
C GLN I 602 -4.98 -15.92 -41.65
N GLY I 603 -3.98 -16.30 -42.43
CA GLY I 603 -4.13 -17.35 -43.43
C GLY I 603 -5.17 -17.02 -44.48
N ALA I 604 -5.18 -15.76 -44.94
CA ALA I 604 -6.18 -15.34 -45.92
C ALA I 604 -5.97 -16.06 -47.26
N GLY I 605 -4.72 -16.23 -47.67
CA GLY I 605 -4.43 -16.78 -48.98
C GLY I 605 -4.71 -18.26 -49.14
N LEU I 606 -4.99 -18.96 -48.06
CA LEU I 606 -5.27 -20.39 -48.09
C LEU I 606 -6.62 -20.67 -47.46
N SER I 607 -7.25 -21.77 -47.89
CA SER I 607 -8.53 -22.17 -47.36
C SER I 607 -8.35 -22.88 -46.02
N GLY I 608 -9.45 -23.41 -45.48
CA GLY I 608 -9.43 -24.06 -44.18
C GLY I 608 -8.60 -25.33 -44.13
N GLY I 609 -8.90 -26.27 -45.03
CA GLY I 609 -8.15 -27.52 -45.05
C GLY I 609 -6.70 -27.35 -45.43
N GLN I 610 -6.41 -26.42 -46.36
CA GLN I 610 -5.04 -26.18 -46.76
C GLN I 610 -4.20 -25.66 -45.60
N ARG I 611 -4.70 -24.64 -44.89
CA ARG I 611 -3.95 -24.16 -43.73
C ARG I 611 -3.96 -25.17 -42.59
N GLN I 612 -4.97 -26.05 -42.53
CA GLN I 612 -4.95 -27.12 -41.55
C GLN I 612 -3.79 -28.06 -41.80
N ARG I 613 -3.61 -28.49 -43.06
CA ARG I 613 -2.47 -29.34 -43.40
C ARG I 613 -1.16 -28.58 -43.21
N ILE I 614 -1.15 -27.28 -43.49
CA ILE I 614 0.05 -26.47 -43.29
C ILE I 614 0.44 -26.45 -41.81
N ALA I 615 -0.54 -26.26 -40.93
CA ALA I 615 -0.26 -26.25 -39.50
C ALA I 615 0.18 -27.63 -39.01
N ILE I 616 -0.41 -28.70 -39.57
CA ILE I 616 0.01 -30.05 -39.21
C ILE I 616 1.48 -30.27 -39.58
N ALA I 617 1.86 -29.87 -40.80
CA ALA I 617 3.24 -29.99 -41.22
C ALA I 617 4.16 -29.11 -40.38
N ARG I 618 3.70 -27.92 -40.02
CA ARG I 618 4.52 -27.00 -39.23
C ARG I 618 4.81 -27.57 -37.84
N ALA I 619 3.79 -28.16 -37.19
CA ALA I 619 4.03 -28.76 -35.89
C ALA I 619 4.69 -30.12 -36.00
N LEU I 620 4.78 -30.75 -37.15
CA LEU I 620 5.49 -32.03 -37.16
C LEU I 620 6.87 -31.92 -37.77
N VAL I 621 7.19 -30.83 -38.49
CA VAL I 621 8.49 -30.78 -39.14
C VAL I 621 9.66 -30.83 -38.16
N ASN I 622 9.44 -30.45 -36.90
CA ASN I 622 10.50 -30.51 -35.90
C ASN I 622 10.66 -31.95 -35.43
N ASN I 623 11.41 -32.14 -34.34
CA ASN I 623 11.61 -33.47 -33.75
C ASN I 623 11.04 -33.45 -32.33
N PRO I 624 9.72 -33.53 -32.19
CA PRO I 624 9.11 -33.43 -30.85
C PRO I 624 8.97 -34.79 -30.20
N LYS I 625 9.07 -34.78 -28.87
CA LYS I 625 8.86 -35.99 -28.09
C LYS I 625 7.38 -36.22 -27.79
N ILE I 626 6.60 -35.16 -27.67
CA ILE I 626 5.15 -35.24 -27.54
C ILE I 626 4.54 -34.50 -28.72
N LEU I 627 3.54 -35.12 -29.34
CA LEU I 627 2.91 -34.58 -30.55
C LEU I 627 1.40 -34.60 -30.33
N ILE I 628 0.80 -33.41 -30.22
CA ILE I 628 -0.61 -33.26 -29.92
C ILE I 628 -1.33 -32.75 -31.16
N PHE I 629 -2.47 -33.35 -31.48
CA PHE I 629 -3.34 -32.91 -32.57
C PHE I 629 -4.71 -32.62 -31.98
N ASP I 630 -4.95 -31.37 -31.60
CA ASP I 630 -6.24 -30.97 -31.02
C ASP I 630 -7.16 -30.61 -32.17
N GLN I 631 -7.95 -31.59 -32.62
CA GLN I 631 -8.89 -31.43 -33.74
C GLN I 631 -8.19 -30.92 -34.99
N ALA I 632 -7.03 -31.51 -35.29
CA ALA I 632 -6.34 -31.24 -36.55
C ALA I 632 -7.04 -31.87 -37.74
N THR I 633 -8.12 -32.62 -37.50
CA THR I 633 -8.83 -33.34 -38.54
C THR I 633 -10.20 -32.73 -38.85
N SER I 634 -10.81 -32.02 -37.89
CA SER I 634 -12.18 -31.56 -38.03
C SER I 634 -12.37 -30.65 -39.23
N ALA I 635 -11.36 -29.85 -39.58
CA ALA I 635 -11.44 -28.97 -40.73
C ALA I 635 -11.06 -29.67 -42.03
N LEU I 636 -10.61 -30.92 -41.97
CA LEU I 636 -10.17 -31.64 -43.14
C LEU I 636 -11.36 -32.33 -43.82
N ASP I 637 -11.07 -33.20 -44.79
CA ASP I 637 -12.10 -33.95 -45.49
C ASP I 637 -11.59 -35.37 -45.72
N TYR I 638 -12.46 -36.22 -46.27
CA TYR I 638 -12.04 -37.55 -46.67
C TYR I 638 -11.13 -37.48 -47.89
N GLU I 639 -10.33 -38.54 -48.06
CA GLU I 639 -9.26 -38.68 -49.05
C GLU I 639 -8.08 -37.77 -48.71
N SER I 640 -8.25 -36.93 -47.69
CA SER I 640 -7.17 -36.22 -47.02
C SER I 640 -7.02 -36.66 -45.58
N GLU I 641 -8.13 -37.05 -44.95
CA GLU I 641 -8.07 -37.75 -43.67
C GLU I 641 -7.31 -39.07 -43.82
N HIS I 642 -7.61 -39.81 -44.88
CA HIS I 642 -7.05 -41.15 -45.04
C HIS I 642 -5.55 -41.08 -45.28
N ILE I 643 -5.07 -39.98 -45.85
CA ILE I 643 -3.63 -39.79 -46.03
C ILE I 643 -2.94 -39.70 -44.67
N ILE I 644 -3.51 -38.93 -43.75
CA ILE I 644 -2.94 -38.82 -42.41
C ILE I 644 -3.07 -40.15 -41.68
N MET I 645 -4.18 -40.86 -41.88
CA MET I 645 -4.35 -42.17 -41.25
C MET I 645 -3.30 -43.16 -41.74
N ARG I 646 -2.98 -43.13 -43.03
CA ARG I 646 -1.94 -44.01 -43.56
C ARG I 646 -0.55 -43.58 -43.10
N ASN I 647 -0.33 -42.28 -42.96
CA ASN I 647 0.97 -41.78 -42.53
C ASN I 647 1.13 -41.83 -41.01
N MET I 648 0.16 -42.29 -40.27
CA MET I 648 0.38 -42.29 -38.84
C MET I 648 1.50 -43.29 -38.44
N HIS I 649 1.70 -44.38 -39.18
CA HIS I 649 2.78 -45.29 -38.80
C HIS I 649 4.14 -44.60 -38.88
N LYS I 650 4.30 -43.62 -39.77
CA LYS I 650 5.54 -42.86 -39.82
C LYS I 650 5.52 -41.66 -38.88
N ILE I 651 4.34 -41.12 -38.58
CA ILE I 651 4.26 -39.95 -37.72
C ILE I 651 4.59 -40.31 -36.28
N CYS I 652 4.05 -41.42 -35.77
CA CYS I 652 4.22 -41.80 -34.38
C CYS I 652 5.46 -42.66 -34.14
N LYS I 653 6.46 -42.55 -35.00
CA LYS I 653 7.67 -43.35 -34.83
C LYS I 653 8.52 -42.81 -33.69
N GLY I 654 8.27 -43.29 -32.48
CA GLY I 654 9.02 -42.88 -31.31
C GLY I 654 8.47 -41.67 -30.59
N ARG I 655 7.43 -41.03 -31.11
CA ARG I 655 6.84 -39.85 -30.50
C ARG I 655 5.53 -40.22 -29.82
N THR I 656 5.36 -39.76 -28.58
CA THR I 656 4.10 -39.93 -27.87
C THR I 656 3.06 -39.04 -28.51
N VAL I 657 2.11 -39.64 -29.22
CA VAL I 657 1.12 -38.91 -30.01
C VAL I 657 -0.21 -38.94 -29.29
N ILE I 658 -0.80 -37.77 -29.06
CA ILE I 658 -2.12 -37.62 -28.47
C ILE I 658 -3.02 -36.93 -29.49
N ILE I 659 -4.12 -37.60 -29.84
CA ILE I 659 -5.03 -37.15 -30.88
C ILE I 659 -6.37 -36.85 -30.23
N ILE I 660 -6.87 -35.64 -30.44
CA ILE I 660 -8.20 -35.24 -29.99
C ILE I 660 -9.02 -34.98 -31.25
N ALA I 661 -10.15 -35.68 -31.38
CA ALA I 661 -10.97 -35.53 -32.57
C ALA I 661 -12.39 -36.02 -32.27
N HIS I 662 -13.36 -35.30 -32.83
CA HIS I 662 -14.75 -35.74 -32.76
C HIS I 662 -15.09 -36.76 -33.82
N ARG I 663 -14.23 -36.92 -34.82
CA ARG I 663 -14.38 -37.97 -35.83
C ARG I 663 -13.71 -39.24 -35.32
N LEU I 664 -14.51 -40.25 -34.97
CA LEU I 664 -13.99 -41.41 -34.28
C LEU I 664 -13.11 -42.28 -35.17
N SER I 665 -13.22 -42.15 -36.50
CA SER I 665 -12.40 -42.96 -37.40
C SER I 665 -10.92 -42.66 -37.24
N THR I 666 -10.58 -41.45 -36.78
CA THR I 666 -9.19 -41.10 -36.52
C THR I 666 -8.66 -41.70 -35.23
N VAL I 667 -9.54 -42.23 -34.37
CA VAL I 667 -9.16 -42.74 -33.07
C VAL I 667 -9.28 -44.26 -32.99
N LYS I 668 -9.87 -44.88 -34.03
CA LYS I 668 -10.10 -46.33 -34.05
C LYS I 668 -8.82 -47.14 -33.89
N ASN I 669 -7.67 -46.62 -34.36
CA ASN I 669 -6.41 -47.34 -34.30
C ASN I 669 -5.54 -46.89 -33.14
N ALA I 670 -6.08 -46.10 -32.21
CA ALA I 670 -5.31 -45.64 -31.07
C ALA I 670 -5.07 -46.79 -30.09
N ASP I 671 -3.92 -46.73 -29.41
CA ASP I 671 -3.60 -47.72 -28.40
C ASP I 671 -4.57 -47.66 -27.24
N ARG I 672 -4.92 -46.46 -26.80
CA ARG I 672 -5.95 -46.26 -25.79
C ARG I 672 -6.89 -45.16 -26.23
N ILE I 673 -8.16 -45.30 -25.87
CA ILE I 673 -9.19 -44.32 -26.16
C ILE I 673 -9.78 -43.89 -24.82
N ILE I 674 -9.75 -42.59 -24.55
CA ILE I 674 -10.19 -42.04 -23.28
C ILE I 674 -11.44 -41.20 -23.54
N VAL I 675 -12.56 -41.62 -22.95
CA VAL I 675 -13.79 -40.86 -23.00
C VAL I 675 -13.86 -39.95 -21.79
N MET I 676 -14.14 -38.69 -22.09
CA MET I 676 -14.20 -37.69 -21.07
C MET I 676 -15.56 -37.07 -21.14
N GLU I 677 -16.20 -36.83 -20.01
CA GLU I 677 -17.49 -36.16 -20.00
C GLU I 677 -17.54 -35.29 -18.74
N LYS I 678 -17.88 -34.02 -18.92
CA LYS I 678 -17.81 -33.01 -17.84
C LYS I 678 -16.46 -33.02 -17.13
N GLY I 679 -15.40 -33.26 -17.87
CA GLY I 679 -14.08 -33.32 -17.27
C GLY I 679 -13.83 -34.49 -16.37
N LYS I 680 -14.54 -35.61 -16.57
CA LYS I 680 -14.26 -36.85 -15.87
C LYS I 680 -13.97 -37.95 -16.88
N ILE I 681 -12.91 -38.70 -16.65
CA ILE I 681 -12.54 -39.82 -17.50
C ILE I 681 -13.39 -41.02 -17.08
N VAL I 682 -14.20 -41.53 -18.00
CA VAL I 682 -15.16 -42.58 -17.66
C VAL I 682 -14.73 -43.92 -18.25
N GLU I 683 -14.11 -43.89 -19.43
CA GLU I 683 -13.77 -45.11 -20.15
C GLU I 683 -12.35 -45.03 -20.68
N GLN I 684 -11.63 -46.15 -20.57
CA GLN I 684 -10.30 -46.28 -21.14
C GLN I 684 -10.18 -47.65 -21.77
N GLY I 685 -9.27 -47.77 -22.74
CA GLY I 685 -9.00 -49.02 -23.40
C GLY I 685 -8.95 -48.83 -24.90
N LYS I 686 -8.85 -49.95 -25.62
CA LYS I 686 -8.79 -49.93 -27.07
C LYS I 686 -10.17 -49.68 -27.67
N HIS I 687 -10.21 -49.60 -29.01
CA HIS I 687 -11.46 -49.31 -29.69
C HIS I 687 -12.45 -50.46 -29.54
N LYS I 688 -12.00 -51.70 -29.80
CA LYS I 688 -12.88 -52.84 -29.66
C LYS I 688 -13.17 -53.18 -28.20
N GLU I 689 -12.32 -52.75 -27.27
CA GLU I 689 -12.58 -52.97 -25.86
C GLU I 689 -13.70 -52.08 -25.36
N LEU I 690 -13.93 -50.94 -26.01
CA LEU I 690 -15.01 -50.02 -25.64
C LEU I 690 -16.27 -50.25 -26.47
N LEU I 691 -16.12 -50.55 -27.76
CA LEU I 691 -17.28 -50.75 -28.62
C LEU I 691 -17.98 -52.08 -28.34
N SER I 692 -17.31 -53.01 -27.67
CA SER I 692 -17.94 -54.29 -27.35
C SER I 692 -19.14 -54.11 -26.41
N GLU I 693 -19.00 -53.24 -25.42
CA GLU I 693 -20.10 -52.97 -24.50
C GLU I 693 -21.06 -51.97 -25.13
N PRO I 694 -22.34 -52.33 -25.31
CA PRO I 694 -23.27 -51.38 -25.95
C PRO I 694 -23.73 -50.26 -25.03
N GLU I 695 -23.64 -50.43 -23.71
CA GLU I 695 -24.08 -49.40 -22.78
C GLU I 695 -23.03 -48.32 -22.54
N SER I 696 -21.82 -48.49 -23.06
CA SER I 696 -20.76 -47.52 -22.86
C SER I 696 -21.04 -46.24 -23.65
N LEU I 697 -20.40 -45.15 -23.21
CA LEU I 697 -20.56 -43.87 -23.89
C LEU I 697 -19.96 -43.89 -25.28
N TYR I 698 -18.91 -44.70 -25.49
CA TYR I 698 -18.32 -44.83 -26.81
C TYR I 698 -19.32 -45.43 -27.80
N SER I 699 -20.07 -46.45 -27.36
CA SER I 699 -21.09 -47.04 -28.22
C SER I 699 -22.23 -46.07 -28.48
N TYR I 700 -22.60 -45.27 -27.48
CA TYR I 700 -23.64 -44.27 -27.68
C TYR I 700 -23.21 -43.21 -28.68
N LEU I 701 -21.95 -42.77 -28.61
CA LEU I 701 -21.44 -41.81 -29.57
C LEU I 701 -21.27 -42.43 -30.96
N TYR I 702 -21.22 -43.75 -31.05
CA TYR I 702 -21.02 -44.44 -32.32
C TYR I 702 -22.30 -44.41 -33.17
N LYS J 137 -12.45 13.73 -54.74
CA LYS J 137 -11.18 13.12 -54.37
C LYS J 137 -10.66 13.72 -53.06
N PHE J 138 -10.32 12.84 -52.11
CA PHE J 138 -9.83 13.26 -50.81
C PHE J 138 -8.32 13.49 -50.89
N ASP J 139 -7.93 14.49 -51.69
CA ASP J 139 -6.52 14.86 -51.72
C ASP J 139 -6.18 15.84 -50.59
N PHE J 140 -6.71 17.06 -50.66
CA PHE J 140 -6.70 17.94 -49.49
C PHE J 140 -7.93 18.82 -49.41
N THR J 141 -8.81 18.81 -50.41
CA THR J 141 -9.84 19.82 -50.55
C THR J 141 -11.11 19.53 -49.75
N TRP J 142 -11.17 18.39 -49.06
CA TRP J 142 -12.34 18.08 -48.25
C TRP J 142 -12.57 19.10 -47.15
N PHE J 143 -11.51 19.72 -46.64
CA PHE J 143 -11.63 20.77 -45.64
C PHE J 143 -12.18 22.07 -46.22
N ILE J 144 -12.13 22.25 -47.54
CA ILE J 144 -12.58 23.50 -48.13
C ILE J 144 -14.06 23.77 -47.91
N PRO J 145 -14.98 22.82 -48.12
CA PRO J 145 -16.39 23.13 -47.81
C PRO J 145 -16.67 23.25 -46.33
N ALA J 146 -16.15 22.32 -45.52
CA ALA J 146 -16.47 22.30 -44.10
C ALA J 146 -15.98 23.55 -43.39
N ILE J 147 -14.83 24.05 -43.78
CA ILE J 147 -14.34 25.28 -43.18
C ILE J 147 -15.36 26.36 -43.53
N ILE J 148 -15.98 26.22 -44.72
CA ILE J 148 -17.00 27.13 -45.15
C ILE J 148 -18.17 26.97 -44.24
N LYS J 149 -18.44 25.73 -43.81
CA LYS J 149 -19.57 25.52 -42.92
C LYS J 149 -19.48 26.37 -41.66
N TYR J 150 -18.27 26.62 -41.15
CA TYR J 150 -18.06 27.41 -39.94
C TYR J 150 -17.39 28.74 -40.26
N ARG J 151 -17.51 29.17 -41.52
CA ARG J 151 -17.03 30.47 -41.96
C ARG J 151 -17.34 31.61 -40.98
N LYS J 152 -18.51 31.58 -40.33
CA LYS J 152 -18.87 32.70 -39.46
C LYS J 152 -17.96 32.79 -38.24
N ILE J 153 -17.80 31.67 -37.54
CA ILE J 153 -16.92 31.68 -36.37
C ILE J 153 -15.47 31.87 -36.80
N PHE J 154 -15.11 31.41 -38.00
CA PHE J 154 -13.74 31.63 -38.47
C PHE J 154 -13.49 33.11 -38.77
N ILE J 155 -14.45 33.77 -39.40
CA ILE J 155 -14.26 35.18 -39.67
C ILE J 155 -14.14 35.88 -38.32
N GLU J 156 -14.81 35.33 -37.32
CA GLU J 156 -14.75 35.83 -35.96
C GLU J 156 -13.35 35.71 -35.41
N THR J 157 -12.67 34.61 -35.72
CA THR J 157 -11.31 34.42 -35.25
C THR J 157 -10.37 35.39 -35.96
N LEU J 158 -10.66 35.68 -37.22
CA LEU J 158 -9.83 36.64 -37.95
C LEU J 158 -10.00 38.04 -37.39
N VAL J 159 -11.25 38.43 -37.09
CA VAL J 159 -11.51 39.73 -36.50
C VAL J 159 -10.79 39.85 -35.16
N VAL J 160 -10.72 38.76 -34.41
CA VAL J 160 -9.91 38.76 -33.20
C VAL J 160 -8.44 38.82 -33.56
N SER J 161 -8.00 37.97 -34.50
CA SER J 161 -6.57 37.69 -34.68
C SER J 161 -5.79 38.95 -35.03
N VAL J 162 -6.26 39.70 -36.03
CA VAL J 162 -5.58 40.93 -36.43
C VAL J 162 -5.49 41.90 -35.26
N PHE J 163 -6.57 42.02 -34.48
CA PHE J 163 -6.53 42.96 -33.37
C PHE J 163 -5.60 42.47 -32.27
N LEU J 164 -5.39 41.15 -32.18
CA LEU J 164 -4.35 40.64 -31.30
C LEU J 164 -3.00 41.25 -31.68
N GLN J 165 -2.69 41.26 -32.97
CA GLN J 165 -1.45 41.89 -33.42
C GLN J 165 -1.44 43.36 -33.04
N LEU J 166 -2.61 44.01 -33.12
CA LEU J 166 -2.70 45.41 -32.69
C LEU J 166 -2.35 45.56 -31.21
N PHE J 167 -2.83 44.63 -30.38
CA PHE J 167 -2.40 44.60 -28.99
C PHE J 167 -0.91 44.34 -28.90
N ALA J 168 -0.40 43.44 -29.76
CA ALA J 168 1.02 43.17 -29.79
C ALA J 168 1.81 44.37 -30.34
N LEU J 169 1.10 45.36 -30.88
CA LEU J 169 1.73 46.61 -31.25
C LEU J 169 1.64 47.64 -30.13
N ILE J 170 0.66 47.49 -29.23
CA ILE J 170 0.43 48.48 -28.18
C ILE J 170 1.58 48.45 -27.17
N THR J 171 1.96 47.25 -26.71
CA THR J 171 2.98 47.14 -25.67
C THR J 171 4.34 47.67 -26.09
N PRO J 172 4.91 47.31 -27.26
CA PRO J 172 6.21 47.90 -27.62
C PRO J 172 6.16 49.41 -27.84
N LEU J 173 5.07 49.92 -28.40
CA LEU J 173 4.95 51.36 -28.65
C LEU J 173 5.07 52.14 -27.35
N PHE J 174 4.35 51.71 -26.31
CA PHE J 174 4.47 52.31 -24.99
C PHE J 174 5.92 52.36 -24.54
N PHE J 175 6.68 51.30 -24.83
CA PHE J 175 8.10 51.26 -24.50
C PHE J 175 8.82 52.49 -25.02
N GLN J 176 8.65 52.80 -26.31
CA GLN J 176 9.39 53.94 -26.87
C GLN J 176 8.93 55.24 -26.23
N VAL J 177 7.66 55.32 -25.84
CA VAL J 177 7.20 56.51 -25.12
C VAL J 177 7.97 56.64 -23.82
N VAL J 178 8.10 55.54 -23.07
CA VAL J 178 8.89 55.54 -21.85
C VAL J 178 10.32 55.92 -22.15
N MET J 179 10.79 55.62 -23.36
CA MET J 179 12.18 55.90 -23.69
C MET J 179 12.32 57.18 -24.51
N ASP J 180 11.25 57.96 -24.64
CA ASP J 180 11.32 59.22 -25.38
C ASP J 180 10.67 60.38 -24.64
N LYS J 181 9.77 60.11 -23.69
CA LYS J 181 9.12 61.16 -22.93
C LYS J 181 9.30 61.04 -21.42
N VAL J 182 9.87 59.94 -20.92
CA VAL J 182 10.05 59.75 -19.48
C VAL J 182 11.53 59.82 -19.15
N LEU J 183 12.37 59.28 -20.03
CA LEU J 183 13.80 59.23 -19.76
C LEU J 183 14.53 60.51 -20.11
N VAL J 184 13.91 61.43 -20.85
CA VAL J 184 14.64 62.60 -21.33
C VAL J 184 14.61 63.74 -20.31
N HIS J 185 13.43 64.27 -19.98
CA HIS J 185 13.38 65.36 -19.00
C HIS J 185 13.27 64.82 -17.58
N ARG J 186 12.13 64.23 -17.26
CA ARG J 186 11.71 63.76 -15.94
C ARG J 186 10.50 62.87 -16.13
N GLY J 187 9.82 62.55 -15.03
CA GLY J 187 8.53 61.91 -15.11
C GLY J 187 8.24 60.89 -14.03
N PHE J 188 7.07 61.02 -13.39
CA PHE J 188 6.58 60.03 -12.44
C PHE J 188 5.10 59.73 -12.64
N SER J 189 4.28 60.70 -13.04
CA SER J 189 2.84 60.46 -13.20
C SER J 189 2.52 59.91 -14.58
N THR J 190 3.21 60.40 -15.62
CA THR J 190 3.02 59.83 -16.95
C THR J 190 3.48 58.37 -17.00
N LEU J 191 4.52 58.03 -16.23
CA LEU J 191 4.93 56.64 -16.12
C LEU J 191 3.89 55.81 -15.40
N ASN J 192 3.24 56.39 -14.38
CA ASN J 192 2.10 55.73 -13.74
C ASN J 192 0.98 55.46 -14.74
N VAL J 193 0.65 56.45 -15.56
CA VAL J 193 -0.41 56.29 -16.56
C VAL J 193 -0.04 55.21 -17.56
N ILE J 194 1.21 55.20 -18.00
CA ILE J 194 1.67 54.20 -18.96
C ILE J 194 1.59 52.80 -18.35
N THR J 195 2.05 52.64 -17.11
CA THR J 195 2.02 51.32 -16.46
C THR J 195 0.58 50.84 -16.26
N VAL J 196 -0.30 51.74 -15.81
CA VAL J 196 -1.68 51.36 -15.56
C VAL J 196 -2.38 50.98 -16.87
N ALA J 197 -2.18 51.77 -17.93
CA ALA J 197 -2.80 51.47 -19.21
C ALA J 197 -2.15 50.27 -19.89
N LEU J 198 -0.93 49.90 -19.51
CA LEU J 198 -0.26 48.75 -20.10
C LEU J 198 -0.63 47.45 -19.43
N SER J 199 -0.82 47.45 -18.10
CA SER J 199 -1.18 46.21 -17.41
C SER J 199 -2.52 45.67 -17.91
N VAL J 200 -3.50 46.55 -18.08
CA VAL J 200 -4.83 46.11 -18.51
C VAL J 200 -4.78 45.58 -19.94
N VAL J 201 -4.06 46.24 -20.83
CA VAL J 201 -4.03 45.80 -22.23
C VAL J 201 -3.24 44.51 -22.35
N VAL J 202 -2.23 44.31 -21.49
CA VAL J 202 -1.50 43.05 -21.49
C VAL J 202 -2.39 41.90 -21.02
N VAL J 203 -3.14 42.13 -19.93
CA VAL J 203 -4.09 41.13 -19.45
C VAL J 203 -5.13 40.82 -20.52
N PHE J 204 -5.56 41.85 -21.26
CA PHE J 204 -6.56 41.66 -22.29
C PHE J 204 -6.00 40.87 -23.48
N GLU J 205 -4.76 41.13 -23.88
CA GLU J 205 -4.05 40.22 -24.81
C GLU J 205 -4.05 38.79 -24.32
N ILE J 206 -3.70 38.56 -23.06
CA ILE J 206 -3.55 37.19 -22.58
C ILE J 206 -4.89 36.47 -22.64
N ILE J 207 -5.94 37.11 -22.11
CA ILE J 207 -7.25 36.48 -22.09
C ILE J 207 -7.82 36.36 -23.50
N LEU J 208 -7.54 37.32 -24.38
CA LEU J 208 -8.08 37.26 -25.74
C LEU J 208 -7.40 36.18 -26.56
N SER J 209 -6.09 36.00 -26.39
CA SER J 209 -5.40 34.89 -27.05
C SER J 209 -5.91 33.55 -26.54
N GLY J 210 -6.14 33.44 -25.22
CA GLY J 210 -6.71 32.21 -24.69
C GLY J 210 -8.08 31.91 -25.27
N LEU J 211 -8.95 32.92 -25.33
CA LEU J 211 -10.28 32.71 -25.88
C LEU J 211 -10.23 32.44 -27.39
N ARG J 212 -9.29 33.06 -28.09
CA ARG J 212 -9.15 32.83 -29.53
C ARG J 212 -8.77 31.38 -29.81
N THR J 213 -7.75 30.88 -29.10
CA THR J 213 -7.35 29.49 -29.35
C THR J 213 -8.41 28.51 -28.84
N TYR J 214 -9.16 28.89 -27.78
CA TYR J 214 -10.26 28.06 -27.33
C TYR J 214 -11.34 27.94 -28.41
N ILE J 215 -11.71 29.07 -29.02
CA ILE J 215 -12.71 29.08 -30.08
C ILE J 215 -12.22 28.29 -31.28
N PHE J 216 -10.94 28.47 -31.66
CA PHE J 216 -10.40 27.76 -32.80
C PHE J 216 -10.39 26.24 -32.58
N ALA J 217 -9.96 25.80 -31.39
CA ALA J 217 -9.96 24.38 -31.08
C ALA J 217 -11.38 23.81 -31.08
N HIS J 218 -12.33 24.54 -30.48
CA HIS J 218 -13.70 24.06 -30.43
C HIS J 218 -14.32 23.94 -31.82
N SER J 219 -14.05 24.91 -32.69
CA SER J 219 -14.65 24.87 -34.02
C SER J 219 -13.88 24.00 -34.99
N THR J 220 -12.67 23.56 -34.63
CA THR J 220 -11.94 22.62 -35.47
C THR J 220 -12.17 21.17 -35.06
N SER J 221 -12.48 20.92 -33.78
CA SER J 221 -12.83 19.58 -33.36
C SER J 221 -14.08 19.06 -34.07
N ARG J 222 -14.95 19.97 -34.49
CA ARG J 222 -16.15 19.57 -35.23
C ARG J 222 -15.78 19.04 -36.61
N ILE J 223 -14.84 19.71 -37.29
CA ILE J 223 -14.30 19.20 -38.54
C ILE J 223 -13.64 17.84 -38.32
N ASP J 224 -12.94 17.71 -37.19
CA ASP J 224 -12.30 16.43 -36.86
C ASP J 224 -13.33 15.32 -36.73
N VAL J 225 -14.44 15.58 -36.03
CA VAL J 225 -15.47 14.58 -35.84
C VAL J 225 -16.12 14.21 -37.18
N GLU J 226 -16.36 15.21 -38.02
CA GLU J 226 -16.90 14.93 -39.35
C GLU J 226 -15.98 14.03 -40.15
N LEU J 227 -14.68 14.34 -40.13
CA LEU J 227 -13.71 13.52 -40.85
C LEU J 227 -13.66 12.10 -40.31
N GLY J 228 -13.70 11.96 -38.98
CA GLY J 228 -13.67 10.62 -38.40
C GLY J 228 -14.88 9.79 -38.75
N ALA J 229 -16.07 10.39 -38.70
CA ALA J 229 -17.28 9.66 -39.07
C ALA J 229 -17.24 9.24 -40.54
N LYS J 230 -16.82 10.16 -41.42
CA LYS J 230 -16.71 9.83 -42.84
C LYS J 230 -15.70 8.70 -43.07
N LEU J 231 -14.56 8.77 -42.38
CA LEU J 231 -13.51 7.76 -42.55
C LEU J 231 -14.00 6.40 -42.12
N PHE J 232 -14.68 6.31 -40.96
CA PHE J 232 -15.12 5.00 -40.50
C PHE J 232 -16.24 4.45 -41.37
N ARG J 233 -17.15 5.31 -41.83
CA ARG J 233 -18.20 4.85 -42.72
C ARG J 233 -17.63 4.30 -44.02
N HIS J 234 -16.65 5.00 -44.60
CA HIS J 234 -16.02 4.52 -45.82
C HIS J 234 -15.22 3.26 -45.57
N LEU J 235 -14.60 3.14 -44.39
CA LEU J 235 -13.84 1.95 -44.05
C LEU J 235 -14.74 0.72 -43.96
N LEU J 236 -15.89 0.86 -43.29
CA LEU J 236 -16.83 -0.25 -43.21
C LEU J 236 -17.55 -0.48 -44.53
N ALA J 237 -17.56 0.48 -45.44
CA ALA J 237 -18.18 0.31 -46.74
C ALA J 237 -17.23 -0.27 -47.79
N LEU J 238 -15.99 -0.60 -47.40
CA LEU J 238 -15.01 -1.10 -48.33
C LEU J 238 -15.21 -2.59 -48.61
N PRO J 239 -14.82 -3.07 -49.80
CA PRO J 239 -15.02 -4.49 -50.12
C PRO J 239 -14.02 -5.39 -49.40
N ILE J 240 -14.29 -6.70 -49.46
CA ILE J 240 -13.44 -7.68 -48.81
C ILE J 240 -12.09 -7.79 -49.48
N SER J 241 -12.04 -7.67 -50.81
CA SER J 241 -10.77 -7.76 -51.53
C SER J 241 -9.82 -6.64 -51.14
N TYR J 242 -10.37 -5.51 -50.68
CA TYR J 242 -9.53 -4.46 -50.11
C TYR J 242 -8.83 -4.94 -48.85
N PHE J 243 -9.56 -5.66 -47.98
CA PHE J 243 -9.02 -6.04 -46.68
C PHE J 243 -8.08 -7.24 -46.79
N GLU J 244 -8.38 -8.17 -47.70
CA GLU J 244 -7.62 -9.43 -47.72
C GLU J 244 -6.23 -9.25 -48.31
N SER J 245 -6.04 -8.26 -49.18
CA SER J 245 -4.75 -8.08 -49.82
C SER J 245 -3.73 -7.36 -48.95
N ARG J 246 -4.13 -6.89 -47.77
CA ARG J 246 -3.25 -6.16 -46.87
C ARG J 246 -3.52 -6.60 -45.43
N ARG J 247 -2.75 -6.04 -44.51
CA ARG J 247 -2.76 -6.44 -43.10
C ARG J 247 -3.75 -5.59 -42.31
N VAL J 248 -3.85 -5.87 -41.02
CA VAL J 248 -4.73 -5.13 -40.12
C VAL J 248 -4.06 -3.89 -39.57
N GLY J 249 -2.82 -4.04 -39.11
CA GLY J 249 -2.06 -2.92 -38.59
C GLY J 249 -1.87 -1.77 -39.57
N ASP J 250 -1.87 -2.07 -40.87
CA ASP J 250 -1.82 -1.01 -41.87
C ASP J 250 -3.03 -0.09 -41.74
N THR J 251 -4.24 -0.67 -41.75
CA THR J 251 -5.44 0.13 -41.61
C THR J 251 -5.53 0.79 -40.24
N VAL J 252 -5.03 0.12 -39.20
CA VAL J 252 -4.99 0.73 -37.87
C VAL J 252 -4.12 1.99 -37.88
N ALA J 253 -2.95 1.91 -38.51
CA ALA J 253 -2.08 3.08 -38.60
C ALA J 253 -2.72 4.18 -39.44
N ARG J 254 -3.42 3.80 -40.51
CA ARG J 254 -4.10 4.80 -41.33
C ARG J 254 -5.15 5.55 -40.52
N VAL J 255 -5.91 4.82 -39.68
CA VAL J 255 -6.91 5.50 -38.85
C VAL J 255 -6.25 6.32 -37.75
N ARG J 256 -5.12 5.86 -37.20
CA ARG J 256 -4.42 6.65 -36.19
C ARG J 256 -3.77 7.90 -36.77
N GLU J 257 -3.57 7.94 -38.09
CA GLU J 257 -3.16 9.21 -38.69
C GLU J 257 -4.24 10.27 -38.53
N LEU J 258 -5.51 9.86 -38.40
CA LEU J 258 -6.55 10.81 -38.03
C LEU J 258 -6.33 11.37 -36.62
N ASP J 259 -5.85 10.53 -35.70
CA ASP J 259 -5.48 11.02 -34.37
C ASP J 259 -4.32 12.00 -34.47
N GLN J 260 -3.38 11.73 -35.36
CA GLN J 260 -2.29 12.68 -35.61
C GLN J 260 -2.84 14.02 -36.11
N ILE J 261 -3.79 13.97 -37.05
CA ILE J 261 -4.45 15.19 -37.53
C ILE J 261 -5.16 15.90 -36.39
N ARG J 262 -5.78 15.13 -35.49
CA ARG J 262 -6.42 15.69 -34.31
C ARG J 262 -5.44 16.47 -33.45
N ASN J 263 -4.29 15.87 -33.15
CA ASN J 263 -3.30 16.54 -32.31
C ASN J 263 -2.74 17.77 -33.01
N PHE J 264 -2.67 17.72 -34.34
CA PHE J 264 -2.23 18.89 -35.11
C PHE J 264 -3.24 20.03 -35.02
N LEU J 265 -4.51 19.73 -35.27
CA LEU J 265 -5.49 20.77 -35.52
C LEU J 265 -5.83 21.56 -34.25
N THR J 266 -6.02 20.85 -33.14
CA THR J 266 -6.28 21.51 -31.85
C THR J 266 -4.98 21.72 -31.08
N GLY J 267 -4.03 22.40 -31.72
CA GLY J 267 -2.72 22.64 -31.14
C GLY J 267 -2.29 24.09 -31.33
N GLN J 268 -0.98 24.25 -31.48
CA GLN J 268 -0.34 25.56 -31.60
C GLN J 268 0.13 25.81 -33.02
N ALA J 269 -0.49 25.13 -33.99
CA ALA J 269 -0.04 25.16 -35.38
C ALA J 269 -0.75 26.22 -36.21
N LEU J 270 -2.08 26.14 -36.32
CA LEU J 270 -2.79 27.08 -37.18
C LEU J 270 -2.85 28.48 -36.57
N THR J 271 -2.84 28.58 -35.25
CA THR J 271 -2.79 29.89 -34.62
C THR J 271 -1.48 30.62 -34.94
N SER J 272 -0.37 29.87 -34.96
CA SER J 272 0.92 30.49 -35.26
C SER J 272 0.97 30.99 -36.70
N VAL J 273 0.48 30.19 -37.65
CA VAL J 273 0.51 30.63 -39.04
C VAL J 273 -0.49 31.75 -39.27
N LEU J 274 -1.59 31.79 -38.50
CA LEU J 274 -2.52 32.89 -38.61
C LEU J 274 -1.91 34.19 -38.06
N ASP J 275 -1.15 34.08 -36.98
CA ASP J 275 -0.42 35.25 -36.47
C ASP J 275 0.63 35.71 -37.46
N LEU J 276 1.34 34.77 -38.09
CA LEU J 276 2.36 35.13 -39.07
C LEU J 276 1.75 35.81 -40.28
N LEU J 277 0.60 35.32 -40.75
CA LEU J 277 -0.03 35.91 -41.92
C LEU J 277 -0.52 37.32 -41.66
N PHE J 278 -1.00 37.59 -40.44
CA PHE J 278 -1.54 38.90 -40.09
C PHE J 278 -0.52 39.78 -39.39
N SER J 279 0.73 39.37 -39.35
CA SER J 279 1.81 40.19 -38.81
C SER J 279 2.26 41.28 -39.75
N PHE J 280 1.79 41.27 -41.00
CA PHE J 280 2.15 42.27 -42.00
C PHE J 280 1.73 43.68 -41.61
N ILE J 281 0.75 43.83 -40.72
CA ILE J 281 0.39 45.15 -40.23
C ILE J 281 1.51 45.78 -39.43
N PHE J 282 2.47 44.99 -38.96
CA PHE J 282 3.67 45.56 -38.36
C PHE J 282 4.52 46.28 -39.40
N PHE J 283 4.53 45.77 -40.64
CA PHE J 283 5.45 46.28 -41.66
C PHE J 283 5.22 47.76 -41.96
N ALA J 284 3.96 48.20 -42.01
CA ALA J 284 3.69 49.63 -42.18
C ALA J 284 4.34 50.43 -41.05
N VAL J 285 4.19 49.96 -39.81
CA VAL J 285 4.87 50.60 -38.69
C VAL J 285 6.38 50.51 -38.87
N MET J 286 6.87 49.39 -39.42
CA MET J 286 8.27 49.29 -39.78
C MET J 286 8.66 50.41 -40.74
N TRP J 287 7.81 50.67 -41.75
CA TRP J 287 8.10 51.73 -42.70
C TRP J 287 8.04 53.09 -42.04
N TYR J 288 7.39 53.18 -40.88
CA TYR J 288 7.38 54.43 -40.13
C TYR J 288 8.73 54.65 -39.46
N TYR J 289 9.42 53.57 -39.07
CA TYR J 289 10.66 53.71 -38.32
C TYR J 289 11.85 53.96 -39.25
N SER J 290 12.14 53.00 -40.14
CA SER J 290 13.28 53.16 -41.04
C SER J 290 13.06 52.33 -42.29
N PRO J 291 13.42 52.81 -43.48
CA PRO J 291 13.22 52.02 -44.69
C PRO J 291 14.27 50.93 -44.88
N LYS J 292 15.50 51.19 -44.44
CA LYS J 292 16.59 50.24 -44.66
C LYS J 292 16.39 48.97 -43.85
N LEU J 293 16.10 49.11 -42.55
CA LEU J 293 15.89 47.93 -41.71
C LEU J 293 14.60 47.21 -42.08
N THR J 294 13.57 47.95 -42.50
CA THR J 294 12.37 47.31 -43.01
C THR J 294 12.67 46.50 -44.26
N LEU J 295 13.53 47.02 -45.14
CA LEU J 295 13.96 46.25 -46.30
C LEU J 295 14.76 45.03 -45.89
N VAL J 296 15.54 45.15 -44.82
CA VAL J 296 16.29 44.00 -44.30
C VAL J 296 15.33 42.90 -43.87
N ILE J 297 14.28 43.26 -43.14
CA ILE J 297 13.29 42.26 -42.71
C ILE J 297 12.51 41.71 -43.91
N LEU J 298 12.15 42.58 -44.85
CA LEU J 298 11.38 42.18 -46.02
C LEU J 298 12.21 41.33 -46.98
N PHE J 299 13.53 41.34 -46.85
CA PHE J 299 14.38 40.37 -47.53
C PHE J 299 14.67 39.15 -46.67
N SER J 300 14.56 39.27 -45.34
CA SER J 300 14.70 38.13 -44.46
C SER J 300 13.57 37.13 -44.67
N LEU J 301 12.34 37.62 -44.87
CA LEU J 301 11.20 36.72 -45.05
C LEU J 301 11.34 35.79 -46.26
N PRO J 302 11.72 36.26 -47.46
CA PRO J 302 11.94 35.32 -48.57
C PRO J 302 13.05 34.31 -48.30
N CYS J 303 14.06 34.68 -47.50
CA CYS J 303 15.07 33.70 -47.11
C CYS J 303 14.44 32.56 -46.32
N TYR J 304 13.58 32.91 -45.35
CA TYR J 304 12.83 31.91 -44.60
C TYR J 304 12.04 31.01 -45.54
N ALA J 305 11.26 31.62 -46.44
CA ALA J 305 10.37 30.84 -47.30
C ALA J 305 11.17 29.92 -48.22
N ALA J 306 12.20 30.46 -48.86
CA ALA J 306 12.99 29.67 -49.81
C ALA J 306 13.71 28.53 -49.11
N TRP J 307 14.28 28.78 -47.93
CA TRP J 307 15.01 27.71 -47.27
C TRP J 307 14.05 26.66 -46.71
N SER J 308 12.85 27.07 -46.28
CA SER J 308 11.85 26.10 -45.86
C SER J 308 11.42 25.22 -47.02
N VAL J 309 11.23 25.81 -48.20
CA VAL J 309 10.90 25.02 -49.39
C VAL J 309 12.05 24.08 -49.74
N PHE J 310 13.29 24.54 -49.53
CA PHE J 310 14.45 23.70 -49.79
C PHE J 310 14.48 22.48 -48.87
N ILE J 311 14.15 22.67 -47.58
CA ILE J 311 14.30 21.58 -46.62
C ILE J 311 13.06 20.71 -46.51
N SER J 312 11.90 21.17 -47.00
CA SER J 312 10.67 20.39 -46.88
C SER J 312 10.71 19.02 -47.53
N PRO J 313 11.16 18.84 -48.78
CA PRO J 313 11.00 17.51 -49.42
C PRO J 313 11.77 16.38 -48.75
N ILE J 314 13.00 16.64 -48.27
CA ILE J 314 13.77 15.57 -47.64
C ILE J 314 13.12 15.14 -46.33
N LEU J 315 12.64 16.12 -45.54
CA LEU J 315 11.92 15.79 -44.31
C LEU J 315 10.64 15.02 -44.61
N ARG J 316 9.93 15.40 -45.67
CA ARG J 316 8.72 14.68 -46.05
C ARG J 316 9.03 13.24 -46.44
N ARG J 317 10.09 13.03 -47.22
CA ARG J 317 10.46 11.68 -47.63
C ARG J 317 10.86 10.82 -46.44
N ARG J 318 11.66 11.38 -45.53
CA ARG J 318 12.07 10.62 -44.35
C ARG J 318 10.91 10.33 -43.41
N LEU J 319 9.97 11.26 -43.24
CA LEU J 319 8.77 10.99 -42.46
C LEU J 319 7.86 9.96 -43.13
N ASP J 320 7.79 9.93 -44.45
CA ASP J 320 7.06 8.90 -45.18
C ASP J 320 7.68 7.52 -44.93
N ASP J 321 9.01 7.44 -44.98
CA ASP J 321 9.71 6.20 -44.67
C ASP J 321 9.44 5.78 -43.23
N LYS J 322 9.48 6.74 -42.31
CA LYS J 322 9.20 6.47 -40.90
C LYS J 322 7.77 5.98 -40.72
N PHE J 323 6.82 6.60 -41.43
CA PHE J 323 5.43 6.15 -41.33
C PHE J 323 5.27 4.74 -41.86
N SER J 324 5.93 4.41 -42.98
CA SER J 324 5.83 3.06 -43.51
C SER J 324 6.41 2.04 -42.54
N ARG J 325 7.54 2.38 -41.91
CA ARG J 325 8.13 1.50 -40.91
C ARG J 325 7.21 1.33 -39.70
N ASN J 326 6.56 2.43 -39.27
CA ASN J 326 5.62 2.35 -38.16
C ASN J 326 4.41 1.50 -38.51
N ALA J 327 3.92 1.60 -39.75
CA ALA J 327 2.80 0.76 -40.18
C ALA J 327 3.18 -0.71 -40.19
N ASP J 328 4.39 -1.02 -40.66
CA ASP J 328 4.87 -2.41 -40.61
C ASP J 328 4.99 -2.89 -39.17
N ASN J 329 5.47 -2.01 -38.27
CA ASN J 329 5.59 -2.37 -36.87
C ASN J 329 4.23 -2.67 -36.26
N GLN J 330 3.23 -1.83 -36.54
CA GLN J 330 1.88 -2.08 -36.03
C GLN J 330 1.29 -3.36 -36.61
N SER J 331 1.54 -3.62 -37.89
CA SER J 331 1.06 -4.87 -38.49
C SER J 331 1.66 -6.08 -37.80
N PHE J 332 2.97 -6.07 -37.57
CA PHE J 332 3.62 -7.19 -36.89
C PHE J 332 3.10 -7.34 -35.47
N LEU J 333 2.95 -6.22 -34.75
CA LEU J 333 2.48 -6.29 -33.37
C LEU J 333 1.06 -6.85 -33.29
N VAL J 334 0.18 -6.40 -34.18
CA VAL J 334 -1.20 -6.90 -34.17
C VAL J 334 -1.24 -8.37 -34.53
N GLU J 335 -0.51 -8.78 -35.57
CA GLU J 335 -0.52 -10.19 -35.96
C GLU J 335 0.19 -11.07 -34.95
N SER J 336 1.02 -10.50 -34.08
CA SER J 336 1.67 -11.28 -33.02
C SER J 336 0.85 -11.37 -31.76
N VAL J 337 0.12 -10.33 -31.39
CA VAL J 337 -0.69 -10.38 -30.18
C VAL J 337 -2.03 -11.08 -30.43
N THR J 338 -2.60 -10.90 -31.64
CA THR J 338 -3.83 -11.60 -31.98
C THR J 338 -3.62 -13.11 -32.00
N ALA J 339 -2.48 -13.56 -32.54
CA ALA J 339 -2.13 -14.97 -32.63
C ALA J 339 -1.19 -15.40 -31.51
N ILE J 340 -1.37 -14.84 -30.31
CA ILE J 340 -0.48 -15.17 -29.20
C ILE J 340 -0.66 -16.62 -28.76
N ASN J 341 -1.86 -17.19 -28.94
CA ASN J 341 -2.08 -18.58 -28.58
C ASN J 341 -1.22 -19.52 -29.43
N THR J 342 -1.16 -19.26 -30.74
CA THR J 342 -0.33 -20.08 -31.62
C THR J 342 1.14 -19.77 -31.42
N ILE J 343 1.49 -18.52 -31.09
CA ILE J 343 2.88 -18.16 -30.85
C ILE J 343 3.42 -18.90 -29.64
N LYS J 344 2.65 -18.93 -28.55
CA LYS J 344 3.09 -19.60 -27.34
C LYS J 344 2.77 -21.09 -27.32
N ALA J 345 1.97 -21.58 -28.27
CA ALA J 345 1.78 -23.03 -28.40
C ALA J 345 3.10 -23.68 -28.80
N MET J 346 3.76 -23.14 -29.81
CA MET J 346 5.14 -23.48 -30.06
C MET J 346 6.04 -22.64 -29.15
N ALA J 347 7.35 -22.90 -29.23
CA ALA J 347 8.31 -22.18 -28.41
C ALA J 347 8.93 -21.00 -29.13
N VAL J 348 8.33 -20.53 -30.21
CA VAL J 348 8.97 -19.53 -31.07
C VAL J 348 8.64 -18.16 -30.48
N SER J 349 9.32 -17.84 -29.38
CA SER J 349 9.52 -16.49 -28.88
C SER J 349 10.75 -15.81 -29.50
N PRO J 350 11.93 -16.46 -29.53
CA PRO J 350 13.14 -15.71 -29.94
C PRO J 350 13.12 -15.22 -31.38
N GLN J 351 12.48 -15.94 -32.31
CA GLN J 351 12.42 -15.46 -33.69
C GLN J 351 11.54 -14.22 -33.78
N MET J 352 10.39 -14.22 -33.10
CA MET J 352 9.57 -13.02 -33.04
C MET J 352 10.31 -11.87 -32.35
N THR J 353 11.09 -12.20 -31.31
CA THR J 353 11.88 -11.16 -30.64
C THR J 353 12.91 -10.56 -31.58
N ASN J 354 13.58 -11.39 -32.37
CA ASN J 354 14.55 -10.89 -33.33
C ASN J 354 13.91 -10.03 -34.41
N ILE J 355 12.76 -10.48 -34.92
CA ILE J 355 12.05 -9.70 -35.95
C ILE J 355 11.61 -8.35 -35.38
N TRP J 356 11.07 -8.36 -34.16
CA TRP J 356 10.68 -7.11 -33.52
C TRP J 356 11.87 -6.20 -33.29
N ASP J 357 13.01 -6.77 -32.88
CA ASP J 357 14.20 -5.97 -32.63
C ASP J 357 14.68 -5.30 -33.91
N LYS J 358 14.71 -6.04 -35.02
CA LYS J 358 15.11 -5.45 -36.29
C LYS J 358 14.15 -4.36 -36.74
N GLN J 359 12.85 -4.63 -36.64
CA GLN J 359 11.85 -3.64 -37.06
C GLN J 359 11.91 -2.39 -36.19
N LEU J 360 12.08 -2.57 -34.87
CA LEU J 360 12.18 -1.43 -33.97
C LEU J 360 13.43 -0.62 -34.24
N ALA J 361 14.56 -1.29 -34.49
CA ALA J 361 15.78 -0.57 -34.82
C ALA J 361 15.61 0.25 -36.08
N GLY J 362 14.97 -0.33 -37.11
CA GLY J 362 14.73 0.43 -38.33
C GLY J 362 13.82 1.62 -38.12
N TYR J 363 12.71 1.41 -37.40
CA TYR J 363 11.76 2.50 -37.17
C TYR J 363 12.40 3.64 -36.38
N VAL J 364 13.13 3.30 -35.32
CA VAL J 364 13.73 4.34 -34.50
C VAL J 364 14.87 5.04 -35.25
N ALA J 365 15.60 4.32 -36.11
CA ALA J 365 16.62 4.97 -36.92
C ALA J 365 16.01 5.95 -37.90
N ALA J 366 14.91 5.57 -38.55
CA ALA J 366 14.23 6.49 -39.46
C ALA J 366 13.69 7.71 -38.70
N GLY J 367 13.13 7.49 -37.52
CA GLY J 367 12.68 8.60 -36.71
C GLY J 367 13.82 9.51 -36.29
N PHE J 368 15.00 8.93 -36.04
CA PHE J 368 16.15 9.75 -35.66
C PHE J 368 16.65 10.57 -36.83
N LYS J 369 16.59 10.03 -38.04
CA LYS J 369 16.90 10.83 -39.23
C LYS J 369 15.90 11.98 -39.38
N VAL J 370 14.62 11.71 -39.15
CA VAL J 370 13.62 12.78 -39.15
C VAL J 370 13.96 13.83 -38.10
N THR J 371 14.38 13.38 -36.92
CA THR J 371 14.71 14.30 -35.83
C THR J 371 15.92 15.17 -36.18
N VAL J 372 16.94 14.59 -36.81
CA VAL J 372 18.11 15.40 -37.13
C VAL J 372 17.80 16.37 -38.27
N LEU J 373 16.90 15.99 -39.20
CA LEU J 373 16.47 16.98 -40.19
C LEU J 373 15.68 18.11 -39.55
N ALA J 374 14.83 17.80 -38.57
CA ALA J 374 14.12 18.87 -37.85
C ALA J 374 15.09 19.75 -37.09
N THR J 375 16.15 19.15 -36.54
CA THR J 375 17.22 19.92 -35.91
C THR J 375 17.87 20.86 -36.89
N ILE J 376 18.18 20.37 -38.09
CA ILE J 376 18.77 21.22 -39.12
C ILE J 376 17.85 22.37 -39.46
N GLY J 377 16.54 22.09 -39.57
CA GLY J 377 15.57 23.14 -39.85
C GLY J 377 15.55 24.21 -38.78
N GLN J 378 15.48 23.80 -37.51
CA GLN J 378 15.42 24.76 -36.42
C GLN J 378 16.71 25.57 -36.35
N GLN J 379 17.87 24.92 -36.54
CA GLN J 379 19.14 25.62 -36.45
C GLN J 379 19.30 26.60 -37.61
N GLY J 380 18.84 26.24 -38.80
CA GLY J 380 18.90 27.17 -39.92
C GLY J 380 17.98 28.37 -39.73
N ILE J 381 16.79 28.13 -39.15
CA ILE J 381 15.91 29.25 -38.84
C ILE J 381 16.56 30.17 -37.81
N GLN J 382 17.21 29.58 -36.80
CA GLN J 382 17.99 30.38 -35.84
C GLN J 382 19.10 31.16 -36.52
N LEU J 383 19.78 30.54 -37.48
CA LEU J 383 20.88 31.21 -38.17
C LEU J 383 20.37 32.42 -38.95
N ILE J 384 19.27 32.25 -39.68
CA ILE J 384 18.70 33.37 -40.43
C ILE J 384 18.25 34.48 -39.48
N GLN J 385 17.56 34.10 -38.41
CA GLN J 385 17.08 35.08 -37.44
C GLN J 385 18.24 35.87 -36.83
N LYS J 386 19.28 35.16 -36.38
CA LYS J 386 20.38 35.83 -35.69
C LYS J 386 21.20 36.68 -36.66
N THR J 387 21.41 36.21 -37.88
CA THR J 387 22.17 37.01 -38.85
C THR J 387 21.43 38.28 -39.21
N VAL J 388 20.11 38.18 -39.46
CA VAL J 388 19.32 39.36 -39.78
C VAL J 388 19.27 40.29 -38.58
N MET J 389 19.24 39.73 -37.36
CA MET J 389 19.25 40.54 -36.15
C MET J 389 20.57 41.30 -35.99
N ILE J 390 21.70 40.65 -36.33
CA ILE J 390 22.99 41.34 -36.26
C ILE J 390 23.03 42.47 -37.28
N ILE J 391 22.55 42.21 -38.50
CA ILE J 391 22.51 43.26 -39.52
C ILE J 391 21.64 44.43 -39.05
N ASN J 392 20.49 44.12 -38.45
CA ASN J 392 19.60 45.16 -37.94
C ASN J 392 20.28 45.96 -36.83
N LEU J 393 20.98 45.29 -35.92
CA LEU J 393 21.66 46.00 -34.85
C LEU J 393 22.72 46.94 -35.39
N TRP J 394 23.56 46.45 -36.30
CA TRP J 394 24.65 47.28 -36.83
C TRP J 394 24.08 48.47 -37.62
N LEU J 395 23.12 48.21 -38.50
CA LEU J 395 22.57 49.29 -39.32
C LEU J 395 21.80 50.30 -38.46
N GLY J 396 21.08 49.82 -37.45
CA GLY J 396 20.37 50.73 -36.57
C GLY J 396 21.29 51.59 -35.74
N ALA J 397 22.38 51.01 -35.22
CA ALA J 397 23.35 51.80 -34.48
C ALA J 397 23.99 52.85 -35.38
N HIS J 398 24.33 52.47 -36.61
CA HIS J 398 24.90 53.42 -37.55
C HIS J 398 23.92 54.54 -37.87
N LEU J 399 22.64 54.20 -38.05
CA LEU J 399 21.63 55.22 -38.32
C LEU J 399 21.46 56.16 -37.13
N VAL J 400 21.40 55.61 -35.91
CA VAL J 400 21.17 56.44 -34.74
C VAL J 400 22.34 57.39 -34.52
N ILE J 401 23.58 56.90 -34.67
CA ILE J 401 24.71 57.83 -34.57
C ILE J 401 24.77 58.76 -35.78
N SER J 402 24.10 58.41 -36.88
CA SER J 402 24.01 59.29 -38.04
C SER J 402 22.79 60.19 -38.04
N GLY J 403 21.88 60.03 -37.08
CA GLY J 403 20.72 60.88 -36.96
C GLY J 403 19.47 60.25 -37.56
N ASP J 404 18.36 60.98 -37.40
CA ASP J 404 17.02 60.65 -37.89
C ASP J 404 16.39 59.48 -37.14
N LEU J 405 17.12 58.83 -36.23
CA LEU J 405 16.58 57.75 -35.42
C LEU J 405 16.94 57.98 -33.96
N SER J 406 16.08 57.49 -33.07
CA SER J 406 16.31 57.59 -31.64
C SER J 406 16.44 56.20 -31.02
N ILE J 407 16.89 56.18 -29.76
CA ILE J 407 17.08 54.91 -29.06
C ILE J 407 15.74 54.23 -28.78
N GLY J 408 14.72 55.02 -28.47
CA GLY J 408 13.40 54.44 -28.23
C GLY J 408 12.82 53.81 -29.48
N GLN J 409 12.96 54.48 -30.62
CA GLN J 409 12.52 53.91 -31.89
C GLN J 409 13.28 52.64 -32.21
N LEU J 410 14.58 52.60 -31.92
CA LEU J 410 15.38 51.41 -32.20
C LEU J 410 14.96 50.23 -31.33
N ILE J 411 14.74 50.46 -30.03
CA ILE J 411 14.34 49.35 -29.17
C ILE J 411 12.92 48.90 -29.49
N ALA J 412 12.05 49.84 -29.90
CA ALA J 412 10.74 49.45 -30.37
C ALA J 412 10.83 48.59 -31.62
N PHE J 413 11.74 48.95 -32.53
CA PHE J 413 11.97 48.13 -33.72
C PHE J 413 12.45 46.73 -33.34
N ASN J 414 13.36 46.65 -32.37
CA ASN J 414 13.85 45.34 -31.93
C ASN J 414 12.73 44.51 -31.33
N MET J 415 11.86 45.13 -30.53
CA MET J 415 10.73 44.41 -29.94
C MET J 415 9.77 43.91 -31.02
N LEU J 416 9.47 44.77 -32.00
CA LEU J 416 8.61 44.34 -33.10
C LEU J 416 9.23 43.22 -33.90
N ALA J 417 10.54 43.28 -34.15
CA ALA J 417 11.23 42.24 -34.88
C ALA J 417 11.17 40.91 -34.12
N GLY J 418 11.40 40.96 -32.81
CA GLY J 418 11.31 39.75 -32.01
C GLY J 418 9.91 39.16 -32.02
N GLN J 419 8.89 40.01 -31.88
CA GLN J 419 7.52 39.51 -31.83
C GLN J 419 7.01 39.09 -33.21
N ILE J 420 7.65 39.55 -34.28
CA ILE J 420 7.23 39.12 -35.61
C ILE J 420 8.00 37.88 -36.05
N VAL J 421 9.17 37.62 -35.47
CA VAL J 421 9.90 36.40 -35.81
C VAL J 421 9.53 35.26 -34.87
N ALA J 422 8.97 35.56 -33.69
CA ALA J 422 8.48 34.50 -32.81
C ALA J 422 7.52 33.52 -33.48
N PRO J 423 6.55 33.93 -34.32
CA PRO J 423 5.79 32.91 -35.07
C PRO J 423 6.64 32.06 -35.98
N VAL J 424 7.76 32.59 -36.50
CA VAL J 424 8.60 31.81 -37.41
C VAL J 424 9.30 30.69 -36.65
N ILE J 425 9.88 30.99 -35.48
CA ILE J 425 10.41 29.93 -34.64
C ILE J 425 9.31 28.99 -34.20
N ARG J 426 8.09 29.53 -34.02
CA ARG J 426 6.97 28.77 -33.49
C ARG J 426 6.53 27.71 -34.49
N LEU J 427 6.56 28.06 -35.79
CA LEU J 427 6.23 27.12 -36.85
C LEU J 427 7.42 26.22 -37.19
N ALA J 428 8.65 26.74 -37.03
CA ALA J 428 9.82 25.91 -37.32
C ALA J 428 9.97 24.78 -36.32
N GLN J 429 9.54 25.00 -35.08
CA GLN J 429 9.59 23.96 -34.06
C GLN J 429 8.61 22.81 -34.34
N ILE J 430 7.62 23.01 -35.21
CA ILE J 430 6.62 21.99 -35.50
C ILE J 430 6.52 21.74 -37.00
N TRP J 431 7.55 22.16 -37.74
CA TRP J 431 7.65 21.79 -39.15
C TRP J 431 7.60 20.27 -39.35
N GLN J 432 8.19 19.51 -38.43
CA GLN J 432 8.09 18.05 -38.51
C GLN J 432 6.64 17.59 -38.37
N ASP J 433 5.88 18.22 -37.47
CA ASP J 433 4.47 17.91 -37.36
C ASP J 433 3.72 18.28 -38.63
N PHE J 434 4.09 19.40 -39.25
CA PHE J 434 3.46 19.80 -40.51
C PHE J 434 3.67 18.76 -41.60
N GLN J 435 4.91 18.27 -41.73
CA GLN J 435 5.19 17.23 -42.73
C GLN J 435 4.49 15.92 -42.37
N GLN J 436 4.41 15.59 -41.08
CA GLN J 436 3.68 14.40 -40.67
C GLN J 436 2.21 14.51 -41.03
N VAL J 437 1.63 15.71 -40.91
CA VAL J 437 0.23 15.90 -41.28
C VAL J 437 0.06 15.79 -42.79
N GLY J 438 1.03 16.29 -43.56
CA GLY J 438 0.98 16.08 -45.00
C GLY J 438 0.94 14.61 -45.36
N ILE J 439 1.82 13.83 -44.73
CA ILE J 439 1.85 12.38 -44.96
C ILE J 439 0.54 11.74 -44.51
N SER J 440 0.00 12.18 -43.36
CA SER J 440 -1.23 11.60 -42.84
C SER J 440 -2.41 11.88 -43.77
N VAL J 441 -2.51 13.09 -44.30
CA VAL J 441 -3.58 13.42 -45.24
C VAL J 441 -3.43 12.62 -46.52
N THR J 442 -2.18 12.43 -46.99
CA THR J 442 -1.96 11.60 -48.16
C THR J 442 -2.41 10.16 -47.92
N ARG J 443 -2.14 9.62 -46.73
CA ARG J 443 -2.51 8.23 -46.45
C ARG J 443 -4.01 8.07 -46.24
N LEU J 444 -4.65 9.04 -45.57
CA LEU J 444 -6.11 9.02 -45.50
C LEU J 444 -6.73 9.10 -46.88
N GLY J 445 -6.12 9.87 -47.79
CA GLY J 445 -6.58 9.85 -49.17
C GLY J 445 -6.39 8.50 -49.83
N ASP J 446 -5.26 7.85 -49.53
CA ASP J 446 -5.02 6.52 -50.10
C ASP J 446 -6.07 5.53 -49.63
N VAL J 447 -6.52 5.66 -48.38
CA VAL J 447 -7.60 4.80 -47.88
C VAL J 447 -8.93 5.19 -48.53
N LEU J 448 -9.25 6.48 -48.56
CA LEU J 448 -10.59 6.93 -48.91
C LEU J 448 -10.87 6.88 -50.42
N ASN J 449 -9.85 6.91 -51.26
CA ASN J 449 -10.04 6.85 -52.69
C ASN J 449 -10.18 5.43 -53.22
N SER J 450 -10.09 4.42 -52.37
CA SER J 450 -10.33 3.06 -52.80
C SER J 450 -11.81 2.91 -53.17
N PRO J 451 -12.13 2.19 -54.25
CA PRO J 451 -13.53 2.12 -54.69
C PRO J 451 -14.39 1.37 -53.67
N THR J 452 -15.42 2.05 -53.18
CA THR J 452 -16.32 1.48 -52.20
C THR J 452 -17.46 0.72 -52.87
N GLU J 453 -18.11 -0.13 -52.09
CA GLU J 453 -19.25 -0.93 -52.53
C GLU J 453 -20.36 -0.89 -51.50
N SER J 454 -20.68 0.32 -51.03
CA SER J 454 -21.68 0.48 -49.98
C SER J 454 -23.07 0.12 -50.46
N TYR J 455 -23.58 0.85 -51.46
CA TYR J 455 -24.93 0.61 -51.95
C TYR J 455 -25.05 1.16 -53.36
N HIS J 456 -26.06 0.69 -54.09
CA HIS J 456 -26.39 1.19 -55.41
C HIS J 456 -27.68 1.99 -55.43
N GLY J 457 -28.69 1.55 -54.69
CA GLY J 457 -29.96 2.25 -54.62
C GLY J 457 -30.71 2.25 -55.94
N LYS J 458 -31.14 1.08 -56.39
CA LYS J 458 -31.80 0.92 -57.68
C LYS J 458 -33.20 0.36 -57.45
N LEU J 459 -34.20 1.24 -57.45
CA LEU J 459 -35.62 0.92 -57.52
C LEU J 459 -36.14 0.17 -56.30
N ALA J 460 -35.35 0.03 -55.23
CA ALA J 460 -35.79 -0.52 -53.95
C ALA J 460 -36.35 -1.94 -54.12
N LEU J 461 -35.44 -2.85 -54.46
CA LEU J 461 -35.81 -4.23 -54.74
C LEU J 461 -36.54 -4.85 -53.56
N PRO J 462 -37.67 -5.54 -53.79
CA PRO J 462 -38.45 -6.11 -52.68
C PRO J 462 -37.93 -7.45 -52.22
N GLU J 463 -38.54 -8.02 -51.18
CA GLU J 463 -38.00 -9.17 -50.47
C GLU J 463 -37.83 -10.37 -51.40
N ILE J 464 -36.85 -11.21 -51.08
CA ILE J 464 -36.40 -12.29 -51.96
C ILE J 464 -36.80 -13.63 -51.38
N ASN J 465 -36.90 -14.62 -52.26
CA ASN J 465 -37.06 -16.02 -51.87
C ASN J 465 -35.78 -16.77 -52.23
N GLY J 466 -35.82 -18.09 -52.06
CA GLY J 466 -34.67 -18.91 -52.38
C GLY J 466 -34.51 -19.19 -53.86
N ASN J 467 -34.42 -18.14 -54.67
CA ASN J 467 -34.29 -18.26 -56.13
C ASN J 467 -32.88 -17.81 -56.50
N ILE J 468 -31.95 -18.76 -56.56
CA ILE J 468 -30.55 -18.50 -56.86
C ILE J 468 -30.21 -19.17 -58.18
N THR J 469 -29.61 -18.41 -59.09
CA THR J 469 -29.26 -18.93 -60.42
C THR J 469 -27.84 -18.49 -60.76
N PHE J 470 -26.95 -19.46 -60.96
CA PHE J 470 -25.60 -19.19 -61.44
C PHE J 470 -25.56 -19.33 -62.96
N ARG J 471 -24.81 -18.43 -63.61
CA ARG J 471 -24.69 -18.49 -65.06
C ARG J 471 -23.26 -18.15 -65.46
N ASN J 472 -22.53 -19.16 -65.94
CA ASN J 472 -21.20 -19.00 -66.55
C ASN J 472 -20.22 -18.32 -65.60
N ILE J 473 -20.22 -18.77 -64.35
CA ILE J 473 -19.40 -18.12 -63.32
C ILE J 473 -17.93 -18.42 -63.55
N ARG J 474 -17.15 -17.36 -63.77
CA ARG J 474 -15.70 -17.43 -63.82
C ARG J 474 -15.15 -16.41 -62.84
N PHE J 475 -14.23 -16.83 -61.98
CA PHE J 475 -13.79 -15.97 -60.89
C PHE J 475 -12.35 -16.27 -60.51
N ARG J 476 -11.59 -15.21 -60.25
CA ARG J 476 -10.24 -15.30 -59.71
C ARG J 476 -10.10 -14.35 -58.53
N TYR J 477 -9.42 -14.82 -57.48
CA TYR J 477 -9.13 -13.96 -56.33
C TYR J 477 -8.21 -12.80 -56.72
N LYS J 478 -7.22 -13.05 -57.57
CA LYS J 478 -6.37 -12.00 -58.08
C LYS J 478 -6.36 -12.05 -59.59
N PRO J 479 -6.13 -10.91 -60.26
CA PRO J 479 -6.09 -10.93 -61.74
C PRO J 479 -5.04 -11.85 -62.31
N ASP J 480 -3.93 -12.03 -61.61
CA ASP J 480 -2.89 -12.95 -62.08
C ASP J 480 -3.13 -14.36 -61.58
N SER J 481 -4.00 -14.52 -60.58
CA SER J 481 -4.26 -15.81 -59.94
C SER J 481 -4.96 -16.77 -60.89
N PRO J 482 -4.72 -18.07 -60.77
CA PRO J 482 -5.44 -19.03 -61.62
C PRO J 482 -6.94 -19.02 -61.33
N VAL J 483 -7.72 -19.36 -62.37
CA VAL J 483 -9.17 -19.38 -62.22
C VAL J 483 -9.59 -20.49 -61.26
N ILE J 484 -10.52 -20.18 -60.38
CA ILE J 484 -11.02 -21.16 -59.40
C ILE J 484 -12.24 -21.88 -59.97
N LEU J 485 -13.29 -21.12 -60.26
CA LEU J 485 -14.52 -21.66 -60.81
C LEU J 485 -14.57 -21.43 -62.31
N ASP J 486 -14.73 -22.51 -63.08
CA ASP J 486 -14.61 -22.45 -64.53
C ASP J 486 -15.98 -22.28 -65.22
N ASN J 487 -16.88 -23.24 -65.03
CA ASN J 487 -18.16 -23.25 -65.75
C ASN J 487 -19.30 -23.60 -64.80
N ILE J 488 -19.34 -22.93 -63.65
CA ILE J 488 -20.38 -23.19 -62.66
C ILE J 488 -21.71 -22.70 -63.20
N ASN J 489 -22.66 -23.62 -63.41
CA ASN J 489 -24.00 -23.29 -63.88
C ASN J 489 -25.00 -24.03 -63.00
N LEU J 490 -25.53 -23.36 -61.99
CA LEU J 490 -26.43 -23.98 -61.04
C LEU J 490 -27.67 -23.12 -60.87
N SER J 491 -28.78 -23.79 -60.57
CA SER J 491 -30.05 -23.12 -60.28
C SER J 491 -30.67 -23.77 -59.06
N ILE J 492 -30.93 -22.97 -58.03
CA ILE J 492 -31.46 -23.47 -56.77
C ILE J 492 -32.88 -22.94 -56.62
N LYS J 493 -33.83 -23.85 -56.42
CA LYS J 493 -35.23 -23.45 -56.26
C LYS J 493 -35.53 -23.18 -54.79
N GLN J 494 -36.69 -22.59 -54.55
CA GLN J 494 -37.07 -22.15 -53.20
C GLN J 494 -37.29 -23.35 -52.30
N GLY J 495 -36.77 -23.27 -51.07
CA GLY J 495 -36.95 -24.31 -50.09
C GLY J 495 -36.11 -25.55 -50.29
N GLU J 496 -35.18 -25.53 -51.25
CA GLU J 496 -34.38 -26.70 -51.59
C GLU J 496 -33.17 -26.77 -50.68
N VAL J 497 -33.12 -27.76 -49.80
CA VAL J 497 -32.00 -27.92 -48.88
C VAL J 497 -30.85 -28.57 -49.66
N ILE J 498 -29.97 -27.74 -50.22
CA ILE J 498 -28.94 -28.20 -51.14
C ILE J 498 -27.62 -28.30 -50.39
N GLY J 499 -26.91 -29.40 -50.60
CA GLY J 499 -25.61 -29.62 -49.99
C GLY J 499 -24.54 -29.74 -51.06
N ILE J 500 -23.33 -29.30 -50.73
CA ILE J 500 -22.20 -29.30 -51.65
C ILE J 500 -21.05 -30.04 -51.00
N VAL J 501 -20.48 -31.01 -51.72
CA VAL J 501 -19.39 -31.84 -51.25
C VAL J 501 -18.25 -31.78 -52.26
N GLY J 502 -17.03 -31.69 -51.75
CA GLY J 502 -15.87 -31.68 -52.63
C GLY J 502 -14.59 -31.89 -51.86
N ARG J 503 -13.50 -31.95 -52.62
CA ARG J 503 -12.18 -32.09 -52.02
C ARG J 503 -11.77 -30.82 -51.30
N SER J 504 -10.74 -30.93 -50.47
CA SER J 504 -10.17 -29.75 -49.83
C SER J 504 -9.47 -28.89 -50.86
N GLY J 505 -9.79 -27.59 -50.84
CA GLY J 505 -9.24 -26.68 -51.83
C GLY J 505 -9.94 -26.72 -53.18
N SER J 506 -11.05 -27.45 -53.30
CA SER J 506 -11.77 -27.50 -54.57
C SER J 506 -12.43 -26.15 -54.88
N GLY J 507 -12.90 -25.44 -53.86
CA GLY J 507 -13.52 -24.15 -54.08
C GLY J 507 -14.95 -24.07 -53.60
N LYS J 508 -15.30 -24.90 -52.60
CA LYS J 508 -16.66 -24.88 -52.08
C LYS J 508 -16.98 -23.58 -51.34
N SER J 509 -15.96 -22.94 -50.76
CA SER J 509 -16.17 -21.66 -50.08
C SER J 509 -16.33 -20.50 -51.07
N THR J 510 -15.87 -20.68 -52.32
CA THR J 510 -16.05 -19.62 -53.31
C THR J 510 -17.52 -19.40 -53.61
N LEU J 511 -18.31 -20.48 -53.69
CA LEU J 511 -19.75 -20.32 -53.87
C LEU J 511 -20.38 -19.60 -52.69
N THR J 512 -19.94 -19.93 -51.48
CA THR J 512 -20.43 -19.24 -50.28
C THR J 512 -20.13 -17.75 -50.35
N LYS J 513 -18.91 -17.39 -50.74
CA LYS J 513 -18.54 -15.98 -50.81
C LYS J 513 -19.13 -15.28 -52.02
N LEU J 514 -19.57 -16.03 -53.03
CA LEU J 514 -20.17 -15.42 -54.22
C LEU J 514 -21.68 -15.27 -54.12
N ILE J 515 -22.35 -16.06 -53.27
CA ILE J 515 -23.76 -15.82 -52.99
C ILE J 515 -23.93 -14.42 -52.41
N GLN J 516 -23.10 -14.07 -51.44
CA GLN J 516 -23.09 -12.73 -50.88
C GLN J 516 -22.24 -11.82 -51.76
N ARG J 517 -22.30 -10.52 -51.47
CA ARG J 517 -21.59 -9.53 -52.27
C ARG J 517 -20.19 -9.28 -51.69
N PHE J 518 -19.46 -10.37 -51.48
CA PHE J 518 -18.06 -10.28 -51.10
C PHE J 518 -17.16 -10.06 -52.31
N TYR J 519 -17.48 -10.68 -53.43
CA TYR J 519 -16.64 -10.64 -54.63
C TYR J 519 -17.52 -10.40 -55.85
N ILE J 520 -16.87 -10.04 -56.95
CA ILE J 520 -17.52 -9.84 -58.25
C ILE J 520 -16.92 -10.86 -59.21
N PRO J 521 -17.73 -11.71 -59.84
CA PRO J 521 -17.19 -12.70 -60.78
C PRO J 521 -16.53 -12.03 -61.98
N GLU J 522 -15.44 -12.63 -62.45
CA GLU J 522 -14.75 -12.11 -63.62
C GLU J 522 -15.61 -12.25 -64.88
N ASN J 523 -16.29 -13.37 -65.04
CA ASN J 523 -17.19 -13.59 -66.17
C ASN J 523 -18.43 -14.31 -65.65
N GLY J 524 -19.58 -14.01 -66.26
CA GLY J 524 -20.83 -14.59 -65.81
C GLY J 524 -21.39 -13.87 -64.61
N GLN J 525 -22.60 -14.29 -64.21
CA GLN J 525 -23.28 -13.61 -63.12
C GLN J 525 -24.18 -14.57 -62.36
N VAL J 526 -24.50 -14.11 -61.15
CA VAL J 526 -25.37 -14.86 -60.30
C VAL J 526 -26.58 -14.01 -60.25
N LEU J 527 -27.74 -14.58 -59.96
CA LEU J 527 -28.95 -13.79 -59.79
C LEU J 527 -29.76 -14.34 -58.62
N ILE J 528 -30.31 -13.42 -57.82
CA ILE J 528 -31.18 -13.74 -56.70
C ILE J 528 -32.57 -13.20 -57.02
N ASP J 529 -33.57 -14.08 -57.00
CA ASP J 529 -34.96 -13.73 -57.29
C ASP J 529 -35.10 -13.10 -58.68
N GLY J 530 -34.26 -13.54 -59.62
CA GLY J 530 -34.26 -13.02 -60.97
C GLY J 530 -33.52 -11.73 -61.17
N HIS J 531 -32.94 -11.16 -60.12
CA HIS J 531 -32.23 -9.90 -60.23
C HIS J 531 -30.72 -10.12 -60.17
N ASP J 532 -30.01 -9.49 -61.10
CA ASP J 532 -28.56 -9.62 -61.16
C ASP J 532 -27.91 -8.99 -59.93
N LEU J 533 -26.79 -9.55 -59.50
CA LEU J 533 -26.09 -9.09 -58.31
C LEU J 533 -25.00 -8.07 -58.59
N ALA J 534 -24.78 -7.73 -59.87
CA ALA J 534 -23.75 -6.72 -60.18
C ALA J 534 -24.23 -5.32 -59.80
N LEU J 535 -25.51 -5.14 -59.53
CA LEU J 535 -26.08 -3.84 -59.21
C LEU J 535 -26.95 -3.86 -57.96
N ALA J 536 -27.04 -5.00 -57.28
CA ALA J 536 -27.88 -5.09 -56.09
C ALA J 536 -27.18 -4.48 -54.88
N ASP J 537 -27.97 -4.16 -53.86
CA ASP J 537 -27.44 -3.58 -52.64
C ASP J 537 -26.83 -4.68 -51.78
N PRO J 538 -25.54 -4.60 -51.45
CA PRO J 538 -24.93 -5.65 -50.62
C PRO J 538 -25.50 -5.75 -49.21
N ASN J 539 -25.76 -4.61 -48.56
CA ASN J 539 -26.25 -4.63 -47.19
C ASN J 539 -27.63 -5.26 -47.09
N TRP J 540 -28.49 -4.95 -48.07
CA TRP J 540 -29.83 -5.54 -48.09
C TRP J 540 -29.80 -7.06 -48.22
N LEU J 541 -29.02 -7.57 -49.17
CA LEU J 541 -28.92 -9.02 -49.32
C LEU J 541 -28.30 -9.67 -48.10
N ARG J 542 -27.25 -9.07 -47.56
CA ARG J 542 -26.56 -9.68 -46.44
C ARG J 542 -27.29 -9.53 -45.12
N ARG J 543 -28.34 -8.69 -45.07
CA ARG J 543 -29.29 -8.79 -43.96
C ARG J 543 -30.45 -9.73 -44.28
N GLN J 544 -30.69 -10.01 -45.56
CA GLN J 544 -31.67 -11.03 -45.92
C GLN J 544 -31.09 -12.44 -45.86
N VAL J 545 -29.76 -12.57 -45.79
CA VAL J 545 -29.09 -13.86 -45.83
C VAL J 545 -28.40 -14.11 -44.50
N GLY J 546 -28.65 -15.27 -43.91
CA GLY J 546 -27.99 -15.70 -42.69
C GLY J 546 -26.92 -16.73 -43.01
N VAL J 547 -25.74 -16.55 -42.43
CA VAL J 547 -24.57 -17.35 -42.78
C VAL J 547 -23.78 -17.72 -41.54
N VAL J 548 -23.36 -18.98 -41.48
CA VAL J 548 -22.28 -19.44 -40.61
C VAL J 548 -21.10 -19.78 -41.50
N LEU J 549 -19.96 -19.17 -41.23
CA LEU J 549 -18.78 -19.31 -42.08
C LEU J 549 -17.92 -20.49 -41.65
N GLN J 550 -16.89 -20.77 -42.45
CA GLN J 550 -15.97 -21.86 -42.14
C GLN J 550 -15.22 -21.60 -40.84
N ASP J 551 -14.77 -20.36 -40.64
CA ASP J 551 -14.16 -19.94 -39.39
C ASP J 551 -15.11 -18.99 -38.68
N ASN J 552 -15.41 -19.30 -37.43
CA ASN J 552 -16.38 -18.54 -36.65
C ASN J 552 -15.64 -17.69 -35.63
N VAL J 553 -15.86 -16.38 -35.67
CA VAL J 553 -15.30 -15.45 -34.70
C VAL J 553 -16.45 -14.60 -34.15
N LEU J 554 -16.43 -14.38 -32.85
CA LEU J 554 -17.42 -13.57 -32.16
C LEU J 554 -16.78 -12.25 -31.74
N LEU J 555 -17.54 -11.42 -31.04
CA LEU J 555 -17.04 -10.17 -30.51
C LEU J 555 -16.94 -10.26 -28.99
N ASN J 556 -16.22 -9.30 -28.39
CA ASN J 556 -15.99 -9.30 -26.95
C ASN J 556 -17.23 -8.73 -26.25
N ARG J 557 -18.34 -9.44 -26.42
CA ARG J 557 -19.63 -9.03 -25.86
C ARG J 557 -20.24 -10.25 -25.16
N SER J 558 -21.47 -10.09 -24.67
CA SER J 558 -22.18 -11.18 -24.04
C SER J 558 -22.84 -12.08 -25.09
N ILE J 559 -23.20 -13.29 -24.65
CA ILE J 559 -23.81 -14.26 -25.56
C ILE J 559 -25.16 -13.75 -26.06
N ILE J 560 -25.96 -13.15 -25.17
CA ILE J 560 -27.27 -12.64 -25.55
C ILE J 560 -27.14 -11.55 -26.60
N ASP J 561 -26.04 -10.82 -26.60
CA ASP J 561 -25.82 -9.76 -27.58
C ASP J 561 -25.08 -10.31 -28.81
N ASN J 562 -24.16 -11.26 -28.59
CA ASN J 562 -23.45 -11.87 -29.71
C ASN J 562 -24.39 -12.60 -30.65
N ILE J 563 -25.34 -13.36 -30.09
CA ILE J 563 -26.34 -14.03 -30.92
C ILE J 563 -27.27 -13.00 -31.57
N SER J 564 -27.64 -11.96 -30.84
CA SER J 564 -28.58 -10.94 -31.31
C SER J 564 -27.85 -9.73 -31.87
N LEU J 565 -26.72 -9.96 -32.54
CA LEU J 565 -25.92 -8.85 -33.07
C LEU J 565 -26.66 -8.12 -34.18
N ALA J 566 -27.56 -8.81 -34.89
CA ALA J 566 -28.30 -8.18 -35.97
C ALA J 566 -29.28 -7.12 -35.46
N ASN J 567 -29.90 -7.38 -34.31
CA ASN J 567 -30.87 -6.44 -33.75
C ASN J 567 -30.82 -6.49 -32.23
N PRO J 568 -30.31 -5.46 -31.57
CA PRO J 568 -30.16 -5.50 -30.11
C PRO J 568 -31.47 -5.31 -29.35
N GLY J 569 -32.47 -4.67 -29.94
CA GLY J 569 -33.75 -4.49 -29.30
C GLY J 569 -34.71 -5.66 -29.44
N MET J 570 -34.31 -6.73 -30.11
CA MET J 570 -35.16 -7.90 -30.28
C MET J 570 -35.25 -8.70 -28.98
N SER J 571 -36.42 -9.26 -28.73
CA SER J 571 -36.76 -9.84 -27.43
C SER J 571 -35.92 -11.08 -27.11
N VAL J 572 -35.87 -11.40 -25.81
CA VAL J 572 -35.07 -12.51 -25.31
C VAL J 572 -35.65 -13.85 -25.75
N GLU J 573 -36.98 -13.95 -25.85
CA GLU J 573 -37.61 -15.24 -26.18
C GLU J 573 -37.21 -15.72 -27.57
N LYS J 574 -37.00 -14.79 -28.51
CA LYS J 574 -36.51 -15.16 -29.83
C LYS J 574 -35.13 -15.82 -29.74
N VAL J 575 -34.24 -15.23 -28.93
CA VAL J 575 -32.90 -15.81 -28.77
C VAL J 575 -32.99 -17.15 -28.06
N ILE J 576 -33.90 -17.28 -27.09
CA ILE J 576 -34.07 -18.55 -26.38
C ILE J 576 -34.53 -19.64 -27.35
N TYR J 577 -35.50 -19.30 -28.21
CA TYR J 577 -35.98 -20.26 -29.20
C TYR J 577 -34.88 -20.63 -30.18
N ALA J 578 -34.08 -19.65 -30.61
CA ALA J 578 -32.97 -19.92 -31.51
C ALA J 578 -31.93 -20.83 -30.87
N ALA J 579 -31.63 -20.59 -29.59
CA ALA J 579 -30.62 -21.40 -28.91
C ALA J 579 -31.11 -22.82 -28.66
N LYS J 580 -32.39 -22.98 -28.30
CA LYS J 580 -32.97 -24.31 -28.18
C LYS J 580 -32.97 -25.03 -29.52
N LEU J 581 -33.31 -24.29 -30.60
CA LEU J 581 -33.32 -24.89 -31.93
C LEU J 581 -31.92 -25.26 -32.39
N ALA J 582 -30.92 -24.48 -32.02
CA ALA J 582 -29.54 -24.77 -32.37
C ALA J 582 -28.86 -25.73 -31.41
N GLY J 583 -29.56 -26.17 -30.36
CA GLY J 583 -28.97 -27.05 -29.39
C GLY J 583 -27.95 -26.39 -28.48
N ALA J 584 -27.99 -25.07 -28.37
CA ALA J 584 -27.02 -24.33 -27.58
C ALA J 584 -27.54 -23.89 -26.22
N HIS J 585 -28.79 -24.20 -25.88
CA HIS J 585 -29.33 -23.72 -24.61
C HIS J 585 -28.81 -24.53 -23.42
N ASP J 586 -28.47 -25.79 -23.63
CA ASP J 586 -28.13 -26.66 -22.50
C ASP J 586 -26.83 -26.22 -21.82
N PHE J 587 -25.76 -26.00 -22.59
CA PHE J 587 -24.50 -25.62 -21.97
C PHE J 587 -24.56 -24.19 -21.45
N ILE J 588 -25.27 -23.30 -22.16
CA ILE J 588 -25.41 -21.92 -21.69
C ILE J 588 -26.15 -21.88 -20.36
N SER J 589 -27.22 -22.67 -20.23
CA SER J 589 -27.89 -22.79 -18.94
C SER J 589 -26.97 -23.40 -17.90
N GLU J 590 -26.10 -24.33 -18.32
CA GLU J 590 -25.15 -24.91 -17.38
C GLU J 590 -24.00 -23.95 -17.09
N LEU J 591 -23.81 -22.93 -17.92
CA LEU J 591 -22.80 -21.92 -17.65
C LEU J 591 -23.16 -21.14 -16.39
N ARG J 592 -22.12 -20.64 -15.71
CA ARG J 592 -22.29 -19.93 -14.44
C ARG J 592 -23.04 -18.62 -14.63
N GLU J 593 -22.70 -17.87 -15.68
CA GLU J 593 -23.34 -16.58 -15.93
C GLU J 593 -24.55 -16.68 -16.85
N GLY J 594 -24.80 -17.83 -17.45
CA GLY J 594 -25.92 -17.95 -18.37
C GLY J 594 -25.67 -17.15 -19.63
N TYR J 595 -26.55 -16.20 -19.91
CA TYR J 595 -26.39 -15.30 -21.05
C TYR J 595 -25.58 -14.06 -20.71
N ASN J 596 -24.78 -14.10 -19.65
CA ASN J 596 -24.02 -12.93 -19.21
C ASN J 596 -22.51 -13.08 -19.37
N THR J 597 -22.01 -14.29 -19.61
CA THR J 597 -20.59 -14.48 -19.75
C THR J 597 -20.07 -13.80 -21.02
N ILE J 598 -18.80 -13.40 -20.97
CA ILE J 598 -18.21 -12.56 -22.00
C ILE J 598 -17.20 -13.40 -22.80
N VAL J 599 -17.36 -13.39 -24.12
CA VAL J 599 -16.37 -14.00 -25.01
C VAL J 599 -15.12 -13.13 -24.96
N GLY J 600 -14.06 -13.64 -24.33
CA GLY J 600 -12.90 -12.81 -24.01
C GLY J 600 -12.03 -12.45 -25.20
N GLU J 601 -12.24 -13.08 -26.35
CA GLU J 601 -11.42 -12.82 -27.53
C GLU J 601 -12.30 -13.04 -28.75
N GLN J 602 -11.68 -13.23 -29.92
CA GLN J 602 -12.44 -13.46 -31.14
C GLN J 602 -13.32 -14.70 -31.02
N GLY J 603 -12.78 -15.76 -30.44
CA GLY J 603 -13.58 -16.94 -30.17
C GLY J 603 -13.19 -17.64 -28.88
N ALA J 604 -12.27 -17.04 -28.14
CA ALA J 604 -11.77 -17.67 -26.92
C ALA J 604 -12.69 -17.36 -25.74
N GLY J 605 -12.43 -18.03 -24.63
CA GLY J 605 -13.28 -17.97 -23.46
C GLY J 605 -14.29 -19.09 -23.38
N LEU J 606 -14.58 -19.73 -24.52
CA LEU J 606 -15.46 -20.89 -24.58
C LEU J 606 -14.77 -21.96 -25.41
N SER J 607 -15.48 -23.07 -25.64
CA SER J 607 -14.95 -24.18 -26.41
C SER J 607 -15.15 -23.91 -27.91
N GLY J 608 -14.77 -24.87 -28.75
CA GLY J 608 -14.96 -24.74 -30.18
C GLY J 608 -16.37 -25.10 -30.60
N GLY J 609 -16.90 -26.20 -30.07
CA GLY J 609 -18.27 -26.58 -30.37
C GLY J 609 -19.27 -25.58 -29.84
N GLN J 610 -19.01 -25.03 -28.65
CA GLN J 610 -19.88 -24.00 -28.10
C GLN J 610 -19.85 -22.75 -28.97
N ARG J 611 -18.67 -22.37 -29.45
CA ARG J 611 -18.57 -21.22 -30.35
C ARG J 611 -19.32 -21.48 -31.66
N GLN J 612 -19.21 -22.69 -32.20
CA GLN J 612 -19.94 -23.04 -33.41
C GLN J 612 -21.46 -22.98 -33.19
N ARG J 613 -21.92 -23.49 -32.05
CA ARG J 613 -23.35 -23.44 -31.74
C ARG J 613 -23.83 -22.01 -31.56
N ILE J 614 -23.02 -21.16 -30.93
CA ILE J 614 -23.39 -19.75 -30.78
C ILE J 614 -23.45 -19.07 -32.14
N ALA J 615 -22.51 -19.38 -33.03
CA ALA J 615 -22.56 -18.82 -34.38
C ALA J 615 -23.80 -19.28 -35.13
N ILE J 616 -24.17 -20.55 -34.97
CA ILE J 616 -25.37 -21.09 -35.62
C ILE J 616 -26.62 -20.38 -35.10
N ALA J 617 -26.68 -20.18 -33.78
CA ALA J 617 -27.82 -19.47 -33.19
C ALA J 617 -27.87 -18.03 -33.66
N ARG J 618 -26.71 -17.38 -33.78
CA ARG J 618 -26.65 -16.01 -34.27
C ARG J 618 -27.15 -15.92 -35.71
N ALA J 619 -26.79 -16.91 -36.55
CA ALA J 619 -27.29 -16.94 -37.91
C ALA J 619 -28.78 -17.22 -37.98
N LEU J 620 -29.31 -18.03 -37.06
CA LEU J 620 -30.71 -18.45 -37.10
C LEU J 620 -31.64 -17.57 -36.26
N VAL J 621 -31.11 -16.56 -35.56
CA VAL J 621 -31.95 -15.81 -34.62
C VAL J 621 -32.90 -14.88 -35.36
N ASN J 622 -32.54 -14.47 -36.58
CA ASN J 622 -33.39 -13.62 -37.39
C ASN J 622 -34.31 -14.51 -38.23
N ASN J 623 -34.95 -13.92 -39.24
CA ASN J 623 -35.78 -14.67 -40.18
C ASN J 623 -35.23 -14.62 -41.60
N PRO J 624 -34.02 -15.12 -41.83
CA PRO J 624 -33.41 -14.99 -43.15
C PRO J 624 -34.08 -15.88 -44.18
N LYS J 625 -34.01 -15.44 -45.43
CA LYS J 625 -34.58 -16.17 -46.55
C LYS J 625 -33.60 -17.14 -47.19
N ILE J 626 -32.31 -16.86 -47.13
CA ILE J 626 -31.27 -17.76 -47.63
C ILE J 626 -30.29 -18.03 -46.49
N LEU J 627 -30.11 -19.30 -46.17
CA LEU J 627 -29.19 -19.73 -45.13
C LEU J 627 -28.01 -20.42 -45.78
N ILE J 628 -26.81 -20.12 -45.29
CA ILE J 628 -25.58 -20.75 -45.77
C ILE J 628 -24.83 -21.27 -44.56
N PHE J 629 -24.71 -22.58 -44.45
CA PHE J 629 -24.01 -23.25 -43.35
C PHE J 629 -22.72 -23.83 -43.91
N ASP J 630 -21.66 -23.04 -43.91
CA ASP J 630 -20.34 -23.47 -44.36
C ASP J 630 -19.60 -24.05 -43.17
N GLN J 631 -19.47 -25.38 -43.14
CA GLN J 631 -18.86 -26.11 -42.03
C GLN J 631 -19.55 -25.78 -40.70
N ALA J 632 -20.87 -25.87 -40.69
CA ALA J 632 -21.62 -25.58 -39.48
C ALA J 632 -21.45 -26.70 -38.45
N THR J 633 -20.99 -27.87 -38.89
CA THR J 633 -20.69 -28.99 -38.00
C THR J 633 -19.24 -29.38 -38.25
N SER J 634 -18.31 -28.68 -37.59
CA SER J 634 -16.90 -29.00 -37.70
C SER J 634 -16.32 -29.34 -36.33
N ALA J 635 -16.50 -28.44 -35.37
CA ALA J 635 -15.97 -28.61 -34.03
C ALA J 635 -16.99 -29.23 -33.07
N LEU J 636 -18.05 -29.85 -33.60
CA LEU J 636 -19.11 -30.41 -32.79
C LEU J 636 -19.01 -31.92 -32.76
N ASP J 637 -19.33 -32.51 -31.61
CA ASP J 637 -19.34 -33.96 -31.47
C ASP J 637 -20.55 -34.54 -32.20
N TYR J 638 -20.64 -35.88 -32.17
CA TYR J 638 -21.70 -36.56 -32.91
C TYR J 638 -23.07 -36.32 -32.29
N GLU J 639 -23.13 -36.15 -30.97
CA GLU J 639 -24.43 -35.91 -30.32
C GLU J 639 -25.01 -34.56 -30.72
N SER J 640 -24.18 -33.51 -30.69
CA SER J 640 -24.65 -32.19 -31.12
C SER J 640 -24.98 -32.18 -32.61
N GLU J 641 -24.21 -32.90 -33.42
CA GLU J 641 -24.53 -33.03 -34.84
C GLU J 641 -25.89 -33.70 -35.03
N HIS J 642 -26.17 -34.74 -34.24
CA HIS J 642 -27.47 -35.41 -34.32
C HIS J 642 -28.59 -34.47 -33.88
N ILE J 643 -28.35 -33.66 -32.85
CA ILE J 643 -29.35 -32.68 -32.41
C ILE J 643 -29.65 -31.69 -33.52
N ILE J 644 -28.60 -31.19 -34.19
CA ILE J 644 -28.79 -30.25 -35.29
C ILE J 644 -29.51 -30.92 -36.45
N MET J 645 -29.19 -32.19 -36.73
CA MET J 645 -29.89 -32.90 -37.80
C MET J 645 -31.37 -33.09 -37.49
N ARG J 646 -31.72 -33.37 -36.23
CA ARG J 646 -33.12 -33.50 -35.88
C ARG J 646 -33.84 -32.16 -35.93
N ASN J 647 -33.16 -31.07 -35.58
CA ASN J 647 -33.75 -29.74 -35.66
C ASN J 647 -33.69 -29.14 -37.06
N MET J 648 -33.04 -29.82 -38.01
CA MET J 648 -32.91 -29.30 -39.35
C MET J 648 -34.25 -29.13 -40.05
N HIS J 649 -35.23 -29.98 -39.71
CA HIS J 649 -36.58 -29.81 -40.26
C HIS J 649 -37.19 -28.49 -39.81
N LYS J 650 -37.01 -28.14 -38.54
CA LYS J 650 -37.47 -26.85 -38.04
C LYS J 650 -36.61 -25.70 -38.58
N ILE J 651 -35.38 -25.99 -38.99
CA ILE J 651 -34.54 -24.95 -39.60
C ILE J 651 -35.11 -24.52 -40.94
N CYS J 652 -35.54 -25.49 -41.76
CA CYS J 652 -35.83 -25.27 -43.17
C CYS J 652 -37.32 -25.09 -43.45
N LYS J 653 -38.05 -24.44 -42.55
CA LYS J 653 -39.47 -24.19 -42.75
C LYS J 653 -39.63 -23.00 -43.71
N GLY J 654 -39.39 -23.26 -44.98
CA GLY J 654 -39.52 -22.26 -46.01
C GLY J 654 -38.27 -21.48 -46.34
N ARG J 655 -37.10 -21.96 -45.91
CA ARG J 655 -35.83 -21.29 -46.16
C ARG J 655 -34.95 -22.17 -47.03
N THR J 656 -34.30 -21.56 -48.03
CA THR J 656 -33.35 -22.27 -48.87
C THR J 656 -31.99 -22.28 -48.18
N VAL J 657 -31.46 -23.48 -47.94
CA VAL J 657 -30.24 -23.67 -47.16
C VAL J 657 -29.20 -24.32 -48.04
N ILE J 658 -28.00 -23.74 -48.05
CA ILE J 658 -26.84 -24.31 -48.75
C ILE J 658 -25.86 -24.79 -47.69
N ILE J 659 -25.60 -26.10 -47.67
CA ILE J 659 -24.79 -26.73 -46.64
C ILE J 659 -23.46 -27.11 -47.26
N ILE J 660 -22.39 -26.48 -46.78
CA ILE J 660 -21.03 -26.78 -47.22
C ILE J 660 -20.39 -27.61 -46.10
N ALA J 661 -20.20 -28.90 -46.34
CA ALA J 661 -19.68 -29.77 -45.30
C ALA J 661 -18.97 -30.96 -45.93
N HIS J 662 -17.82 -31.31 -45.36
CA HIS J 662 -17.10 -32.50 -45.78
C HIS J 662 -17.73 -33.78 -45.23
N ARG J 663 -18.31 -33.70 -44.03
CA ARG J 663 -18.97 -34.86 -43.43
C ARG J 663 -20.19 -35.23 -44.27
N LEU J 664 -20.19 -36.45 -44.82
CA LEU J 664 -21.30 -36.88 -45.65
C LEU J 664 -22.53 -37.25 -44.83
N SER J 665 -22.40 -37.42 -43.52
CA SER J 665 -23.54 -37.79 -42.70
C SER J 665 -24.54 -36.64 -42.57
N THR J 666 -24.06 -35.41 -42.50
CA THR J 666 -24.93 -34.25 -42.33
C THR J 666 -25.60 -33.82 -43.62
N VAL J 667 -25.19 -34.37 -44.77
CA VAL J 667 -25.82 -34.07 -46.06
C VAL J 667 -26.53 -35.27 -46.64
N LYS J 668 -26.71 -36.35 -45.86
CA LYS J 668 -27.45 -37.51 -46.36
C LYS J 668 -28.92 -37.17 -46.58
N ASN J 669 -29.50 -36.37 -45.69
CA ASN J 669 -30.89 -35.94 -45.82
C ASN J 669 -31.04 -34.62 -46.58
N ALA J 670 -30.06 -34.26 -47.38
CA ALA J 670 -30.12 -33.04 -48.17
C ALA J 670 -31.01 -33.23 -49.39
N ASP J 671 -31.64 -32.14 -49.83
CA ASP J 671 -32.60 -32.23 -50.92
C ASP J 671 -31.92 -32.43 -52.27
N ARG J 672 -30.69 -31.93 -52.41
CA ARG J 672 -29.93 -32.12 -53.63
C ARG J 672 -28.44 -32.04 -53.32
N ILE J 673 -27.68 -33.05 -53.73
CA ILE J 673 -26.25 -33.03 -53.50
C ILE J 673 -25.51 -32.64 -54.73
N ILE J 674 -24.56 -31.77 -54.58
CA ILE J 674 -23.73 -31.24 -55.66
C ILE J 674 -22.28 -31.53 -55.33
N VAL J 675 -21.59 -32.25 -56.21
CA VAL J 675 -20.19 -32.62 -56.00
C VAL J 675 -19.32 -31.79 -56.91
N MET J 676 -18.30 -31.15 -56.35
CA MET J 676 -17.38 -30.32 -57.11
C MET J 676 -15.94 -30.69 -56.81
N GLU J 677 -15.12 -30.70 -57.86
CA GLU J 677 -13.68 -30.93 -57.72
C GLU J 677 -12.94 -30.03 -58.69
N LYS J 678 -11.86 -29.41 -58.23
CA LYS J 678 -11.04 -28.51 -59.03
C LYS J 678 -11.88 -27.38 -59.65
N GLY J 679 -12.87 -26.92 -58.90
CA GLY J 679 -13.73 -25.85 -59.37
C GLY J 679 -14.61 -26.23 -60.55
N LYS J 680 -15.07 -27.47 -60.59
CA LYS J 680 -15.99 -27.93 -61.62
C LYS J 680 -17.10 -28.75 -60.98
N ILE J 681 -18.35 -28.47 -61.33
CA ILE J 681 -19.48 -29.27 -60.88
C ILE J 681 -19.45 -30.57 -61.67
N VAL J 682 -19.08 -31.68 -61.01
CA VAL J 682 -18.84 -32.93 -61.73
C VAL J 682 -19.92 -33.98 -61.49
N GLU J 683 -20.56 -33.98 -60.33
CA GLU J 683 -21.75 -34.79 -60.11
C GLU J 683 -22.82 -33.95 -59.42
N GLN J 684 -24.08 -34.19 -59.78
CA GLN J 684 -25.19 -33.46 -59.20
C GLN J 684 -26.44 -34.32 -59.27
N GLY J 685 -27.27 -34.21 -58.25
CA GLY J 685 -28.51 -34.96 -58.17
C GLY J 685 -28.81 -35.34 -56.74
N LYS J 686 -29.71 -36.31 -56.59
CA LYS J 686 -30.11 -36.78 -55.28
C LYS J 686 -29.01 -37.65 -54.67
N HIS J 687 -29.11 -37.89 -53.37
CA HIS J 687 -28.09 -38.67 -52.66
C HIS J 687 -28.10 -40.15 -53.09
N LYS J 688 -29.28 -40.75 -53.14
CA LYS J 688 -29.36 -42.18 -53.42
C LYS J 688 -29.00 -42.50 -54.87
N GLU J 689 -29.49 -41.69 -55.82
CA GLU J 689 -29.20 -41.95 -57.22
C GLU J 689 -27.73 -41.73 -57.54
N LEU J 690 -27.08 -40.80 -56.83
CA LEU J 690 -25.65 -40.60 -57.04
C LEU J 690 -24.83 -41.68 -56.36
N LEU J 691 -25.26 -42.13 -55.18
CA LEU J 691 -24.55 -43.20 -54.47
C LEU J 691 -24.75 -44.55 -55.15
N SER J 692 -25.79 -44.69 -55.98
CA SER J 692 -26.03 -45.96 -56.66
C SER J 692 -24.90 -46.32 -57.62
N GLU J 693 -24.22 -45.34 -58.19
CA GLU J 693 -23.11 -45.59 -59.09
C GLU J 693 -21.84 -45.83 -58.29
N PRO J 694 -21.22 -47.01 -58.36
CA PRO J 694 -19.99 -47.25 -57.57
C PRO J 694 -18.80 -46.44 -58.04
N GLU J 695 -18.81 -45.93 -59.27
CA GLU J 695 -17.68 -45.19 -59.81
C GLU J 695 -17.70 -43.72 -59.46
N SER J 696 -18.75 -43.24 -58.78
CA SER J 696 -18.85 -41.83 -58.43
C SER J 696 -17.85 -41.45 -57.36
N LEU J 697 -17.43 -40.18 -57.39
CA LEU J 697 -16.53 -39.66 -56.36
C LEU J 697 -17.22 -39.60 -55.01
N TYR J 698 -18.53 -39.32 -55.01
CA TYR J 698 -19.30 -39.35 -53.77
C TYR J 698 -19.29 -40.75 -53.15
N SER J 699 -19.50 -41.79 -53.97
CA SER J 699 -19.43 -43.15 -53.47
C SER J 699 -18.02 -43.48 -52.97
N TYR J 700 -17.01 -43.02 -53.70
CA TYR J 700 -15.62 -43.22 -53.28
C TYR J 700 -15.37 -42.66 -51.89
N LEU J 701 -15.81 -41.41 -51.67
CA LEU J 701 -15.75 -40.83 -50.32
C LEU J 701 -16.58 -41.64 -49.34
N TYR J 702 -17.65 -42.29 -49.82
CA TYR J 702 -18.50 -43.06 -48.92
C TYR J 702 -17.78 -44.27 -48.37
N GLN J 703 -17.07 -45.05 -49.21
CA GLN J 703 -16.33 -46.13 -48.55
C GLN J 703 -15.04 -45.63 -47.91
N LEU J 704 -14.63 -44.39 -48.19
CA LEU J 704 -13.45 -43.87 -47.46
C LEU J 704 -13.88 -43.47 -46.06
N GLN J 705 -15.12 -43.07 -45.89
CA GLN J 705 -15.60 -42.78 -44.54
C GLN J 705 -15.68 -44.05 -43.71
N SER J 706 -16.15 -45.15 -44.29
CA SER J 706 -16.25 -46.41 -43.58
C SER J 706 -14.89 -47.10 -43.47
N LEU K 29 22.19 13.51 -47.01
CA LEU K 29 21.01 14.00 -46.29
C LEU K 29 19.74 13.50 -46.95
N ASP K 30 19.77 13.35 -48.28
CA ASP K 30 18.65 12.80 -49.03
C ASP K 30 18.70 11.28 -49.12
N THR K 31 19.79 10.66 -48.66
CA THR K 31 19.91 9.22 -48.73
C THR K 31 18.99 8.56 -47.71
N PRO K 32 18.42 7.39 -48.03
CA PRO K 32 17.53 6.72 -47.07
C PRO K 32 18.31 6.00 -45.97
N VAL K 33 17.60 5.33 -45.08
CA VAL K 33 18.22 4.60 -43.97
C VAL K 33 18.55 3.19 -44.46
N ARG K 34 19.80 2.80 -44.23
CA ARG K 34 20.28 1.51 -44.72
C ARG K 34 20.96 0.67 -43.66
N GLU K 35 21.73 -0.33 -44.06
CA GLU K 35 22.32 -1.26 -43.10
C GLU K 35 23.35 -0.60 -42.19
N LYS K 36 24.13 0.36 -42.70
CA LYS K 36 25.20 0.94 -41.88
C LYS K 36 24.63 1.72 -40.70
N ASP K 37 23.40 2.21 -40.83
CA ASP K 37 22.69 2.80 -39.70
C ASP K 37 21.74 1.80 -39.04
N GLU K 38 21.36 0.75 -39.75
CA GLU K 38 20.49 -0.29 -39.19
C GLU K 38 21.20 -1.06 -38.09
N ASN K 39 22.50 -1.33 -38.29
CA ASN K 39 23.21 -2.24 -37.40
C ASN K 39 23.45 -1.61 -36.03
N GLU K 40 23.80 -0.32 -36.00
CA GLU K 40 24.23 0.29 -34.74
C GLU K 40 23.07 0.51 -33.77
N PHE K 41 21.84 0.50 -34.27
CA PHE K 41 20.68 0.67 -33.41
C PHE K 41 20.01 -0.66 -33.06
N LEU K 42 20.58 -1.79 -33.43
CA LEU K 42 20.02 -3.07 -33.05
C LEU K 42 20.25 -3.27 -31.56
N PRO K 43 19.21 -3.64 -30.78
CA PRO K 43 19.34 -3.58 -29.32
C PRO K 43 20.38 -4.53 -28.73
N ALA K 44 20.70 -5.63 -29.42
CA ALA K 44 21.74 -6.52 -28.91
C ALA K 44 23.09 -5.80 -28.85
N HIS K 45 23.44 -5.08 -29.92
CA HIS K 45 24.69 -4.32 -29.94
C HIS K 45 24.69 -3.25 -28.87
N LEU K 46 23.52 -2.70 -28.55
CA LEU K 46 23.41 -1.78 -27.42
C LEU K 46 23.69 -2.49 -26.11
N GLU K 47 23.23 -3.74 -25.99
CA GLU K 47 23.40 -4.51 -24.77
C GLU K 47 24.88 -4.89 -24.55
N LEU K 48 25.58 -5.25 -25.62
CA LEU K 48 27.01 -5.52 -25.51
C LEU K 48 27.77 -4.28 -25.06
N ILE K 49 27.58 -3.16 -25.76
CA ILE K 49 28.40 -1.98 -25.53
C ILE K 49 27.95 -1.31 -24.23
N GLU K 50 28.69 -1.58 -23.15
CA GLU K 50 28.46 -0.91 -21.88
C GLU K 50 29.35 0.33 -21.80
N THR K 51 28.81 1.39 -21.21
CA THR K 51 29.38 2.73 -21.21
C THR K 51 29.68 3.14 -22.65
N PRO K 52 28.66 3.36 -23.48
CA PRO K 52 28.90 3.59 -24.91
C PRO K 52 29.41 4.99 -25.20
N VAL K 53 30.19 5.09 -26.28
CA VAL K 53 30.70 6.37 -26.74
C VAL K 53 29.95 6.75 -28.01
N SER K 54 29.65 8.03 -28.15
CA SER K 54 28.87 8.52 -29.28
C SER K 54 29.74 8.58 -30.53
N ARG K 55 29.08 8.82 -31.66
CA ARG K 55 29.77 8.96 -32.94
C ARG K 55 30.66 10.20 -33.01
N ARG K 56 30.31 11.26 -32.27
CA ARG K 56 31.09 12.50 -32.26
C ARG K 56 31.44 12.91 -30.83
N PRO K 57 32.33 12.16 -30.16
CA PRO K 57 32.66 12.53 -28.78
C PRO K 57 33.68 13.65 -28.68
N ARG K 58 34.65 13.71 -29.61
CA ARG K 58 35.71 14.69 -29.55
C ARG K 58 35.34 16.01 -30.24
N LEU K 59 34.20 16.05 -30.93
CA LEU K 59 33.85 17.25 -31.68
C LEU K 59 33.41 18.38 -30.76
N VAL K 60 33.11 18.06 -29.50
CA VAL K 60 32.68 19.10 -28.56
C VAL K 60 33.83 20.03 -28.23
N ALA K 61 34.91 19.49 -27.65
CA ALA K 61 36.07 20.33 -27.34
C ALA K 61 36.75 20.84 -28.60
N TYR K 62 36.62 20.10 -29.70
CA TYR K 62 37.16 20.57 -30.98
C TYR K 62 36.42 21.81 -31.47
N PHE K 63 35.09 21.83 -31.30
CA PHE K 63 34.30 22.96 -31.76
C PHE K 63 34.29 24.10 -30.74
N ILE K 64 34.67 23.83 -29.50
CA ILE K 64 34.79 24.92 -28.53
C ILE K 64 36.03 25.75 -28.82
N MET K 65 37.20 25.14 -28.74
CA MET K 65 38.45 25.79 -29.13
C MET K 65 39.00 25.18 -30.41
N SER L 9 0.61 28.24 -58.33
CA SER L 9 0.51 27.77 -59.71
C SER L 9 -0.92 27.32 -60.02
N GLU L 10 -1.05 26.11 -60.58
CA GLU L 10 -2.38 25.60 -60.93
C GLU L 10 -3.16 25.18 -59.70
N PHE L 11 -2.48 24.79 -58.62
CA PHE L 11 -3.17 24.40 -57.40
C PHE L 11 -3.91 25.58 -56.77
N LEU L 12 -3.35 26.79 -56.86
CA LEU L 12 -4.07 27.97 -56.41
C LEU L 12 -5.34 28.18 -57.25
N LEU L 13 -5.24 27.97 -58.56
CA LEU L 13 -6.41 28.11 -59.42
C LEU L 13 -7.50 27.10 -59.07
N ARG L 14 -7.11 25.85 -58.83
CA ARG L 14 -8.11 24.83 -58.52
C ARG L 14 -8.71 25.05 -57.13
N TYR L 15 -7.90 25.54 -56.18
CA TYR L 15 -8.44 25.87 -54.86
C TYR L 15 -9.42 27.03 -54.96
N LYS L 16 -9.11 28.05 -55.77
CA LYS L 16 -10.05 29.15 -55.95
C LYS L 16 -11.34 28.68 -56.63
N LEU L 17 -11.22 27.78 -57.61
CA LEU L 17 -12.40 27.25 -58.29
C LEU L 17 -13.28 26.48 -57.32
N VAL L 18 -12.68 25.60 -56.51
CA VAL L 18 -13.44 24.82 -55.53
C VAL L 18 -14.04 25.74 -54.48
N TRP L 19 -13.29 26.76 -54.03
CA TRP L 19 -13.79 27.68 -53.04
C TRP L 19 -15.02 28.44 -53.54
N SER L 20 -14.97 28.93 -54.78
CA SER L 20 -16.14 29.60 -55.34
C SER L 20 -17.30 28.63 -55.55
N GLU L 21 -16.99 27.41 -56.00
CA GLU L 21 -18.02 26.42 -56.28
C GLU L 21 -18.79 26.04 -55.02
N THR L 22 -18.09 25.96 -53.88
CA THR L 22 -18.80 25.74 -52.62
C THR L 22 -19.26 27.06 -52.01
N TRP L 23 -18.79 28.19 -52.52
CA TRP L 23 -19.30 29.49 -52.12
C TRP L 23 -20.69 29.76 -52.68
N LYS L 24 -21.11 29.07 -53.70
CA LYS L 24 -22.45 29.34 -54.16
C LYS L 24 -23.41 28.42 -53.45
N ILE L 25 -22.91 27.59 -52.56
CA ILE L 25 -23.75 26.60 -51.92
C ILE L 25 -24.01 26.99 -50.45
N ARG L 26 -23.63 28.20 -50.05
CA ARG L 26 -23.98 28.67 -48.72
C ARG L 26 -25.50 28.81 -48.60
N LYS L 27 -26.00 28.58 -47.38
CA LYS L 27 -27.39 28.42 -47.00
C LYS L 27 -27.97 27.09 -47.47
N GLN L 28 -27.23 26.31 -48.24
CA GLN L 28 -27.58 24.93 -48.54
C GLN L 28 -26.69 23.93 -47.82
N LEU L 29 -25.45 24.31 -47.48
CA LEU L 29 -24.60 23.52 -46.63
C LEU L 29 -24.74 23.85 -45.16
N ASP L 30 -25.30 25.02 -44.82
CA ASP L 30 -25.52 25.39 -43.44
C ASP L 30 -26.65 24.56 -42.84
N THR L 31 -26.59 24.42 -41.51
CA THR L 31 -27.48 23.61 -40.70
C THR L 31 -28.41 24.49 -39.88
N PRO L 32 -29.61 24.03 -39.56
CA PRO L 32 -30.56 24.92 -38.87
C PRO L 32 -30.18 25.17 -37.42
N VAL L 33 -30.63 26.32 -36.92
CA VAL L 33 -30.23 26.79 -35.60
C VAL L 33 -30.99 26.03 -34.53
N ARG L 34 -30.32 25.75 -33.41
CA ARG L 34 -30.91 25.07 -32.27
C ARG L 34 -30.27 25.61 -31.00
N GLU L 35 -31.07 25.76 -29.95
CA GLU L 35 -30.55 26.27 -28.69
C GLU L 35 -29.90 25.13 -27.88
N LYS L 36 -29.34 25.50 -26.73
CA LYS L 36 -28.44 24.59 -26.01
C LYS L 36 -29.18 23.36 -25.47
N ASP L 37 -30.28 23.57 -24.75
CA ASP L 37 -30.99 22.44 -24.15
C ASP L 37 -31.62 21.55 -25.22
N GLU L 38 -31.78 22.08 -26.43
CA GLU L 38 -32.28 21.26 -27.53
C GLU L 38 -31.15 20.51 -28.24
N ASN L 39 -29.99 21.17 -28.42
CA ASN L 39 -28.96 20.54 -29.23
C ASN L 39 -28.02 19.65 -28.42
N GLU L 40 -28.09 19.67 -27.08
CA GLU L 40 -27.32 18.67 -26.35
C GLU L 40 -28.01 17.31 -26.33
N PHE L 41 -29.30 17.25 -26.69
CA PHE L 41 -30.00 15.98 -26.84
C PHE L 41 -30.00 15.56 -28.31
N LEU L 42 -28.81 15.18 -28.78
CA LEU L 42 -28.67 14.72 -30.15
C LEU L 42 -27.84 13.47 -30.00
N PRO L 43 -27.71 12.69 -31.07
CA PRO L 43 -26.79 11.57 -30.88
C PRO L 43 -25.47 12.16 -30.42
N ALA L 44 -24.62 11.39 -29.75
CA ALA L 44 -23.39 11.95 -29.19
C ALA L 44 -22.56 12.77 -30.18
N HIS L 45 -22.49 12.34 -31.43
CA HIS L 45 -21.70 13.06 -32.42
C HIS L 45 -22.41 14.32 -32.92
N LEU L 46 -23.65 14.18 -33.40
CA LEU L 46 -24.35 15.33 -33.95
C LEU L 46 -24.32 16.43 -32.93
N GLU L 47 -24.45 16.06 -31.66
CA GLU L 47 -24.37 17.04 -30.59
C GLU L 47 -22.99 17.62 -30.54
N LEU L 48 -21.98 16.76 -30.63
CA LEU L 48 -20.63 17.32 -30.68
C LEU L 48 -20.40 18.30 -31.83
N ILE L 49 -21.08 18.12 -32.97
CA ILE L 49 -20.86 18.99 -34.15
C ILE L 49 -21.69 20.30 -34.30
N GLU L 50 -22.95 20.33 -33.89
CA GLU L 50 -23.85 21.47 -33.99
C GLU L 50 -24.03 22.24 -32.69
N THR L 51 -23.16 22.06 -31.70
CA THR L 51 -23.16 22.96 -30.56
C THR L 51 -22.28 24.16 -30.85
N PRO L 52 -22.82 25.37 -30.87
CA PRO L 52 -21.97 26.56 -30.94
C PRO L 52 -21.10 26.66 -29.69
N VAL L 53 -20.10 27.53 -29.77
CA VAL L 53 -19.09 27.57 -28.71
C VAL L 53 -19.71 27.93 -27.36
N SER L 54 -20.29 29.13 -27.25
CA SER L 54 -21.19 29.57 -26.18
C SER L 54 -21.56 31.03 -26.43
N ARG L 55 -22.39 31.60 -25.57
CA ARG L 55 -22.62 33.03 -25.59
C ARG L 55 -21.60 33.81 -24.77
N ARG L 56 -20.82 33.14 -23.92
CA ARG L 56 -19.85 33.81 -23.07
C ARG L 56 -18.57 34.20 -23.81
N PRO L 57 -17.86 33.29 -24.50
CA PRO L 57 -16.62 33.71 -25.17
C PRO L 57 -16.82 34.78 -26.23
N ARG L 58 -17.92 34.71 -26.98
CA ARG L 58 -18.17 35.73 -28.00
C ARG L 58 -18.35 37.10 -27.38
N LEU L 59 -19.13 37.17 -26.28
CA LEU L 59 -19.34 38.46 -25.63
C LEU L 59 -18.08 38.97 -24.95
N VAL L 60 -17.26 38.07 -24.40
CA VAL L 60 -16.00 38.49 -23.80
C VAL L 60 -15.06 39.06 -24.86
N ALA L 61 -14.93 38.36 -25.99
CA ALA L 61 -14.07 38.83 -27.07
C ALA L 61 -14.57 40.16 -27.63
N TYR L 62 -15.89 40.30 -27.78
CA TYR L 62 -16.43 41.55 -28.28
C TYR L 62 -16.31 42.68 -27.26
N PHE L 63 -16.33 42.35 -25.96
CA PHE L 63 -16.08 43.36 -24.94
C PHE L 63 -14.64 43.87 -25.02
N ILE L 64 -13.68 42.95 -25.22
CA ILE L 64 -12.29 43.36 -25.40
C ILE L 64 -12.15 44.21 -26.65
N MET L 65 -12.82 43.80 -27.74
CA MET L 65 -12.92 44.60 -28.95
C MET L 65 -13.40 46.01 -28.67
N GLY L 66 -14.54 46.14 -27.99
CA GLY L 66 -15.10 47.45 -27.74
C GLY L 66 -14.21 48.30 -26.86
N PHE L 67 -13.55 47.67 -25.88
CA PHE L 67 -12.64 48.41 -25.02
C PHE L 67 -11.47 48.98 -25.82
N LEU L 68 -10.85 48.17 -26.68
CA LEU L 68 -9.78 48.68 -27.52
C LEU L 68 -10.26 49.78 -28.45
N VAL L 69 -11.44 49.58 -29.05
CA VAL L 69 -11.96 50.56 -30.01
C VAL L 69 -12.19 51.90 -29.35
N ILE L 70 -12.86 51.90 -28.18
CA ILE L 70 -13.14 53.17 -27.51
C ILE L 70 -11.85 53.79 -26.97
N ALA L 71 -10.89 52.95 -26.57
CA ALA L 71 -9.60 53.49 -26.14
C ALA L 71 -8.89 54.21 -27.28
N VAL L 72 -8.88 53.61 -28.47
CA VAL L 72 -8.23 54.24 -29.62
C VAL L 72 -8.95 55.51 -30.01
N ILE L 73 -10.29 55.49 -30.02
CA ILE L 73 -11.05 56.70 -30.38
C ILE L 73 -10.80 57.81 -29.37
N LEU L 74 -10.77 57.47 -28.08
CA LEU L 74 -10.50 58.48 -27.05
C LEU L 74 -9.09 59.03 -27.17
N SER L 75 -8.11 58.17 -27.46
CA SER L 75 -6.73 58.63 -27.59
C SER L 75 -6.54 59.52 -28.82
N VAL L 76 -7.19 59.19 -29.93
CA VAL L 76 -7.02 59.97 -31.15
C VAL L 76 -7.92 61.20 -31.16
N LEU L 77 -9.21 61.02 -30.91
CA LEU L 77 -10.13 62.14 -30.80
C LEU L 77 -10.43 62.46 -29.34
PG ATP M . -32.82 -23.45 16.10
O1G ATP M . -32.57 -23.91 17.49
O2G ATP M . -33.77 -24.35 15.31
O3G ATP M . -33.31 -21.99 16.02
PB ATP M . -30.95 -23.77 13.79
O1B ATP M . -30.98 -25.21 13.50
O2B ATP M . -31.76 -22.88 12.84
O3B ATP M . -31.47 -23.45 15.25
PA ATP M . -28.66 -22.04 13.11
O1A ATP M . -29.18 -20.70 13.46
O2A ATP M . -28.67 -22.37 11.61
O3A ATP M . -29.47 -23.19 13.83
O5' ATP M . -27.19 -22.24 13.65
C5' ATP M . -26.26 -23.11 12.98
C4' ATP M . -24.89 -22.88 13.58
O4' ATP M . -24.17 -21.92 12.77
C3' ATP M . -24.90 -22.29 14.98
O3' ATP M . -24.93 -23.33 15.95
C2' ATP M . -23.59 -21.50 15.03
O2' ATP M . -22.49 -22.35 15.36
C1' ATP M . -23.48 -21.01 13.59
N9 ATP M . -24.04 -19.68 13.36
C8 ATP M . -25.35 -19.34 13.18
N7 ATP M . -25.57 -18.07 12.99
C5 ATP M . -24.29 -17.51 13.05
C6 ATP M . -23.84 -16.19 12.93
N6 ATP M . -24.63 -15.13 12.71
N1 ATP M . -22.51 -15.97 13.05
C2 ATP M . -21.70 -17.02 13.27
N3 ATP M . -22.02 -18.30 13.41
C4 ATP M . -23.34 -18.48 13.29
MG MG N . -32.84 -21.48 13.87
PG ATP O . -48.43 -14.36 24.04
O1G ATP O . -48.81 -14.08 22.62
O2G ATP O . -49.17 -15.55 24.65
O3G ATP O . -46.93 -14.53 24.24
PB ATP O . -49.06 -12.80 26.51
O1B ATP O . -50.26 -13.50 27.04
O2B ATP O . -47.74 -13.05 27.23
O3B ATP O . -48.82 -13.12 24.98
PA ATP O . -48.79 -9.96 27.31
O1A ATP O . -47.43 -9.56 26.91
O2A ATP O . -48.94 -10.32 28.79
O3A ATP O . -49.29 -11.22 26.47
O5' ATP O . -49.86 -8.85 26.95
C5' ATP O . -51.25 -9.18 26.81
C4' ATP O . -51.90 -8.15 25.91
O4' ATP O . -51.57 -6.83 26.39
C3' ATP O . -51.46 -8.20 24.46
O3' ATP O . -52.30 -9.07 23.72
C2' ATP O . -51.64 -6.74 24.01
O2' ATP O . -52.98 -6.47 23.62
C1' ATP O . -51.29 -5.98 25.29
N9 ATP O . -49.91 -5.52 25.38
C8 ATP O . -48.79 -6.30 25.50
N7 ATP O . -47.67 -5.61 25.59
C5 ATP O . -48.09 -4.30 25.52
C6 ATP O . -47.39 -3.08 25.57
N6 ATP O . -46.07 -2.98 25.68
N1 ATP O . -48.11 -1.93 25.47
C2 ATP O . -49.44 -2.02 25.36
N3 ATP O . -50.20 -3.12 25.32
C4 ATP O . -49.46 -4.22 25.40
MG MG P . -46.16 -13.57 26.07
PG ATP Q . 12.32 -40.40 10.13
O1G ATP Q . 13.17 -41.02 9.07
O2G ATP Q . 11.54 -41.41 10.97
O3G ATP Q . 13.10 -39.45 11.06
PB ATP Q . 9.68 -39.06 9.69
O1B ATP Q . 8.76 -40.16 9.36
O2B ATP Q . 9.57 -38.49 11.11
O3B ATP Q . 11.20 -39.47 9.47
PA ATP Q . 9.23 -36.28 8.79
O1A ATP Q . 10.32 -35.57 9.48
O2A ATP Q . 7.85 -36.15 9.43
O3A ATP Q . 9.53 -37.83 8.68
O5' ATP Q . 9.12 -35.84 7.27
C5' ATP Q . 7.87 -35.88 6.57
C4' ATP Q . 8.05 -35.14 5.26
O4' ATP Q . 7.61 -33.77 5.42
C3' ATP Q . 9.49 -35.05 4.77
O3' ATP Q . 9.79 -36.17 3.95
C2' ATP Q . 9.48 -33.75 3.97
O2' ATP Q . 9.01 -33.95 2.65
C1' ATP Q . 8.50 -32.89 4.77
N9 ATP Q . 9.13 -32.04 5.78
C8 ATP Q . 9.54 -32.40 7.04
N7 ATP Q . 10.06 -31.43 7.73
C5 ATP Q . 9.98 -30.33 6.88
C6 ATP Q . 10.37 -28.99 7.02
N6 ATP Q . 10.93 -28.49 8.12
N1 ATP Q . 10.15 -28.16 5.97
C2 ATP Q . 9.59 -28.66 4.87
N3 ATP Q . 9.19 -29.90 4.62
C4 ATP Q . 9.41 -30.69 5.67
MG MG R . 11.42 -38.20 11.93
PG ATP S . 28.04 -43.27 21.70
O1G ATP S . 27.13 -42.86 22.81
O2G ATP S . 28.20 -44.79 21.58
O3G ATP S . 27.66 -42.70 20.33
PB ATP S . 31.01 -43.02 21.51
O1B ATP S . 31.49 -44.34 21.95
O2B ATP S . 31.08 -42.73 20.01
O3B ATP S . 29.52 -42.73 21.97
PA ATP S . 32.94 -40.79 21.85
O1A ATP S . 32.37 -39.65 21.11
O2A ATP S . 34.02 -41.56 21.11
O3A ATP S . 31.81 -41.84 22.23
O5' ATP S . 33.50 -40.34 23.25
C5' ATP S . 33.67 -41.29 24.33
C4' ATP S . 33.62 -40.55 25.64
O4' ATP S . 34.53 -39.44 25.59
C3' ATP S . 32.26 -39.97 26.01
O3' ATP S . 31.49 -40.90 26.74
C2' ATP S . 32.64 -38.75 26.87
O2' ATP S . 32.86 -39.12 28.22
C1' ATP S . 33.95 -38.30 26.21
N9 ATP S . 33.81 -37.24 25.22
C8 ATP S . 33.19 -37.32 24.00
N7 ATP S . 33.23 -36.21 23.31
C5 ATP S . 33.94 -35.35 24.12
C6 ATP S . 34.34 -34.00 23.96
N6 ATP S . 34.06 -33.27 22.87
N1 ATP S . 35.04 -33.43 24.96
C2 ATP S . 35.31 -34.15 26.05
N3 ATP S . 34.99 -35.43 26.31
C4 ATP S . 34.30 -35.96 25.30
MG MG T . 29.38 -42.01 19.15
PG ATP U . -14.74 -29.13 -28.64
O1G ATP U . -16.16 -28.92 -29.00
O2G ATP U . -14.28 -30.59 -28.78
O3G ATP U . -13.76 -28.22 -29.40
PB ATP U . -13.64 -29.30 -25.86
O1B ATP U . -14.15 -30.58 -25.34
O2B ATP U . -12.17 -29.28 -26.29
O3B ATP U . -14.49 -28.79 -27.11
PA ATP U . -12.91 -27.04 -24.11
O1A ATP U . -12.35 -26.08 -25.08
O2A ATP U . -11.89 -27.82 -23.28
O3A ATP U . -13.84 -28.11 -24.82
O5' ATP U . -13.91 -26.32 -23.12
C5' ATP U . -14.12 -26.81 -21.78
C4' ATP U . -14.90 -25.76 -21.01
O4' ATP U . -13.99 -24.92 -20.29
C3' ATP U . -15.72 -24.81 -21.89
O3' ATP U . -17.02 -25.34 -22.11
C2' ATP U . -15.76 -23.53 -21.05
O2' ATP U . -16.79 -23.58 -20.08
C1' ATP U . -14.39 -23.57 -20.37
N9 ATP U . -13.34 -22.83 -21.07
C8 ATP U . -12.61 -23.25 -22.16
N7 ATP U . -11.73 -22.39 -22.58
C5 ATP U . -11.89 -21.30 -21.73
C6 ATP U . -11.26 -20.06 -21.65
N6 ATP U . -10.29 -19.65 -22.48
N1 ATP U . -11.65 -19.21 -20.67
C2 ATP U . -12.62 -19.60 -19.84
N3 ATP U . -13.29 -20.75 -19.82
C4 ATP U . -12.87 -21.56 -20.80
MG MG V . -11.93 -28.31 -28.08
PG ATP W . -11.48 -26.49 -47.92
O1G ATP W . -10.09 -26.93 -47.61
O2G ATP W . -12.36 -27.60 -48.51
O3G ATP W . -12.21 -25.85 -46.74
PB ATP W . -12.44 -24.69 -50.10
O1B ATP W . -12.86 -25.64 -51.15
O2B ATP W . -13.57 -24.01 -49.31
O3B ATP W . -11.46 -25.35 -49.05
PA ATP W . -11.70 -21.98 -51.05
O1A ATP W . -11.60 -21.14 -49.84
O2A ATP W . -13.02 -21.83 -51.81
O3A ATP W . -11.53 -23.52 -50.70
O5' ATP W . -10.51 -21.71 -52.05
C5' ATP W . -10.13 -22.69 -53.05
C4' ATP W . -8.68 -22.46 -53.41
O4' ATP W . -8.48 -21.08 -53.73
C3' ATP W . -7.68 -22.80 -52.31
O3' ATP W . -7.29 -24.15 -52.39
C2' ATP W . -6.53 -21.85 -52.63
O2' ATP W . -5.65 -22.40 -53.60
C1' ATP W . -7.24 -20.63 -53.19
N9 ATP W . -7.51 -19.57 -52.22
C8 ATP W . -8.37 -19.62 -51.15
N7 ATP W . -8.42 -18.51 -50.45
C5 ATP W . -7.56 -17.66 -51.13
C6 ATP W . -7.18 -16.33 -50.91
N6 ATP W . -7.64 -15.58 -49.89
N1 ATP W . -6.30 -15.77 -51.77
C2 ATP W . -5.84 -16.51 -52.78
N3 ATP W . -6.13 -17.78 -53.09
C4 ATP W . -6.99 -18.30 -52.22
MG MG X . -13.39 -24.08 -47.29
#